data_5FR9
#
_entry.id   5FR9
#
_cell.length_a   84.148
_cell.length_b   135.506
_cell.length_c   197.319
_cell.angle_alpha   90.00
_cell.angle_beta   100.40
_cell.angle_gamma   90.00
#
_symmetry.space_group_name_H-M   'P 1 21 1'
#
loop_
_entity.id
_entity.type
_entity.pdbx_description
1 polymer '(R)-AMINE TRANSAMINASE'
2 non-polymer '[4-[3-(4-bromophenyl)-3-oxidanylidene-propyl]-6-methyl-5-oxidanyl-pyridin-3-yl]methyl phosphate'
3 water water
#
_entity_poly.entity_id   1
_entity_poly.type   'polypeptide(L)'
_entity_poly.pdbx_seq_one_letter_code
;MAFSADTPEIVYTHDTGLDYITYSDYELDPANPLAGGAAWIEGAFVPPSEARISIFDQGFYTSDATYTTFHVWNGNAFRL
GDHIERLFSNAESIRLIPPLTQDEVKEIALELVAKTELREAMVTVTITRGYSSTPFERDITKHRPQVYMSACPYQWIVPF
DRIRDGVHLMVAQSVRRTPRSSIDPQVKNFQWGDLIRAIQETHDRGFELPLLLDCDNLLAEGPGFNVVVIKDGVVRSPGR
AALPGITRKTVLEIAESLGHEAILADITPAELYDADEVLGCSTGGGVWPFVSVDGNSISDGVPGPVTQSIIRRYWELNVE
PSSLLTPVQYALE
;
_entity_poly.pdbx_strand_id   A,B,C,D,E,F,G,H,I,J,K,L
#
# COMPACT_ATOMS: atom_id res chain seq x y z
N TYR A 12 -27.40 -40.93 14.63
CA TYR A 12 -25.99 -41.40 14.92
C TYR A 12 -25.32 -42.35 13.86
N THR A 13 -26.09 -42.82 12.88
CA THR A 13 -25.55 -43.58 11.71
C THR A 13 -26.28 -43.22 10.38
N HIS A 14 -25.63 -43.55 9.26
CA HIS A 14 -26.18 -43.37 7.90
C HIS A 14 -25.65 -44.48 6.98
N ASP A 15 -26.42 -44.81 5.92
CA ASP A 15 -25.85 -45.49 4.71
C ASP A 15 -25.34 -44.40 3.78
N THR A 16 -24.05 -44.47 3.47
CA THR A 16 -23.34 -43.35 2.80
C THR A 16 -23.42 -43.34 1.28
N GLY A 17 -23.58 -44.50 0.66
CA GLY A 17 -23.56 -44.62 -0.81
C GLY A 17 -22.13 -44.61 -1.36
N LEU A 18 -21.16 -44.82 -0.48
CA LEU A 18 -19.73 -44.79 -0.80
C LEU A 18 -19.03 -45.98 -0.13
N ASP A 19 -18.33 -46.78 -0.94
CA ASP A 19 -17.69 -48.05 -0.46
C ASP A 19 -16.59 -47.83 0.60
N TYR A 20 -15.95 -46.66 0.57
CA TYR A 20 -14.83 -46.28 1.49
C TYR A 20 -15.21 -45.57 2.81
N ILE A 21 -16.49 -45.20 2.98
CA ILE A 21 -17.01 -44.67 4.27
C ILE A 21 -18.14 -45.55 4.82
N THR A 22 -17.87 -46.24 5.92
CA THR A 22 -18.86 -47.13 6.56
C THR A 22 -18.96 -46.90 8.08
N TYR A 23 -20.16 -46.55 8.52
CA TYR A 23 -20.47 -46.40 9.96
C TYR A 23 -20.48 -47.78 10.64
N SER A 24 -20.40 -47.76 11.96
CA SER A 24 -20.49 -48.97 12.78
C SER A 24 -21.97 -49.44 12.89
N ASP A 25 -22.16 -50.76 13.01
CA ASP A 25 -23.49 -51.37 13.19
C ASP A 25 -23.74 -51.71 14.66
N TYR A 26 -24.49 -50.86 15.36
CA TYR A 26 -24.74 -51.00 16.80
C TYR A 26 -25.96 -50.18 17.21
N GLU A 27 -26.39 -50.36 18.46
CA GLU A 27 -27.56 -49.65 19.05
C GLU A 27 -27.17 -48.97 20.36
N LEU A 28 -27.69 -47.76 20.56
CA LEU A 28 -27.45 -47.02 21.81
C LEU A 28 -28.35 -47.56 22.92
N ASP A 29 -27.80 -47.67 24.13
CA ASP A 29 -28.55 -48.09 25.33
C ASP A 29 -29.49 -46.94 25.80
N PRO A 30 -30.83 -47.08 25.65
CA PRO A 30 -31.73 -46.00 26.10
C PRO A 30 -31.83 -45.80 27.64
N ALA A 31 -31.37 -46.77 28.44
CA ALA A 31 -31.24 -46.62 29.90
C ALA A 31 -30.12 -45.66 30.36
N ASN A 32 -29.15 -45.42 29.47
CA ASN A 32 -28.00 -44.51 29.73
C ASN A 32 -28.43 -43.06 29.41
N PRO A 33 -28.50 -42.17 30.43
CA PRO A 33 -28.87 -40.77 30.18
C PRO A 33 -27.86 -39.92 29.35
N LEU A 34 -26.61 -40.41 29.22
CA LEU A 34 -25.55 -39.77 28.40
C LEU A 34 -25.39 -40.35 26.99
N ALA A 35 -26.17 -41.37 26.66
CA ALA A 35 -26.06 -42.04 25.35
C ALA A 35 -26.36 -41.08 24.20
N GLY A 36 -25.48 -41.09 23.20
CA GLY A 36 -25.66 -40.30 21.98
C GLY A 36 -25.20 -38.85 22.03
N GLY A 37 -24.65 -38.41 23.17
CA GLY A 37 -24.25 -37.03 23.35
C GLY A 37 -24.09 -36.64 24.81
N ALA A 38 -22.99 -35.95 25.11
CA ALA A 38 -22.70 -35.49 26.48
C ALA A 38 -21.60 -34.42 26.54
N ALA A 39 -21.45 -33.81 27.71
CA ALA A 39 -20.45 -32.75 27.95
C ALA A 39 -19.72 -32.94 29.29
N TRP A 40 -18.53 -32.36 29.40
CA TRP A 40 -17.77 -32.27 30.65
C TRP A 40 -17.60 -30.79 31.03
N ILE A 41 -18.20 -30.39 32.15
CA ILE A 41 -18.24 -28.99 32.60
C ILE A 41 -17.93 -28.90 34.09
N GLU A 42 -16.86 -28.18 34.43
CA GLU A 42 -16.44 -27.97 35.84
C GLU A 42 -16.36 -29.27 36.66
N GLY A 43 -15.74 -30.29 36.10
CA GLY A 43 -15.57 -31.59 36.76
C GLY A 43 -16.70 -32.62 36.65
N ALA A 44 -17.83 -32.25 36.03
CA ALA A 44 -19.02 -33.10 35.95
C ALA A 44 -19.34 -33.56 34.53
N PHE A 45 -19.65 -34.86 34.37
CA PHE A 45 -20.19 -35.39 33.12
C PHE A 45 -21.71 -35.18 33.09
N VAL A 46 -22.23 -34.44 32.10
CA VAL A 46 -23.66 -34.05 32.05
C VAL A 46 -24.28 -34.25 30.66
N PRO A 47 -25.62 -34.37 30.57
CA PRO A 47 -26.26 -34.50 29.24
C PRO A 47 -26.34 -33.15 28.53
N PRO A 48 -26.60 -33.15 27.20
CA PRO A 48 -26.63 -31.91 26.40
C PRO A 48 -27.55 -30.80 26.94
N SER A 49 -28.74 -31.16 27.40
CA SER A 49 -29.69 -30.17 27.97
C SER A 49 -29.20 -29.46 29.26
N GLU A 50 -28.28 -30.09 30.01
CA GLU A 50 -27.63 -29.46 31.19
C GLU A 50 -26.23 -28.87 30.90
N ALA A 51 -25.82 -28.89 29.62
CA ALA A 51 -24.49 -28.39 29.22
C ALA A 51 -24.49 -26.86 29.02
N ARG A 52 -24.22 -26.16 30.11
CA ARG A 52 -24.30 -24.71 30.13
C ARG A 52 -23.06 -24.10 30.79
N ILE A 53 -22.68 -22.88 30.38
CA ILE A 53 -21.60 -22.13 31.04
C ILE A 53 -22.01 -20.75 31.53
N SER A 54 -21.28 -20.25 32.51
CA SER A 54 -21.51 -18.92 33.06
C SER A 54 -21.37 -17.81 32.00
N ILE A 55 -22.36 -16.91 31.95
CA ILE A 55 -22.26 -15.68 31.12
C ILE A 55 -21.13 -14.74 31.57
N PHE A 56 -20.64 -14.93 32.80
CA PHE A 56 -19.50 -14.17 33.33
C PHE A 56 -18.12 -14.79 32.99
N ASP A 57 -18.11 -15.90 32.25
CA ASP A 57 -16.85 -16.45 31.68
C ASP A 57 -16.40 -15.56 30.52
N GLN A 58 -15.17 -15.06 30.63
CA GLN A 58 -14.53 -14.22 29.58
C GLN A 58 -14.43 -14.90 28.19
N GLY A 59 -14.39 -16.23 28.19
CA GLY A 59 -14.56 -17.03 26.97
C GLY A 59 -15.78 -16.67 26.17
N PHE A 60 -16.82 -16.19 26.84
CA PHE A 60 -18.04 -15.68 26.18
C PHE A 60 -17.90 -14.19 25.82
N TYR A 61 -17.86 -13.31 26.83
CA TYR A 61 -18.03 -11.85 26.59
C TYR A 61 -16.80 -11.11 26.03
N THR A 62 -15.63 -11.73 26.05
CA THR A 62 -14.45 -11.21 25.28
C THR A 62 -13.85 -12.25 24.30
N SER A 63 -14.61 -13.33 24.08
CA SER A 63 -14.17 -14.50 23.31
C SER A 63 -12.72 -14.93 23.61
N ASP A 64 -12.32 -14.78 24.88
CA ASP A 64 -10.94 -15.00 25.34
C ASP A 64 -10.71 -16.49 25.56
N ALA A 65 -10.48 -17.16 24.45
CA ALA A 65 -10.48 -18.61 24.41
C ALA A 65 -9.81 -19.15 23.14
N THR A 66 -9.37 -20.39 23.24
CA THR A 66 -9.02 -21.20 22.08
C THR A 66 -9.62 -22.63 22.21
N TYR A 67 -9.55 -23.40 21.13
CA TYR A 67 -10.12 -24.76 21.11
C TYR A 67 -9.51 -25.66 20.00
N THR A 68 -9.88 -26.94 20.08
CA THR A 68 -9.71 -27.86 18.97
C THR A 68 -10.85 -28.88 18.92
N THR A 69 -11.05 -29.46 17.75
CA THR A 69 -12.09 -30.49 17.53
C THR A 69 -11.43 -31.67 16.85
N PHE A 70 -11.40 -32.80 17.56
CA PHE A 70 -10.98 -34.07 16.98
C PHE A 70 -12.17 -34.98 16.69
N HIS A 71 -11.94 -36.06 15.95
CA HIS A 71 -13.00 -37.04 15.67
C HIS A 71 -12.64 -38.49 16.04
N VAL A 72 -13.68 -39.30 16.21
CA VAL A 72 -13.59 -40.73 16.46
C VAL A 72 -14.31 -41.43 15.31
N TRP A 73 -13.67 -42.46 14.74
CA TRP A 73 -14.26 -43.28 13.67
C TRP A 73 -14.04 -44.77 13.95
N ASN A 74 -15.13 -45.56 13.83
CA ASN A 74 -15.14 -47.00 14.15
C ASN A 74 -14.40 -47.27 15.49
N GLY A 75 -14.72 -46.48 16.51
CA GLY A 75 -14.18 -46.68 17.86
C GLY A 75 -12.75 -46.25 18.13
N ASN A 76 -12.13 -45.58 17.17
CA ASN A 76 -10.76 -45.03 17.32
C ASN A 76 -10.70 -43.51 17.14
N ALA A 77 -10.05 -42.84 18.09
CA ALA A 77 -9.73 -41.41 17.92
C ALA A 77 -8.60 -41.20 16.90
N PHE A 78 -8.80 -40.23 15.99
CA PHE A 78 -7.83 -39.92 14.91
C PHE A 78 -6.89 -38.76 15.28
N ARG A 79 -5.60 -39.06 15.35
CA ARG A 79 -4.51 -38.09 15.60
C ARG A 79 -4.72 -37.23 16.84
N LEU A 80 -5.11 -37.88 17.93
CA LEU A 80 -5.35 -37.22 19.21
C LEU A 80 -4.15 -36.44 19.73
N GLY A 81 -2.96 -37.03 19.61
CA GLY A 81 -1.74 -36.39 20.08
C GLY A 81 -1.46 -35.07 19.39
N ASP A 82 -1.55 -35.08 18.08
CA ASP A 82 -1.40 -33.85 17.27
C ASP A 82 -2.40 -32.75 17.67
N HIS A 83 -3.66 -33.16 17.88
CA HIS A 83 -4.73 -32.25 18.26
C HIS A 83 -4.49 -31.53 19.59
N ILE A 84 -4.15 -32.30 20.62
CA ILE A 84 -3.93 -31.73 21.97
C ILE A 84 -2.63 -30.92 22.04
N GLU A 85 -1.64 -31.31 21.25
CA GLU A 85 -0.40 -30.53 21.09
C GLU A 85 -0.69 -29.14 20.47
N ARG A 86 -1.50 -29.12 19.42
CA ARG A 86 -1.92 -27.84 18.80
C ARG A 86 -2.72 -26.98 19.78
N LEU A 87 -3.63 -27.60 20.51
CA LEU A 87 -4.45 -26.89 21.50
C LEU A 87 -3.58 -26.17 22.52
N PHE A 88 -2.59 -26.89 23.07
CA PHE A 88 -1.71 -26.35 24.11
C PHE A 88 -0.75 -25.29 23.57
N SER A 89 -0.34 -25.47 22.32
CA SER A 89 0.42 -24.44 21.59
C SER A 89 -0.40 -23.15 21.35
N ASN A 90 -1.65 -23.30 20.91
CA ASN A 90 -2.57 -22.17 20.73
C ASN A 90 -2.82 -21.42 22.03
N ALA A 91 -3.00 -22.17 23.13
CA ALA A 91 -3.17 -21.57 24.47
C ALA A 91 -1.96 -20.72 24.88
N GLU A 92 -0.78 -21.27 24.64
CA GLU A 92 0.48 -20.55 24.90
C GLU A 92 0.57 -19.25 24.08
N SER A 93 0.18 -19.31 22.80
CA SER A 93 0.17 -18.11 21.95
C SER A 93 -0.65 -16.95 22.52
N ILE A 94 -1.75 -17.26 23.22
CA ILE A 94 -2.58 -16.21 23.89
C ILE A 94 -2.32 -16.08 25.41
N ARG A 95 -1.15 -16.56 25.85
CA ARG A 95 -0.73 -16.48 27.28
C ARG A 95 -1.70 -17.10 28.32
N LEU A 96 -2.33 -18.20 27.92
CA LEU A 96 -3.33 -18.90 28.70
C LEU A 96 -2.65 -20.16 29.24
N ILE A 97 -2.58 -20.30 30.57
CA ILE A 97 -2.01 -21.51 31.22
C ILE A 97 -3.14 -22.51 31.52
N PRO A 98 -3.18 -23.66 30.80
CA PRO A 98 -4.27 -24.59 31.06
C PRO A 98 -4.21 -25.18 32.47
N PRO A 99 -5.38 -25.38 33.14
CA PRO A 99 -5.42 -25.96 34.49
C PRO A 99 -5.30 -27.50 34.52
N LEU A 100 -5.16 -28.13 33.34
CA LEU A 100 -4.94 -29.58 33.22
C LEU A 100 -3.71 -29.83 32.34
N THR A 101 -3.04 -30.98 32.54
CA THR A 101 -1.95 -31.41 31.65
C THR A 101 -2.52 -32.05 30.38
N GLN A 102 -1.67 -32.21 29.36
CA GLN A 102 -2.09 -32.87 28.10
C GLN A 102 -2.61 -34.29 28.32
N ASP A 103 -1.91 -35.05 29.18
CA ASP A 103 -2.34 -36.40 29.57
C ASP A 103 -3.71 -36.42 30.24
N GLU A 104 -3.93 -35.49 31.17
CA GLU A 104 -5.23 -35.37 31.88
C GLU A 104 -6.37 -35.09 30.88
N VAL A 105 -6.11 -34.17 29.96
CA VAL A 105 -7.09 -33.80 28.91
C VAL A 105 -7.47 -35.02 28.04
N LYS A 106 -6.45 -35.76 27.60
CA LYS A 106 -6.65 -36.96 26.79
C LYS A 106 -7.53 -38.02 27.49
N GLU A 107 -7.21 -38.26 28.76
CA GLU A 107 -7.90 -39.24 29.61
C GLU A 107 -9.39 -38.88 29.81
N ILE A 108 -9.63 -37.61 30.14
CA ILE A 108 -11.01 -37.11 30.35
C ILE A 108 -11.85 -37.15 29.04
N ALA A 109 -11.23 -36.72 27.95
CA ALA A 109 -11.89 -36.67 26.64
C ALA A 109 -12.30 -38.06 26.15
N LEU A 110 -11.40 -39.03 26.31
CA LEU A 110 -11.65 -40.43 25.90
C LEU A 110 -12.77 -41.07 26.76
N GLU A 111 -12.75 -40.78 28.07
CA GLU A 111 -13.80 -41.22 29.00
C GLU A 111 -15.16 -40.65 28.55
N LEU A 112 -15.19 -39.35 28.23
CA LEU A 112 -16.42 -38.68 27.77
C LEU A 112 -17.05 -39.42 26.58
N VAL A 113 -16.22 -39.72 25.59
CA VAL A 113 -16.68 -40.45 24.38
C VAL A 113 -17.26 -41.81 24.77
N ALA A 114 -16.51 -42.53 25.61
CA ALA A 114 -16.92 -43.84 26.11
C ALA A 114 -18.35 -43.82 26.72
N LYS A 115 -18.60 -42.83 27.58
CA LYS A 115 -19.92 -42.63 28.21
C LYS A 115 -21.10 -42.37 27.22
N THR A 116 -20.81 -41.74 26.07
CA THR A 116 -21.82 -41.54 25.01
C THR A 116 -22.16 -42.82 24.23
N GLU A 117 -21.25 -43.80 24.27
CA GLU A 117 -21.35 -45.05 23.49
C GLU A 117 -21.15 -44.82 21.95
N LEU A 118 -20.81 -43.59 21.54
CA LEU A 118 -20.68 -43.25 20.11
C LEU A 118 -19.40 -43.83 19.49
N ARG A 119 -19.54 -44.63 18.43
CA ARG A 119 -18.40 -45.19 17.66
C ARG A 119 -17.90 -44.20 16.57
N GLU A 120 -18.82 -43.34 16.10
CA GLU A 120 -18.51 -42.23 15.18
C GLU A 120 -18.91 -40.91 15.84
N ALA A 121 -17.92 -40.07 16.12
CA ALA A 121 -18.14 -38.87 16.95
C ALA A 121 -17.22 -37.66 16.67
N MET A 122 -17.67 -36.50 17.15
CA MET A 122 -16.91 -35.25 17.16
C MET A 122 -16.73 -34.83 18.59
N VAL A 123 -15.50 -34.50 18.94
CA VAL A 123 -15.15 -34.14 20.32
C VAL A 123 -14.44 -32.79 20.34
N THR A 124 -15.06 -31.81 21.01
CA THR A 124 -14.51 -30.45 21.13
C THR A 124 -13.93 -30.23 22.52
N VAL A 125 -12.70 -29.74 22.57
CA VAL A 125 -12.04 -29.33 23.83
C VAL A 125 -11.70 -27.84 23.76
N THR A 126 -12.28 -27.10 24.70
CA THR A 126 -12.18 -25.64 24.79
C THR A 126 -11.47 -25.20 26.08
N ILE A 127 -10.56 -24.22 25.97
CA ILE A 127 -9.90 -23.59 27.12
C ILE A 127 -10.18 -22.08 27.11
N THR A 128 -10.74 -21.56 28.21
CA THR A 128 -11.09 -20.13 28.39
C THR A 128 -10.33 -19.49 29.54
N ARG A 129 -10.28 -18.17 29.54
CA ARG A 129 -9.66 -17.36 30.62
C ARG A 129 -10.44 -17.46 31.95
N GLY A 130 -11.73 -17.81 31.87
CA GLY A 130 -12.55 -18.11 33.03
C GLY A 130 -13.45 -17.00 33.55
N TYR A 131 -14.16 -17.28 34.64
CA TYR A 131 -15.17 -16.36 35.23
C TYR A 131 -14.76 -15.73 36.55
N SER A 132 -13.53 -15.94 36.98
CA SER A 132 -13.08 -15.45 38.31
C SER A 132 -12.37 -14.11 38.23
N SER A 133 -12.37 -13.50 37.03
CA SER A 133 -11.60 -12.27 36.78
C SER A 133 -12.18 -11.54 35.57
N THR A 134 -11.68 -10.34 35.29
CA THR A 134 -12.13 -9.51 34.14
C THR A 134 -10.92 -9.09 33.28
N PRO A 135 -11.15 -8.60 32.03
CA PRO A 135 -10.02 -8.21 31.15
C PRO A 135 -9.11 -7.11 31.71
N PHE A 136 -9.64 -6.30 32.64
CA PHE A 136 -8.89 -5.20 33.26
C PHE A 136 -8.15 -5.56 34.57
N GLU A 137 -8.15 -6.84 34.94
CA GLU A 137 -7.46 -7.32 36.11
C GLU A 137 -5.99 -6.87 36.06
N ARG A 138 -5.55 -6.21 37.13
CA ARG A 138 -4.13 -5.81 37.30
C ARG A 138 -3.19 -6.97 37.65
N ASP A 139 -3.68 -7.92 38.45
CA ASP A 139 -2.85 -9.04 38.91
C ASP A 139 -3.11 -10.32 38.10
N ILE A 140 -2.19 -10.66 37.19
CA ILE A 140 -2.34 -11.86 36.33
C ILE A 140 -2.53 -13.19 37.12
N THR A 141 -2.04 -13.25 38.36
CA THR A 141 -2.23 -14.44 39.18
C THR A 141 -3.69 -14.72 39.58
N LYS A 142 -4.53 -13.69 39.52
CA LYS A 142 -5.96 -13.81 39.85
C LYS A 142 -6.83 -14.51 38.79
N HIS A 143 -6.32 -14.67 37.57
CA HIS A 143 -7.03 -15.39 36.50
C HIS A 143 -7.21 -16.87 36.83
N ARG A 144 -8.40 -17.41 36.63
CA ARG A 144 -8.69 -18.84 36.90
C ARG A 144 -9.29 -19.57 35.67
N PRO A 145 -8.42 -20.03 34.75
CA PRO A 145 -8.87 -20.65 33.50
C PRO A 145 -9.73 -21.90 33.67
N GLN A 146 -10.63 -22.11 32.71
CA GLN A 146 -11.55 -23.25 32.66
C GLN A 146 -11.39 -24.12 31.41
N VAL A 147 -11.67 -25.41 31.56
CA VAL A 147 -11.74 -26.36 30.44
C VAL A 147 -13.17 -26.86 30.32
N TYR A 148 -13.68 -26.86 29.08
CA TYR A 148 -15.03 -27.39 28.74
C TYR A 148 -14.89 -28.38 27.58
N MET A 149 -15.63 -29.50 27.63
CA MET A 149 -15.63 -30.50 26.55
C MET A 149 -17.04 -30.92 26.15
N SER A 150 -17.21 -31.32 24.88
CA SER A 150 -18.45 -31.93 24.40
C SER A 150 -18.16 -33.03 23.38
N ALA A 151 -19.02 -34.06 23.38
CA ALA A 151 -18.96 -35.17 22.44
C ALA A 151 -20.32 -35.42 21.80
N CYS A 152 -20.35 -35.41 20.47
CA CYS A 152 -21.59 -35.43 19.68
C CYS A 152 -21.45 -36.38 18.49
N PRO A 153 -22.57 -36.73 17.82
CA PRO A 153 -22.41 -37.46 16.57
C PRO A 153 -21.54 -36.74 15.52
N TYR A 154 -20.83 -37.51 14.70
CA TYR A 154 -20.02 -36.98 13.61
C TYR A 154 -20.88 -36.12 12.68
N GLN A 155 -20.36 -34.94 12.36
CA GLN A 155 -21.01 -33.95 11.50
C GLN A 155 -20.33 -33.72 10.17
N TRP A 156 -21.15 -33.52 9.13
CA TRP A 156 -20.66 -33.40 7.75
C TRP A 156 -20.88 -31.98 7.24
N ILE A 157 -19.79 -31.27 6.96
CA ILE A 157 -19.88 -29.93 6.36
C ILE A 157 -20.49 -30.00 4.96
N VAL A 158 -20.16 -31.03 4.18
CA VAL A 158 -20.83 -31.31 2.90
C VAL A 158 -21.43 -32.75 2.87
N PRO A 159 -22.60 -32.93 2.24
CA PRO A 159 -23.17 -34.28 2.13
C PRO A 159 -22.38 -35.28 1.27
N PHE A 160 -22.75 -36.56 1.39
CA PHE A 160 -22.02 -37.69 0.77
C PHE A 160 -21.99 -37.63 -0.75
N ASP A 161 -23.11 -37.22 -1.36
CA ASP A 161 -23.20 -37.11 -2.83
C ASP A 161 -22.27 -36.03 -3.40
N ARG A 162 -21.98 -35.03 -2.57
CA ARG A 162 -21.08 -33.93 -2.92
C ARG A 162 -19.62 -34.27 -2.73
N ILE A 163 -19.32 -35.16 -1.79
CA ILE A 163 -17.96 -35.77 -1.69
C ILE A 163 -17.61 -36.53 -2.97
N ARG A 164 -18.60 -37.20 -3.55
CA ARG A 164 -18.43 -37.91 -4.82
C ARG A 164 -18.39 -36.98 -6.02
N ASP A 165 -19.37 -36.08 -6.13
CA ASP A 165 -19.59 -35.27 -7.36
C ASP A 165 -18.92 -33.90 -7.38
N GLY A 166 -18.65 -33.35 -6.20
CA GLY A 166 -17.91 -32.08 -6.06
C GLY A 166 -18.79 -30.93 -5.61
N VAL A 167 -18.14 -29.84 -5.20
CA VAL A 167 -18.82 -28.65 -4.61
C VAL A 167 -18.51 -27.38 -5.41
N HIS A 168 -19.44 -26.43 -5.40
CA HIS A 168 -19.30 -25.17 -6.13
C HIS A 168 -18.80 -24.02 -5.22
N LEU A 169 -17.54 -23.60 -5.45
CA LEU A 169 -16.86 -22.60 -4.61
C LEU A 169 -17.08 -21.17 -5.09
N MET A 170 -17.04 -20.23 -4.14
CA MET A 170 -17.15 -18.78 -4.38
C MET A 170 -16.00 -18.05 -3.68
N VAL A 171 -15.33 -17.14 -4.41
CA VAL A 171 -14.36 -16.22 -3.80
C VAL A 171 -15.11 -14.99 -3.28
N ALA A 172 -15.01 -14.76 -1.97
CA ALA A 172 -15.72 -13.63 -1.32
C ALA A 172 -15.13 -12.28 -1.75
N GLN A 173 -16.01 -11.32 -2.05
CA GLN A 173 -15.62 -9.94 -2.40
C GLN A 173 -15.99 -8.85 -1.36
N SER A 174 -16.96 -9.12 -0.47
CA SER A 174 -17.44 -8.12 0.49
C SER A 174 -16.70 -8.17 1.84
N VAL A 175 -15.75 -9.12 1.97
CA VAL A 175 -15.08 -9.37 3.24
C VAL A 175 -13.75 -10.03 2.96
N ARG A 176 -12.80 -9.81 3.86
CA ARG A 176 -11.51 -10.50 3.86
C ARG A 176 -11.17 -11.12 5.23
N ARG A 177 -10.28 -12.12 5.22
CA ARG A 177 -9.89 -12.83 6.46
C ARG A 177 -9.15 -11.88 7.39
N THR A 178 -9.48 -11.93 8.67
CA THR A 178 -8.86 -11.10 9.69
C THR A 178 -7.31 -11.25 9.65
N PRO A 179 -6.58 -10.12 9.70
CA PRO A 179 -5.10 -10.21 9.59
C PRO A 179 -4.46 -10.77 10.82
N ARG A 180 -3.27 -11.34 10.65
CA ARG A 180 -2.49 -11.88 11.77
C ARG A 180 -2.12 -10.79 12.79
N SER A 181 -2.04 -9.56 12.33
CA SER A 181 -1.79 -8.38 13.19
C SER A 181 -2.98 -7.89 14.03
N SER A 182 -4.12 -8.57 13.94
CA SER A 182 -5.30 -8.25 14.77
C SER A 182 -5.76 -9.49 15.55
N ILE A 183 -6.29 -10.51 14.85
CA ILE A 183 -6.74 -11.79 15.45
C ILE A 183 -6.22 -12.92 14.57
N ASP A 184 -5.23 -13.64 15.09
CA ASP A 184 -4.45 -14.61 14.34
C ASP A 184 -5.26 -15.87 13.92
N PRO A 185 -5.47 -16.09 12.59
CA PRO A 185 -6.12 -17.33 12.15
C PRO A 185 -5.37 -18.62 12.44
N GLN A 186 -4.07 -18.53 12.74
CA GLN A 186 -3.27 -19.70 13.13
C GLN A 186 -3.52 -20.16 14.57
N VAL A 187 -4.29 -19.39 15.33
CA VAL A 187 -4.85 -19.77 16.64
C VAL A 187 -6.34 -20.06 16.48
N LYS A 188 -6.71 -21.34 16.60
CA LYS A 188 -8.12 -21.74 16.41
C LYS A 188 -8.92 -20.88 17.36
N ASN A 189 -10.02 -20.29 16.88
CA ASN A 189 -10.80 -19.37 17.71
C ASN A 189 -12.25 -19.25 17.30
N PHE A 190 -13.06 -18.72 18.22
CA PHE A 190 -14.51 -18.57 18.02
C PHE A 190 -14.90 -17.23 17.40
N GLN A 191 -13.92 -16.44 16.98
CA GLN A 191 -14.17 -15.07 16.50
C GLN A 191 -14.41 -15.04 15.00
N TRP A 192 -15.64 -15.41 14.62
CA TRP A 192 -16.04 -15.75 13.24
C TRP A 192 -16.81 -14.65 12.47
N GLY A 193 -16.66 -13.41 12.91
CA GLY A 193 -17.38 -12.28 12.32
C GLY A 193 -17.19 -12.15 10.82
N ASP A 194 -15.94 -12.32 10.38
CA ASP A 194 -15.59 -12.31 8.93
C ASP A 194 -16.09 -13.56 8.19
N LEU A 195 -15.92 -14.73 8.84
CA LEU A 195 -16.37 -16.01 8.28
C LEU A 195 -17.92 -16.10 8.10
N ILE A 196 -18.67 -15.53 9.04
CA ILE A 196 -20.13 -15.46 8.94
C ILE A 196 -20.59 -14.53 7.83
N ARG A 197 -19.95 -13.37 7.71
CA ARG A 197 -20.18 -12.46 6.56
C ARG A 197 -19.97 -13.15 5.20
N ALA A 198 -18.93 -13.97 5.10
CA ALA A 198 -18.65 -14.76 3.91
C ALA A 198 -19.76 -15.78 3.58
N ILE A 199 -20.27 -16.44 4.61
CA ILE A 199 -21.38 -17.40 4.45
C ILE A 199 -22.63 -16.68 3.94
N GLN A 200 -22.88 -15.50 4.49
CA GLN A 200 -24.03 -14.68 4.10
C GLN A 200 -23.95 -14.24 2.64
N GLU A 201 -22.73 -13.88 2.21
CA GLU A 201 -22.47 -13.52 0.81
C GLU A 201 -22.73 -14.70 -0.15
N THR A 202 -22.48 -15.93 0.31
CA THR A 202 -22.71 -17.11 -0.54
C THR A 202 -24.21 -17.28 -0.77
N HIS A 203 -25.02 -17.00 0.25
CA HIS A 203 -26.49 -17.06 0.11
C HIS A 203 -26.99 -16.01 -0.87
N ASP A 204 -26.46 -14.80 -0.76
CA ASP A 204 -26.81 -13.70 -1.67
C ASP A 204 -26.50 -14.02 -3.15
N ARG A 205 -25.33 -14.61 -3.41
CA ARG A 205 -24.84 -14.83 -4.77
C ARG A 205 -25.17 -16.21 -5.33
N GLY A 206 -25.71 -17.10 -4.49
CA GLY A 206 -26.23 -18.40 -4.92
C GLY A 206 -25.21 -19.50 -5.12
N PHE A 207 -24.21 -19.56 -4.24
CA PHE A 207 -23.15 -20.58 -4.30
C PHE A 207 -23.23 -21.48 -3.05
N GLU A 208 -22.37 -22.49 -2.96
CA GLU A 208 -22.43 -23.49 -1.87
C GLU A 208 -21.52 -23.18 -0.67
N LEU A 209 -20.25 -22.87 -0.92
CA LEU A 209 -19.28 -22.51 0.13
C LEU A 209 -18.38 -21.34 -0.31
N PRO A 210 -17.92 -20.50 0.66
CA PRO A 210 -16.98 -19.41 0.35
C PRO A 210 -15.50 -19.69 0.71
N LEU A 211 -14.61 -19.08 -0.08
CA LEU A 211 -13.18 -18.95 0.23
C LEU A 211 -12.83 -17.46 0.36
N LEU A 212 -12.18 -17.10 1.46
CA LEU A 212 -11.75 -15.74 1.70
C LEU A 212 -10.32 -15.51 1.22
N LEU A 213 -10.02 -14.25 0.88
CA LEU A 213 -8.67 -13.76 0.60
C LEU A 213 -8.10 -12.98 1.80
N ASP A 214 -6.77 -12.80 1.82
CA ASP A 214 -6.09 -11.99 2.86
C ASP A 214 -5.85 -10.54 2.40
N CYS A 215 -5.23 -9.72 3.26
CA CYS A 215 -4.92 -8.32 3.00
C CYS A 215 -4.17 -8.08 1.69
N ASP A 216 -3.29 -9.01 1.33
CA ASP A 216 -2.55 -8.95 0.04
C ASP A 216 -3.29 -9.59 -1.18
N ASN A 217 -4.57 -9.92 -1.02
CA ASN A 217 -5.38 -10.60 -2.04
C ASN A 217 -4.89 -12.00 -2.44
N LEU A 218 -4.20 -12.67 -1.50
CA LEU A 218 -3.77 -14.06 -1.65
C LEU A 218 -4.75 -15.00 -0.94
N LEU A 219 -4.78 -16.24 -1.39
CA LEU A 219 -5.72 -17.25 -0.86
C LEU A 219 -5.55 -17.39 0.65
N ALA A 220 -6.65 -17.41 1.38
CA ALA A 220 -6.60 -17.61 2.85
C ALA A 220 -7.20 -18.98 3.24
N GLU A 221 -8.46 -18.99 3.70
CA GLU A 221 -9.16 -20.23 4.07
C GLU A 221 -10.65 -19.98 4.01
N GLY A 222 -11.44 -21.01 4.29
CA GLY A 222 -12.92 -20.91 4.39
C GLY A 222 -13.46 -21.11 5.82
N PRO A 223 -14.77 -20.95 6.03
CA PRO A 223 -15.36 -21.19 7.36
C PRO A 223 -15.34 -22.64 7.77
N GLY A 224 -14.39 -22.98 8.62
CA GLY A 224 -14.23 -24.35 9.10
C GLY A 224 -13.46 -25.30 8.20
N PHE A 225 -12.73 -24.76 7.22
CA PHE A 225 -11.94 -25.61 6.32
C PHE A 225 -10.73 -24.92 5.67
N ASN A 226 -9.71 -25.72 5.35
CA ASN A 226 -8.57 -25.29 4.53
C ASN A 226 -8.82 -25.63 3.05
N VAL A 227 -8.15 -24.90 2.16
CA VAL A 227 -8.19 -25.14 0.69
C VAL A 227 -6.83 -25.69 0.18
N VAL A 228 -6.89 -26.57 -0.81
CA VAL A 228 -5.68 -27.16 -1.46
C VAL A 228 -5.81 -27.07 -2.99
N VAL A 229 -4.70 -26.70 -3.64
CA VAL A 229 -4.66 -26.41 -5.08
C VAL A 229 -3.61 -27.30 -5.77
N ILE A 230 -4.03 -28.00 -6.83
CA ILE A 230 -3.18 -28.94 -7.57
C ILE A 230 -2.93 -28.50 -9.03
N LYS A 231 -1.65 -28.41 -9.39
CA LYS A 231 -1.24 -27.88 -10.70
C LYS A 231 0.07 -28.55 -11.15
N ASP A 232 0.00 -29.17 -12.33
CA ASP A 232 1.12 -29.87 -12.94
C ASP A 232 1.81 -30.78 -11.91
N GLY A 233 0.99 -31.56 -11.22
CA GLY A 233 1.48 -32.54 -10.24
C GLY A 233 2.04 -32.01 -8.94
N VAL A 234 1.96 -30.68 -8.76
CA VAL A 234 2.45 -30.03 -7.51
C VAL A 234 1.24 -29.68 -6.65
N VAL A 235 1.31 -30.05 -5.36
CA VAL A 235 0.18 -29.88 -4.40
C VAL A 235 0.51 -28.77 -3.40
N ARG A 236 -0.29 -27.72 -3.42
CA ARG A 236 -0.03 -26.49 -2.64
C ARG A 236 -1.23 -26.08 -1.75
N SER A 237 -0.93 -25.52 -0.56
CA SER A 237 -1.98 -24.99 0.35
C SER A 237 -1.52 -23.69 1.03
N PRO A 238 -2.44 -22.72 1.26
CA PRO A 238 -2.03 -21.46 1.91
C PRO A 238 -1.31 -21.60 3.23
N GLY A 239 -0.15 -20.95 3.34
CA GLY A 239 0.67 -20.96 4.57
C GLY A 239 0.38 -19.90 5.64
N ARG A 240 -0.15 -18.75 5.24
CA ARG A 240 -0.29 -17.61 6.17
C ARG A 240 -1.64 -17.48 6.86
N ALA A 241 -2.64 -16.97 6.15
CA ALA A 241 -3.96 -16.66 6.73
C ALA A 241 -4.88 -17.89 6.79
N ALA A 242 -4.44 -18.90 7.53
CA ALA A 242 -5.06 -20.22 7.55
C ALA A 242 -4.67 -20.98 8.79
N LEU A 243 -5.62 -21.69 9.38
CA LEU A 243 -5.33 -22.59 10.47
C LEU A 243 -4.41 -23.73 10.01
N PRO A 244 -3.37 -24.07 10.79
CA PRO A 244 -2.59 -25.30 10.51
C PRO A 244 -3.42 -26.56 10.81
N GLY A 245 -4.26 -26.93 9.85
CA GLY A 245 -5.19 -28.03 10.00
C GLY A 245 -4.52 -29.37 10.13
N ILE A 246 -5.12 -30.26 10.93
CA ILE A 246 -4.68 -31.64 11.07
C ILE A 246 -5.07 -32.44 9.81
N THR A 247 -6.24 -32.15 9.24
CA THR A 247 -6.65 -32.76 7.96
C THR A 247 -5.73 -32.34 6.84
N ARG A 248 -5.40 -31.04 6.79
CA ARG A 248 -4.43 -30.50 5.81
C ARG A 248 -3.12 -31.25 5.89
N LYS A 249 -2.59 -31.38 7.11
CA LYS A 249 -1.32 -32.09 7.37
C LYS A 249 -1.35 -33.51 6.80
N THR A 250 -2.46 -34.20 7.05
CA THR A 250 -2.70 -35.55 6.53
C THR A 250 -2.73 -35.57 4.98
N VAL A 251 -3.48 -34.64 4.39
CA VAL A 251 -3.54 -34.50 2.91
C VAL A 251 -2.15 -34.32 2.26
N LEU A 252 -1.31 -33.45 2.83
CA LEU A 252 0.06 -33.23 2.32
C LEU A 252 0.99 -34.45 2.51
N GLU A 253 0.88 -35.14 3.65
CA GLU A 253 1.58 -36.43 3.87
C GLU A 253 1.17 -37.49 2.83
N ILE A 254 -0.13 -37.61 2.58
CA ILE A 254 -0.64 -38.52 1.53
C ILE A 254 -0.06 -38.16 0.15
N ALA A 255 -0.07 -36.87 -0.17
CA ALA A 255 0.44 -36.39 -1.46
C ALA A 255 1.92 -36.80 -1.67
N GLU A 256 2.74 -36.64 -0.62
CA GLU A 256 4.15 -37.06 -0.64
C GLU A 256 4.29 -38.57 -0.84
N SER A 257 3.44 -39.37 -0.17
CA SER A 257 3.42 -40.84 -0.32
C SER A 257 3.05 -41.26 -1.77
N LEU A 258 2.22 -40.47 -2.46
CA LEU A 258 1.92 -40.67 -3.89
C LEU A 258 2.98 -40.12 -4.89
N GLY A 259 4.10 -39.59 -4.38
CA GLY A 259 5.21 -39.10 -5.21
C GLY A 259 5.07 -37.66 -5.73
N HIS A 260 4.19 -36.88 -5.12
CA HIS A 260 4.01 -35.47 -5.48
C HIS A 260 4.79 -34.55 -4.50
N GLU A 261 5.36 -33.47 -5.04
CA GLU A 261 5.84 -32.39 -4.20
C GLU A 261 4.61 -31.75 -3.52
N ALA A 262 4.70 -31.57 -2.20
CA ALA A 262 3.60 -31.07 -1.38
C ALA A 262 4.09 -29.98 -0.40
N ILE A 263 3.61 -28.75 -0.59
CA ILE A 263 4.17 -27.59 0.10
C ILE A 263 3.15 -26.57 0.55
N LEU A 264 3.50 -25.84 1.62
CA LEU A 264 2.77 -24.63 1.97
C LEU A 264 3.30 -23.48 1.12
N ALA A 265 2.40 -22.60 0.67
CA ALA A 265 2.76 -21.50 -0.24
C ALA A 265 1.76 -20.36 -0.28
N ASP A 266 2.20 -19.25 -0.89
CA ASP A 266 1.32 -18.13 -1.27
C ASP A 266 0.73 -18.38 -2.64
N ILE A 267 -0.60 -18.32 -2.73
CA ILE A 267 -1.32 -18.69 -3.97
C ILE A 267 -2.24 -17.55 -4.42
N THR A 268 -2.15 -17.19 -5.70
CA THR A 268 -2.97 -16.09 -6.29
C THR A 268 -4.33 -16.58 -6.77
N PRO A 269 -5.32 -15.66 -6.88
CA PRO A 269 -6.58 -16.03 -7.53
C PRO A 269 -6.44 -16.58 -8.97
N ALA A 270 -5.54 -16.01 -9.77
CA ALA A 270 -5.29 -16.48 -11.14
C ALA A 270 -4.90 -17.94 -11.15
N GLU A 271 -4.00 -18.30 -10.22
CA GLU A 271 -3.58 -19.69 -10.04
C GLU A 271 -4.72 -20.64 -9.62
N LEU A 272 -5.65 -20.12 -8.82
CA LEU A 272 -6.85 -20.89 -8.43
C LEU A 272 -7.74 -21.22 -9.64
N TYR A 273 -8.05 -20.21 -10.44
CA TYR A 273 -8.89 -20.38 -11.64
C TYR A 273 -8.23 -21.31 -12.68
N ASP A 274 -6.90 -21.24 -12.78
CA ASP A 274 -6.13 -22.01 -13.76
C ASP A 274 -5.69 -23.39 -13.26
N ALA A 275 -6.17 -23.81 -12.08
CA ALA A 275 -5.74 -25.08 -11.48
C ALA A 275 -6.23 -26.32 -12.23
N ASP A 276 -5.45 -27.40 -12.17
CA ASP A 276 -5.90 -28.74 -12.64
C ASP A 276 -7.00 -29.30 -11.74
N GLU A 277 -6.73 -29.27 -10.42
CA GLU A 277 -7.69 -29.71 -9.39
C GLU A 277 -7.70 -28.77 -8.17
N VAL A 278 -8.85 -28.69 -7.52
CA VAL A 278 -9.00 -27.98 -6.24
C VAL A 278 -9.80 -28.85 -5.24
N LEU A 279 -9.38 -28.87 -3.98
CA LEU A 279 -10.13 -29.57 -2.92
C LEU A 279 -10.25 -28.78 -1.61
N GLY A 280 -11.17 -29.23 -0.74
CA GLY A 280 -11.35 -28.71 0.61
C GLY A 280 -11.15 -29.80 1.66
N CYS A 281 -10.73 -29.43 2.86
CA CYS A 281 -10.49 -30.39 3.95
C CYS A 281 -10.74 -29.85 5.35
N SER A 282 -11.23 -30.73 6.23
CA SER A 282 -11.57 -30.39 7.62
C SER A 282 -11.84 -31.65 8.44
N THR A 283 -11.66 -31.57 9.76
CA THR A 283 -12.11 -32.66 10.68
C THR A 283 -13.61 -32.93 10.52
N GLY A 284 -14.37 -31.87 10.26
CA GLY A 284 -15.79 -31.97 9.97
C GLY A 284 -16.21 -32.37 8.57
N GLY A 285 -15.88 -33.60 8.18
CA GLY A 285 -16.26 -34.14 6.84
C GLY A 285 -15.16 -34.81 6.03
N GLY A 286 -13.92 -34.59 6.45
CA GLY A 286 -12.74 -35.18 5.82
C GLY A 286 -12.27 -34.36 4.62
N VAL A 287 -12.35 -34.94 3.44
CA VAL A 287 -11.85 -34.35 2.21
C VAL A 287 -12.94 -34.40 1.14
N TRP A 288 -13.06 -33.33 0.37
CA TRP A 288 -14.01 -33.24 -0.75
C TRP A 288 -13.47 -32.38 -1.93
N PRO A 289 -14.01 -32.59 -3.16
CA PRO A 289 -13.58 -31.78 -4.30
C PRO A 289 -14.35 -30.46 -4.47
N PHE A 290 -13.64 -29.45 -5.01
CA PHE A 290 -14.24 -28.21 -5.50
C PHE A 290 -14.11 -28.21 -7.04
N VAL A 291 -15.25 -28.33 -7.72
CA VAL A 291 -15.27 -28.51 -9.21
C VAL A 291 -15.49 -27.23 -10.04
N SER A 292 -15.91 -26.16 -9.37
CA SER A 292 -16.01 -24.84 -10.00
C SER A 292 -15.73 -23.70 -9.00
N VAL A 293 -15.31 -22.55 -9.53
CA VAL A 293 -15.06 -21.34 -8.74
C VAL A 293 -15.73 -20.15 -9.42
N ASP A 294 -16.62 -19.47 -8.70
CA ASP A 294 -17.41 -18.34 -9.26
C ASP A 294 -18.15 -18.71 -10.56
N GLY A 295 -18.63 -19.95 -10.64
CA GLY A 295 -19.30 -20.46 -11.83
C GLY A 295 -18.41 -20.94 -12.98
N ASN A 296 -17.09 -20.76 -12.85
CA ASN A 296 -16.11 -21.21 -13.84
C ASN A 296 -15.65 -22.61 -13.51
N SER A 297 -15.66 -23.49 -14.48
CA SER A 297 -15.28 -24.89 -14.23
C SER A 297 -13.78 -24.99 -13.93
N ILE A 298 -13.41 -25.87 -12.99
CA ILE A 298 -12.02 -26.27 -12.77
C ILE A 298 -11.76 -27.48 -13.67
N SER A 299 -10.83 -27.31 -14.63
CA SER A 299 -10.60 -28.28 -15.72
C SER A 299 -11.95 -28.60 -16.40
N ASP A 300 -12.30 -29.88 -16.47
CA ASP A 300 -13.55 -30.33 -17.12
C ASP A 300 -14.78 -30.37 -16.17
N GLY A 301 -14.67 -29.75 -15.00
CA GLY A 301 -15.81 -29.64 -14.07
C GLY A 301 -16.21 -30.87 -13.28
N VAL A 302 -15.37 -31.92 -13.32
CA VAL A 302 -15.61 -33.14 -12.51
C VAL A 302 -14.42 -33.39 -11.59
N PRO A 303 -14.65 -34.09 -10.47
CA PRO A 303 -13.51 -34.37 -9.58
C PRO A 303 -12.33 -35.00 -10.27
N GLY A 304 -11.15 -34.43 -10.04
CA GLY A 304 -9.92 -34.93 -10.63
C GLY A 304 -9.43 -36.25 -10.02
N PRO A 305 -8.55 -36.96 -10.75
CA PRO A 305 -8.01 -38.22 -10.25
C PRO A 305 -7.09 -38.16 -8.98
N VAL A 306 -6.25 -37.13 -8.86
CA VAL A 306 -5.39 -36.97 -7.67
C VAL A 306 -6.23 -36.75 -6.42
N THR A 307 -7.22 -35.86 -6.54
CA THR A 307 -8.22 -35.62 -5.47
C THR A 307 -8.93 -36.92 -5.00
N GLN A 308 -9.40 -37.72 -5.97
CA GLN A 308 -10.05 -39.02 -5.69
C GLN A 308 -9.14 -40.02 -4.94
N SER A 309 -7.87 -40.11 -5.32
CA SER A 309 -6.90 -40.97 -4.62
C SER A 309 -6.71 -40.49 -3.18
N ILE A 310 -6.67 -39.16 -2.99
CA ILE A 310 -6.41 -38.56 -1.67
C ILE A 310 -7.59 -38.84 -0.74
N ILE A 311 -8.81 -38.62 -1.26
CA ILE A 311 -10.07 -38.90 -0.52
C ILE A 311 -10.14 -40.38 -0.04
N ARG A 312 -9.85 -41.31 -0.95
CA ARG A 312 -9.85 -42.72 -0.63
C ARG A 312 -8.80 -43.10 0.40
N ARG A 313 -7.58 -42.61 0.21
CA ARG A 313 -6.47 -42.90 1.14
C ARG A 313 -6.73 -42.35 2.56
N TYR A 314 -7.32 -41.15 2.63
CA TYR A 314 -7.68 -40.53 3.92
C TYR A 314 -8.57 -41.47 4.74
N TRP A 315 -9.60 -41.99 4.09
CA TRP A 315 -10.54 -42.89 4.77
C TRP A 315 -9.93 -44.27 5.11
N GLU A 316 -9.02 -44.76 4.26
CA GLU A 316 -8.20 -45.94 4.59
C GLU A 316 -7.42 -45.73 5.90
N LEU A 317 -6.78 -44.55 6.03
CA LEU A 317 -6.01 -44.18 7.25
C LEU A 317 -6.84 -44.12 8.55
N ASN A 318 -8.16 -43.95 8.41
CA ASN A 318 -9.11 -43.94 9.53
C ASN A 318 -9.44 -45.32 10.11
N VAL A 319 -9.14 -46.39 9.35
CA VAL A 319 -9.42 -47.77 9.78
C VAL A 319 -8.19 -48.70 9.86
N GLU A 320 -7.21 -48.55 8.97
CA GLU A 320 -6.01 -49.40 8.96
C GLU A 320 -5.16 -49.17 10.23
N PRO A 321 -4.88 -50.24 11.02
CA PRO A 321 -4.14 -50.10 12.29
C PRO A 321 -2.83 -49.36 12.13
N SER A 322 -2.71 -48.25 12.82
CA SER A 322 -1.45 -47.46 12.82
C SER A 322 -1.33 -46.62 14.09
N SER A 323 -0.21 -45.94 14.24
CA SER A 323 -0.02 -44.97 15.35
C SER A 323 -0.88 -43.67 15.25
N LEU A 324 -1.56 -43.47 14.12
CA LEU A 324 -2.59 -42.41 13.99
C LEU A 324 -3.87 -42.67 14.80
N LEU A 325 -4.07 -43.92 15.22
CA LEU A 325 -5.30 -44.34 15.92
C LEU A 325 -5.15 -44.68 17.40
N THR A 326 -6.09 -44.21 18.21
CA THR A 326 -6.14 -44.45 19.67
C THR A 326 -7.51 -45.07 20.01
N PRO A 327 -7.53 -46.32 20.51
CA PRO A 327 -8.81 -46.97 20.80
C PRO A 327 -9.53 -46.38 22.02
N VAL A 328 -10.83 -46.18 21.86
CA VAL A 328 -11.73 -45.78 22.95
C VAL A 328 -12.14 -47.04 23.74
N GLN A 329 -12.01 -46.99 25.07
CA GLN A 329 -12.35 -48.14 25.95
C GLN A 329 -13.84 -48.13 26.37
N TYR A 330 -14.68 -48.69 25.49
CA TYR A 330 -16.13 -48.75 25.72
C TYR A 330 -16.51 -49.74 26.86
N VAL B 11 -19.95 -5.18 47.10
CA VAL B 11 -19.68 -3.70 47.13
C VAL B 11 -20.56 -2.94 46.09
N TYR B 12 -21.46 -2.08 46.58
CA TYR B 12 -22.41 -1.32 45.73
C TYR B 12 -22.42 0.21 45.93
N THR B 13 -21.61 0.73 46.88
CA THR B 13 -21.38 2.19 47.07
C THR B 13 -19.92 2.50 47.47
N HIS B 14 -19.52 3.75 47.28
CA HIS B 14 -18.20 4.29 47.67
C HIS B 14 -18.35 5.77 48.05
N ASP B 15 -17.44 6.28 48.89
CA ASP B 15 -17.15 7.73 48.94
C ASP B 15 -16.09 7.98 47.89
N THR B 16 -16.40 8.84 46.92
CA THR B 16 -15.49 9.14 45.83
C THR B 16 -14.94 10.58 46.09
N GLY B 17 -13.67 10.78 46.39
CA GLY B 17 -13.13 12.03 46.59
C GLY B 17 -13.33 13.08 45.57
N LEU B 18 -14.60 13.23 45.24
CA LEU B 18 -15.00 14.16 44.23
C LEU B 18 -16.41 14.70 44.48
N ASP B 19 -16.54 16.03 44.52
CA ASP B 19 -17.81 16.72 44.85
C ASP B 19 -18.94 16.48 43.81
N TYR B 20 -18.57 16.22 42.55
CA TYR B 20 -19.50 16.02 41.42
C TYR B 20 -19.97 14.55 41.17
N ILE B 21 -19.38 13.56 41.87
CA ILE B 21 -19.86 12.15 41.83
C ILE B 21 -20.29 11.70 43.24
N THR B 22 -21.59 11.49 43.43
CA THR B 22 -22.15 11.01 44.71
C THR B 22 -23.12 9.81 44.53
N TYR B 23 -22.79 8.71 45.19
CA TYR B 23 -23.65 7.52 45.23
C TYR B 23 -24.87 7.79 46.10
N SER B 24 -25.87 6.93 45.95
CA SER B 24 -27.08 7.00 46.78
C SER B 24 -26.82 6.41 48.18
N ASP B 25 -27.55 6.92 49.17
CA ASP B 25 -27.47 6.43 50.57
C ASP B 25 -28.65 5.50 50.88
N TYR B 26 -28.41 4.20 50.84
CA TYR B 26 -29.46 3.19 51.04
C TYR B 26 -28.84 1.82 51.39
N GLU B 27 -29.69 0.88 51.77
CA GLU B 27 -29.26 -0.48 52.15
C GLU B 27 -30.03 -1.53 51.34
N LEU B 28 -29.34 -2.60 50.95
CA LEU B 28 -29.98 -3.70 50.21
C LEU B 28 -30.76 -4.60 51.17
N ASP B 29 -31.94 -5.05 50.73
CA ASP B 29 -32.74 -6.03 51.50
C ASP B 29 -32.12 -7.45 51.40
N PRO B 30 -31.54 -7.97 52.52
CA PRO B 30 -30.94 -9.32 52.45
C PRO B 30 -31.94 -10.49 52.28
N ALA B 31 -33.23 -10.25 52.52
CA ALA B 31 -34.30 -11.24 52.23
C ALA B 31 -34.58 -11.47 50.73
N ASN B 32 -34.19 -10.50 49.90
CA ASN B 32 -34.36 -10.55 48.44
C ASN B 32 -33.19 -11.32 47.79
N PRO B 33 -33.47 -12.50 47.16
CA PRO B 33 -32.38 -13.31 46.58
C PRO B 33 -31.72 -12.69 45.33
N LEU B 34 -32.39 -11.69 44.73
CA LEU B 34 -31.86 -10.94 43.55
C LEU B 34 -31.17 -9.61 43.91
N ALA B 35 -31.16 -9.25 45.19
CA ALA B 35 -30.56 -7.98 45.62
C ALA B 35 -29.09 -7.88 45.29
N GLY B 36 -28.68 -6.76 44.69
CA GLY B 36 -27.27 -6.47 44.38
C GLY B 36 -26.73 -7.07 43.08
N GLY B 37 -27.57 -7.76 42.33
CA GLY B 37 -27.15 -8.40 41.10
C GLY B 37 -28.08 -9.50 40.61
N ALA B 38 -28.40 -9.49 39.32
CA ALA B 38 -29.31 -10.47 38.72
C ALA B 38 -29.24 -10.51 37.18
N ALA B 39 -29.88 -11.53 36.59
CA ALA B 39 -29.89 -11.73 35.13
C ALA B 39 -31.29 -12.14 34.62
N TRP B 40 -31.54 -11.90 33.33
CA TRP B 40 -32.74 -12.37 32.65
C TRP B 40 -32.31 -13.32 31.54
N ILE B 41 -32.70 -14.59 31.66
CA ILE B 41 -32.29 -15.66 30.72
C ILE B 41 -33.48 -16.53 30.36
N GLU B 42 -33.80 -16.57 29.06
CA GLU B 42 -34.91 -17.38 28.51
C GLU B 42 -36.24 -17.19 29.27
N GLY B 43 -36.62 -15.94 29.51
CA GLY B 43 -37.88 -15.59 30.19
C GLY B 43 -37.87 -15.57 31.72
N ALA B 44 -36.75 -15.94 32.36
CA ALA B 44 -36.66 -16.06 33.82
C ALA B 44 -35.71 -15.04 34.45
N PHE B 45 -36.14 -14.42 35.54
CA PHE B 45 -35.26 -13.58 36.38
C PHE B 45 -34.52 -14.49 37.38
N VAL B 46 -33.19 -14.51 37.33
CA VAL B 46 -32.37 -15.41 38.15
C VAL B 46 -31.20 -14.70 38.85
N PRO B 47 -30.67 -15.26 39.96
CA PRO B 47 -29.45 -14.70 40.58
C PRO B 47 -28.16 -15.00 39.78
N PRO B 48 -27.06 -14.27 40.07
CA PRO B 48 -25.81 -14.43 39.32
C PRO B 48 -25.27 -15.86 39.22
N SER B 49 -25.32 -16.59 40.32
CA SER B 49 -24.85 -18.00 40.35
C SER B 49 -25.63 -18.97 39.42
N GLU B 50 -26.88 -18.64 39.11
CA GLU B 50 -27.68 -19.43 38.13
C GLU B 50 -27.72 -18.82 36.71
N ALA B 51 -26.94 -17.77 36.49
CA ALA B 51 -26.92 -17.05 35.19
C ALA B 51 -25.98 -17.74 34.22
N ARG B 52 -26.53 -18.70 33.49
CA ARG B 52 -25.77 -19.55 32.58
C ARG B 52 -26.44 -19.65 31.20
N ILE B 53 -25.64 -19.81 30.15
CA ILE B 53 -26.18 -20.08 28.78
C ILE B 53 -25.67 -21.36 28.16
N SER B 54 -26.45 -21.90 27.23
CA SER B 54 -26.08 -23.10 26.49
C SER B 54 -24.76 -22.94 25.72
N ILE B 55 -23.87 -23.92 25.85
CA ILE B 55 -22.64 -23.99 25.01
C ILE B 55 -22.91 -24.20 23.52
N PHE B 56 -24.12 -24.63 23.21
CA PHE B 56 -24.59 -24.78 21.82
C PHE B 56 -25.22 -23.49 21.23
N ASP B 57 -25.28 -22.39 22.01
CA ASP B 57 -25.61 -21.06 21.47
C ASP B 57 -24.45 -20.53 20.60
N GLN B 58 -24.77 -20.22 19.34
CA GLN B 58 -23.79 -19.65 18.37
C GLN B 58 -23.14 -18.33 18.84
N GLY B 59 -23.84 -17.60 19.70
CA GLY B 59 -23.30 -16.46 20.41
C GLY B 59 -21.99 -16.76 21.15
N PHE B 60 -21.83 -18.01 21.56
CA PHE B 60 -20.58 -18.49 22.17
C PHE B 60 -19.60 -18.97 21.09
N TYR B 61 -19.92 -20.09 20.43
CA TYR B 61 -18.88 -20.80 19.62
C TYR B 61 -18.56 -20.18 18.25
N THR B 62 -19.37 -19.25 17.76
CA THR B 62 -19.00 -18.39 16.59
C THR B 62 -19.05 -16.87 16.90
N SER B 63 -19.14 -16.52 18.19
CA SER B 63 -19.36 -15.19 18.68
C SER B 63 -20.37 -14.40 17.84
N ASP B 64 -21.41 -15.10 17.37
CA ASP B 64 -22.43 -14.55 16.46
C ASP B 64 -23.49 -13.77 17.27
N ALA B 65 -23.10 -12.54 17.62
CA ALA B 65 -23.82 -11.75 18.57
C ALA B 65 -23.43 -10.29 18.51
N THR B 66 -24.33 -9.44 19.02
CA THR B 66 -24.03 -8.05 19.34
C THR B 66 -24.64 -7.67 20.70
N TYR B 67 -24.28 -6.50 21.22
CA TYR B 67 -24.75 -6.06 22.53
C TYR B 67 -24.68 -4.53 22.74
N THR B 68 -25.26 -4.09 23.84
CA THR B 68 -24.97 -2.76 24.42
C THR B 68 -25.01 -2.78 25.95
N THR B 69 -24.32 -1.83 26.56
CA THR B 69 -24.26 -1.67 28.03
C THR B 69 -24.64 -0.23 28.37
N PHE B 70 -25.78 -0.07 29.04
CA PHE B 70 -26.19 1.22 29.58
C PHE B 70 -26.01 1.27 31.10
N HIS B 71 -26.13 2.46 31.68
CA HIS B 71 -26.00 2.61 33.14
C HIS B 71 -27.14 3.34 33.78
N VAL B 72 -27.28 3.10 35.08
CA VAL B 72 -28.26 3.75 35.94
C VAL B 72 -27.48 4.52 37.01
N TRP B 73 -27.86 5.78 37.22
CA TRP B 73 -27.24 6.63 38.28
C TRP B 73 -28.33 7.35 39.09
N ASN B 74 -28.22 7.28 40.42
CA ASN B 74 -29.22 7.83 41.35
C ASN B 74 -30.66 7.48 40.92
N GLY B 75 -30.87 6.21 40.60
CA GLY B 75 -32.21 5.71 40.23
C GLY B 75 -32.76 6.05 38.85
N ASN B 76 -31.94 6.65 37.99
CA ASN B 76 -32.32 6.98 36.60
C ASN B 76 -31.41 6.35 35.55
N ALA B 77 -32.01 5.70 34.55
CA ALA B 77 -31.26 5.19 33.41
C ALA B 77 -30.85 6.32 32.48
N PHE B 78 -29.59 6.31 32.03
CA PHE B 78 -28.99 7.38 31.20
C PHE B 78 -29.01 7.01 29.69
N ARG B 79 -29.75 7.82 28.92
CA ARG B 79 -29.86 7.69 27.45
C ARG B 79 -30.25 6.28 26.99
N LEU B 80 -31.26 5.72 27.64
CA LEU B 80 -31.78 4.40 27.31
C LEU B 80 -32.23 4.29 25.85
N GLY B 81 -32.95 5.28 25.36
CA GLY B 81 -33.46 5.25 24.00
C GLY B 81 -32.36 5.14 22.96
N ASP B 82 -31.32 5.98 23.11
CA ASP B 82 -30.14 5.93 22.24
C ASP B 82 -29.46 4.54 22.23
N HIS B 83 -29.33 3.96 23.42
CA HIS B 83 -28.69 2.66 23.62
C HIS B 83 -29.42 1.51 22.89
N ILE B 84 -30.73 1.43 23.08
CA ILE B 84 -31.52 0.36 22.47
C ILE B 84 -31.66 0.58 20.95
N GLU B 85 -31.68 1.83 20.51
CA GLU B 85 -31.64 2.15 19.07
C GLU B 85 -30.35 1.65 18.43
N ARG B 86 -29.21 1.90 19.09
CA ARG B 86 -27.91 1.40 18.60
C ARG B 86 -27.85 -0.10 18.57
N LEU B 87 -28.39 -0.74 19.60
CA LEU B 87 -28.42 -2.21 19.70
C LEU B 87 -29.19 -2.84 18.51
N PHE B 88 -30.37 -2.29 18.23
CA PHE B 88 -31.21 -2.78 17.12
C PHE B 88 -30.63 -2.48 15.74
N SER B 89 -29.95 -1.34 15.62
CA SER B 89 -29.17 -1.03 14.42
C SER B 89 -27.96 -1.98 14.19
N ASN B 90 -27.21 -2.25 15.25
CA ASN B 90 -26.11 -3.24 15.22
C ASN B 90 -26.60 -4.65 14.84
N ALA B 91 -27.75 -5.05 15.39
CA ALA B 91 -28.38 -6.34 15.04
C ALA B 91 -28.73 -6.43 13.54
N GLU B 92 -29.31 -5.35 13.03
CA GLU B 92 -29.64 -5.25 11.61
C GLU B 92 -28.39 -5.36 10.73
N SER B 93 -27.29 -4.71 11.13
CA SER B 93 -26.01 -4.78 10.39
C SER B 93 -25.51 -6.22 10.21
N ILE B 94 -25.74 -7.10 11.19
CA ILE B 94 -25.35 -8.53 11.08
C ILE B 94 -26.52 -9.46 10.72
N ARG B 95 -27.59 -8.89 10.15
CA ARG B 95 -28.78 -9.65 9.67
C ARG B 95 -29.49 -10.51 10.75
N LEU B 96 -29.52 -9.98 11.97
CA LEU B 96 -30.07 -10.65 13.12
C LEU B 96 -31.41 -9.96 13.43
N ILE B 97 -32.51 -10.73 13.40
CA ILE B 97 -33.86 -10.20 13.71
C ILE B 97 -34.17 -10.46 15.19
N PRO B 98 -34.23 -9.38 16.02
CA PRO B 98 -34.46 -9.63 17.45
C PRO B 98 -35.85 -10.21 17.71
N PRO B 99 -35.98 -11.15 18.68
CA PRO B 99 -37.29 -11.77 19.00
C PRO B 99 -38.15 -10.91 19.94
N LEU B 100 -37.67 -9.72 20.32
CA LEU B 100 -38.43 -8.74 21.11
C LEU B 100 -38.41 -7.38 20.41
N THR B 101 -39.43 -6.56 20.67
CA THR B 101 -39.42 -5.17 20.19
C THR B 101 -38.55 -4.28 21.11
N GLN B 102 -38.23 -3.07 20.64
CA GLN B 102 -37.47 -2.10 21.45
C GLN B 102 -38.18 -1.77 22.78
N ASP B 103 -39.51 -1.56 22.71
CA ASP B 103 -40.33 -1.31 23.90
C ASP B 103 -40.30 -2.46 24.91
N GLU B 104 -40.43 -3.69 24.40
CA GLU B 104 -40.35 -4.90 25.24
C GLU B 104 -38.99 -5.01 25.97
N VAL B 105 -37.91 -4.75 25.23
CA VAL B 105 -36.55 -4.77 25.78
C VAL B 105 -36.40 -3.75 26.90
N LYS B 106 -36.87 -2.53 26.65
CA LYS B 106 -36.81 -1.44 27.66
C LYS B 106 -37.52 -1.80 28.97
N GLU B 107 -38.73 -2.34 28.82
CA GLU B 107 -39.60 -2.72 29.94
C GLU B 107 -38.95 -3.84 30.80
N ILE B 108 -38.44 -4.87 30.13
CA ILE B 108 -37.77 -6.00 30.81
C ILE B 108 -36.47 -5.58 31.53
N ALA B 109 -35.67 -4.78 30.84
CA ALA B 109 -34.40 -4.28 31.40
C ALA B 109 -34.62 -3.42 32.65
N LEU B 110 -35.61 -2.53 32.61
CA LEU B 110 -35.93 -1.64 33.73
C LEU B 110 -36.47 -2.44 34.95
N GLU B 111 -37.28 -3.46 34.67
CA GLU B 111 -37.79 -4.39 35.69
C GLU B 111 -36.62 -5.11 36.35
N LEU B 112 -35.69 -5.61 35.54
CA LEU B 112 -34.49 -6.31 36.05
C LEU B 112 -33.70 -5.46 37.07
N VAL B 113 -33.46 -4.20 36.73
CA VAL B 113 -32.75 -3.26 37.62
C VAL B 113 -33.55 -3.09 38.92
N ALA B 114 -34.86 -2.85 38.79
CA ALA B 114 -35.76 -2.69 39.94
C ALA B 114 -35.63 -3.86 40.96
N LYS B 115 -35.64 -5.09 40.45
CA LYS B 115 -35.47 -6.31 41.26
C LYS B 115 -34.13 -6.40 42.02
N THR B 116 -33.06 -5.83 41.47
CA THR B 116 -31.74 -5.78 42.15
C THR B 116 -31.68 -4.75 43.27
N GLU B 117 -32.59 -3.78 43.22
CA GLU B 117 -32.64 -2.61 44.13
C GLU B 117 -31.45 -1.63 43.96
N LEU B 118 -30.63 -1.84 42.93
CA LEU B 118 -29.45 -1.02 42.71
C LEU B 118 -29.85 0.38 42.16
N ARG B 119 -29.41 1.44 42.86
CA ARG B 119 -29.57 2.84 42.42
C ARG B 119 -28.43 3.29 41.46
N GLU B 120 -27.27 2.64 41.61
CA GLU B 120 -26.12 2.83 40.70
C GLU B 120 -25.75 1.47 40.09
N ALA B 121 -25.90 1.36 38.77
CA ALA B 121 -25.80 0.04 38.10
C ALA B 121 -25.34 0.05 36.62
N MET B 122 -24.89 -1.12 36.18
CA MET B 122 -24.53 -1.40 34.79
C MET B 122 -25.44 -2.47 34.28
N VAL B 123 -26.04 -2.24 33.11
CA VAL B 123 -27.04 -3.15 32.55
C VAL B 123 -26.63 -3.52 31.11
N THR B 124 -26.38 -4.81 30.88
CA THR B 124 -25.97 -5.33 29.58
C THR B 124 -27.15 -6.05 28.93
N VAL B 125 -27.43 -5.69 27.67
CA VAL B 125 -28.40 -6.39 26.82
C VAL B 125 -27.71 -6.97 25.60
N THR B 126 -27.80 -8.30 25.48
CA THR B 126 -27.13 -9.11 24.44
C THR B 126 -28.16 -9.83 23.55
N ILE B 127 -27.91 -9.81 22.23
CA ILE B 127 -28.72 -10.55 21.25
C ILE B 127 -27.80 -11.50 20.47
N THR B 128 -28.16 -12.79 20.46
CA THR B 128 -27.37 -13.87 19.77
C THR B 128 -28.22 -14.57 18.71
N ARG B 129 -27.54 -15.27 17.81
CA ARG B 129 -28.17 -16.08 16.74
C ARG B 129 -28.91 -17.29 17.30
N GLY B 130 -28.51 -17.73 18.50
CA GLY B 130 -29.21 -18.78 19.25
C GLY B 130 -28.64 -20.19 19.17
N TYR B 131 -29.32 -21.12 19.82
CA TYR B 131 -28.88 -22.54 19.92
C TYR B 131 -29.72 -23.54 19.09
N SER B 132 -30.64 -23.07 18.28
CA SER B 132 -31.56 -23.95 17.54
C SER B 132 -31.08 -24.23 16.14
N SER B 133 -29.87 -23.78 15.80
CA SER B 133 -29.34 -23.87 14.42
C SER B 133 -27.80 -23.78 14.46
N THR B 134 -27.15 -23.98 13.31
CA THR B 134 -25.67 -23.91 13.19
C THR B 134 -25.30 -22.92 12.05
N PRO B 135 -24.02 -22.48 11.98
CA PRO B 135 -23.62 -21.52 10.94
C PRO B 135 -23.83 -21.98 9.50
N PHE B 136 -23.90 -23.30 9.30
CA PHE B 136 -24.07 -23.90 7.97
C PHE B 136 -25.51 -24.18 7.58
N GLU B 137 -26.46 -23.74 8.40
CA GLU B 137 -27.88 -23.89 8.12
C GLU B 137 -28.19 -23.34 6.72
N ARG B 138 -28.82 -24.17 5.87
CA ARG B 138 -29.29 -23.77 4.53
C ARG B 138 -30.55 -22.88 4.56
N ASP B 139 -31.46 -23.14 5.51
CA ASP B 139 -32.72 -22.38 5.60
C ASP B 139 -32.71 -21.30 6.69
N ILE B 140 -32.56 -20.03 6.28
CA ILE B 140 -32.45 -18.92 7.23
C ILE B 140 -33.67 -18.81 8.19
N THR B 141 -34.82 -19.34 7.79
CA THR B 141 -36.02 -19.32 8.66
C THR B 141 -35.89 -20.22 9.92
N LYS B 142 -34.97 -21.20 9.88
CA LYS B 142 -34.71 -22.10 11.02
C LYS B 142 -33.92 -21.49 12.21
N HIS B 143 -33.30 -20.32 12.01
CA HIS B 143 -32.60 -19.59 13.09
C HIS B 143 -33.55 -19.12 14.18
N ARG B 144 -33.21 -19.34 15.44
CA ARG B 144 -34.05 -18.87 16.58
C ARG B 144 -33.25 -18.00 17.58
N PRO B 145 -33.18 -16.69 17.30
CA PRO B 145 -32.39 -15.77 18.14
C PRO B 145 -32.80 -15.66 19.60
N GLN B 146 -31.83 -15.41 20.46
CA GLN B 146 -32.03 -15.24 21.90
C GLN B 146 -31.63 -13.86 22.42
N VAL B 147 -32.30 -13.42 23.47
CA VAL B 147 -31.93 -12.22 24.24
C VAL B 147 -31.53 -12.62 25.67
N TYR B 148 -30.39 -12.09 26.13
CA TYR B 148 -29.87 -12.29 27.49
C TYR B 148 -29.55 -10.91 28.12
N MET B 149 -29.87 -10.72 29.41
CA MET B 149 -29.60 -9.47 30.13
C MET B 149 -28.95 -9.73 31.50
N SER B 150 -28.15 -8.77 31.95
CA SER B 150 -27.60 -8.79 33.31
C SER B 150 -27.51 -7.37 33.89
N ALA B 151 -27.71 -7.27 35.20
CA ALA B 151 -27.61 -6.01 35.94
C ALA B 151 -26.71 -6.18 37.14
N CYS B 152 -25.70 -5.31 37.24
CA CYS B 152 -24.62 -5.41 38.25
C CYS B 152 -24.29 -4.04 38.84
N PRO B 153 -23.53 -4.00 39.94
CA PRO B 153 -23.05 -2.69 40.39
C PRO B 153 -22.25 -1.93 39.33
N TYR B 154 -22.33 -0.61 39.35
CA TYR B 154 -21.56 0.25 38.47
C TYR B 154 -20.06 -0.07 38.59
N GLN B 155 -19.40 -0.23 37.45
CA GLN B 155 -17.99 -0.58 37.35
C GLN B 155 -17.11 0.54 36.73
N TRP B 156 -15.92 0.74 37.30
CA TRP B 156 -15.03 1.86 36.95
C TRP B 156 -13.82 1.33 36.25
N ILE B 157 -13.66 1.71 34.98
CA ILE B 157 -12.48 1.33 34.20
C ILE B 157 -11.21 1.96 34.80
N VAL B 158 -11.31 3.20 35.27
CA VAL B 158 -10.23 3.86 36.03
C VAL B 158 -10.71 4.36 37.41
N PRO B 159 -9.84 4.31 38.44
CA PRO B 159 -10.27 4.76 39.78
C PRO B 159 -10.46 6.28 39.90
N PHE B 160 -11.09 6.69 41.01
CA PHE B 160 -11.53 8.09 41.23
C PHE B 160 -10.37 9.08 41.26
N ASP B 161 -9.26 8.68 41.89
CA ASP B 161 -8.05 9.53 41.97
C ASP B 161 -7.42 9.80 40.59
N ARG B 162 -7.62 8.86 39.66
CA ARG B 162 -7.13 8.97 38.28
C ARG B 162 -8.06 9.83 37.42
N ILE B 163 -9.36 9.82 37.70
CA ILE B 163 -10.29 10.78 37.06
C ILE B 163 -9.85 12.21 37.35
N ARG B 164 -9.36 12.42 38.58
CA ARG B 164 -8.89 13.74 39.00
C ARG B 164 -7.52 14.06 38.40
N ASP B 165 -6.57 13.13 38.55
CA ASP B 165 -5.15 13.39 38.28
C ASP B 165 -4.67 13.04 36.89
N GLY B 166 -5.38 12.10 36.25
CA GLY B 166 -5.12 11.70 34.88
C GLY B 166 -4.52 10.31 34.77
N VAL B 167 -4.51 9.79 33.54
CA VAL B 167 -4.03 8.41 33.21
C VAL B 167 -2.86 8.44 32.20
N HIS B 168 -1.99 7.44 32.29
CA HIS B 168 -0.84 7.30 31.40
C HIS B 168 -1.14 6.34 30.22
N LEU B 169 -1.23 6.92 29.01
CA LEU B 169 -1.61 6.19 27.79
C LEU B 169 -0.40 5.61 27.06
N MET B 170 -0.65 4.51 26.35
CA MET B 170 0.35 3.84 25.49
C MET B 170 -0.25 3.58 24.09
N VAL B 171 0.50 3.93 23.05
CA VAL B 171 0.14 3.53 21.68
C VAL B 171 0.70 2.13 21.39
N ALA B 172 -0.20 1.18 21.07
CA ALA B 172 0.19 -0.22 20.82
C ALA B 172 1.00 -0.36 19.53
N GLN B 173 2.07 -1.13 19.58
CA GLN B 173 2.91 -1.46 18.42
C GLN B 173 2.85 -2.92 17.93
N SER B 174 2.42 -3.86 18.76
CA SER B 174 2.43 -5.29 18.41
C SER B 174 1.09 -5.76 17.80
N VAL B 175 0.11 -4.85 17.71
CA VAL B 175 -1.24 -5.20 17.27
C VAL B 175 -1.92 -3.96 16.73
N ARG B 176 -2.86 -4.17 15.81
CA ARG B 176 -3.74 -3.10 15.29
C ARG B 176 -5.23 -3.49 15.36
N ARG B 177 -6.10 -2.48 15.38
CA ARG B 177 -7.53 -2.70 15.46
C ARG B 177 -8.02 -3.45 14.21
N THR B 178 -8.87 -4.45 14.42
CA THR B 178 -9.45 -5.22 13.32
C THR B 178 -10.12 -4.30 12.26
N PRO B 179 -9.84 -4.54 10.97
CA PRO B 179 -10.41 -3.68 9.93
C PRO B 179 -11.91 -3.83 9.74
N ARG B 180 -12.56 -2.78 9.24
CA ARG B 180 -14.01 -2.83 8.94
C ARG B 180 -14.35 -3.91 7.88
N SER B 181 -13.39 -4.22 7.01
CA SER B 181 -13.52 -5.27 6.01
C SER B 181 -13.44 -6.73 6.54
N SER B 182 -13.26 -6.90 7.86
CA SER B 182 -13.24 -8.23 8.48
C SER B 182 -14.30 -8.32 9.58
N ILE B 183 -14.09 -7.60 10.69
CA ILE B 183 -15.01 -7.55 11.84
C ILE B 183 -15.16 -6.07 12.25
N ASP B 184 -16.32 -5.53 11.95
CA ASP B 184 -16.58 -4.07 12.04
C ASP B 184 -16.61 -3.53 13.49
N PRO B 185 -15.67 -2.65 13.85
CA PRO B 185 -15.72 -2.06 15.20
C PRO B 185 -16.93 -1.18 15.49
N GLN B 186 -17.62 -0.74 14.43
CA GLN B 186 -18.84 0.06 14.59
C GLN B 186 -20.06 -0.76 15.01
N VAL B 187 -19.89 -2.07 15.01
CA VAL B 187 -20.87 -3.03 15.59
C VAL B 187 -20.30 -3.54 16.92
N LYS B 188 -20.91 -3.14 18.04
CA LYS B 188 -20.42 -3.54 19.34
C LYS B 188 -20.35 -5.06 19.32
N ASN B 189 -19.25 -5.64 19.78
CA ASN B 189 -19.08 -7.08 19.70
C ASN B 189 -18.12 -7.65 20.75
N PHE B 190 -18.20 -8.96 20.95
CA PHE B 190 -17.40 -9.67 21.97
C PHE B 190 -16.07 -10.19 21.41
N GLN B 191 -15.72 -9.82 20.18
CA GLN B 191 -14.54 -10.38 19.49
C GLN B 191 -13.29 -9.55 19.75
N TRP B 192 -12.71 -9.74 20.93
CA TRP B 192 -11.71 -8.85 21.55
C TRP B 192 -10.26 -9.33 21.45
N GLY B 193 -10.00 -10.21 20.50
CA GLY B 193 -8.66 -10.81 20.35
C GLY B 193 -7.54 -9.77 20.23
N ASP B 194 -7.79 -8.73 19.43
CA ASP B 194 -6.85 -7.61 19.24
C ASP B 194 -6.77 -6.70 20.47
N LEU B 195 -7.94 -6.42 21.07
CA LEU B 195 -8.02 -5.61 22.28
C LEU B 195 -7.31 -6.24 23.51
N ILE B 196 -7.42 -7.57 23.63
CA ILE B 196 -6.72 -8.31 24.70
C ILE B 196 -5.20 -8.31 24.50
N ARG B 197 -4.76 -8.52 23.26
CA ARG B 197 -3.33 -8.37 22.91
C ARG B 197 -2.75 -6.99 23.30
N ALA B 198 -3.53 -5.94 23.06
CA ALA B 198 -3.16 -4.60 23.45
C ALA B 198 -3.01 -4.40 24.97
N ILE B 199 -3.92 -4.99 25.73
CA ILE B 199 -3.86 -4.97 27.21
C ILE B 199 -2.61 -5.68 27.73
N GLN B 200 -2.29 -6.80 27.11
CA GLN B 200 -1.11 -7.58 27.45
C GLN B 200 0.19 -6.80 27.17
N GLU B 201 0.22 -6.08 26.05
CA GLU B 201 1.36 -5.23 25.70
C GLU B 201 1.55 -4.10 26.73
N THR B 202 0.44 -3.61 27.31
CA THR B 202 0.56 -2.52 28.32
C THR B 202 1.23 -3.05 29.58
N HIS B 203 0.92 -4.30 29.96
CA HIS B 203 1.59 -4.97 31.10
C HIS B 203 3.10 -5.15 30.84
N ASP B 204 3.45 -5.60 29.63
CA ASP B 204 4.86 -5.78 29.24
C ASP B 204 5.66 -4.48 29.30
N ARG B 205 5.09 -3.38 28.81
CA ARG B 205 5.79 -2.09 28.69
C ARG B 205 5.64 -1.14 29.90
N GLY B 206 4.74 -1.49 30.82
CA GLY B 206 4.58 -0.78 32.09
C GLY B 206 3.73 0.48 32.06
N PHE B 207 2.64 0.45 31.30
CA PHE B 207 1.71 1.59 31.17
C PHE B 207 0.34 1.21 31.71
N GLU B 208 -0.61 2.14 31.71
CA GLU B 208 -1.91 1.92 32.37
C GLU B 208 -3.04 1.47 31.44
N LEU B 209 -3.20 2.15 30.31
CA LEU B 209 -4.17 1.76 29.26
C LEU B 209 -3.59 1.88 27.83
N PRO B 210 -4.04 1.02 26.88
CA PRO B 210 -3.61 1.14 25.49
C PRO B 210 -4.62 1.82 24.53
N LEU B 211 -4.05 2.48 23.51
CA LEU B 211 -4.79 2.96 22.33
C LEU B 211 -4.23 2.24 21.10
N LEU B 212 -5.13 1.65 20.31
CA LEU B 212 -4.76 0.99 19.06
C LEU B 212 -4.88 1.94 17.85
N LEU B 213 -4.07 1.64 16.83
CA LEU B 213 -4.15 2.28 15.50
C LEU B 213 -4.86 1.36 14.49
N ASP B 214 -5.32 1.94 13.37
CA ASP B 214 -5.93 1.19 12.26
C ASP B 214 -4.93 0.83 11.17
N CYS B 215 -5.41 0.17 10.12
CA CYS B 215 -4.59 -0.25 8.96
C CYS B 215 -3.78 0.88 8.31
N ASP B 216 -4.33 2.09 8.32
CA ASP B 216 -3.65 3.28 7.80
C ASP B 216 -2.78 4.05 8.85
N ASN B 217 -2.57 3.45 10.02
CA ASN B 217 -1.81 4.06 11.13
C ASN B 217 -2.45 5.32 11.71
N LEU B 218 -3.77 5.41 11.58
CA LEU B 218 -4.57 6.49 12.16
C LEU B 218 -5.22 6.02 13.46
N LEU B 219 -5.53 6.98 14.33
CA LEU B 219 -6.06 6.66 15.67
C LEU B 219 -7.33 5.85 15.52
N ALA B 220 -7.47 4.80 16.31
CA ALA B 220 -8.69 3.96 16.35
C ALA B 220 -9.43 4.14 17.66
N GLU B 221 -9.29 3.18 18.59
CA GLU B 221 -9.96 3.22 19.89
C GLU B 221 -9.20 2.31 20.87
N GLY B 222 -9.65 2.26 22.11
CA GLY B 222 -9.07 1.39 23.15
C GLY B 222 -10.03 0.30 23.61
N PRO B 223 -9.58 -0.62 24.50
CA PRO B 223 -10.45 -1.71 25.00
C PRO B 223 -11.53 -1.17 25.91
N GLY B 224 -12.73 -1.03 25.37
CA GLY B 224 -13.89 -0.53 26.11
C GLY B 224 -14.00 0.98 26.22
N PHE B 225 -13.27 1.73 25.39
CA PHE B 225 -13.35 3.21 25.40
C PHE B 225 -12.97 3.91 24.09
N ASN B 226 -13.56 5.08 23.87
CA ASN B 226 -13.20 5.98 22.78
C ASN B 226 -12.17 7.00 23.27
N VAL B 227 -11.38 7.55 22.32
CA VAL B 227 -10.40 8.62 22.60
C VAL B 227 -10.86 9.94 21.97
N VAL B 228 -10.55 11.06 22.65
CA VAL B 228 -10.85 12.43 22.18
C VAL B 228 -9.60 13.31 22.31
N VAL B 229 -9.35 14.12 21.26
CA VAL B 229 -8.14 14.94 21.13
C VAL B 229 -8.51 16.42 20.96
N ILE B 230 -7.92 17.28 21.81
CA ILE B 230 -8.20 18.73 21.82
C ILE B 230 -6.97 19.55 21.41
N LYS B 231 -7.15 20.41 20.40
CA LYS B 231 -6.07 21.23 19.84
C LYS B 231 -6.60 22.58 19.33
N ASP B 232 -6.01 23.66 19.86
CA ASP B 232 -6.39 25.05 19.52
C ASP B 232 -7.90 25.24 19.56
N GLY B 233 -8.50 24.77 20.65
CA GLY B 233 -9.96 24.89 20.84
C GLY B 233 -10.88 24.07 19.94
N VAL B 234 -10.30 23.20 19.11
CA VAL B 234 -11.05 22.26 18.27
C VAL B 234 -11.04 20.85 18.92
N VAL B 235 -12.24 20.26 19.04
CA VAL B 235 -12.41 18.94 19.70
C VAL B 235 -12.69 17.85 18.65
N ARG B 236 -11.80 16.87 18.57
CA ARG B 236 -11.86 15.81 17.53
C ARG B 236 -11.83 14.37 18.12
N SER B 237 -12.54 13.44 17.47
CA SER B 237 -12.53 12.01 17.86
C SER B 237 -12.53 11.10 16.60
N PRO B 238 -11.85 9.94 16.64
CA PRO B 238 -11.83 9.06 15.47
C PRO B 238 -13.18 8.62 14.95
N GLY B 239 -13.38 8.79 13.64
CA GLY B 239 -14.64 8.44 12.96
C GLY B 239 -14.77 7.02 12.40
N ARG B 240 -13.65 6.37 12.10
CA ARG B 240 -13.70 5.09 11.38
C ARG B 240 -13.61 3.88 12.30
N ALA B 241 -12.41 3.55 12.77
CA ALA B 241 -12.15 2.27 13.50
C ALA B 241 -12.47 2.40 15.00
N ALA B 242 -13.73 2.71 15.28
CA ALA B 242 -14.18 3.08 16.61
C ALA B 242 -15.67 2.89 16.74
N LEU B 243 -16.11 2.39 17.90
CA LEU B 243 -17.53 2.30 18.18
C LEU B 243 -18.14 3.71 18.24
N PRO B 244 -19.34 3.92 17.66
CA PRO B 244 -20.10 5.17 17.92
C PRO B 244 -20.66 5.22 19.33
N GLY B 245 -19.79 5.62 20.26
CA GLY B 245 -20.09 5.60 21.68
C GLY B 245 -21.18 6.60 22.04
N ILE B 246 -22.02 6.22 23.02
CA ILE B 246 -23.02 7.12 23.61
C ILE B 246 -22.34 8.16 24.53
N THR B 247 -21.29 7.75 25.25
CA THR B 247 -20.48 8.72 26.02
C THR B 247 -19.75 9.72 25.11
N ARG B 248 -19.14 9.22 24.02
CA ARG B 248 -18.54 10.09 22.99
C ARG B 248 -19.55 11.15 22.48
N LYS B 249 -20.74 10.69 22.12
CA LYS B 249 -21.81 11.56 21.61
C LYS B 249 -22.13 12.68 22.61
N THR B 250 -22.25 12.31 23.88
CA THR B 250 -22.47 13.26 24.96
C THR B 250 -21.31 14.27 25.09
N VAL B 251 -20.07 13.77 25.07
CA VAL B 251 -18.86 14.63 25.12
C VAL B 251 -18.84 15.70 23.99
N LEU B 252 -19.14 15.29 22.76
CA LEU B 252 -19.17 16.23 21.65
C LEU B 252 -20.32 17.25 21.73
N GLU B 253 -21.49 16.81 22.17
CA GLU B 253 -22.60 17.72 22.45
C GLU B 253 -22.20 18.79 23.52
N ILE B 254 -21.58 18.34 24.61
CA ILE B 254 -21.09 19.24 25.66
C ILE B 254 -20.09 20.26 25.09
N ALA B 255 -19.15 19.77 24.27
CA ALA B 255 -18.16 20.64 23.64
C ALA B 255 -18.81 21.75 22.81
N GLU B 256 -19.84 21.41 22.03
CA GLU B 256 -20.61 22.40 21.23
C GLU B 256 -21.32 23.43 22.14
N SER B 257 -21.89 22.96 23.27
CA SER B 257 -22.48 23.83 24.30
C SER B 257 -21.47 24.88 24.77
N LEU B 258 -20.22 24.46 24.95
CA LEU B 258 -19.14 25.34 25.44
C LEU B 258 -18.54 26.23 24.36
N GLY B 259 -19.09 26.18 23.15
CA GLY B 259 -18.67 27.05 22.04
C GLY B 259 -17.47 26.55 21.23
N HIS B 260 -17.16 25.26 21.34
CA HIS B 260 -16.07 24.64 20.58
C HIS B 260 -16.61 23.89 19.35
N GLU B 261 -15.88 23.96 18.25
CA GLU B 261 -16.13 23.08 17.11
C GLU B 261 -15.82 21.64 17.54
N ALA B 262 -16.75 20.73 17.28
CA ALA B 262 -16.67 19.33 17.74
C ALA B 262 -17.03 18.36 16.63
N ILE B 263 -16.05 17.57 16.18
CA ILE B 263 -16.19 16.79 14.94
C ILE B 263 -15.54 15.41 15.00
N LEU B 264 -16.10 14.49 14.20
CA LEU B 264 -15.45 13.23 13.93
C LEU B 264 -14.44 13.44 12.83
N ALA B 265 -13.27 12.80 12.97
CA ALA B 265 -12.14 13.01 12.04
C ALA B 265 -11.07 11.91 12.07
N ASP B 266 -10.22 11.93 11.05
CA ASP B 266 -9.05 11.11 10.98
C ASP B 266 -7.90 11.84 11.70
N ILE B 267 -7.27 11.17 12.66
CA ILE B 267 -6.24 11.79 13.51
C ILE B 267 -4.93 11.00 13.47
N THR B 268 -3.82 11.71 13.25
CA THR B 268 -2.48 11.07 13.17
C THR B 268 -1.80 10.94 14.52
N PRO B 269 -0.80 10.05 14.65
CA PRO B 269 -0.04 9.96 15.91
C PRO B 269 0.69 11.27 16.26
N ALA B 270 1.25 11.96 15.25
CA ALA B 270 1.92 13.26 15.47
C ALA B 270 0.99 14.29 16.12
N GLU B 271 -0.25 14.35 15.64
CA GLU B 271 -1.30 15.18 16.23
C GLU B 271 -1.67 14.80 17.66
N LEU B 272 -1.65 13.50 17.97
CA LEU B 272 -1.85 13.02 19.35
C LEU B 272 -0.77 13.54 20.32
N TYR B 273 0.50 13.36 19.95
CA TYR B 273 1.63 13.81 20.78
C TYR B 273 1.66 15.33 20.96
N ASP B 274 1.26 16.06 19.91
CA ASP B 274 1.29 17.53 19.88
C ASP B 274 0.00 18.17 20.42
N ALA B 275 -0.92 17.37 20.97
CA ALA B 275 -2.21 17.90 21.44
C ALA B 275 -2.11 18.79 22.69
N ASP B 276 -3.06 19.74 22.84
CA ASP B 276 -3.22 20.55 24.08
C ASP B 276 -3.76 19.70 25.20
N GLU B 277 -4.82 18.96 24.91
CA GLU B 277 -5.45 18.00 25.84
C GLU B 277 -5.86 16.67 25.15
N VAL B 278 -5.86 15.58 25.93
CA VAL B 278 -6.38 14.28 25.50
C VAL B 278 -7.26 13.68 26.60
N LEU B 279 -8.38 13.08 26.23
CA LEU B 279 -9.25 12.37 27.19
C LEU B 279 -9.79 11.03 26.67
N GLY B 280 -10.31 10.24 27.60
CA GLY B 280 -10.97 8.95 27.32
C GLY B 280 -12.41 8.97 27.82
N CYS B 281 -13.28 8.18 27.19
CA CYS B 281 -14.68 8.10 27.60
C CYS B 281 -15.32 6.74 27.35
N SER B 282 -16.26 6.39 28.23
CA SER B 282 -17.00 5.11 28.17
C SER B 282 -18.16 5.10 29.16
N THR B 283 -19.18 4.27 28.88
CA THR B 283 -20.26 4.02 29.88
C THR B 283 -19.68 3.49 31.20
N GLY B 284 -18.62 2.68 31.08
CA GLY B 284 -17.90 2.20 32.23
C GLY B 284 -16.88 3.12 32.88
N GLY B 285 -17.37 4.21 33.46
CA GLY B 285 -16.50 5.18 34.19
C GLY B 285 -16.67 6.65 33.84
N GLY B 286 -17.37 6.90 32.74
CA GLY B 286 -17.70 8.26 32.29
C GLY B 286 -16.59 8.87 31.46
N VAL B 287 -15.96 9.93 31.99
CA VAL B 287 -14.92 10.68 31.30
C VAL B 287 -13.72 10.84 32.23
N TRP B 288 -12.53 10.72 31.66
CA TRP B 288 -11.25 10.89 32.39
C TRP B 288 -10.11 11.46 31.49
N PRO B 289 -9.08 12.09 32.10
CA PRO B 289 -7.98 12.65 31.31
C PRO B 289 -6.85 11.65 31.02
N PHE B 290 -6.22 11.82 29.86
CA PHE B 290 -4.94 11.16 29.53
C PHE B 290 -3.84 12.23 29.51
N VAL B 291 -2.93 12.17 30.48
CA VAL B 291 -1.93 13.24 30.71
C VAL B 291 -0.55 12.99 30.09
N SER B 292 -0.31 11.75 29.67
CA SER B 292 0.89 11.41 28.91
C SER B 292 0.63 10.30 27.90
N VAL B 293 1.47 10.24 26.86
CA VAL B 293 1.41 9.17 25.84
C VAL B 293 2.82 8.64 25.61
N ASP B 294 3.00 7.34 25.80
CA ASP B 294 4.34 6.68 25.67
C ASP B 294 5.41 7.35 26.56
N GLY B 295 5.00 7.82 27.74
CA GLY B 295 5.89 8.53 28.67
C GLY B 295 6.13 10.00 28.38
N ASN B 296 5.63 10.51 27.26
CA ASN B 296 5.74 11.92 26.87
C ASN B 296 4.56 12.68 27.43
N SER B 297 4.83 13.79 28.12
CA SER B 297 3.75 14.60 28.71
C SER B 297 2.88 15.29 27.64
N ILE B 298 1.58 15.35 27.88
CA ILE B 298 0.65 16.11 27.05
C ILE B 298 0.55 17.48 27.68
N SER B 299 0.97 18.50 26.92
CA SER B 299 1.20 19.86 27.46
C SER B 299 2.10 19.80 28.73
N ASP B 300 1.62 20.34 29.85
CA ASP B 300 2.36 20.35 31.13
C ASP B 300 2.12 19.10 32.03
N GLY B 301 1.53 18.04 31.47
CA GLY B 301 1.35 16.77 32.19
C GLY B 301 0.27 16.71 33.25
N VAL B 302 -0.61 17.71 33.30
CA VAL B 302 -1.76 17.72 34.21
C VAL B 302 -3.04 17.85 33.43
N PRO B 303 -4.16 17.39 33.98
CA PRO B 303 -5.44 17.57 33.27
C PRO B 303 -5.73 18.99 32.84
N GLY B 304 -6.06 19.14 31.58
CA GLY B 304 -6.38 20.45 31.02
C GLY B 304 -7.74 21.02 31.48
N PRO B 305 -7.93 22.33 31.32
CA PRO B 305 -9.18 22.97 31.71
C PRO B 305 -10.44 22.60 30.90
N VAL B 306 -10.31 22.37 29.60
CA VAL B 306 -11.48 21.98 28.77
C VAL B 306 -11.97 20.61 29.22
N THR B 307 -11.02 19.68 29.41
CA THR B 307 -11.30 18.30 29.88
C THR B 307 -12.04 18.36 31.22
N GLN B 308 -11.55 19.17 32.17
CA GLN B 308 -12.17 19.35 33.48
C GLN B 308 -13.62 19.87 33.45
N SER B 309 -13.90 20.83 32.58
CA SER B 309 -15.26 21.31 32.43
C SER B 309 -16.21 20.28 31.79
N ILE B 310 -15.66 19.46 30.88
CA ILE B 310 -16.42 18.37 30.22
C ILE B 310 -16.79 17.29 31.24
N ILE B 311 -15.80 16.86 32.03
CA ILE B 311 -16.01 15.86 33.09
C ILE B 311 -17.14 16.31 34.06
N ARG B 312 -17.07 17.56 34.51
CA ARG B 312 -18.04 18.08 35.47
C ARG B 312 -19.42 18.14 34.84
N ARG B 313 -19.51 18.65 33.61
CA ARG B 313 -20.79 18.80 32.93
C ARG B 313 -21.45 17.44 32.72
N TYR B 314 -20.64 16.44 32.37
CA TYR B 314 -21.14 15.05 32.13
C TYR B 314 -21.89 14.56 33.37
N TRP B 315 -21.26 14.72 34.53
CA TRP B 315 -21.87 14.25 35.77
C TRP B 315 -23.09 15.10 36.21
N GLU B 316 -23.09 16.42 35.89
CA GLU B 316 -24.29 17.26 36.03
C GLU B 316 -25.47 16.68 35.22
N LEU B 317 -25.21 16.26 33.98
CA LEU B 317 -26.23 15.67 33.09
C LEU B 317 -26.82 14.34 33.57
N ASN B 318 -26.09 13.65 34.44
CA ASN B 318 -26.56 12.41 35.10
C ASN B 318 -27.57 12.61 36.23
N VAL B 319 -27.70 13.83 36.74
CA VAL B 319 -28.64 14.15 37.84
C VAL B 319 -29.68 15.23 37.53
N GLU B 320 -29.34 16.26 36.75
CA GLU B 320 -30.27 17.35 36.40
C GLU B 320 -31.44 16.80 35.55
N PRO B 321 -32.71 16.99 36.01
CA PRO B 321 -33.89 16.48 35.30
C PRO B 321 -33.94 16.88 33.83
N SER B 322 -33.93 15.88 32.97
CA SER B 322 -34.01 16.11 31.50
C SER B 322 -34.57 14.90 30.79
N SER B 323 -34.77 15.01 29.48
CA SER B 323 -35.16 13.86 28.65
C SER B 323 -34.05 12.79 28.46
N LEU B 324 -32.81 13.07 28.90
CA LEU B 324 -31.74 12.06 28.97
C LEU B 324 -31.96 10.99 30.03
N LEU B 325 -32.85 11.27 30.98
CA LEU B 325 -33.08 10.39 32.13
C LEU B 325 -34.44 9.69 32.16
N THR B 326 -34.42 8.40 32.51
CA THR B 326 -35.62 7.57 32.62
C THR B 326 -35.65 6.95 34.04
N PRO B 327 -36.69 7.27 34.84
CA PRO B 327 -36.74 6.74 36.22
C PRO B 327 -37.05 5.25 36.31
N VAL B 328 -36.29 4.57 37.17
CA VAL B 328 -36.53 3.14 37.49
C VAL B 328 -37.60 3.07 38.59
N GLN B 329 -38.60 2.21 38.39
CA GLN B 329 -39.73 2.06 39.33
C GLN B 329 -39.42 1.01 40.40
N TYR B 330 -38.75 1.43 41.46
CA TYR B 330 -38.42 0.53 42.58
C TYR B 330 -39.68 0.21 43.44
N ILE C 10 -18.14 -74.68 -19.23
CA ILE C 10 -17.41 -73.40 -19.02
C ILE C 10 -17.62 -72.84 -17.61
N VAL C 11 -16.51 -72.54 -16.92
CA VAL C 11 -16.53 -71.55 -15.83
C VAL C 11 -16.40 -70.20 -16.53
N TYR C 12 -17.44 -69.36 -16.43
CA TYR C 12 -17.50 -68.05 -17.11
C TYR C 12 -17.77 -66.81 -16.22
N THR C 13 -18.00 -67.03 -14.91
CA THR C 13 -18.07 -65.94 -13.90
C THR C 13 -17.40 -66.33 -12.55
N HIS C 14 -17.08 -65.31 -11.75
CA HIS C 14 -16.52 -65.47 -10.39
C HIS C 14 -17.00 -64.32 -9.49
N ASP C 15 -17.06 -64.56 -8.18
CA ASP C 15 -17.08 -63.49 -7.16
C ASP C 15 -15.62 -63.16 -6.86
N THR C 16 -15.23 -61.91 -7.10
CA THR C 16 -13.79 -61.50 -7.11
C THR C 16 -13.18 -61.11 -5.75
N GLY C 17 -14.02 -60.65 -4.83
CA GLY C 17 -13.55 -60.16 -3.52
C GLY C 17 -12.96 -58.76 -3.60
N LEU C 18 -13.23 -58.09 -4.74
CA LEU C 18 -12.71 -56.75 -5.05
C LEU C 18 -13.86 -55.87 -5.58
N ASP C 19 -14.09 -54.72 -4.93
CA ASP C 19 -15.22 -53.83 -5.25
C ASP C 19 -15.18 -53.26 -6.69
N TYR C 20 -13.96 -53.13 -7.23
CA TYR C 20 -13.70 -52.53 -8.59
C TYR C 20 -13.69 -53.51 -9.78
N ILE C 21 -13.77 -54.82 -9.51
CA ILE C 21 -13.93 -55.84 -10.58
C ILE C 21 -15.21 -56.65 -10.34
N THR C 22 -16.18 -56.46 -11.23
CA THR C 22 -17.47 -57.19 -11.14
C THR C 22 -17.90 -57.82 -12.48
N TYR C 23 -18.06 -59.14 -12.48
CA TYR C 23 -18.57 -59.88 -13.64
C TYR C 23 -20.06 -59.56 -13.86
N SER C 24 -20.55 -59.89 -15.05
CA SER C 24 -21.97 -59.75 -15.40
C SER C 24 -22.80 -60.90 -14.77
N ASP C 25 -24.07 -60.62 -14.43
CA ASP C 25 -25.02 -61.62 -13.88
C ASP C 25 -25.96 -62.11 -14.98
N TYR C 26 -25.67 -63.28 -15.52
CA TYR C 26 -26.43 -63.84 -16.65
C TYR C 26 -26.19 -65.35 -16.77
N GLU C 27 -26.96 -66.01 -17.63
CA GLU C 27 -26.90 -67.46 -17.84
C GLU C 27 -26.70 -67.76 -19.34
N LEU C 28 -25.86 -68.76 -19.64
CA LEU C 28 -25.62 -69.21 -21.03
C LEU C 28 -26.77 -70.10 -21.51
N ASP C 29 -27.19 -69.90 -22.76
CA ASP C 29 -28.23 -70.73 -23.39
C ASP C 29 -27.68 -72.12 -23.74
N PRO C 30 -28.14 -73.20 -23.05
CA PRO C 30 -27.60 -74.55 -23.35
C PRO C 30 -28.02 -75.14 -24.72
N ALA C 31 -29.06 -74.57 -25.35
CA ALA C 31 -29.46 -74.93 -26.72
C ALA C 31 -28.48 -74.44 -27.81
N ASN C 32 -27.66 -73.44 -27.48
CA ASN C 32 -26.65 -72.88 -28.40
C ASN C 32 -25.34 -73.71 -28.35
N PRO C 33 -24.97 -74.38 -29.46
CA PRO C 33 -23.73 -75.20 -29.46
C PRO C 33 -22.39 -74.42 -29.36
N LEU C 34 -22.45 -73.10 -29.63
CA LEU C 34 -21.29 -72.18 -29.51
C LEU C 34 -21.22 -71.41 -28.18
N ALA C 35 -22.22 -71.58 -27.31
CA ALA C 35 -22.25 -70.87 -26.02
C ALA C 35 -21.03 -71.17 -25.14
N GLY C 36 -20.41 -70.12 -24.62
CA GLY C 36 -19.26 -70.23 -23.69
C GLY C 36 -17.87 -70.39 -24.32
N GLY C 37 -17.80 -70.40 -25.65
CA GLY C 37 -16.54 -70.64 -26.35
C GLY C 37 -16.69 -71.10 -27.79
N ALA C 38 -15.92 -70.50 -28.69
CA ALA C 38 -16.00 -70.79 -30.12
C ALA C 38 -14.80 -70.26 -30.92
N ALA C 39 -14.70 -70.67 -32.18
CA ALA C 39 -13.62 -70.27 -33.07
C ALA C 39 -14.12 -69.94 -34.48
N TRP C 40 -13.33 -69.17 -35.22
CA TRP C 40 -13.56 -68.88 -36.65
C TRP C 40 -12.36 -69.39 -37.44
N ILE C 41 -12.59 -70.41 -38.27
CA ILE C 41 -11.54 -71.10 -39.04
C ILE C 41 -11.96 -71.32 -40.51
N GLU C 42 -11.18 -70.77 -41.44
CA GLU C 42 -11.44 -70.91 -42.88
C GLU C 42 -12.91 -70.54 -43.25
N GLY C 43 -13.43 -69.43 -42.74
CA GLY C 43 -14.81 -68.96 -43.04
C GLY C 43 -15.95 -69.51 -42.19
N ALA C 44 -15.66 -70.44 -41.28
CA ALA C 44 -16.69 -71.15 -40.52
C ALA C 44 -16.62 -70.86 -39.03
N PHE C 45 -17.78 -70.62 -38.42
CA PHE C 45 -17.91 -70.53 -36.96
C PHE C 45 -18.09 -71.93 -36.38
N VAL C 46 -17.17 -72.38 -35.52
CA VAL C 46 -17.16 -73.76 -34.99
C VAL C 46 -16.98 -73.82 -33.47
N PRO C 47 -17.41 -74.92 -32.82
CA PRO C 47 -17.16 -75.06 -31.37
C PRO C 47 -15.70 -75.45 -31.06
N PRO C 48 -15.26 -75.33 -29.79
CA PRO C 48 -13.85 -75.58 -29.44
C PRO C 48 -13.31 -76.97 -29.84
N SER C 49 -14.11 -78.01 -29.68
CA SER C 49 -13.72 -79.37 -30.06
C SER C 49 -13.46 -79.58 -31.57
N GLU C 50 -14.06 -78.76 -32.43
CA GLU C 50 -13.78 -78.79 -33.89
C GLU C 50 -12.79 -77.69 -34.35
N ALA C 51 -12.21 -76.96 -33.40
CA ALA C 51 -11.27 -75.85 -33.72
C ALA C 51 -9.86 -76.40 -33.96
N ARG C 52 -9.60 -76.77 -35.21
CA ARG C 52 -8.35 -77.42 -35.59
C ARG C 52 -7.73 -76.73 -36.84
N ILE C 53 -6.39 -76.70 -36.92
CA ILE C 53 -5.70 -76.15 -38.07
C ILE C 53 -4.84 -77.19 -38.77
N SER C 54 -4.62 -77.01 -40.06
CA SER C 54 -3.73 -77.90 -40.85
C SER C 54 -2.31 -77.92 -40.29
N ILE C 55 -1.73 -79.12 -40.12
CA ILE C 55 -0.30 -79.28 -39.81
C ILE C 55 0.65 -78.77 -40.90
N PHE C 56 0.11 -78.61 -42.10
CA PHE C 56 0.84 -78.04 -43.24
C PHE C 56 0.78 -76.51 -43.34
N ASP C 57 0.09 -75.86 -42.39
CA ASP C 57 0.20 -74.39 -42.24
C ASP C 57 1.58 -74.02 -41.67
N GLN C 58 2.29 -73.16 -42.41
CA GLN C 58 3.58 -72.60 -41.98
C GLN C 58 3.56 -71.86 -40.59
N GLY C 59 2.39 -71.33 -40.24
CA GLY C 59 2.13 -70.80 -38.91
C GLY C 59 2.43 -71.78 -37.78
N PHE C 60 2.33 -73.07 -38.08
CA PHE C 60 2.76 -74.15 -37.16
C PHE C 60 4.24 -74.50 -37.31
N TYR C 61 4.62 -75.09 -38.44
CA TYR C 61 5.96 -75.72 -38.57
C TYR C 61 7.15 -74.76 -38.80
N THR C 62 6.90 -73.49 -39.13
CA THR C 62 7.96 -72.44 -39.07
C THR C 62 7.59 -71.24 -38.16
N SER C 63 6.53 -71.44 -37.34
CA SER C 63 5.91 -70.37 -36.53
C SER C 63 5.79 -69.01 -37.28
N ASP C 64 5.51 -69.08 -38.60
CA ASP C 64 5.51 -67.90 -39.50
C ASP C 64 4.17 -67.17 -39.39
N ALA C 65 4.06 -66.39 -38.33
CA ALA C 65 2.80 -65.85 -37.88
C ALA C 65 2.99 -64.72 -36.90
N THR C 66 1.95 -63.89 -36.80
CA THR C 66 1.79 -62.91 -35.72
C THR C 66 0.35 -62.92 -35.21
N TYR C 67 0.11 -62.25 -34.10
CA TYR C 67 -1.21 -62.21 -33.49
C TYR C 67 -1.44 -61.02 -32.54
N THR C 68 -2.69 -60.89 -32.09
CA THR C 68 -3.03 -60.07 -30.92
C THR C 68 -4.20 -60.68 -30.14
N THR C 69 -4.29 -60.32 -28.86
CA THR C 69 -5.36 -60.77 -27.97
C THR C 69 -5.99 -59.55 -27.31
N PHE C 70 -7.27 -59.30 -27.64
CA PHE C 70 -8.05 -58.26 -26.98
C PHE C 70 -9.07 -58.87 -26.01
N HIS C 71 -9.67 -58.03 -25.16
CA HIS C 71 -10.68 -58.52 -24.22
C HIS C 71 -11.99 -57.75 -24.27
N VAL C 72 -13.03 -58.41 -23.76
CA VAL C 72 -14.38 -57.87 -23.64
C VAL C 72 -14.72 -57.89 -22.15
N TRP C 73 -15.24 -56.77 -21.65
CA TRP C 73 -15.70 -56.67 -20.26
C TRP C 73 -17.07 -56.02 -20.19
N ASN C 74 -17.99 -56.64 -19.43
CA ASN C 74 -19.40 -56.19 -19.31
C ASN C 74 -20.01 -55.83 -20.69
N GLY C 75 -19.81 -56.71 -21.66
CA GLY C 75 -20.36 -56.53 -23.00
C GLY C 75 -19.70 -55.53 -23.94
N ASN C 76 -18.56 -54.96 -23.53
CA ASN C 76 -17.80 -54.00 -24.36
C ASN C 76 -16.36 -54.45 -24.66
N ALA C 77 -15.96 -54.41 -25.92
CA ALA C 77 -14.56 -54.65 -26.30
C ALA C 77 -13.68 -53.44 -25.94
N PHE C 78 -12.52 -53.71 -25.36
CA PHE C 78 -11.59 -52.67 -24.86
C PHE C 78 -10.47 -52.38 -25.87
N ARG C 79 -10.44 -51.15 -26.35
CA ARG C 79 -9.39 -50.65 -27.28
C ARG C 79 -9.19 -51.55 -28.51
N LEU C 80 -10.30 -51.95 -29.14
CA LEU C 80 -10.29 -52.77 -30.36
C LEU C 80 -9.50 -52.15 -31.50
N GLY C 81 -9.67 -50.86 -31.72
CA GLY C 81 -8.98 -50.17 -32.81
C GLY C 81 -7.47 -50.22 -32.68
N ASP C 82 -6.97 -49.91 -31.49
CA ASP C 82 -5.53 -50.00 -31.17
C ASP C 82 -4.96 -51.41 -31.42
N HIS C 83 -5.72 -52.42 -30.97
CA HIS C 83 -5.35 -53.84 -31.12
C HIS C 83 -5.19 -54.30 -32.58
N ILE C 84 -6.21 -54.01 -33.40
CA ILE C 84 -6.17 -54.41 -34.81
C ILE C 84 -5.11 -53.59 -35.61
N GLU C 85 -4.90 -52.35 -35.22
CA GLU C 85 -3.85 -51.52 -35.82
C GLU C 85 -2.47 -52.12 -35.55
N ARG C 86 -2.22 -52.54 -34.30
CA ARG C 86 -0.96 -53.21 -33.93
C ARG C 86 -0.78 -54.53 -34.67
N LEU C 87 -1.86 -55.29 -34.78
CA LEU C 87 -1.82 -56.56 -35.53
C LEU C 87 -1.36 -56.36 -36.98
N PHE C 88 -1.97 -55.40 -37.65
CA PHE C 88 -1.68 -55.12 -39.06
C PHE C 88 -0.29 -54.54 -39.26
N SER C 89 0.16 -53.76 -38.29
CA SER C 89 1.53 -53.26 -38.25
C SER C 89 2.58 -54.38 -38.05
N ASN C 90 2.30 -55.29 -37.11
CA ASN C 90 3.12 -56.49 -36.90
C ASN C 90 3.19 -57.39 -38.15
N ALA C 91 2.05 -57.59 -38.82
CA ALA C 91 2.02 -58.33 -40.09
C ALA C 91 2.91 -57.70 -41.18
N GLU C 92 2.84 -56.38 -41.30
CA GLU C 92 3.68 -55.61 -42.24
C GLU C 92 5.16 -55.78 -41.93
N SER C 93 5.52 -55.77 -40.64
CA SER C 93 6.93 -55.98 -40.22
C SER C 93 7.52 -57.32 -40.69
N ILE C 94 6.70 -58.39 -40.75
CA ILE C 94 7.13 -59.70 -41.29
C ILE C 94 6.70 -59.96 -42.77
N ARG C 95 6.38 -58.89 -43.52
CA ARG C 95 6.00 -58.95 -44.96
C ARG C 95 4.81 -59.86 -45.28
N LEU C 96 3.85 -59.88 -44.36
CA LEU C 96 2.68 -60.71 -44.46
C LEU C 96 1.52 -59.78 -44.87
N ILE C 97 0.87 -60.06 -46.00
CA ILE C 97 -0.30 -59.28 -46.47
C ILE C 97 -1.59 -59.97 -46.00
N PRO C 98 -2.31 -59.36 -45.03
CA PRO C 98 -3.54 -60.04 -44.55
C PRO C 98 -4.62 -60.17 -45.66
N PRO C 99 -5.34 -61.30 -45.72
CA PRO C 99 -6.39 -61.50 -46.71
C PRO C 99 -7.73 -60.83 -46.37
N LEU C 100 -7.80 -60.14 -45.23
CA LEU C 100 -8.98 -59.36 -44.81
C LEU C 100 -8.54 -57.93 -44.48
N THR C 101 -9.46 -56.98 -44.60
CA THR C 101 -9.21 -55.60 -44.16
C THR C 101 -9.37 -55.49 -42.63
N GLN C 102 -8.90 -54.39 -42.05
CA GLN C 102 -9.11 -54.12 -40.61
C GLN C 102 -10.59 -54.10 -40.22
N ASP C 103 -11.43 -53.46 -41.05
CA ASP C 103 -12.91 -53.42 -40.82
C ASP C 103 -13.55 -54.81 -40.85
N GLU C 104 -13.14 -55.63 -41.83
CA GLU C 104 -13.62 -57.03 -41.94
C GLU C 104 -13.26 -57.86 -40.71
N VAL C 105 -12.00 -57.71 -40.25
CA VAL C 105 -11.52 -58.40 -39.04
C VAL C 105 -12.34 -58.01 -37.80
N LYS C 106 -12.57 -56.71 -37.62
CA LYS C 106 -13.38 -56.20 -36.49
C LYS C 106 -14.80 -56.75 -36.46
N GLU C 107 -15.43 -56.77 -37.63
CA GLU C 107 -16.81 -57.25 -37.80
C GLU C 107 -16.94 -58.75 -37.48
N ILE C 108 -16.02 -59.53 -38.03
CA ILE C 108 -16.00 -60.99 -37.79
C ILE C 108 -15.73 -61.34 -36.31
N ALA C 109 -14.74 -60.65 -35.72
CA ALA C 109 -14.37 -60.87 -34.32
C ALA C 109 -15.51 -60.56 -33.35
N LEU C 110 -16.20 -59.43 -33.59
CA LEU C 110 -17.34 -59.02 -32.75
C LEU C 110 -18.54 -60.00 -32.88
N GLU C 111 -18.77 -60.48 -34.11
CA GLU C 111 -19.80 -61.52 -34.40
C GLU C 111 -19.48 -62.80 -33.63
N LEU C 112 -18.21 -63.22 -33.67
CA LEU C 112 -17.75 -64.40 -32.94
C LEU C 112 -18.08 -64.33 -31.43
N VAL C 113 -17.75 -63.21 -30.80
CA VAL C 113 -18.04 -62.99 -29.38
C VAL C 113 -19.54 -63.08 -29.11
N ALA C 114 -20.31 -62.41 -29.96
CA ALA C 114 -21.79 -62.41 -29.87
C ALA C 114 -22.37 -63.83 -29.83
N LYS C 115 -21.90 -64.69 -30.73
CA LYS C 115 -22.32 -66.10 -30.77
C LYS C 115 -22.01 -66.91 -29.51
N THR C 116 -20.92 -66.58 -28.81
CA THR C 116 -20.56 -67.25 -27.54
C THR C 116 -21.45 -66.82 -26.39
N GLU C 117 -22.09 -65.65 -26.52
CA GLU C 117 -22.89 -64.99 -25.47
C GLU C 117 -22.07 -64.51 -24.27
N LEU C 118 -20.74 -64.57 -24.37
CA LEU C 118 -19.86 -64.17 -23.26
C LEU C 118 -19.80 -62.65 -23.11
N ARG C 119 -20.14 -62.16 -21.91
CA ARG C 119 -20.01 -60.73 -21.56
C ARG C 119 -18.58 -60.37 -21.09
N GLU C 120 -17.88 -61.37 -20.53
CA GLU C 120 -16.46 -61.25 -20.16
C GLU C 120 -15.66 -62.31 -20.93
N ALA C 121 -14.75 -61.84 -21.80
CA ALA C 121 -14.07 -62.72 -22.75
C ALA C 121 -12.64 -62.30 -23.20
N MET C 122 -11.89 -63.28 -23.73
CA MET C 122 -10.54 -63.08 -24.36
C MET C 122 -10.70 -63.51 -25.81
N VAL C 123 -10.25 -62.67 -26.72
CA VAL C 123 -10.43 -62.89 -28.15
C VAL C 123 -9.07 -62.76 -28.83
N THR C 124 -8.64 -63.86 -29.45
CA THR C 124 -7.37 -63.93 -30.14
C THR C 124 -7.58 -63.90 -31.64
N VAL C 125 -6.85 -63.02 -32.32
CA VAL C 125 -6.82 -62.96 -33.79
C VAL C 125 -5.40 -63.22 -34.28
N THR C 126 -5.27 -64.28 -35.08
CA THR C 126 -3.98 -64.77 -35.60
C THR C 126 -3.92 -64.67 -37.14
N ILE C 127 -2.80 -64.23 -37.67
CA ILE C 127 -2.54 -64.23 -39.11
C ILE C 127 -1.26 -65.06 -39.40
N THR C 128 -1.38 -66.06 -40.28
CA THR C 128 -0.27 -66.95 -40.69
C THR C 128 0.05 -66.83 -42.17
N ARG C 129 1.23 -67.31 -42.56
CA ARG C 129 1.67 -67.40 -43.99
C ARG C 129 0.86 -68.43 -44.79
N GLY C 130 0.25 -69.41 -44.09
CA GLY C 130 -0.70 -70.35 -44.69
C GLY C 130 -0.16 -71.72 -45.07
N TYR C 131 -1.03 -72.54 -45.65
CA TYR C 131 -0.73 -73.94 -46.03
C TYR C 131 -0.63 -74.20 -47.55
N SER C 132 -0.67 -73.16 -48.36
CA SER C 132 -0.62 -73.31 -49.82
C SER C 132 0.80 -73.15 -50.40
N SER C 133 1.80 -73.04 -49.53
CA SER C 133 3.19 -72.78 -49.95
C SER C 133 4.18 -73.23 -48.86
N THR C 134 5.48 -73.17 -49.15
CA THR C 134 6.53 -73.57 -48.19
C THR C 134 7.54 -72.41 -48.02
N PRO C 135 8.41 -72.44 -46.99
CA PRO C 135 9.40 -71.36 -46.80
C PRO C 135 10.37 -71.12 -47.94
N PHE C 136 10.59 -72.14 -48.78
CA PHE C 136 11.51 -72.06 -49.92
C PHE C 136 10.88 -71.64 -51.23
N GLU C 137 9.60 -71.26 -51.21
CA GLU C 137 8.87 -70.81 -52.40
C GLU C 137 9.63 -69.68 -53.06
N ARG C 138 9.93 -69.84 -54.35
CA ARG C 138 10.61 -68.80 -55.16
C ARG C 138 9.67 -67.63 -55.54
N ASP C 139 8.40 -67.94 -55.79
CA ASP C 139 7.45 -66.92 -56.24
C ASP C 139 6.58 -66.44 -55.07
N ILE C 140 6.87 -65.24 -54.55
CA ILE C 140 6.10 -64.66 -53.42
C ILE C 140 4.58 -64.54 -53.66
N THR C 141 4.15 -64.45 -54.92
CA THR C 141 2.71 -64.40 -55.24
C THR C 141 1.95 -65.70 -54.93
N LYS C 142 2.67 -66.83 -54.84
CA LYS C 142 2.07 -68.15 -54.52
C LYS C 142 1.66 -68.35 -53.03
N HIS C 143 2.13 -67.49 -52.13
CA HIS C 143 1.73 -67.52 -50.70
C HIS C 143 0.25 -67.21 -50.53
N ARG C 144 -0.47 -68.01 -49.73
CA ARG C 144 -1.92 -67.78 -49.48
C ARG C 144 -2.20 -67.68 -47.94
N PRO C 145 -2.02 -66.46 -47.34
CA PRO C 145 -2.20 -66.25 -45.90
C PRO C 145 -3.58 -66.57 -45.35
N GLN C 146 -3.61 -67.02 -44.10
CA GLN C 146 -4.82 -67.39 -43.37
C GLN C 146 -5.05 -66.57 -42.11
N VAL C 147 -6.32 -66.37 -41.78
CA VAL C 147 -6.74 -65.76 -40.52
C VAL C 147 -7.49 -66.79 -39.69
N TYR C 148 -7.13 -66.89 -38.40
CA TYR C 148 -7.81 -67.77 -37.42
C TYR C 148 -8.18 -66.94 -36.17
N MET C 149 -9.35 -67.18 -35.60
CA MET C 149 -9.81 -66.48 -34.39
C MET C 149 -10.37 -67.44 -33.37
N SER C 150 -10.26 -67.08 -32.10
CA SER C 150 -10.95 -67.79 -31.02
C SER C 150 -11.46 -66.81 -29.93
N ALA C 151 -12.59 -67.18 -29.32
CA ALA C 151 -13.18 -66.42 -28.22
C ALA C 151 -13.48 -67.36 -27.04
N CYS C 152 -12.97 -67.00 -25.86
CA CYS C 152 -13.01 -67.85 -24.67
C CYS C 152 -13.38 -67.03 -23.45
N PRO C 153 -13.75 -67.68 -22.33
CA PRO C 153 -13.81 -66.91 -21.08
C PRO C 153 -12.53 -66.11 -20.71
N TYR C 154 -12.70 -64.96 -20.08
CA TYR C 154 -11.57 -64.14 -19.59
C TYR C 154 -10.64 -64.96 -18.69
N GLN C 155 -9.34 -64.87 -18.95
CA GLN C 155 -8.30 -65.57 -18.21
C GLN C 155 -7.42 -64.64 -17.35
N TRP C 156 -7.04 -65.11 -16.16
CA TRP C 156 -6.28 -64.35 -15.20
C TRP C 156 -4.91 -64.94 -15.03
N ILE C 157 -3.90 -64.16 -15.41
CA ILE C 157 -2.52 -64.58 -15.18
C ILE C 157 -2.19 -64.74 -13.72
N VAL C 158 -2.68 -63.80 -12.91
CA VAL C 158 -2.56 -63.89 -11.46
C VAL C 158 -3.96 -63.87 -10.81
N PRO C 159 -4.17 -64.66 -9.73
CA PRO C 159 -5.48 -64.62 -9.04
C PRO C 159 -5.81 -63.29 -8.33
N PHE C 160 -7.08 -63.17 -7.94
CA PHE C 160 -7.64 -61.93 -7.38
C PHE C 160 -6.98 -61.47 -6.08
N ASP C 161 -6.68 -62.42 -5.20
CA ASP C 161 -6.00 -62.12 -3.91
C ASP C 161 -4.59 -61.57 -4.11
N ARG C 162 -3.95 -61.95 -5.21
CA ARG C 162 -2.61 -61.49 -5.57
C ARG C 162 -2.64 -60.10 -6.24
N ILE C 163 -3.72 -59.75 -6.94
CA ILE C 163 -3.94 -58.37 -7.40
C ILE C 163 -4.01 -57.40 -6.21
N ARG C 164 -4.62 -57.85 -5.11
CA ARG C 164 -4.74 -57.06 -3.88
C ARG C 164 -3.42 -57.01 -3.12
N ASP C 165 -2.82 -58.19 -2.89
CA ASP C 165 -1.68 -58.34 -1.95
C ASP C 165 -0.29 -58.27 -2.58
N GLY C 166 -0.22 -58.58 -3.86
CA GLY C 166 1.03 -58.47 -4.65
C GLY C 166 1.63 -59.81 -5.03
N VAL C 167 2.61 -59.78 -5.95
CA VAL C 167 3.28 -60.98 -6.49
C VAL C 167 4.80 -60.95 -6.29
N HIS C 168 5.41 -62.14 -6.19
CA HIS C 168 6.85 -62.29 -5.92
C HIS C 168 7.62 -62.55 -7.21
N LEU C 169 8.40 -61.55 -7.63
CA LEU C 169 9.10 -61.56 -8.90
C LEU C 169 10.52 -62.16 -8.81
N MET C 170 10.97 -62.75 -9.92
CA MET C 170 12.32 -63.33 -10.04
C MET C 170 12.98 -62.82 -11.32
N VAL C 171 14.25 -62.39 -11.21
CA VAL C 171 15.07 -62.04 -12.39
C VAL C 171 15.75 -63.30 -12.89
N ALA C 172 15.48 -63.68 -14.14
CA ALA C 172 16.03 -64.92 -14.71
C ALA C 172 17.55 -64.80 -14.95
N GLN C 173 18.29 -65.86 -14.60
CA GLN C 173 19.73 -65.94 -14.83
C GLN C 173 20.17 -66.98 -15.89
N SER C 174 19.35 -67.97 -16.18
CA SER C 174 19.73 -69.07 -17.12
C SER C 174 19.33 -68.80 -18.57
N VAL C 175 18.66 -67.67 -18.80
CA VAL C 175 18.13 -67.34 -20.11
C VAL C 175 17.99 -65.82 -20.24
N ARG C 176 18.10 -65.31 -21.47
CA ARG C 176 17.83 -63.90 -21.80
C ARG C 176 16.85 -63.75 -22.99
N ARG C 177 16.20 -62.59 -23.05
CA ARG C 177 15.16 -62.35 -24.06
C ARG C 177 15.81 -62.33 -25.44
N THR C 178 15.15 -62.98 -26.41
CA THR C 178 15.66 -63.03 -27.77
C THR C 178 15.95 -61.61 -28.32
N PRO C 179 17.12 -61.40 -28.90
CA PRO C 179 17.46 -60.06 -29.44
C PRO C 179 16.62 -59.63 -30.63
N ARG C 180 16.49 -58.32 -30.80
CA ARG C 180 15.77 -57.75 -31.95
C ARG C 180 16.41 -58.17 -33.28
N SER C 181 17.72 -58.44 -33.24
CA SER C 181 18.49 -58.89 -34.43
C SER C 181 18.30 -60.36 -34.81
N SER C 182 17.42 -61.08 -34.10
CA SER C 182 17.06 -62.46 -34.43
C SER C 182 15.54 -62.63 -34.60
N ILE C 183 14.79 -62.51 -33.49
CA ILE C 183 13.31 -62.59 -33.48
C ILE C 183 12.80 -61.44 -32.61
N ASP C 184 12.21 -60.45 -33.27
CA ASP C 184 11.84 -59.16 -32.66
C ASP C 184 10.69 -59.24 -31.62
N PRO C 185 10.98 -58.93 -30.32
CA PRO C 185 9.90 -58.93 -29.33
C PRO C 185 8.82 -57.86 -29.52
N GLN C 186 9.11 -56.84 -30.32
CA GLN C 186 8.12 -55.81 -30.69
C GLN C 186 7.08 -56.28 -31.72
N VAL C 187 7.28 -57.47 -32.29
CA VAL C 187 6.28 -58.20 -33.08
C VAL C 187 5.71 -59.34 -32.23
N LYS C 188 4.46 -59.21 -31.82
CA LYS C 188 3.83 -60.24 -31.00
C LYS C 188 4.02 -61.56 -31.75
N ASN C 189 4.45 -62.60 -31.04
CA ASN C 189 4.75 -63.88 -31.72
C ASN C 189 4.67 -65.12 -30.80
N PHE C 190 4.53 -66.30 -31.42
CA PHE C 190 4.34 -67.56 -30.69
C PHE C 190 5.66 -68.25 -30.36
N GLN C 191 6.79 -67.57 -30.62
CA GLN C 191 8.11 -68.17 -30.49
C GLN C 191 8.68 -67.96 -29.07
N TRP C 192 8.20 -68.79 -28.14
CA TRP C 192 8.33 -68.61 -26.68
C TRP C 192 9.42 -69.47 -26.01
N GLY C 193 10.39 -69.93 -26.79
CA GLY C 193 11.43 -70.84 -26.31
C GLY C 193 12.17 -70.28 -25.10
N ASP C 194 12.50 -69.00 -25.16
CA ASP C 194 13.16 -68.27 -24.06
C ASP C 194 12.22 -68.02 -22.87
N LEU C 195 10.99 -67.63 -23.19
CA LEU C 195 9.98 -67.36 -22.18
C LEU C 195 9.58 -68.63 -21.37
N ILE C 196 9.51 -69.77 -22.05
CA ILE C 196 9.22 -71.05 -21.38
C ILE C 196 10.38 -71.48 -20.46
N ARG C 197 11.62 -71.31 -20.94
CA ARG C 197 12.81 -71.55 -20.10
C ARG C 197 12.76 -70.73 -18.80
N ALA C 198 12.34 -69.47 -18.92
CA ALA C 198 12.20 -68.58 -17.77
C ALA C 198 11.16 -69.07 -16.77
N ILE C 199 10.05 -69.59 -17.27
CA ILE C 199 8.98 -70.14 -16.42
C ILE C 199 9.49 -71.36 -15.66
N GLN C 200 10.25 -72.19 -16.36
CA GLN C 200 10.84 -73.40 -15.77
C GLN C 200 11.84 -73.06 -14.68
N GLU C 201 12.64 -72.02 -14.90
CA GLU C 201 13.58 -71.52 -13.88
C GLU C 201 12.86 -71.03 -12.61
N THR C 202 11.67 -70.48 -12.79
CA THR C 202 10.86 -69.96 -11.71
C THR C 202 10.39 -71.14 -10.80
N HIS C 203 10.04 -72.27 -11.42
CA HIS C 203 9.68 -73.49 -10.67
C HIS C 203 10.88 -74.01 -9.89
N ASP C 204 12.05 -74.05 -10.52
CA ASP C 204 13.29 -74.53 -9.89
C ASP C 204 13.66 -73.71 -8.64
N ARG C 205 13.55 -72.39 -8.73
CA ARG C 205 14.02 -71.48 -7.68
C ARG C 205 12.92 -71.05 -6.69
N GLY C 206 11.66 -71.42 -6.97
CA GLY C 206 10.57 -71.28 -6.02
C GLY C 206 9.93 -69.90 -5.96
N PHE C 207 9.81 -69.26 -7.12
CA PHE C 207 9.19 -67.93 -7.23
C PHE C 207 7.91 -68.01 -8.09
N GLU C 208 7.19 -66.90 -8.24
CA GLU C 208 5.84 -66.92 -8.85
C GLU C 208 5.84 -66.57 -10.34
N LEU C 209 6.56 -65.50 -10.71
CA LEU C 209 6.71 -65.08 -12.13
C LEU C 209 8.13 -64.61 -12.42
N PRO C 210 8.62 -64.81 -13.66
CA PRO C 210 9.95 -64.31 -14.08
C PRO C 210 9.95 -63.01 -14.91
N LEU C 211 11.02 -62.23 -14.75
CA LEU C 211 11.35 -61.12 -15.63
C LEU C 211 12.69 -61.40 -16.28
N LEU C 212 12.73 -61.30 -17.61
CA LEU C 212 13.96 -61.50 -18.37
C LEU C 212 14.72 -60.21 -18.60
N LEU C 213 16.04 -60.33 -18.78
CA LEU C 213 16.91 -59.25 -19.22
C LEU C 213 17.25 -59.39 -20.71
N ASP C 214 17.74 -58.30 -21.30
CA ASP C 214 18.24 -58.31 -22.70
C ASP C 214 19.76 -58.55 -22.81
N CYS C 215 20.28 -58.53 -24.02
CA CYS C 215 21.71 -58.69 -24.30
C CYS C 215 22.65 -57.75 -23.52
N ASP C 216 22.20 -56.52 -23.29
CA ASP C 216 22.95 -55.50 -22.51
C ASP C 216 22.66 -55.54 -20.98
N ASN C 217 21.98 -56.60 -20.52
CA ASN C 217 21.60 -56.77 -19.09
C ASN C 217 20.66 -55.68 -18.56
N LEU C 218 19.86 -55.13 -19.47
CA LEU C 218 18.81 -54.17 -19.13
C LEU C 218 17.46 -54.87 -19.10
N LEU C 219 16.53 -54.28 -18.35
CA LEU C 219 15.21 -54.90 -18.16
C LEU C 219 14.54 -55.12 -19.52
N ALA C 220 13.96 -56.30 -19.72
CA ALA C 220 13.19 -56.62 -20.96
C ALA C 220 11.67 -56.74 -20.68
N GLU C 221 11.16 -57.95 -20.60
CA GLU C 221 9.75 -58.21 -20.29
C GLU C 221 9.61 -59.63 -19.71
N GLY C 222 8.38 -60.00 -19.35
CA GLY C 222 8.06 -61.33 -18.85
C GLY C 222 7.20 -62.15 -19.82
N PRO C 223 6.93 -63.43 -19.52
CA PRO C 223 6.04 -64.24 -20.37
C PRO C 223 4.59 -63.76 -20.34
N GLY C 224 4.20 -63.02 -21.37
CA GLY C 224 2.83 -62.50 -21.50
C GLY C 224 2.54 -61.19 -20.81
N PHE C 225 3.59 -60.47 -20.39
CA PHE C 225 3.40 -59.21 -19.66
C PHE C 225 4.57 -58.25 -19.75
N ASN C 226 4.24 -56.97 -19.65
CA ASN C 226 5.22 -55.89 -19.50
C ASN C 226 5.45 -55.53 -18.02
N VAL C 227 6.61 -54.95 -17.73
CA VAL C 227 6.96 -54.49 -16.38
C VAL C 227 7.01 -52.94 -16.34
N VAL C 228 6.64 -52.37 -15.19
CA VAL C 228 6.69 -50.91 -14.95
C VAL C 228 7.35 -50.63 -13.59
N VAL C 229 8.20 -49.60 -13.57
CA VAL C 229 9.03 -49.26 -12.41
C VAL C 229 8.81 -47.81 -11.98
N ILE C 230 8.49 -47.61 -10.69
CA ILE C 230 8.18 -46.30 -10.13
C ILE C 230 9.23 -45.84 -9.09
N LYS C 231 9.78 -44.65 -9.32
CA LYS C 231 10.86 -44.09 -8.48
C LYS C 231 10.78 -42.57 -8.41
N ASP C 232 10.68 -42.05 -7.18
CA ASP C 232 10.56 -40.61 -6.90
C ASP C 232 9.49 -39.93 -7.78
N GLY C 233 8.32 -40.54 -7.84
CA GLY C 233 7.22 -40.05 -8.66
C GLY C 233 7.33 -40.12 -10.19
N VAL C 234 8.40 -40.74 -10.69
CA VAL C 234 8.60 -40.93 -12.12
C VAL C 234 8.26 -42.38 -12.50
N VAL C 235 7.43 -42.53 -13.53
CA VAL C 235 6.94 -43.86 -13.99
C VAL C 235 7.62 -44.27 -15.30
N ARG C 236 8.36 -45.38 -15.26
CA ARG C 236 9.19 -45.86 -16.38
C ARG C 236 8.89 -47.32 -16.78
N SER C 237 8.98 -47.63 -18.08
CA SER C 237 8.83 -49.02 -18.59
C SER C 237 9.83 -49.29 -19.74
N PRO C 238 10.40 -50.51 -19.82
CA PRO C 238 11.33 -50.84 -20.90
C PRO C 238 10.85 -50.55 -22.34
N GLY C 239 11.68 -49.81 -23.09
CA GLY C 239 11.38 -49.42 -24.47
C GLY C 239 11.81 -50.40 -25.57
N ARG C 240 12.85 -51.19 -25.34
CA ARG C 240 13.48 -52.00 -26.40
C ARG C 240 12.97 -53.43 -26.49
N ALA C 241 13.44 -54.29 -25.59
CA ALA C 241 13.16 -55.74 -25.65
C ALA C 241 11.83 -56.05 -24.96
N ALA C 242 10.78 -55.47 -25.51
CA ALA C 242 9.42 -55.58 -24.94
C ALA C 242 8.37 -55.31 -25.99
N LEU C 243 7.27 -56.05 -25.91
CA LEU C 243 6.10 -55.76 -26.74
C LEU C 243 5.51 -54.37 -26.38
N PRO C 244 5.16 -53.54 -27.40
CA PRO C 244 4.37 -52.31 -27.14
C PRO C 244 2.95 -52.64 -26.72
N GLY C 245 2.80 -52.97 -25.44
CA GLY C 245 1.52 -53.45 -24.90
C GLY C 245 0.45 -52.38 -24.89
N ILE C 246 -0.79 -52.79 -25.10
CA ILE C 246 -1.97 -51.92 -25.04
C ILE C 246 -2.30 -51.63 -23.56
N THR C 247 -2.12 -52.60 -22.68
CA THR C 247 -2.25 -52.34 -21.24
C THR C 247 -1.17 -51.35 -20.73
N ARG C 248 0.08 -51.55 -21.17
CA ARG C 248 1.20 -50.62 -20.88
C ARG C 248 0.86 -49.19 -21.29
N LYS C 249 0.38 -49.04 -22.51
CA LYS C 249 -0.04 -47.74 -23.05
C LYS C 249 -1.08 -47.08 -22.14
N THR C 250 -2.08 -47.87 -21.73
CA THR C 250 -3.13 -47.40 -20.81
C THR C 250 -2.55 -46.97 -19.45
N VAL C 251 -1.66 -47.80 -18.89
CA VAL C 251 -0.97 -47.48 -17.59
C VAL C 251 -0.21 -46.15 -17.64
N LEU C 252 0.55 -45.91 -18.72
CA LEU C 252 1.29 -44.63 -18.88
C LEU C 252 0.39 -43.40 -19.10
N GLU C 253 -0.69 -43.57 -19.87
CA GLU C 253 -1.73 -42.53 -19.97
C GLU C 253 -2.34 -42.19 -18.60
N ILE C 254 -2.67 -43.22 -17.83
CA ILE C 254 -3.22 -43.03 -16.46
C ILE C 254 -2.22 -42.25 -15.59
N ALA C 255 -0.96 -42.64 -15.67
CA ALA C 255 0.09 -41.99 -14.87
C ALA C 255 0.18 -40.50 -15.17
N GLU C 256 0.10 -40.14 -16.45
CA GLU C 256 0.09 -38.72 -16.88
C GLU C 256 -1.14 -37.97 -16.35
N SER C 257 -2.32 -38.62 -16.37
CA SER C 257 -3.55 -38.08 -15.78
C SER C 257 -3.34 -37.73 -14.32
N LEU C 258 -2.61 -38.58 -13.59
CA LEU C 258 -2.36 -38.36 -12.16
C LEU C 258 -1.24 -37.35 -11.87
N GLY C 259 -0.69 -36.72 -12.90
CA GLY C 259 0.36 -35.73 -12.76
C GLY C 259 1.79 -36.25 -12.62
N HIS C 260 2.04 -37.50 -13.03
CA HIS C 260 3.38 -38.09 -13.04
C HIS C 260 4.01 -38.04 -14.46
N GLU C 261 5.31 -37.79 -14.51
CA GLU C 261 6.08 -38.00 -15.73
C GLU C 261 6.09 -39.52 -16.02
N ALA C 262 5.73 -39.88 -17.26
CA ALA C 262 5.56 -41.28 -17.67
C ALA C 262 6.27 -41.54 -19.00
N ILE C 263 7.31 -42.36 -18.98
CA ILE C 263 8.20 -42.51 -20.14
C ILE C 263 8.69 -43.94 -20.41
N LEU C 264 9.02 -44.20 -21.67
CA LEU C 264 9.74 -45.41 -22.04
C LEU C 264 11.21 -45.15 -21.84
N ALA C 265 11.94 -46.16 -21.32
CA ALA C 265 13.35 -45.98 -20.96
C ALA C 265 14.12 -47.30 -20.81
N ASP C 266 15.44 -47.17 -20.76
CA ASP C 266 16.37 -48.26 -20.41
C ASP C 266 16.55 -48.29 -18.89
N ILE C 267 16.30 -49.44 -18.30
CA ILE C 267 16.27 -49.58 -16.84
C ILE C 267 17.23 -50.69 -16.42
N THR C 268 18.08 -50.37 -15.43
CA THR C 268 19.07 -51.33 -14.89
C THR C 268 18.48 -52.22 -13.76
N PRO C 269 19.11 -53.40 -13.52
CA PRO C 269 18.70 -54.21 -12.34
C PRO C 269 18.80 -53.47 -10.98
N ALA C 270 19.85 -52.65 -10.82
CA ALA C 270 20.03 -51.86 -9.59
C ALA C 270 18.82 -50.99 -9.33
N GLU C 271 18.36 -50.33 -10.38
CA GLU C 271 17.19 -49.46 -10.32
C GLU C 271 15.91 -50.22 -9.97
N LEU C 272 15.81 -51.47 -10.44
CA LEU C 272 14.66 -52.34 -10.11
C LEU C 272 14.62 -52.65 -8.61
N TYR C 273 15.75 -53.09 -8.05
CA TYR C 273 15.86 -53.40 -6.62
C TYR C 273 15.63 -52.17 -5.73
N ASP C 274 16.08 -51.00 -6.18
CA ASP C 274 15.96 -49.76 -5.43
C ASP C 274 14.66 -48.99 -5.66
N ALA C 275 13.71 -49.58 -6.37
CA ALA C 275 12.47 -48.86 -6.75
C ALA C 275 11.54 -48.62 -5.53
N ASP C 276 10.75 -47.55 -5.62
CA ASP C 276 9.64 -47.30 -4.65
C ASP C 276 8.50 -48.29 -4.85
N GLU C 277 8.09 -48.44 -6.11
CA GLU C 277 7.03 -49.42 -6.52
C GLU C 277 7.37 -50.14 -7.84
N VAL C 278 6.88 -51.37 -7.96
CA VAL C 278 6.99 -52.16 -9.22
C VAL C 278 5.65 -52.83 -9.53
N LEU C 279 5.26 -52.83 -10.79
CA LEU C 279 4.01 -53.51 -11.21
C LEU C 279 4.15 -54.28 -12.52
N GLY C 280 3.18 -55.14 -12.78
CA GLY C 280 3.05 -55.88 -14.04
C GLY C 280 1.72 -55.60 -14.72
N CYS C 281 1.69 -55.72 -16.05
CA CYS C 281 0.46 -55.45 -16.80
C CYS C 281 0.33 -56.30 -18.09
N SER C 282 -0.91 -56.63 -18.42
CA SER C 282 -1.26 -57.47 -19.59
C SER C 282 -2.76 -57.45 -19.84
N THR C 283 -3.16 -57.71 -21.10
CA THR C 283 -4.59 -57.96 -21.41
C THR C 283 -5.14 -59.11 -20.57
N GLY C 284 -4.30 -60.11 -20.35
CA GLY C 284 -4.65 -61.24 -19.49
C GLY C 284 -4.54 -61.05 -17.99
N GLY C 285 -5.39 -60.18 -17.45
CA GLY C 285 -5.43 -59.93 -16.00
C GLY C 285 -5.44 -58.47 -15.54
N GLY C 286 -5.09 -57.59 -16.47
CA GLY C 286 -5.06 -56.15 -16.24
C GLY C 286 -3.76 -55.67 -15.62
N VAL C 287 -3.83 -55.18 -14.39
CA VAL C 287 -2.68 -54.62 -13.67
C VAL C 287 -2.58 -55.26 -12.27
N TRP C 288 -1.35 -55.54 -11.83
CA TRP C 288 -1.08 -56.09 -10.52
C TRP C 288 0.27 -55.63 -9.95
N PRO C 289 0.45 -55.68 -8.60
CA PRO C 289 1.73 -55.28 -7.99
C PRO C 289 2.76 -56.40 -7.91
N PHE C 290 4.02 -56.01 -8.02
CA PHE C 290 5.18 -56.87 -7.68
C PHE C 290 5.81 -56.31 -6.39
N VAL C 291 5.69 -57.07 -5.29
CA VAL C 291 6.11 -56.59 -3.93
C VAL C 291 7.50 -57.04 -3.47
N SER C 292 8.10 -57.99 -4.20
CA SER C 292 9.49 -58.40 -3.97
C SER C 292 10.17 -58.88 -5.24
N VAL C 293 11.51 -58.80 -5.27
CA VAL C 293 12.31 -59.28 -6.39
C VAL C 293 13.47 -60.12 -5.87
N ASP C 294 13.56 -61.37 -6.32
CA ASP C 294 14.58 -62.33 -5.82
C ASP C 294 14.57 -62.46 -4.28
N GLY C 295 13.38 -62.38 -3.67
CA GLY C 295 13.22 -62.43 -2.23
C GLY C 295 13.50 -61.16 -1.46
N ASN C 296 13.96 -60.12 -2.14
CA ASN C 296 14.19 -58.79 -1.56
C ASN C 296 12.91 -57.95 -1.65
N SER C 297 12.50 -57.33 -0.54
CA SER C 297 11.27 -56.55 -0.55
C SER C 297 11.45 -55.29 -1.39
N ILE C 298 10.39 -54.91 -2.10
CA ILE C 298 10.31 -53.59 -2.74
C ILE C 298 9.69 -52.64 -1.73
N SER C 299 10.45 -51.61 -1.32
CA SER C 299 10.08 -50.72 -0.20
C SER C 299 9.72 -51.59 1.03
N ASP C 300 8.53 -51.40 1.59
CA ASP C 300 8.08 -52.13 2.79
C ASP C 300 7.35 -53.46 2.45
N GLY C 301 7.47 -53.94 1.22
CA GLY C 301 6.91 -55.25 0.82
C GLY C 301 5.41 -55.36 0.65
N VAL C 302 4.70 -54.22 0.62
CA VAL C 302 3.24 -54.18 0.36
C VAL C 302 2.96 -53.30 -0.86
N PRO C 303 1.84 -53.54 -1.56
CA PRO C 303 1.53 -52.71 -2.72
C PRO C 303 1.54 -51.22 -2.43
N GLY C 304 2.26 -50.48 -3.26
CA GLY C 304 2.38 -49.03 -3.10
C GLY C 304 1.12 -48.28 -3.49
N PRO C 305 1.03 -47.03 -3.02
CA PRO C 305 -0.19 -46.23 -3.30
C PRO C 305 -0.40 -45.79 -4.78
N VAL C 306 0.68 -45.50 -5.51
CA VAL C 306 0.56 -45.12 -6.94
C VAL C 306 0.03 -46.32 -7.76
N THR C 307 0.60 -47.50 -7.51
CA THR C 307 0.15 -48.76 -8.10
C THR C 307 -1.36 -48.99 -7.86
N GLN C 308 -1.80 -48.82 -6.60
CA GLN C 308 -3.21 -49.01 -6.22
C GLN C 308 -4.17 -48.07 -6.96
N SER C 309 -3.78 -46.82 -7.13
CA SER C 309 -4.62 -45.88 -7.86
C SER C 309 -4.67 -46.18 -9.36
N ILE C 310 -3.56 -46.70 -9.91
CA ILE C 310 -3.48 -47.12 -11.33
C ILE C 310 -4.42 -48.33 -11.57
N ILE C 311 -4.33 -49.33 -10.69
CA ILE C 311 -5.17 -50.53 -10.76
C ILE C 311 -6.68 -50.16 -10.77
N ARG C 312 -7.08 -49.31 -9.85
CA ARG C 312 -8.47 -48.89 -9.72
C ARG C 312 -8.93 -48.10 -10.94
N ARG C 313 -8.10 -47.17 -11.40
CA ARG C 313 -8.44 -46.35 -12.58
C ARG C 313 -8.58 -47.20 -13.84
N TYR C 314 -7.68 -48.19 -14.00
CA TYR C 314 -7.74 -49.13 -15.15
C TYR C 314 -9.13 -49.81 -15.25
N TRP C 315 -9.61 -50.32 -14.12
CA TRP C 315 -10.91 -50.99 -14.11
C TRP C 315 -12.10 -50.02 -14.26
N GLU C 316 -11.97 -48.78 -13.75
CA GLU C 316 -12.92 -47.71 -14.06
C GLU C 316 -13.06 -47.48 -15.58
N LEU C 317 -11.93 -47.42 -16.28
CA LEU C 317 -11.89 -47.24 -17.75
C LEU C 317 -12.56 -48.36 -18.56
N ASN C 318 -12.69 -49.52 -17.94
CA ASN C 318 -13.35 -50.69 -18.55
C ASN C 318 -14.88 -50.62 -18.54
N VAL C 319 -15.44 -49.74 -17.72
CA VAL C 319 -16.91 -49.59 -17.60
C VAL C 319 -17.47 -48.19 -17.93
N GLU C 320 -16.74 -47.15 -17.58
CA GLU C 320 -17.13 -45.80 -17.79
C GLU C 320 -17.22 -45.48 -19.32
N PRO C 321 -18.41 -45.02 -19.81
CA PRO C 321 -18.60 -44.80 -21.25
C PRO C 321 -17.55 -43.88 -21.86
N SER C 322 -16.83 -44.38 -22.84
CA SER C 322 -15.81 -43.59 -23.58
C SER C 322 -15.52 -44.17 -24.97
N SER C 323 -14.63 -43.49 -25.74
CA SER C 323 -14.14 -43.99 -27.09
C SER C 323 -13.25 -45.23 -26.95
N LEU C 324 -12.82 -45.58 -25.75
CA LEU C 324 -12.09 -46.85 -25.49
C LEU C 324 -12.97 -48.12 -25.61
N LEU C 325 -14.29 -47.94 -25.56
CA LEU C 325 -15.24 -49.06 -25.56
C LEU C 325 -16.08 -49.21 -26.83
N THR C 326 -16.22 -50.46 -27.28
CA THR C 326 -17.03 -50.82 -28.46
C THR C 326 -18.07 -51.87 -28.03
N PRO C 327 -19.37 -51.54 -28.11
CA PRO C 327 -20.39 -52.53 -27.68
C PRO C 327 -20.54 -53.75 -28.61
N VAL C 328 -20.63 -54.94 -28.00
CA VAL C 328 -20.91 -56.19 -28.70
C VAL C 328 -22.44 -56.30 -28.87
N GLN C 329 -22.90 -56.59 -30.10
CA GLN C 329 -24.34 -56.70 -30.43
C GLN C 329 -24.90 -58.17 -30.21
N TYR C 330 -25.35 -58.49 -29.01
CA TYR C 330 -25.87 -59.83 -28.75
C TYR C 330 -27.28 -60.01 -29.37
N GLU D 9 -21.86 45.32 65.09
CA GLU D 9 -20.85 44.20 65.10
C GLU D 9 -20.37 43.74 63.69
N ILE D 10 -19.09 43.35 63.64
CA ILE D 10 -18.28 43.18 62.41
C ILE D 10 -18.38 41.78 61.73
N VAL D 11 -18.97 41.74 60.53
CA VAL D 11 -19.09 40.48 59.72
C VAL D 11 -17.87 40.30 58.76
N TYR D 12 -17.09 39.23 58.97
CA TYR D 12 -15.86 38.97 58.21
C TYR D 12 -15.75 37.56 57.55
N THR D 13 -16.74 36.70 57.78
CA THR D 13 -16.88 35.40 57.06
C THR D 13 -18.35 35.08 56.74
N HIS D 14 -18.54 34.16 55.79
CA HIS D 14 -19.86 33.64 55.38
C HIS D 14 -19.72 32.18 54.94
N ASP D 15 -20.81 31.39 55.08
CA ASP D 15 -20.98 30.13 54.32
C ASP D 15 -21.64 30.51 52.97
N THR D 16 -20.96 30.18 51.88
CA THR D 16 -21.30 30.75 50.54
C THR D 16 -22.37 29.97 49.77
N GLY D 17 -22.48 28.67 50.04
CA GLY D 17 -23.37 27.79 49.27
C GLY D 17 -22.78 27.40 47.90
N LEU D 18 -21.47 27.64 47.73
CA LEU D 18 -20.73 27.40 46.47
C LEU D 18 -19.40 26.69 46.79
N ASP D 19 -19.17 25.53 46.15
CA ASP D 19 -18.02 24.67 46.47
C ASP D 19 -16.66 25.31 46.16
N TYR D 20 -16.66 26.25 45.20
CA TYR D 20 -15.44 26.94 44.71
C TYR D 20 -15.06 28.25 45.45
N ILE D 21 -15.92 28.75 46.33
CA ILE D 21 -15.63 29.94 47.16
C ILE D 21 -15.73 29.57 48.65
N THR D 22 -14.56 29.55 49.33
CA THR D 22 -14.50 29.20 50.75
C THR D 22 -13.65 30.18 51.56
N TYR D 23 -14.30 30.80 52.56
CA TYR D 23 -13.63 31.72 53.50
C TYR D 23 -12.73 30.91 54.44
N SER D 24 -11.82 31.61 55.09
CA SER D 24 -10.91 31.03 56.07
C SER D 24 -11.63 30.80 57.40
N ASP D 25 -11.19 29.78 58.14
CA ASP D 25 -11.75 29.45 59.47
C ASP D 25 -10.82 29.97 60.57
N TYR D 26 -11.18 31.11 61.16
CA TYR D 26 -10.34 31.74 62.18
C TYR D 26 -11.17 32.77 62.96
N GLU D 27 -10.55 33.33 64.00
CA GLU D 27 -11.20 34.29 64.88
C GLU D 27 -10.35 35.52 65.08
N LEU D 28 -10.99 36.68 65.12
CA LEU D 28 -10.30 37.95 65.37
C LEU D 28 -9.96 38.12 66.85
N ASP D 29 -8.77 38.64 67.13
CA ASP D 29 -8.33 38.97 68.49
C ASP D 29 -9.05 40.24 69.02
N PRO D 30 -9.93 40.09 70.05
CA PRO D 30 -10.66 41.29 70.53
C PRO D 30 -9.82 42.30 71.34
N ALA D 31 -8.63 41.89 71.79
CA ALA D 31 -7.64 42.81 72.40
C ALA D 31 -6.97 43.79 71.40
N ASN D 32 -7.00 43.46 70.11
CA ASN D 32 -6.42 44.28 69.04
C ASN D 32 -7.41 45.36 68.61
N PRO D 33 -7.10 46.65 68.84
CA PRO D 33 -8.01 47.74 68.41
C PRO D 33 -8.18 47.95 66.88
N LEU D 34 -7.27 47.39 66.08
CA LEU D 34 -7.33 47.42 64.60
C LEU D 34 -7.94 46.17 63.96
N ALA D 35 -8.26 45.16 64.76
CA ALA D 35 -8.82 43.92 64.23
C ALA D 35 -10.11 44.15 63.44
N GLY D 36 -10.18 43.56 62.25
CA GLY D 36 -11.40 43.59 61.40
C GLY D 36 -11.56 44.80 60.50
N GLY D 37 -10.59 45.72 60.54
CA GLY D 37 -10.68 46.95 59.78
C GLY D 37 -9.78 48.03 60.28
N ALA D 38 -9.07 48.69 59.35
CA ALA D 38 -8.14 49.79 59.71
C ALA D 38 -7.75 50.66 58.52
N ALA D 39 -7.10 51.79 58.80
CA ALA D 39 -6.66 52.75 57.77
C ALA D 39 -5.24 53.24 58.04
N TRP D 40 -4.58 53.71 56.98
CA TRP D 40 -3.27 54.38 57.08
C TRP D 40 -3.45 55.81 56.57
N ILE D 41 -3.28 56.77 57.47
CA ILE D 41 -3.47 58.21 57.17
C ILE D 41 -2.33 59.08 57.74
N GLU D 42 -1.61 59.78 56.85
CA GLU D 42 -0.48 60.64 57.22
C GLU D 42 0.54 59.95 58.14
N GLY D 43 0.96 58.75 57.78
CA GLY D 43 1.98 58.01 58.52
C GLY D 43 1.51 57.20 59.73
N ALA D 44 0.22 57.26 60.06
CA ALA D 44 -0.35 56.57 61.24
C ALA D 44 -1.36 55.45 60.91
N PHE D 45 -1.23 54.30 61.59
CA PHE D 45 -2.19 53.20 61.47
C PHE D 45 -3.29 53.47 62.48
N VAL D 46 -4.53 53.61 62.03
CA VAL D 46 -5.68 54.02 62.89
C VAL D 46 -6.93 53.15 62.68
N PRO D 47 -7.83 53.06 63.68
CA PRO D 47 -9.11 52.35 63.48
C PRO D 47 -10.14 53.13 62.62
N PRO D 48 -11.19 52.47 62.11
CA PRO D 48 -12.12 53.08 61.15
C PRO D 48 -12.79 54.36 61.65
N SER D 49 -13.18 54.38 62.92
CA SER D 49 -13.77 55.58 63.54
C SER D 49 -12.83 56.83 63.59
N GLU D 50 -11.50 56.63 63.58
CA GLU D 50 -10.55 57.76 63.49
C GLU D 50 -10.01 58.02 62.07
N ALA D 51 -10.53 57.29 61.07
CA ALA D 51 -10.05 57.39 59.69
C ALA D 51 -10.71 58.57 59.01
N ARG D 52 -10.06 59.72 59.13
CA ARG D 52 -10.60 61.00 58.61
C ARG D 52 -9.54 61.75 57.79
N ILE D 53 -9.98 62.51 56.78
CA ILE D 53 -9.08 63.43 56.03
C ILE D 53 -9.52 64.89 56.04
N SER D 54 -8.55 65.76 55.83
CA SER D 54 -8.79 67.19 55.79
C SER D 54 -9.78 67.56 54.69
N ILE D 55 -10.77 68.38 55.04
CA ILE D 55 -11.66 68.99 54.03
C ILE D 55 -10.95 69.92 53.05
N PHE D 56 -9.74 70.37 53.44
CA PHE D 56 -8.89 71.22 52.59
C PHE D 56 -7.99 70.42 51.63
N ASP D 57 -8.08 69.08 51.67
CA ASP D 57 -7.45 68.24 50.64
C ASP D 57 -8.22 68.35 49.31
N GLN D 58 -7.49 68.75 48.26
CA GLN D 58 -8.03 68.85 46.91
C GLN D 58 -8.65 67.53 46.37
N GLY D 59 -8.17 66.40 46.90
CA GLY D 59 -8.78 65.10 46.63
C GLY D 59 -10.28 65.05 46.96
N PHE D 60 -10.72 65.90 47.89
CA PHE D 60 -12.13 66.09 48.20
C PHE D 60 -12.78 67.15 47.31
N TYR D 61 -12.37 68.41 47.48
CA TYR D 61 -13.16 69.54 46.89
C TYR D 61 -12.96 69.79 45.38
N THR D 62 -11.94 69.19 44.78
CA THR D 62 -11.86 69.13 43.29
C THR D 62 -11.76 67.71 42.72
N SER D 63 -12.03 66.73 43.58
CA SER D 63 -11.80 65.29 43.32
C SER D 63 -10.49 64.98 42.59
N ASP D 64 -9.44 65.71 42.96
CA ASP D 64 -8.15 65.70 42.25
C ASP D 64 -7.32 64.52 42.79
N ALA D 65 -7.64 63.35 42.28
CA ALA D 65 -7.18 62.09 42.84
C ALA D 65 -7.40 60.93 41.89
N THR D 66 -6.61 59.89 42.12
CA THR D 66 -6.84 58.59 41.52
C THR D 66 -6.61 57.48 42.58
N TYR D 67 -6.99 56.24 42.24
CA TYR D 67 -6.94 55.14 43.19
C TYR D 67 -6.93 53.77 42.53
N THR D 68 -6.69 52.75 43.36
CA THR D 68 -7.00 51.36 43.00
C THR D 68 -7.45 50.54 44.23
N THR D 69 -8.15 49.44 43.98
CA THR D 69 -8.64 48.55 45.03
C THR D 69 -8.25 47.14 44.65
N PHE D 70 -7.38 46.56 45.48
CA PHE D 70 -7.01 45.14 45.33
C PHE D 70 -7.67 44.30 46.43
N HIS D 71 -7.62 42.98 46.29
CA HIS D 71 -8.16 42.10 47.32
C HIS D 71 -7.17 41.04 47.83
N VAL D 72 -7.48 40.52 49.02
CA VAL D 72 -6.76 39.43 49.67
C VAL D 72 -7.74 38.29 49.84
N TRP D 73 -7.32 37.07 49.47
CA TRP D 73 -8.13 35.85 49.64
C TRP D 73 -7.29 34.72 50.24
N ASN D 74 -7.82 34.10 51.30
CA ASN D 74 -7.11 33.05 52.07
C ASN D 74 -5.66 33.44 52.36
N GLY D 75 -5.48 34.67 52.85
CA GLY D 75 -4.15 35.18 53.26
C GLY D 75 -3.18 35.60 52.16
N ASN D 76 -3.63 35.62 50.90
CA ASN D 76 -2.81 36.05 49.78
C ASN D 76 -3.41 37.23 49.00
N ALA D 77 -2.59 38.24 48.74
CA ALA D 77 -2.98 39.35 47.86
C ALA D 77 -2.95 38.92 46.38
N PHE D 78 -3.99 39.28 45.63
CA PHE D 78 -4.17 38.87 44.23
C PHE D 78 -3.71 39.98 43.26
N ARG D 79 -2.70 39.65 42.46
CA ARG D 79 -2.17 40.53 41.41
C ARG D 79 -1.78 41.92 41.91
N LEU D 80 -1.08 41.96 43.03
CA LEU D 80 -0.65 43.24 43.67
C LEU D 80 0.23 44.10 42.76
N GLY D 81 1.15 43.46 42.06
CA GLY D 81 2.03 44.16 41.15
C GLY D 81 1.29 44.89 40.04
N ASP D 82 0.37 44.19 39.39
CA ASP D 82 -0.47 44.79 38.32
C ASP D 82 -1.25 46.01 38.84
N HIS D 83 -1.80 45.87 40.05
CA HIS D 83 -2.61 46.92 40.69
C HIS D 83 -1.83 48.20 40.96
N ILE D 84 -0.69 48.06 41.60
CA ILE D 84 0.15 49.23 41.92
C ILE D 84 0.75 49.86 40.64
N GLU D 85 1.03 49.04 39.63
CA GLU D 85 1.52 49.54 38.34
C GLU D 85 0.44 50.41 37.67
N ARG D 86 -0.80 49.94 37.67
CA ARG D 86 -1.93 50.72 37.14
C ARG D 86 -2.12 52.03 37.92
N LEU D 87 -2.02 51.96 39.25
CA LEU D 87 -2.17 53.14 40.10
C LEU D 87 -1.17 54.23 39.74
N PHE D 88 0.10 53.84 39.61
CA PHE D 88 1.20 54.77 39.29
C PHE D 88 1.09 55.33 37.87
N SER D 89 0.60 54.50 36.96
CA SER D 89 0.30 54.93 35.58
C SER D 89 -0.85 55.95 35.52
N ASN D 90 -1.94 55.66 36.26
CA ASN D 90 -3.05 56.60 36.40
C ASN D 90 -2.62 57.94 37.02
N ALA D 91 -1.77 57.90 38.04
CA ALA D 91 -1.20 59.13 38.66
C ALA D 91 -0.40 59.98 37.67
N GLU D 92 0.43 59.30 36.87
CA GLU D 92 1.18 59.94 35.80
C GLU D 92 0.26 60.62 34.77
N SER D 93 -0.82 59.94 34.39
CA SER D 93 -1.79 60.51 33.45
C SER D 93 -2.34 61.86 33.89
N ILE D 94 -2.53 62.05 35.21
CA ILE D 94 -3.03 63.34 35.76
C ILE D 94 -1.93 64.23 36.37
N ARG D 95 -0.67 63.96 35.97
CA ARG D 95 0.53 64.74 36.38
C ARG D 95 0.77 64.82 37.89
N LEU D 96 0.47 63.74 38.57
CA LEU D 96 0.55 63.64 40.02
C LEU D 96 1.78 62.79 40.33
N ILE D 97 2.73 63.35 41.07
CA ILE D 97 3.95 62.62 41.45
C ILE D 97 3.74 62.01 42.84
N PRO D 98 3.67 60.66 42.92
CA PRO D 98 3.43 60.06 44.27
C PRO D 98 4.60 60.28 45.23
N PRO D 99 4.32 60.56 46.52
CA PRO D 99 5.37 60.79 47.51
C PRO D 99 6.00 59.48 48.08
N LEU D 100 5.55 58.33 47.60
CA LEU D 100 6.12 57.03 47.93
C LEU D 100 6.45 56.26 46.64
N THR D 101 7.42 55.35 46.72
CA THR D 101 7.72 54.45 45.61
C THR D 101 6.71 53.30 45.58
N GLN D 102 6.67 52.57 44.46
CA GLN D 102 5.82 51.37 44.34
C GLN D 102 6.11 50.31 45.43
N ASP D 103 7.40 50.07 45.70
CA ASP D 103 7.84 49.14 46.77
C ASP D 103 7.36 49.57 48.16
N GLU D 104 7.51 50.87 48.44
CA GLU D 104 7.06 51.44 49.72
C GLU D 104 5.54 51.26 49.92
N VAL D 105 4.78 51.55 48.85
CA VAL D 105 3.32 51.37 48.85
C VAL D 105 2.91 49.91 49.13
N LYS D 106 3.56 48.97 48.44
CA LYS D 106 3.32 47.54 48.65
C LYS D 106 3.55 47.09 50.09
N GLU D 107 4.67 47.54 50.66
CA GLU D 107 5.08 47.16 52.02
C GLU D 107 4.11 47.70 53.06
N ILE D 108 3.74 48.97 52.93
CA ILE D 108 2.78 49.62 53.85
C ILE D 108 1.37 48.96 53.78
N ALA D 109 0.91 48.71 52.55
CA ALA D 109 -0.39 48.09 52.31
C ALA D 109 -0.50 46.68 52.90
N LEU D 110 0.54 45.88 52.72
CA LEU D 110 0.59 44.53 53.25
C LEU D 110 0.60 44.56 54.80
N GLU D 111 1.36 45.50 55.38
CA GLU D 111 1.46 45.67 56.84
C GLU D 111 0.08 46.02 57.39
N LEU D 112 -0.60 46.93 56.70
CA LEU D 112 -1.97 47.33 57.08
C LEU D 112 -2.93 46.14 57.18
N VAL D 113 -2.92 45.29 56.15
CA VAL D 113 -3.76 44.06 56.14
C VAL D 113 -3.41 43.15 57.32
N ALA D 114 -2.12 42.94 57.53
CA ALA D 114 -1.60 42.12 58.63
C ALA D 114 -2.16 42.56 60.01
N LYS D 115 -2.14 43.86 60.26
CA LYS D 115 -2.66 44.46 61.49
C LYS D 115 -4.19 44.26 61.71
N THR D 116 -4.96 44.17 60.62
CA THR D 116 -6.40 43.85 60.71
C THR D 116 -6.70 42.39 61.02
N GLU D 117 -5.72 41.51 60.76
CA GLU D 117 -5.83 40.05 60.86
C GLU D 117 -6.79 39.42 59.83
N LEU D 118 -7.28 40.22 58.87
CA LEU D 118 -8.24 39.74 57.88
C LEU D 118 -7.58 38.85 56.82
N ARG D 119 -8.08 37.63 56.66
CA ARG D 119 -7.63 36.70 55.61
C ARG D 119 -8.35 36.92 54.27
N GLU D 120 -9.57 37.45 54.36
CA GLU D 120 -10.35 37.87 53.19
C GLU D 120 -10.65 39.37 53.32
N ALA D 121 -10.11 40.15 52.39
CA ALA D 121 -10.13 41.61 52.51
C ALA D 121 -10.09 42.43 51.22
N MET D 122 -10.49 43.70 51.35
CA MET D 122 -10.43 44.70 50.29
C MET D 122 -9.52 45.79 50.75
N VAL D 123 -8.60 46.18 49.89
CA VAL D 123 -7.59 47.17 50.25
C VAL D 123 -7.56 48.27 49.20
N THR D 124 -7.83 49.49 49.63
CA THR D 124 -7.89 50.65 48.76
C THR D 124 -6.68 51.52 48.99
N VAL D 125 -6.01 51.87 47.90
CA VAL D 125 -4.88 52.83 47.93
C VAL D 125 -5.22 54.03 47.07
N THR D 126 -5.25 55.20 47.71
CA THR D 126 -5.63 56.48 47.10
C THR D 126 -4.45 57.47 47.10
N ILE D 127 -4.26 58.18 45.97
CA ILE D 127 -3.29 59.27 45.87
C ILE D 127 -4.03 60.55 45.48
N THR D 128 -3.85 61.61 46.29
CA THR D 128 -4.47 62.95 46.06
C THR D 128 -3.40 64.05 45.85
N ARG D 129 -3.83 65.19 45.30
CA ARG D 129 -3.00 66.38 45.11
C ARG D 129 -2.62 67.03 46.45
N GLY D 130 -3.42 66.77 47.50
CA GLY D 130 -3.11 67.20 48.87
C GLY D 130 -3.77 68.49 49.36
N TYR D 131 -3.42 68.87 50.59
CA TYR D 131 -4.02 70.03 51.30
C TYR D 131 -3.06 71.22 51.49
N SER D 132 -1.87 71.18 50.89
CA SER D 132 -0.88 72.24 51.06
C SER D 132 -0.92 73.27 49.94
N SER D 133 -1.93 73.17 49.06
CA SER D 133 -2.02 74.05 47.89
C SER D 133 -3.47 74.10 47.37
N THR D 134 -3.72 74.93 46.36
CA THR D 134 -5.06 75.03 45.73
C THR D 134 -4.95 74.83 44.21
N PRO D 135 -6.08 74.60 43.50
CA PRO D 135 -6.03 74.41 42.05
C PRO D 135 -5.41 75.56 41.22
N PHE D 136 -5.44 76.77 41.78
CA PHE D 136 -4.91 77.96 41.10
C PHE D 136 -3.44 78.25 41.38
N GLU D 137 -2.75 77.37 42.10
CA GLU D 137 -1.34 77.53 42.44
C GLU D 137 -0.56 77.74 41.16
N ARG D 138 0.22 78.82 41.10
CA ARG D 138 1.13 79.10 39.98
C ARG D 138 2.40 78.22 39.97
N ASP D 139 2.98 77.95 41.13
CA ASP D 139 4.18 77.22 41.20
C ASP D 139 3.85 75.75 41.44
N ILE D 140 3.97 74.93 40.41
CA ILE D 140 3.78 73.44 40.53
C ILE D 140 4.61 72.75 41.68
N THR D 141 5.77 73.30 42.03
CA THR D 141 6.62 72.72 43.11
C THR D 141 5.99 72.81 44.51
N LYS D 142 5.02 73.72 44.67
CA LYS D 142 4.31 73.94 45.95
C LYS D 142 3.25 72.85 46.31
N HIS D 143 2.86 72.03 45.33
CA HIS D 143 1.93 70.90 45.56
C HIS D 143 2.55 69.85 46.48
N ARG D 144 1.81 69.37 47.49
CA ARG D 144 2.30 68.30 48.41
C ARG D 144 1.34 67.10 48.46
N PRO D 145 1.49 66.14 47.52
CA PRO D 145 0.58 65.00 47.39
C PRO D 145 0.55 64.07 48.60
N GLN D 146 -0.62 63.47 48.81
CA GLN D 146 -0.89 62.57 49.94
C GLN D 146 -1.29 61.18 49.50
N VAL D 147 -0.93 60.19 50.31
CA VAL D 147 -1.37 58.80 50.15
C VAL D 147 -2.23 58.40 51.35
N TYR D 148 -3.38 57.78 51.06
CA TYR D 148 -4.33 57.27 52.07
C TYR D 148 -4.64 55.83 51.71
N MET D 149 -4.73 54.97 52.74
CA MET D 149 -5.10 53.54 52.54
C MET D 149 -6.15 53.07 53.54
N SER D 150 -6.96 52.08 53.13
CA SER D 150 -7.90 51.42 54.04
C SER D 150 -7.99 49.94 53.72
N ALA D 151 -8.20 49.14 54.75
CA ALA D 151 -8.40 47.71 54.64
C ALA D 151 -9.66 47.28 55.39
N CYS D 152 -10.54 46.57 54.69
CA CYS D 152 -11.87 46.20 55.18
C CYS D 152 -12.20 44.75 54.84
N PRO D 153 -13.26 44.18 55.44
CA PRO D 153 -13.73 42.90 54.91
C PRO D 153 -14.08 42.90 53.41
N TYR D 154 -13.86 41.78 52.74
CA TYR D 154 -14.23 41.59 51.33
C TYR D 154 -15.71 41.91 51.11
N GLN D 155 -15.98 42.69 50.09
CA GLN D 155 -17.31 43.11 49.71
C GLN D 155 -17.81 42.56 48.39
N TRP D 156 -19.12 42.26 48.35
CA TRP D 156 -19.73 41.59 47.20
C TRP D 156 -20.71 42.54 46.53
N ILE D 157 -20.42 42.90 45.30
CA ILE D 157 -21.33 43.73 44.51
C ILE D 157 -22.65 42.99 44.23
N VAL D 158 -22.57 41.68 43.96
CA VAL D 158 -23.75 40.81 43.88
C VAL D 158 -23.66 39.65 44.90
N PRO D 159 -24.80 39.25 45.51
CA PRO D 159 -24.78 38.10 46.41
C PRO D 159 -24.44 36.72 45.75
N PHE D 160 -24.18 35.74 46.60
CA PHE D 160 -23.74 34.40 46.19
C PHE D 160 -24.73 33.67 45.30
N ASP D 161 -26.01 33.75 45.67
CA ASP D 161 -27.08 33.07 44.90
C ASP D 161 -27.20 33.62 43.47
N ARG D 162 -26.83 34.89 43.30
CA ARG D 162 -26.87 35.59 42.00
C ARG D 162 -25.63 35.28 41.15
N ILE D 163 -24.49 34.99 41.78
CA ILE D 163 -23.31 34.43 41.07
C ILE D 163 -23.64 33.07 40.44
N ARG D 164 -24.45 32.27 41.13
CA ARG D 164 -24.92 30.99 40.61
C ARG D 164 -26.02 31.13 39.54
N ASP D 165 -27.06 31.92 39.86
CA ASP D 165 -28.29 31.99 39.04
C ASP D 165 -28.33 33.08 37.98
N GLY D 166 -27.56 34.15 38.19
CA GLY D 166 -27.42 35.25 37.23
C GLY D 166 -28.08 36.53 37.68
N VAL D 167 -27.77 37.62 36.98
CA VAL D 167 -28.26 38.99 37.29
C VAL D 167 -29.02 39.63 36.11
N HIS D 168 -29.98 40.51 36.42
CA HIS D 168 -30.82 41.18 35.41
C HIS D 168 -30.30 42.57 35.09
N LEU D 169 -29.76 42.70 33.87
CA LEU D 169 -29.11 43.95 33.42
C LEU D 169 -30.08 44.94 32.76
N MET D 170 -29.75 46.23 32.87
CA MET D 170 -30.48 47.33 32.22
C MET D 170 -29.53 48.24 31.46
N VAL D 171 -29.87 48.58 30.22
CA VAL D 171 -29.12 49.60 29.45
C VAL D 171 -29.70 50.97 29.79
N ALA D 172 -28.86 51.86 30.30
CA ALA D 172 -29.31 53.18 30.73
C ALA D 172 -29.68 54.07 29.54
N GLN D 173 -30.80 54.80 29.65
CA GLN D 173 -31.25 55.76 28.64
C GLN D 173 -31.20 57.24 29.04
N SER D 174 -31.15 57.55 30.32
CA SER D 174 -31.17 58.96 30.79
C SER D 174 -29.77 59.58 30.98
N VAL D 175 -28.73 58.78 30.78
CA VAL D 175 -27.35 59.17 31.08
C VAL D 175 -26.41 58.35 30.22
N ARG D 176 -25.27 58.94 29.88
CA ARG D 176 -24.16 58.26 29.17
C ARG D 176 -22.82 58.45 29.90
N ARG D 177 -21.89 57.52 29.64
CA ARG D 177 -20.58 57.53 30.32
C ARG D 177 -19.80 58.76 29.90
N THR D 178 -19.18 59.41 30.88
CA THR D 178 -18.38 60.61 30.62
C THR D 178 -17.34 60.34 29.51
N PRO D 179 -17.27 61.23 28.49
CA PRO D 179 -16.28 61.05 27.42
C PRO D 179 -14.83 61.16 27.85
N ARG D 180 -13.93 60.49 27.10
CA ARG D 180 -12.46 60.57 27.33
C ARG D 180 -11.91 62.01 27.17
N SER D 181 -12.62 62.82 26.37
CA SER D 181 -12.33 64.26 26.19
C SER D 181 -12.76 65.20 27.31
N SER D 182 -13.32 64.65 28.40
CA SER D 182 -13.67 65.44 29.61
C SER D 182 -13.03 64.84 30.87
N ILE D 183 -13.49 63.66 31.28
CA ILE D 183 -12.95 62.92 32.46
C ILE D 183 -12.77 61.44 32.05
N ASP D 184 -11.51 61.05 31.88
CA ASP D 184 -11.13 59.76 31.27
C ASP D 184 -11.48 58.52 32.12
N PRO D 185 -12.40 57.63 31.61
CA PRO D 185 -12.72 56.42 32.38
C PRO D 185 -11.57 55.42 32.52
N GLN D 186 -10.54 55.57 31.69
CA GLN D 186 -9.34 54.73 31.78
C GLN D 186 -8.41 55.12 32.93
N VAL D 187 -8.71 56.24 33.59
CA VAL D 187 -8.09 56.64 34.87
C VAL D 187 -9.10 56.40 35.99
N LYS D 188 -8.84 55.41 36.85
CA LYS D 188 -9.75 55.09 37.95
C LYS D 188 -9.97 56.38 38.72
N ASN D 189 -11.21 56.69 39.04
CA ASN D 189 -11.51 57.97 39.69
C ASN D 189 -12.82 57.96 40.50
N PHE D 190 -12.95 58.93 41.39
CA PHE D 190 -14.10 59.05 42.29
C PHE D 190 -15.22 59.90 41.71
N GLN D 191 -15.11 60.28 40.44
CA GLN D 191 -16.06 61.23 39.84
C GLN D 191 -17.22 60.48 39.19
N TRP D 192 -18.16 60.06 40.05
CA TRP D 192 -19.21 59.05 39.73
C TRP D 192 -20.60 59.65 39.44
N GLY D 193 -20.65 60.93 39.06
CA GLY D 193 -21.92 61.63 38.80
C GLY D 193 -22.83 60.91 37.81
N ASP D 194 -22.23 60.44 36.72
CA ASP D 194 -22.93 59.66 35.68
C ASP D 194 -23.30 58.26 36.14
N LEU D 195 -22.38 57.61 36.84
CA LEU D 195 -22.58 56.27 37.39
C LEU D 195 -23.70 56.19 38.47
N ILE D 196 -23.77 57.22 39.31
CA ILE D 196 -24.84 57.35 40.31
C ILE D 196 -26.22 57.58 39.65
N ARG D 197 -26.26 58.44 38.65
CA ARG D 197 -27.49 58.63 37.87
C ARG D 197 -28.01 57.31 37.29
N ALA D 198 -27.09 56.49 36.79
CA ALA D 198 -27.41 55.18 36.22
C ALA D 198 -28.00 54.21 37.25
N ILE D 199 -27.44 54.24 38.45
CA ILE D 199 -27.96 53.46 39.57
C ILE D 199 -29.41 53.88 39.93
N GLN D 200 -29.62 55.18 39.94
CA GLN D 200 -30.93 55.76 40.26
C GLN D 200 -31.97 55.34 39.22
N GLU D 201 -31.58 55.33 37.96
CA GLU D 201 -32.45 54.92 36.87
C GLU D 201 -32.84 53.45 37.02
N THR D 202 -31.95 52.65 37.58
CA THR D 202 -32.16 51.23 37.76
C THR D 202 -33.27 51.01 38.82
N HIS D 203 -33.26 51.84 39.87
CA HIS D 203 -34.32 51.84 40.90
C HIS D 203 -35.68 52.25 40.29
N ASP D 204 -35.68 53.30 39.48
CA ASP D 204 -36.91 53.76 38.81
C ASP D 204 -37.56 52.70 37.91
N ARG D 205 -36.75 51.98 37.13
CA ARG D 205 -37.24 51.04 36.12
C ARG D 205 -37.34 49.58 36.61
N GLY D 206 -36.86 49.32 37.84
CA GLY D 206 -37.04 48.04 38.50
C GLY D 206 -36.09 46.92 38.08
N PHE D 207 -34.81 47.27 37.86
CA PHE D 207 -33.78 46.29 37.44
C PHE D 207 -32.69 46.22 38.50
N GLU D 208 -31.70 45.35 38.31
CA GLU D 208 -30.69 45.06 39.37
C GLU D 208 -29.39 45.87 39.23
N LEU D 209 -28.83 45.91 38.03
CA LEU D 209 -27.62 46.70 37.73
C LEU D 209 -27.73 47.40 36.36
N PRO D 210 -27.09 48.58 36.20
CA PRO D 210 -27.03 49.27 34.90
C PRO D 210 -25.71 49.13 34.11
N LEU D 211 -25.85 49.17 32.78
CA LEU D 211 -24.73 49.31 31.84
C LEU D 211 -24.92 50.60 31.04
N LEU D 212 -23.88 51.44 31.02
CA LEU D 212 -23.93 52.70 30.29
C LEU D 212 -23.37 52.54 28.88
N LEU D 213 -23.85 53.39 27.98
CA LEU D 213 -23.29 53.57 26.64
C LEU D 213 -22.38 54.82 26.56
N ASP D 214 -21.54 54.87 25.53
CA ASP D 214 -20.70 56.05 25.25
C ASP D 214 -21.36 57.04 24.27
N CYS D 215 -20.65 58.12 23.95
CA CYS D 215 -21.11 59.13 22.98
C CYS D 215 -21.56 58.60 21.62
N ASP D 216 -20.90 57.54 21.14
CA ASP D 216 -21.25 56.87 19.87
C ASP D 216 -22.32 55.76 20.00
N ASN D 217 -22.95 55.65 21.17
CA ASN D 217 -23.95 54.60 21.47
C ASN D 217 -23.38 53.16 21.43
N LEU D 218 -22.09 53.04 21.73
CA LEU D 218 -21.43 51.75 21.89
C LEU D 218 -21.31 51.41 23.37
N LEU D 219 -21.17 50.13 23.66
CA LEU D 219 -21.08 49.63 25.04
C LEU D 219 -19.92 50.31 25.77
N ALA D 220 -20.15 50.77 27.00
CA ALA D 220 -19.09 51.36 27.85
C ALA D 220 -18.75 50.45 29.04
N GLU D 221 -19.28 50.77 30.23
CA GLU D 221 -19.07 49.97 31.45
C GLU D 221 -20.19 50.28 32.44
N GLY D 222 -20.15 49.62 33.60
CA GLY D 222 -21.12 49.86 34.68
C GLY D 222 -20.48 50.48 35.91
N PRO D 223 -21.29 50.80 36.95
CA PRO D 223 -20.73 51.32 38.20
C PRO D 223 -19.93 50.30 38.98
N GLY D 224 -18.61 50.39 38.87
CA GLY D 224 -17.68 49.49 39.57
C GLY D 224 -17.40 48.16 38.86
N PHE D 225 -17.77 48.03 37.59
CA PHE D 225 -17.55 46.77 36.86
C PHE D 225 -17.41 46.94 35.32
N ASN D 226 -16.66 46.00 34.72
CA ASN D 226 -16.59 45.86 33.27
C ASN D 226 -17.62 44.80 32.79
N VAL D 227 -18.01 44.90 31.52
CA VAL D 227 -18.89 43.92 30.86
C VAL D 227 -18.13 43.10 29.82
N VAL D 228 -18.52 41.84 29.67
CA VAL D 228 -17.97 40.93 28.65
C VAL D 228 -19.11 40.23 27.88
N VAL D 229 -18.93 40.13 26.57
CA VAL D 229 -19.95 39.60 25.64
C VAL D 229 -19.41 38.40 24.84
N ILE D 230 -20.14 37.28 24.88
CA ILE D 230 -19.74 36.03 24.22
C ILE D 230 -20.69 35.66 23.06
N LYS D 231 -20.12 35.45 21.88
CA LYS D 231 -20.88 35.13 20.67
C LYS D 231 -20.08 34.22 19.72
N ASP D 232 -20.68 33.09 19.37
CA ASP D 232 -20.08 32.06 18.50
C ASP D 232 -18.62 31.73 18.92
N GLY D 233 -18.43 31.50 20.22
CA GLY D 233 -17.12 31.16 20.78
C GLY D 233 -16.07 32.26 20.85
N VAL D 234 -16.46 33.49 20.48
CA VAL D 234 -15.56 34.65 20.53
C VAL D 234 -15.92 35.49 21.78
N VAL D 235 -14.91 35.84 22.56
CA VAL D 235 -15.08 36.59 23.81
C VAL D 235 -14.59 38.04 23.62
N ARG D 236 -15.49 39.01 23.80
CA ARG D 236 -15.23 40.45 23.55
C ARG D 236 -15.61 41.36 24.73
N SER D 237 -14.84 42.43 24.93
CA SER D 237 -15.10 43.43 26.00
C SER D 237 -14.80 44.83 25.50
N PRO D 238 -15.60 45.83 25.89
CA PRO D 238 -15.32 47.23 25.47
C PRO D 238 -13.88 47.74 25.72
N GLY D 239 -13.26 48.27 24.66
CA GLY D 239 -11.90 48.84 24.71
C GLY D 239 -11.76 50.32 25.04
N ARG D 240 -12.79 51.13 24.77
CA ARG D 240 -12.68 52.60 24.93
C ARG D 240 -13.18 53.15 26.28
N ALA D 241 -14.50 53.29 26.42
CA ALA D 241 -15.10 53.95 27.59
C ALA D 241 -15.25 52.98 28.78
N ALA D 242 -14.11 52.49 29.25
CA ALA D 242 -14.05 51.46 30.26
C ALA D 242 -12.70 51.42 30.95
N LEU D 243 -12.70 51.21 32.26
CA LEU D 243 -11.48 51.02 32.99
C LEU D 243 -10.78 49.74 32.51
N PRO D 244 -9.44 49.80 32.30
CA PRO D 244 -8.66 48.54 32.09
C PRO D 244 -8.57 47.69 33.35
N GLY D 245 -9.62 46.91 33.59
CA GLY D 245 -9.79 46.17 34.83
C GLY D 245 -8.80 45.05 34.94
N ILE D 246 -8.36 44.78 36.17
CA ILE D 246 -7.49 43.63 36.49
C ILE D 246 -8.31 42.33 36.41
N THR D 247 -9.58 42.38 36.83
CA THR D 247 -10.47 41.21 36.71
C THR D 247 -10.74 40.90 35.22
N ARG D 248 -11.01 41.94 34.44
CA ARG D 248 -11.19 41.81 32.99
C ARG D 248 -9.99 41.13 32.34
N LYS D 249 -8.79 41.60 32.70
CA LYS D 249 -7.54 41.05 32.18
C LYS D 249 -7.43 39.56 32.48
N THR D 250 -7.76 39.19 33.72
CA THR D 250 -7.79 37.79 34.15
C THR D 250 -8.81 36.95 33.34
N VAL D 251 -10.02 37.48 33.16
CA VAL D 251 -11.09 36.83 32.36
C VAL D 251 -10.64 36.52 30.92
N LEU D 252 -10.03 37.50 30.26
CA LEU D 252 -9.54 37.31 28.88
C LEU D 252 -8.38 36.33 28.77
N GLU D 253 -7.45 36.37 29.73
CA GLU D 253 -6.39 35.34 29.84
C GLU D 253 -7.00 33.91 30.00
N ILE D 254 -8.00 33.78 30.88
CA ILE D 254 -8.68 32.49 31.07
C ILE D 254 -9.35 32.01 29.78
N ALA D 255 -10.03 32.93 29.10
CA ALA D 255 -10.68 32.60 27.83
C ALA D 255 -9.69 32.04 26.79
N GLU D 256 -8.51 32.65 26.68
CA GLU D 256 -7.45 32.16 25.80
C GLU D 256 -6.97 30.76 26.17
N SER D 257 -6.79 30.52 27.47
CA SER D 257 -6.38 29.21 28.01
C SER D 257 -7.44 28.12 27.68
N LEU D 258 -8.72 28.49 27.61
CA LEU D 258 -9.78 27.57 27.15
C LEU D 258 -9.91 27.39 25.62
N GLY D 259 -9.04 28.04 24.85
CA GLY D 259 -9.07 27.94 23.38
C GLY D 259 -10.04 28.86 22.65
N HIS D 260 -10.45 29.95 23.30
CA HIS D 260 -11.29 31.00 22.66
C HIS D 260 -10.47 32.23 22.24
N GLU D 261 -10.81 32.81 21.11
CA GLU D 261 -10.32 34.12 20.76
C GLU D 261 -10.89 35.12 21.78
N ALA D 262 -10.02 35.95 22.35
CA ALA D 262 -10.39 36.90 23.40
C ALA D 262 -9.80 38.29 23.10
N ILE D 263 -10.67 39.29 22.85
CA ILE D 263 -10.23 40.60 22.34
C ILE D 263 -10.99 41.80 22.90
N LEU D 264 -10.31 42.95 22.91
CA LEU D 264 -10.97 44.22 23.20
C LEU D 264 -11.58 44.71 21.92
N ALA D 265 -12.78 45.30 21.98
CA ALA D 265 -13.55 45.70 20.78
C ALA D 265 -14.66 46.68 21.04
N ASP D 266 -15.14 47.28 19.96
CA ASP D 266 -16.34 48.13 19.97
C ASP D 266 -17.54 47.23 19.77
N ILE D 267 -18.51 47.31 20.69
CA ILE D 267 -19.69 46.42 20.70
C ILE D 267 -20.98 47.23 20.67
N THR D 268 -21.88 46.86 19.76
CA THR D 268 -23.19 47.55 19.61
C THR D 268 -24.26 47.00 20.56
N PRO D 269 -25.32 47.78 20.86
CA PRO D 269 -26.47 47.24 21.59
C PRO D 269 -27.14 46.00 20.95
N ALA D 270 -27.27 46.01 19.62
CA ALA D 270 -27.83 44.84 18.87
C ALA D 270 -27.07 43.56 19.16
N GLU D 271 -25.75 43.65 19.14
CA GLU D 271 -24.86 42.55 19.49
C GLU D 271 -25.03 42.06 20.95
N LEU D 272 -25.29 43.00 21.87
CA LEU D 272 -25.55 42.65 23.26
C LEU D 272 -26.81 41.81 23.42
N TYR D 273 -27.90 42.27 22.81
CA TYR D 273 -29.20 41.54 22.84
C TYR D 273 -29.13 40.16 22.16
N ASP D 274 -28.33 40.06 21.10
CA ASP D 274 -28.19 38.83 20.31
C ASP D 274 -27.09 37.89 20.82
N ALA D 275 -26.49 38.18 21.97
CA ALA D 275 -25.34 37.40 22.46
C ALA D 275 -25.74 36.00 22.93
N ASP D 276 -24.81 35.06 22.82
CA ASP D 276 -24.95 33.72 23.45
C ASP D 276 -24.90 33.82 24.98
N GLU D 277 -23.87 34.51 25.47
CA GLU D 277 -23.65 34.73 26.92
C GLU D 277 -23.18 36.17 27.20
N VAL D 278 -23.52 36.66 28.38
CA VAL D 278 -23.05 37.97 28.88
C VAL D 278 -22.63 37.82 30.35
N LEU D 279 -21.51 38.44 30.72
CA LEU D 279 -21.06 38.44 32.12
C LEU D 279 -20.54 39.80 32.60
N GLY D 280 -20.41 39.92 33.92
CA GLY D 280 -19.83 41.11 34.58
C GLY D 280 -18.63 40.70 35.43
N CYS D 281 -17.68 41.62 35.62
CA CYS D 281 -16.48 41.35 36.43
C CYS D 281 -15.91 42.59 37.14
N SER D 282 -15.34 42.35 38.32
CA SER D 282 -14.79 43.40 39.20
C SER D 282 -13.99 42.77 40.35
N THR D 283 -13.01 43.50 40.89
CA THR D 283 -12.36 43.10 42.15
C THR D 283 -13.41 42.88 43.28
N GLY D 284 -14.45 43.72 43.27
CA GLY D 284 -15.54 43.60 44.21
C GLY D 284 -16.59 42.56 43.91
N GLY D 285 -16.21 41.29 43.97
CA GLY D 285 -17.15 40.16 43.74
C GLY D 285 -16.74 39.09 42.75
N GLY D 286 -15.71 39.41 41.95
CA GLY D 286 -15.09 38.48 41.00
C GLY D 286 -15.81 38.49 39.68
N VAL D 287 -16.44 37.36 39.34
CA VAL D 287 -17.14 37.19 38.08
C VAL D 287 -18.56 36.65 38.33
N TRP D 288 -19.53 37.15 37.55
CA TRP D 288 -20.93 36.73 37.62
C TRP D 288 -21.66 36.81 36.27
N PRO D 289 -22.77 36.06 36.09
CA PRO D 289 -23.51 36.10 34.82
C PRO D 289 -24.59 37.18 34.78
N PHE D 290 -24.82 37.68 33.57
CA PHE D 290 -25.97 38.52 33.24
C PHE D 290 -26.88 37.71 32.33
N VAL D 291 -28.05 37.34 32.84
CA VAL D 291 -28.99 36.42 32.13
C VAL D 291 -30.12 37.09 31.33
N SER D 292 -30.33 38.38 31.55
CA SER D 292 -31.29 39.18 30.76
C SER D 292 -30.84 40.63 30.64
N VAL D 293 -31.31 41.30 29.59
CA VAL D 293 -31.04 42.72 29.36
C VAL D 293 -32.35 43.43 29.00
N ASP D 294 -32.73 44.44 29.78
CA ASP D 294 -34.00 45.16 29.62
C ASP D 294 -35.24 44.22 29.62
N GLY D 295 -35.18 43.16 30.44
CA GLY D 295 -36.23 42.14 30.50
C GLY D 295 -36.22 41.06 29.41
N ASN D 296 -35.34 41.20 28.43
CA ASN D 296 -35.17 40.22 27.35
C ASN D 296 -34.15 39.17 27.77
N SER D 297 -34.48 37.89 27.62
CA SER D 297 -33.57 36.83 28.02
C SER D 297 -32.35 36.79 27.09
N ILE D 298 -31.19 36.50 27.69
CA ILE D 298 -29.98 36.19 26.92
C ILE D 298 -29.99 34.68 26.72
N SER D 299 -30.05 34.26 25.45
CA SER D 299 -30.27 32.85 25.08
C SER D 299 -31.51 32.31 25.83
N ASP D 300 -31.35 31.20 26.56
CA ASP D 300 -32.45 30.58 27.32
C ASP D 300 -32.63 31.15 28.77
N GLY D 301 -32.01 32.29 29.07
CA GLY D 301 -32.17 32.96 30.37
C GLY D 301 -31.47 32.36 31.58
N VAL D 302 -30.56 31.41 31.36
CA VAL D 302 -29.77 30.79 32.47
C VAL D 302 -28.30 30.97 32.18
N PRO D 303 -27.47 30.94 33.22
CA PRO D 303 -26.02 31.11 32.98
C PRO D 303 -25.47 30.11 31.98
N GLY D 304 -24.74 30.63 30.99
CA GLY D 304 -24.13 29.83 29.96
C GLY D 304 -22.93 29.03 30.44
N PRO D 305 -22.60 27.96 29.70
CA PRO D 305 -21.47 27.10 30.09
C PRO D 305 -20.04 27.74 30.05
N VAL D 306 -19.77 28.63 29.09
CA VAL D 306 -18.45 29.30 29.04
C VAL D 306 -18.27 30.20 30.26
N THR D 307 -19.31 30.96 30.59
CA THR D 307 -19.35 31.82 31.79
C THR D 307 -19.04 31.00 33.05
N GLN D 308 -19.71 29.87 33.18
CA GLN D 308 -19.52 28.96 34.35
C GLN D 308 -18.09 28.44 34.50
N SER D 309 -17.48 28.05 33.40
CA SER D 309 -16.10 27.60 33.46
C SER D 309 -15.10 28.75 33.77
N ILE D 310 -15.40 29.98 33.29
CA ILE D 310 -14.61 31.18 33.62
C ILE D 310 -14.70 31.54 35.13
N ILE D 311 -15.92 31.53 35.66
CA ILE D 311 -16.15 31.77 37.11
C ILE D 311 -15.34 30.80 37.98
N ARG D 312 -15.42 29.53 37.65
CA ARG D 312 -14.75 28.48 38.44
C ARG D 312 -13.23 28.61 38.35
N ARG D 313 -12.73 28.82 37.15
CA ARG D 313 -11.29 28.98 36.95
C ARG D 313 -10.73 30.22 37.71
N TYR D 314 -11.49 31.32 37.70
CA TYR D 314 -11.10 32.55 38.41
C TYR D 314 -10.82 32.23 39.87
N TRP D 315 -11.74 31.52 40.51
CA TRP D 315 -11.60 31.21 41.93
C TRP D 315 -10.53 30.16 42.22
N GLU D 316 -10.31 29.25 41.29
CA GLU D 316 -9.12 28.38 41.32
C GLU D 316 -7.80 29.19 41.36
N LEU D 317 -7.69 30.21 40.49
CA LEU D 317 -6.50 31.09 40.45
C LEU D 317 -6.23 31.87 41.74
N ASN D 318 -7.24 32.01 42.58
CA ASN D 318 -7.14 32.71 43.88
C ASN D 318 -6.51 31.89 44.97
N VAL D 319 -6.42 30.59 44.75
CA VAL D 319 -5.92 29.62 45.74
C VAL D 319 -4.69 28.80 45.28
N GLU D 320 -4.66 28.38 44.02
CA GLU D 320 -3.52 27.59 43.48
C GLU D 320 -2.22 28.42 43.45
N PRO D 321 -1.14 27.91 44.08
CA PRO D 321 0.14 28.62 44.16
C PRO D 321 0.67 29.06 42.81
N SER D 322 0.82 30.36 42.64
CA SER D 322 1.37 30.94 41.40
C SER D 322 1.96 32.31 41.65
N SER D 323 2.55 32.90 40.62
CA SER D 323 3.08 34.28 40.71
C SER D 323 1.98 35.38 40.80
N LEU D 324 0.72 35.00 40.60
CA LEU D 324 -0.43 35.90 40.85
C LEU D 324 -0.66 36.19 42.35
N LEU D 325 -0.09 35.37 43.22
CA LEU D 325 -0.31 35.48 44.67
C LEU D 325 0.89 35.96 45.51
N THR D 326 0.63 36.87 46.45
CA THR D 326 1.64 37.42 47.38
C THR D 326 1.16 37.19 48.84
N PRO D 327 1.94 36.41 49.63
CA PRO D 327 1.49 36.09 50.98
C PRO D 327 1.59 37.24 51.97
N VAL D 328 0.56 37.40 52.78
CA VAL D 328 0.53 38.42 53.84
C VAL D 328 1.20 37.81 55.06
N GLN D 329 2.10 38.57 55.70
CA GLN D 329 2.82 38.10 56.88
C GLN D 329 2.10 38.45 58.21
N TYR D 330 1.17 37.60 58.64
CA TYR D 330 0.40 37.88 59.87
C TYR D 330 1.22 37.72 61.20
N ILE E 10 -0.63 -86.30 -57.27
CA ILE E 10 0.57 -86.37 -56.37
C ILE E 10 1.81 -86.80 -57.17
N VAL E 11 2.87 -85.97 -57.13
CA VAL E 11 4.18 -86.31 -57.75
C VAL E 11 5.04 -87.07 -56.72
N TYR E 12 5.39 -88.32 -57.04
CA TYR E 12 6.17 -89.20 -56.12
C TYR E 12 7.45 -89.84 -56.72
N THR E 13 7.71 -89.59 -58.00
CA THR E 13 8.99 -89.99 -58.66
C THR E 13 9.48 -88.92 -59.68
N HIS E 14 10.77 -88.99 -60.02
CA HIS E 14 11.42 -88.13 -61.04
C HIS E 14 12.53 -88.92 -61.74
N ASP E 15 12.84 -88.54 -62.99
CA ASP E 15 14.12 -88.87 -63.61
C ASP E 15 15.10 -87.78 -63.18
N THR E 16 16.19 -88.16 -62.50
CA THR E 16 17.13 -87.19 -61.85
C THR E 16 18.22 -86.57 -62.74
N GLY E 17 18.64 -87.28 -63.78
CA GLY E 17 19.77 -86.84 -64.62
C GLY E 17 21.11 -87.08 -63.96
N LEU E 18 21.11 -87.92 -62.91
CA LEU E 18 22.30 -88.26 -62.12
C LEU E 18 22.35 -89.78 -61.91
N ASP E 19 23.48 -90.40 -62.29
CA ASP E 19 23.66 -91.87 -62.24
C ASP E 19 23.57 -92.48 -60.83
N TYR E 20 23.94 -91.67 -59.82
CA TYR E 20 23.96 -92.09 -58.39
C TYR E 20 22.65 -91.87 -57.58
N ILE E 21 21.65 -91.19 -58.16
CA ILE E 21 20.31 -91.03 -57.53
C ILE E 21 19.22 -91.60 -58.45
N THR E 22 18.62 -92.72 -58.02
CA THR E 22 17.54 -93.38 -58.77
C THR E 22 16.32 -93.72 -57.91
N TYR E 23 15.17 -93.18 -58.30
CA TYR E 23 13.88 -93.49 -57.65
C TYR E 23 13.45 -94.92 -57.97
N SER E 24 12.51 -95.43 -57.20
CA SER E 24 11.91 -96.76 -57.42
C SER E 24 10.88 -96.71 -58.56
N ASP E 25 10.76 -97.82 -59.29
CA ASP E 25 9.78 -97.97 -60.39
C ASP E 25 8.56 -98.74 -59.89
N TYR E 26 7.50 -98.00 -59.56
CA TYR E 26 6.29 -98.55 -58.92
C TYR E 26 5.07 -97.70 -59.22
N GLU E 27 3.85 -98.22 -58.99
CA GLU E 27 2.58 -97.44 -59.12
C GLU E 27 1.78 -97.49 -57.79
N LEU E 28 1.20 -96.36 -57.41
CA LEU E 28 0.38 -96.27 -56.18
C LEU E 28 -0.99 -96.89 -56.44
N ASP E 29 -1.49 -97.63 -55.45
CA ASP E 29 -2.84 -98.22 -55.49
C ASP E 29 -3.93 -97.13 -55.29
N PRO E 30 -4.74 -96.83 -56.34
CA PRO E 30 -5.76 -95.78 -56.17
C PRO E 30 -6.96 -96.17 -55.28
N ALA E 31 -7.13 -97.45 -54.99
CA ALA E 31 -8.13 -97.93 -54.00
C ALA E 31 -7.79 -97.63 -52.53
N ASN E 32 -6.51 -97.37 -52.27
CA ASN E 32 -6.01 -97.01 -50.91
C ASN E 32 -6.16 -95.49 -50.66
N PRO E 33 -7.01 -95.10 -49.68
CA PRO E 33 -7.21 -93.65 -49.39
C PRO E 33 -5.99 -92.92 -48.75
N LEU E 34 -5.02 -93.68 -48.23
CA LEU E 34 -3.76 -93.16 -47.66
C LEU E 34 -2.56 -93.19 -48.62
N ALA E 35 -2.75 -93.70 -49.83
CA ALA E 35 -1.66 -93.79 -50.81
C ALA E 35 -1.08 -92.42 -51.18
N GLY E 36 0.25 -92.32 -51.15
CA GLY E 36 0.98 -91.10 -51.54
C GLY E 36 1.11 -90.00 -50.48
N GLY E 37 0.59 -90.25 -49.28
CA GLY E 37 0.65 -89.26 -48.19
C GLY E 37 -0.35 -89.51 -47.09
N ALA E 38 0.10 -89.43 -45.84
CA ALA E 38 -0.75 -89.67 -44.66
C ALA E 38 -0.15 -89.14 -43.36
N ALA E 39 -0.97 -89.15 -42.30
CA ALA E 39 -0.57 -88.65 -40.98
C ALA E 39 -1.07 -89.55 -39.86
N TRP E 40 -0.41 -89.48 -38.71
CA TRP E 40 -0.86 -90.15 -37.47
C TRP E 40 -1.12 -89.07 -36.41
N ILE E 41 -2.39 -88.97 -35.99
CA ILE E 41 -2.86 -87.92 -35.07
C ILE E 41 -3.81 -88.50 -34.01
N GLU E 42 -3.43 -88.37 -32.74
CA GLU E 42 -4.23 -88.84 -31.59
C GLU E 42 -4.66 -90.31 -31.77
N GLY E 43 -3.73 -91.19 -32.16
CA GLY E 43 -4.03 -92.64 -32.32
C GLY E 43 -4.62 -93.10 -33.64
N ALA E 44 -4.89 -92.18 -34.56
CA ALA E 44 -5.57 -92.49 -35.84
C ALA E 44 -4.70 -92.23 -37.05
N PHE E 45 -4.71 -93.17 -38.01
CA PHE E 45 -4.06 -92.99 -39.32
C PHE E 45 -5.05 -92.30 -40.25
N VAL E 46 -4.70 -91.12 -40.77
CA VAL E 46 -5.64 -90.28 -41.55
C VAL E 46 -5.00 -89.73 -42.84
N PRO E 47 -5.82 -89.38 -43.87
CA PRO E 47 -5.26 -88.73 -45.07
C PRO E 47 -4.89 -87.25 -44.84
N PRO E 48 -4.10 -86.65 -45.76
CA PRO E 48 -3.61 -85.26 -45.56
C PRO E 48 -4.70 -84.21 -45.30
N SER E 49 -5.82 -84.30 -46.03
CA SER E 49 -6.93 -83.37 -45.86
C SER E 49 -7.59 -83.42 -44.47
N GLU E 50 -7.51 -84.55 -43.77
CA GLU E 50 -8.01 -84.67 -42.38
C GLU E 50 -6.90 -84.51 -41.29
N ALA E 51 -5.68 -84.17 -41.71
CA ALA E 51 -4.52 -84.02 -40.79
C ALA E 51 -4.49 -82.64 -40.13
N ARG E 52 -5.22 -82.54 -39.02
CA ARG E 52 -5.46 -81.26 -38.34
C ARG E 52 -5.12 -81.39 -36.85
N ILE E 53 -4.58 -80.32 -36.25
CA ILE E 53 -4.32 -80.28 -34.80
C ILE E 53 -5.10 -79.15 -34.11
N SER E 54 -5.41 -79.36 -32.84
CA SER E 54 -6.09 -78.36 -32.02
C SER E 54 -5.30 -77.04 -31.96
N ILE E 55 -5.97 -75.91 -32.18
CA ILE E 55 -5.38 -74.58 -31.92
C ILE E 55 -5.04 -74.31 -30.46
N PHE E 56 -5.63 -75.10 -29.57
CA PHE E 56 -5.33 -75.06 -28.12
C PHE E 56 -4.12 -75.91 -27.70
N ASP E 57 -3.46 -76.59 -28.64
CA ASP E 57 -2.17 -77.25 -28.39
C ASP E 57 -1.07 -76.18 -28.26
N GLN E 58 -0.37 -76.22 -27.13
CA GLN E 58 0.76 -75.30 -26.85
C GLN E 58 1.89 -75.37 -27.89
N GLY E 59 1.99 -76.53 -28.55
CA GLY E 59 2.89 -76.72 -29.69
C GLY E 59 2.67 -75.72 -30.80
N PHE E 60 1.43 -75.21 -30.90
CA PHE E 60 1.11 -74.08 -31.78
C PHE E 60 1.36 -72.70 -31.12
N TYR E 61 0.57 -72.35 -30.10
CA TYR E 61 0.52 -70.95 -29.62
C TYR E 61 1.70 -70.52 -28.72
N THR E 62 2.51 -71.45 -28.24
CA THR E 62 3.83 -71.11 -27.59
C THR E 62 5.02 -71.83 -28.24
N SER E 63 4.77 -72.44 -29.41
CA SER E 63 5.72 -73.29 -30.14
C SER E 63 6.49 -74.28 -29.23
N ASP E 64 5.79 -74.78 -28.22
CA ASP E 64 6.39 -75.56 -27.12
C ASP E 64 6.48 -77.00 -27.60
N ALA E 65 7.50 -77.24 -28.40
CA ALA E 65 7.64 -78.47 -29.14
C ALA E 65 9.05 -78.67 -29.67
N THR E 66 9.35 -79.93 -29.97
CA THR E 66 10.54 -80.30 -30.74
C THR E 66 10.16 -81.38 -31.77
N TYR E 67 11.08 -81.65 -32.69
CA TYR E 67 10.82 -82.62 -33.75
C TYR E 67 12.10 -83.19 -34.39
N THR E 68 11.89 -84.19 -35.25
CA THR E 68 12.92 -84.63 -36.22
C THR E 68 12.27 -85.09 -37.51
N THR E 69 13.05 -85.03 -38.59
CA THR E 69 12.61 -85.48 -39.92
C THR E 69 13.63 -86.48 -40.46
N PHE E 70 13.20 -87.74 -40.61
CA PHE E 70 14.02 -88.76 -41.28
C PHE E 70 13.50 -89.05 -42.68
N HIS E 71 14.29 -89.78 -43.46
CA HIS E 71 13.86 -90.15 -44.82
C HIS E 71 13.93 -91.66 -45.08
N VAL E 72 13.16 -92.07 -46.10
CA VAL E 72 13.14 -93.42 -46.64
C VAL E 72 13.58 -93.34 -48.10
N TRP E 73 14.52 -94.22 -48.49
CA TRP E 73 14.99 -94.31 -49.89
C TRP E 73 15.01 -95.78 -50.35
N ASN E 74 14.43 -96.03 -51.54
CA ASN E 74 14.27 -97.38 -52.09
C ASN E 74 13.79 -98.39 -51.02
N GLY E 75 12.75 -98.00 -50.29
CA GLY E 75 12.12 -98.87 -49.28
C GLY E 75 12.82 -99.06 -47.93
N ASN E 76 13.90 -98.32 -47.70
CA ASN E 76 14.67 -98.39 -46.44
C ASN E 76 14.77 -97.04 -45.73
N ALA E 77 14.46 -97.04 -44.43
CA ALA E 77 14.66 -95.85 -43.60
C ALA E 77 16.16 -95.66 -43.27
N PHE E 78 16.63 -94.43 -43.40
CA PHE E 78 18.04 -94.08 -43.22
C PHE E 78 18.32 -93.54 -41.80
N ARG E 79 19.14 -94.26 -41.05
CA ARG E 79 19.60 -93.88 -39.70
C ARG E 79 18.45 -93.54 -38.76
N LEU E 80 17.44 -94.38 -38.74
CA LEU E 80 16.28 -94.23 -37.87
C LEU E 80 16.64 -94.17 -36.38
N GLY E 81 17.53 -95.04 -35.93
CA GLY E 81 17.93 -95.08 -34.53
C GLY E 81 18.55 -93.78 -34.05
N ASP E 82 19.46 -93.23 -34.85
CA ASP E 82 20.09 -91.93 -34.56
C ASP E 82 19.06 -90.79 -34.46
N HIS E 83 18.10 -90.78 -35.40
CA HIS E 83 17.02 -89.78 -35.45
C HIS E 83 16.12 -89.76 -34.23
N ILE E 84 15.62 -90.92 -33.82
CA ILE E 84 14.73 -91.03 -32.67
C ILE E 84 15.50 -90.76 -31.35
N GLU E 85 16.77 -91.14 -31.30
CA GLU E 85 17.64 -90.84 -30.15
C GLU E 85 17.78 -89.31 -29.99
N ARG E 86 18.06 -88.61 -31.10
CA ARG E 86 18.16 -87.14 -31.07
C ARG E 86 16.84 -86.47 -30.67
N LEU E 87 15.72 -87.00 -31.20
CA LEU E 87 14.41 -86.50 -30.84
C LEU E 87 14.16 -86.57 -29.32
N PHE E 88 14.42 -87.74 -28.74
CA PHE E 88 14.20 -87.96 -27.31
C PHE E 88 15.16 -87.13 -26.43
N SER E 89 16.37 -86.93 -26.93
CA SER E 89 17.35 -86.06 -26.27
C SER E 89 16.91 -84.59 -26.30
N ASN E 90 16.44 -84.14 -27.46
CA ASN E 90 15.86 -82.78 -27.61
C ASN E 90 14.65 -82.54 -26.70
N ALA E 91 13.77 -83.54 -26.59
CA ALA E 91 12.62 -83.49 -25.66
C ALA E 91 13.04 -83.34 -24.21
N GLU E 92 14.05 -84.11 -23.81
CA GLU E 92 14.63 -84.03 -22.47
C GLU E 92 15.22 -82.64 -22.17
N SER E 93 15.91 -82.05 -23.14
CA SER E 93 16.45 -80.70 -23.01
C SER E 93 15.40 -79.64 -22.70
N ILE E 94 14.18 -79.80 -23.23
CA ILE E 94 13.05 -78.88 -22.90
C ILE E 94 12.04 -79.45 -21.85
N ARG E 95 12.50 -80.42 -21.07
CA ARG E 95 11.71 -81.02 -19.94
C ARG E 95 10.37 -81.61 -20.34
N LEU E 96 10.34 -82.17 -21.55
CA LEU E 96 9.14 -82.77 -22.13
C LEU E 96 9.27 -84.29 -22.04
N ILE E 97 8.34 -84.94 -21.34
CA ILE E 97 8.34 -86.41 -21.20
C ILE E 97 7.45 -87.00 -22.29
N PRO E 98 8.04 -87.68 -23.28
CA PRO E 98 7.19 -88.25 -24.36
C PRO E 98 6.22 -89.32 -23.84
N PRO E 99 4.96 -89.34 -24.36
CA PRO E 99 3.97 -90.34 -23.94
C PRO E 99 4.13 -91.71 -24.64
N LEU E 100 5.14 -91.86 -25.50
CA LEU E 100 5.49 -93.13 -26.14
C LEU E 100 6.98 -93.43 -25.93
N THR E 101 7.34 -94.72 -25.95
CA THR E 101 8.76 -95.12 -25.91
C THR E 101 9.39 -94.96 -27.29
N GLN E 102 10.73 -95.00 -27.34
CA GLN E 102 11.45 -94.96 -28.63
C GLN E 102 11.02 -96.09 -29.57
N ASP E 103 10.87 -97.30 -29.02
CA ASP E 103 10.40 -98.45 -29.80
C ASP E 103 9.01 -98.29 -30.39
N GLU E 104 8.11 -97.78 -29.55
CA GLU E 104 6.72 -97.50 -29.98
C GLU E 104 6.67 -96.49 -31.13
N VAL E 105 7.48 -95.43 -31.00
CA VAL E 105 7.61 -94.39 -32.04
C VAL E 105 8.10 -94.99 -33.37
N LYS E 106 9.15 -95.80 -33.31
CA LYS E 106 9.71 -96.45 -34.50
C LYS E 106 8.70 -97.32 -35.23
N GLU E 107 7.97 -98.12 -34.45
CA GLU E 107 6.95 -99.05 -34.98
C GLU E 107 5.80 -98.30 -35.66
N ILE E 108 5.28 -97.26 -35.00
CA ILE E 108 4.16 -96.44 -35.53
C ILE E 108 4.59 -95.67 -36.81
N ALA E 109 5.79 -95.08 -36.77
CA ALA E 109 6.35 -94.37 -37.92
C ALA E 109 6.54 -95.25 -39.16
N LEU E 110 7.09 -96.46 -38.96
CA LEU E 110 7.32 -97.40 -40.09
C LEU E 110 6.02 -97.90 -40.67
N GLU E 111 5.03 -98.15 -39.79
CA GLU E 111 3.68 -98.54 -40.23
C GLU E 111 3.06 -97.43 -41.08
N LEU E 112 3.18 -96.19 -40.63
CA LEU E 112 2.67 -95.01 -41.36
C LEU E 112 3.20 -94.95 -42.80
N VAL E 113 4.52 -95.11 -42.95
CA VAL E 113 5.17 -95.13 -44.28
C VAL E 113 4.59 -96.27 -45.13
N ALA E 114 4.50 -97.46 -44.52
CA ALA E 114 3.96 -98.66 -45.20
C ALA E 114 2.58 -98.40 -45.82
N LYS E 115 1.70 -97.77 -45.02
CA LYS E 115 0.34 -97.41 -45.45
C LYS E 115 0.27 -96.41 -46.64
N THR E 116 1.27 -95.53 -46.76
CA THR E 116 1.38 -94.62 -47.91
C THR E 116 1.85 -95.30 -49.19
N GLU E 117 2.52 -96.46 -49.04
CA GLU E 117 3.17 -97.20 -50.14
C GLU E 117 4.38 -96.49 -50.76
N LEU E 118 4.82 -95.37 -50.16
CA LEU E 118 5.93 -94.58 -50.69
C LEU E 118 7.27 -95.28 -50.44
N ARG E 119 8.03 -95.51 -51.52
CA ARG E 119 9.39 -96.07 -51.42
C ARG E 119 10.44 -94.97 -51.19
N GLU E 120 10.13 -93.75 -51.64
CA GLU E 120 10.95 -92.55 -51.39
C GLU E 120 10.09 -91.52 -50.63
N ALA E 121 10.48 -91.21 -49.39
CA ALA E 121 9.64 -90.44 -48.48
C ALA E 121 10.36 -89.63 -47.41
N MET E 122 9.63 -88.65 -46.88
CA MET E 122 10.04 -87.82 -45.74
C MET E 122 9.08 -88.05 -44.62
N VAL E 123 9.60 -88.33 -43.43
CA VAL E 123 8.76 -88.69 -42.29
C VAL E 123 9.12 -87.77 -41.11
N THR E 124 8.14 -86.99 -40.66
CA THR E 124 8.31 -86.05 -39.56
C THR E 124 7.64 -86.59 -38.31
N VAL E 125 8.39 -86.62 -37.21
CA VAL E 125 7.87 -86.95 -35.89
C VAL E 125 8.02 -85.75 -34.95
N THR E 126 6.87 -85.26 -34.45
CA THR E 126 6.77 -84.08 -33.60
C THR E 126 6.23 -84.43 -32.20
N ILE E 127 6.86 -83.86 -31.17
CA ILE E 127 6.37 -83.98 -29.79
C ILE E 127 6.07 -82.58 -29.23
N THR E 128 4.84 -82.38 -28.73
CA THR E 128 4.39 -81.09 -28.16
C THR E 128 4.00 -81.24 -26.68
N ARG E 129 3.90 -80.11 -25.97
CA ARG E 129 3.44 -80.04 -24.56
C ARG E 129 1.94 -80.37 -24.43
N GLY E 130 1.18 -80.20 -25.53
CA GLY E 130 -0.22 -80.63 -25.61
C GLY E 130 -1.28 -79.56 -25.37
N TYR E 131 -2.54 -79.99 -25.40
CA TYR E 131 -3.72 -79.10 -25.30
C TYR E 131 -4.50 -79.22 -23.98
N SER E 132 -4.00 -79.98 -23.01
CA SER E 132 -4.73 -80.21 -21.75
C SER E 132 -4.30 -79.26 -20.65
N SER E 133 -3.47 -78.29 -20.98
CA SER E 133 -2.85 -77.39 -19.98
C SER E 133 -2.39 -76.09 -20.66
N THR E 134 -1.94 -75.12 -19.86
CA THR E 134 -1.42 -73.83 -20.38
C THR E 134 0.00 -73.57 -19.83
N PRO E 135 0.77 -72.63 -20.43
CA PRO E 135 2.12 -72.32 -19.92
C PRO E 135 2.22 -71.92 -18.45
N PHE E 136 1.12 -71.40 -17.88
CA PHE E 136 1.08 -70.92 -16.50
C PHE E 136 0.62 -71.96 -15.48
N GLU E 137 0.43 -73.20 -15.93
CA GLU E 137 0.03 -74.30 -15.06
C GLU E 137 0.96 -74.42 -13.88
N ARG E 138 0.40 -74.41 -12.67
CA ARG E 138 1.17 -74.57 -11.43
C ARG E 138 1.60 -76.03 -11.18
N ASP E 139 0.76 -76.99 -11.56
CA ASP E 139 1.03 -78.38 -11.29
C ASP E 139 1.58 -79.06 -12.55
N ILE E 140 2.89 -79.30 -12.60
CA ILE E 140 3.55 -79.96 -13.77
C ILE E 140 2.97 -81.37 -14.14
N THR E 141 2.36 -82.08 -13.17
CA THR E 141 1.69 -83.38 -13.43
C THR E 141 0.44 -83.27 -14.34
N LYS E 142 -0.17 -82.07 -14.42
CA LYS E 142 -1.36 -81.82 -15.29
C LYS E 142 -1.06 -81.70 -16.81
N HIS E 143 0.20 -81.54 -17.20
CA HIS E 143 0.61 -81.51 -18.63
C HIS E 143 0.36 -82.85 -19.31
N ARG E 144 -0.24 -82.84 -20.50
CA ARG E 144 -0.50 -84.09 -21.27
C ARG E 144 0.08 -84.02 -22.69
N PRO E 145 1.37 -84.38 -22.85
CA PRO E 145 2.07 -84.26 -24.14
C PRO E 145 1.48 -85.10 -25.25
N GLN E 146 1.61 -84.60 -26.48
CA GLN E 146 1.11 -85.24 -27.69
C GLN E 146 2.20 -85.58 -28.68
N VAL E 147 2.00 -86.66 -29.44
CA VAL E 147 2.86 -87.02 -30.58
C VAL E 147 2.05 -86.94 -31.87
N TYR E 148 2.64 -86.31 -32.89
CA TYR E 148 2.04 -86.17 -34.24
C TYR E 148 3.07 -86.60 -35.27
N MET E 149 2.63 -87.33 -36.29
CA MET E 149 3.51 -87.77 -37.38
C MET E 149 2.91 -87.50 -38.75
N SER E 150 3.77 -87.28 -39.75
CA SER E 150 3.35 -87.22 -41.15
C SER E 150 4.38 -87.89 -42.08
N ALA E 151 3.88 -88.50 -43.16
CA ALA E 151 4.71 -89.11 -44.19
C ALA E 151 4.31 -88.59 -45.57
N CYS E 152 5.28 -88.07 -46.32
CA CYS E 152 5.07 -87.38 -47.60
C CYS E 152 6.13 -87.77 -48.62
N PRO E 153 5.91 -87.42 -49.90
CA PRO E 153 6.99 -87.64 -50.85
C PRO E 153 8.30 -86.92 -50.49
N TYR E 154 9.44 -87.52 -50.84
CA TYR E 154 10.76 -86.92 -50.61
C TYR E 154 10.82 -85.53 -51.26
N GLN E 155 11.35 -84.57 -50.50
CA GLN E 155 11.51 -83.18 -50.91
C GLN E 155 12.95 -82.70 -51.08
N TRP E 156 13.16 -81.86 -52.09
CA TRP E 156 14.52 -81.39 -52.43
C TRP E 156 14.66 -79.91 -52.15
N ILE E 157 15.54 -79.55 -51.22
CA ILE E 157 15.85 -78.15 -50.92
C ILE E 157 16.51 -77.45 -52.13
N VAL E 158 17.38 -78.16 -52.84
CA VAL E 158 17.93 -77.69 -54.13
C VAL E 158 17.66 -78.71 -55.27
N PRO E 159 17.40 -78.22 -56.50
CA PRO E 159 17.16 -79.15 -57.62
C PRO E 159 18.40 -79.95 -58.07
N PHE E 160 18.14 -80.97 -58.88
CA PHE E 160 19.16 -81.97 -59.29
C PHE E 160 20.33 -81.35 -60.06
N ASP E 161 20.03 -80.42 -60.96
CA ASP E 161 21.07 -79.73 -61.75
C ASP E 161 22.03 -78.91 -60.89
N ARG E 162 21.52 -78.44 -59.75
CA ARG E 162 22.28 -77.65 -58.77
C ARG E 162 23.15 -78.53 -57.85
N ILE E 163 22.71 -79.76 -57.59
CA ILE E 163 23.56 -80.79 -56.93
C ILE E 163 24.81 -81.10 -57.78
N ARG E 164 24.64 -81.13 -59.10
CA ARG E 164 25.76 -81.32 -60.05
C ARG E 164 26.63 -80.07 -60.21
N ASP E 165 26.00 -78.92 -60.47
CA ASP E 165 26.72 -77.67 -60.85
C ASP E 165 27.09 -76.71 -59.70
N GLY E 166 26.35 -76.77 -58.60
CA GLY E 166 26.61 -75.98 -57.39
C GLY E 166 25.61 -74.88 -57.15
N VAL E 167 25.65 -74.31 -55.94
CA VAL E 167 24.69 -73.26 -55.49
C VAL E 167 25.41 -71.96 -55.10
N HIS E 168 24.73 -70.82 -55.24
CA HIS E 168 25.28 -69.49 -54.90
C HIS E 168 24.85 -69.02 -53.51
N LEU E 169 25.82 -68.99 -52.58
CA LEU E 169 25.55 -68.70 -51.16
C LEU E 169 25.66 -67.20 -50.83
N MET E 170 24.89 -66.79 -49.82
CA MET E 170 24.91 -65.40 -49.29
C MET E 170 25.09 -65.42 -47.77
N VAL E 171 26.01 -64.60 -47.27
CA VAL E 171 26.12 -64.37 -45.82
C VAL E 171 25.15 -63.26 -45.40
N ALA E 172 24.22 -63.59 -44.50
CA ALA E 172 23.19 -62.61 -44.07
C ALA E 172 23.79 -61.49 -43.23
N GLN E 173 23.36 -60.26 -43.50
CA GLN E 173 23.78 -59.06 -42.74
C GLN E 173 22.66 -58.40 -41.88
N SER E 174 21.40 -58.65 -42.17
CA SER E 174 20.28 -57.98 -41.46
C SER E 174 19.76 -58.78 -40.28
N VAL E 175 20.31 -59.97 -40.07
CA VAL E 175 19.83 -60.89 -39.04
C VAL E 175 20.99 -61.81 -38.61
N ARG E 176 20.93 -62.29 -37.38
CA ARG E 176 21.85 -63.32 -36.84
C ARG E 176 21.09 -64.48 -36.16
N ARG E 177 21.75 -65.63 -36.07
CA ARG E 177 21.11 -66.84 -35.53
C ARG E 177 20.84 -66.62 -34.07
N THR E 178 19.64 -67.04 -33.65
CA THR E 178 19.24 -66.94 -32.23
C THR E 178 20.32 -67.57 -31.29
N PRO E 179 20.74 -66.84 -30.23
CA PRO E 179 21.74 -67.38 -29.30
C PRO E 179 21.28 -68.55 -28.47
N ARG E 180 22.24 -69.38 -28.04
CA ARG E 180 21.93 -70.57 -27.19
C ARG E 180 21.30 -70.14 -25.86
N SER E 181 21.63 -68.91 -25.43
CA SER E 181 21.08 -68.31 -24.21
C SER E 181 19.63 -67.78 -24.33
N SER E 182 18.99 -67.96 -25.48
CA SER E 182 17.57 -67.64 -25.67
C SER E 182 16.77 -68.85 -26.17
N ILE E 183 17.03 -69.28 -27.42
CA ILE E 183 16.35 -70.45 -28.04
C ILE E 183 17.42 -71.28 -28.74
N ASP E 184 17.72 -72.42 -28.15
CA ASP E 184 18.89 -73.23 -28.52
C ASP E 184 18.80 -73.88 -29.91
N PRO E 185 19.68 -73.50 -30.87
CA PRO E 185 19.67 -74.18 -32.17
C PRO E 185 20.03 -75.67 -32.18
N GLN E 186 20.65 -76.14 -31.10
CA GLN E 186 20.95 -77.57 -30.95
C GLN E 186 19.73 -78.42 -30.58
N VAL E 187 18.61 -77.76 -30.28
CA VAL E 187 17.29 -78.40 -30.14
C VAL E 187 16.48 -78.08 -31.39
N LYS E 188 16.24 -79.10 -32.22
CA LYS E 188 15.47 -78.89 -33.45
C LYS E 188 14.15 -78.24 -33.04
N ASN E 189 13.76 -77.18 -33.73
CA ASN E 189 12.55 -76.45 -33.35
C ASN E 189 11.88 -75.71 -34.50
N PHE E 190 10.60 -75.35 -34.29
CA PHE E 190 9.80 -74.63 -35.32
C PHE E 190 9.92 -73.11 -35.23
N GLN E 191 10.82 -72.60 -34.38
CA GLN E 191 10.91 -71.17 -34.13
C GLN E 191 11.89 -70.52 -35.08
N TRP E 192 11.39 -70.28 -36.30
CA TRP E 192 12.19 -69.89 -37.48
C TRP E 192 12.19 -68.38 -37.85
N GLY E 193 11.88 -67.52 -36.88
CA GLY E 193 11.76 -66.08 -37.13
C GLY E 193 13.00 -65.48 -37.78
N ASP E 194 14.15 -65.87 -37.27
CA ASP E 194 15.47 -65.43 -37.79
C ASP E 194 15.78 -66.06 -39.15
N LEU E 195 15.47 -67.34 -39.29
CA LEU E 195 15.70 -68.10 -40.52
C LEU E 195 14.84 -67.59 -41.70
N ILE E 196 13.60 -67.22 -41.41
CA ILE E 196 12.70 -66.62 -42.42
C ILE E 196 13.18 -65.23 -42.86
N ARG E 197 13.62 -64.42 -41.91
CA ARG E 197 14.25 -63.12 -42.23
C ARG E 197 15.43 -63.28 -43.18
N ALA E 198 16.24 -64.30 -42.94
CA ALA E 198 17.41 -64.60 -43.78
C ALA E 198 17.00 -64.97 -45.22
N ILE E 199 15.93 -65.74 -45.34
CA ILE E 199 15.39 -66.14 -46.66
C ILE E 199 14.90 -64.91 -47.43
N GLN E 200 14.23 -64.01 -46.70
CA GLN E 200 13.71 -62.76 -47.27
C GLN E 200 14.85 -61.85 -47.77
N GLU E 201 15.94 -61.79 -47.00
CA GLU E 201 17.12 -61.03 -47.40
C GLU E 201 17.75 -61.60 -48.69
N THR E 202 17.65 -62.92 -48.89
CA THR E 202 18.24 -63.54 -50.11
C THR E 202 17.45 -63.12 -51.33
N HIS E 203 16.13 -62.99 -51.19
CA HIS E 203 15.28 -62.49 -52.28
C HIS E 203 15.64 -61.04 -52.61
N ASP E 204 15.83 -60.22 -51.58
CA ASP E 204 16.19 -58.79 -51.77
C ASP E 204 17.49 -58.61 -52.52
N ARG E 205 18.49 -59.41 -52.17
CA ARG E 205 19.86 -59.26 -52.69
C ARG E 205 20.17 -60.12 -53.91
N GLY E 206 19.25 -61.02 -54.25
CA GLY E 206 19.33 -61.79 -55.50
C GLY E 206 20.23 -63.02 -55.48
N PHE E 207 20.23 -63.74 -54.36
CA PHE E 207 21.04 -64.97 -54.18
C PHE E 207 20.12 -66.18 -53.98
N GLU E 208 20.69 -67.38 -53.86
CA GLU E 208 19.89 -68.62 -53.85
C GLU E 208 19.57 -69.14 -52.45
N LEU E 209 20.58 -69.21 -51.58
CA LEU E 209 20.40 -69.61 -50.17
C LEU E 209 21.24 -68.74 -49.20
N PRO E 210 20.77 -68.56 -47.93
CA PRO E 210 21.53 -67.80 -46.93
C PRO E 210 22.25 -68.67 -45.87
N LEU E 211 23.38 -68.15 -45.42
CA LEU E 211 24.09 -68.64 -44.22
C LEU E 211 24.12 -67.53 -43.16
N LEU E 212 23.65 -67.86 -41.95
CA LEU E 212 23.65 -66.90 -40.83
C LEU E 212 24.96 -67.01 -40.02
N LEU E 213 25.33 -65.89 -39.39
CA LEU E 213 26.39 -65.83 -38.36
C LEU E 213 25.79 -65.80 -36.93
N ASP E 214 26.62 -66.13 -35.94
CA ASP E 214 26.23 -66.07 -34.51
C ASP E 214 26.59 -64.72 -33.86
N CYS E 215 26.30 -64.56 -32.57
CA CYS E 215 26.67 -63.30 -31.87
C CYS E 215 28.14 -62.88 -31.91
N ASP E 216 29.06 -63.84 -31.99
CA ASP E 216 30.50 -63.57 -32.12
C ASP E 216 30.97 -63.41 -33.58
N ASN E 217 30.02 -63.32 -34.52
CA ASN E 217 30.31 -63.23 -35.97
C ASN E 217 31.03 -64.46 -36.57
N LEU E 218 30.80 -65.62 -35.95
CA LEU E 218 31.31 -66.88 -36.44
C LEU E 218 30.21 -67.65 -37.18
N LEU E 219 30.61 -68.55 -38.08
CA LEU E 219 29.66 -69.29 -38.92
C LEU E 219 28.67 -70.05 -38.06
N ALA E 220 27.38 -69.98 -38.41
CA ALA E 220 26.33 -70.71 -37.70
C ALA E 220 25.75 -71.82 -38.59
N GLU E 221 24.57 -71.60 -39.16
CA GLU E 221 23.91 -72.57 -40.05
C GLU E 221 22.92 -71.81 -40.94
N GLY E 222 22.26 -72.55 -41.85
CA GLY E 222 21.24 -72.02 -42.75
C GLY E 222 19.86 -72.55 -42.47
N PRO E 223 18.82 -72.10 -43.22
CA PRO E 223 17.45 -72.54 -42.96
C PRO E 223 17.24 -73.96 -43.44
N GLY E 224 17.27 -74.90 -42.50
CA GLY E 224 17.11 -76.32 -42.81
C GLY E 224 18.37 -77.06 -43.25
N PHE E 225 19.54 -76.47 -43.03
CA PHE E 225 20.80 -77.11 -43.42
C PHE E 225 22.03 -76.68 -42.61
N ASN E 226 23.00 -77.60 -42.51
CA ASN E 226 24.35 -77.31 -41.97
C ASN E 226 25.34 -76.97 -43.11
N VAL E 227 26.39 -76.23 -42.77
CA VAL E 227 27.47 -75.86 -43.72
C VAL E 227 28.78 -76.58 -43.35
N VAL E 228 29.57 -76.91 -44.37
CA VAL E 228 30.86 -77.58 -44.20
C VAL E 228 31.91 -76.87 -45.05
N VAL E 229 33.11 -76.69 -44.48
CA VAL E 229 34.19 -75.92 -45.09
C VAL E 229 35.46 -76.77 -45.20
N ILE E 230 36.03 -76.83 -46.42
CA ILE E 230 37.22 -77.65 -46.72
C ILE E 230 38.44 -76.76 -47.10
N LYS E 231 39.55 -76.97 -46.38
CA LYS E 231 40.77 -76.19 -46.56
C LYS E 231 42.01 -77.04 -46.27
N ASP E 232 42.91 -77.11 -47.27
CA ASP E 232 44.16 -77.89 -47.20
C ASP E 232 43.93 -79.31 -46.68
N GLY E 233 42.91 -79.97 -47.25
CA GLY E 233 42.55 -81.35 -46.86
C GLY E 233 41.92 -81.57 -45.49
N VAL E 234 41.64 -80.48 -44.76
CA VAL E 234 40.97 -80.55 -43.46
C VAL E 234 39.49 -80.15 -43.64
N VAL E 235 38.61 -80.98 -43.09
CA VAL E 235 37.14 -80.82 -43.22
C VAL E 235 36.56 -80.34 -41.89
N ARG E 236 35.95 -79.15 -41.90
CA ARG E 236 35.42 -78.49 -40.68
C ARG E 236 33.93 -78.08 -40.81
N SER E 237 33.19 -78.15 -39.71
CA SER E 237 31.79 -77.67 -39.65
C SER E 237 31.52 -76.95 -38.31
N PRO E 238 30.70 -75.87 -38.31
CA PRO E 238 30.35 -75.20 -37.05
C PRO E 238 29.83 -76.09 -35.92
N GLY E 239 30.46 -75.95 -34.74
CA GLY E 239 30.09 -76.71 -33.54
C GLY E 239 29.03 -76.11 -32.60
N ARG E 240 28.88 -74.78 -32.60
CA ARG E 240 28.00 -74.11 -31.62
C ARG E 240 26.58 -73.82 -32.12
N ALA E 241 26.42 -72.78 -32.93
CA ALA E 241 25.10 -72.27 -33.33
C ALA E 241 24.56 -73.04 -34.54
N ALA E 242 24.37 -74.35 -34.35
CA ALA E 242 24.03 -75.27 -35.42
C ALA E 242 23.41 -76.54 -34.88
N LEU E 243 22.41 -77.05 -35.56
CA LEU E 243 21.82 -78.33 -35.22
C LEU E 243 22.89 -79.43 -35.40
N PRO E 244 23.02 -80.36 -34.44
CA PRO E 244 23.77 -81.60 -34.72
C PRO E 244 23.07 -82.49 -35.74
N GLY E 245 23.28 -82.17 -37.02
CA GLY E 245 22.63 -82.86 -38.12
C GLY E 245 23.09 -84.30 -38.31
N ILE E 246 22.16 -85.16 -38.70
CA ILE E 246 22.42 -86.57 -39.02
C ILE E 246 23.16 -86.65 -40.37
N THR E 247 22.80 -85.77 -41.32
CA THR E 247 23.54 -85.68 -42.59
C THR E 247 24.98 -85.19 -42.36
N ARG E 248 25.14 -84.15 -41.53
CA ARG E 248 26.48 -83.65 -41.11
C ARG E 248 27.36 -84.77 -40.53
N LYS E 249 26.78 -85.53 -39.60
CA LYS E 249 27.45 -86.69 -38.97
C LYS E 249 27.93 -87.69 -40.02
N THR E 250 27.07 -88.01 -40.98
CA THR E 250 27.41 -88.89 -42.10
C THR E 250 28.56 -88.30 -42.95
N VAL E 251 28.47 -87.01 -43.28
CA VAL E 251 29.51 -86.31 -44.09
C VAL E 251 30.89 -86.40 -43.42
N LEU E 252 30.95 -86.15 -42.11
CA LEU E 252 32.22 -86.22 -41.37
C LEU E 252 32.79 -87.65 -41.25
N GLU E 253 31.90 -88.64 -41.05
CA GLU E 253 32.29 -90.05 -41.10
C GLU E 253 32.89 -90.43 -42.47
N ILE E 254 32.23 -90.00 -43.55
CA ILE E 254 32.73 -90.21 -44.92
C ILE E 254 34.12 -89.58 -45.12
N ALA E 255 34.27 -88.34 -44.65
CA ALA E 255 35.55 -87.63 -44.76
C ALA E 255 36.70 -88.41 -44.08
N GLU E 256 36.44 -88.95 -42.89
CA GLU E 256 37.43 -89.80 -42.18
C GLU E 256 37.77 -91.07 -42.93
N SER E 257 36.76 -91.72 -43.54
CA SER E 257 36.95 -92.88 -44.43
C SER E 257 37.90 -92.56 -45.58
N LEU E 258 37.79 -91.36 -46.13
CA LEU E 258 38.66 -90.90 -47.23
C LEU E 258 40.05 -90.42 -46.76
N GLY E 259 40.35 -90.53 -45.47
CA GLY E 259 41.66 -90.17 -44.93
C GLY E 259 41.87 -88.70 -44.59
N HIS E 260 40.77 -87.94 -44.45
CA HIS E 260 40.83 -86.52 -44.06
C HIS E 260 40.54 -86.36 -42.57
N GLU E 261 41.24 -85.41 -41.94
CA GLU E 261 40.87 -84.96 -40.59
C GLU E 261 39.51 -84.24 -40.70
N ALA E 262 38.57 -84.63 -39.84
CA ALA E 262 37.18 -84.15 -39.89
C ALA E 262 36.71 -83.74 -38.49
N ILE E 263 36.48 -82.46 -38.29
CA ILE E 263 36.23 -81.91 -36.93
C ILE E 263 35.14 -80.82 -36.87
N LEU E 264 34.52 -80.72 -35.69
CA LEU E 264 33.67 -79.57 -35.36
C LEU E 264 34.56 -78.45 -34.87
N ALA E 265 34.25 -77.22 -35.28
CA ALA E 265 35.11 -76.06 -35.00
C ALA E 265 34.40 -74.70 -35.14
N ASP E 266 35.07 -73.68 -34.63
CA ASP E 266 34.68 -72.27 -34.83
C ASP E 266 35.34 -71.75 -36.12
N ILE E 267 34.53 -71.22 -37.03
CA ILE E 267 34.98 -70.84 -38.36
C ILE E 267 34.64 -69.37 -38.65
N THR E 268 35.64 -68.60 -39.11
CA THR E 268 35.47 -67.17 -39.41
C THR E 268 34.98 -66.92 -40.84
N PRO E 269 34.39 -65.74 -41.12
CA PRO E 269 34.03 -65.39 -42.50
C PRO E 269 35.23 -65.33 -43.47
N ALA E 270 36.39 -64.84 -43.00
CA ALA E 270 37.62 -64.84 -43.80
C ALA E 270 38.00 -66.23 -44.30
N GLU E 271 37.94 -67.19 -43.39
CA GLU E 271 38.15 -68.62 -43.70
C GLU E 271 37.16 -69.19 -44.73
N LEU E 272 35.90 -68.73 -44.66
CA LEU E 272 34.85 -69.16 -45.63
C LEU E 272 35.19 -68.69 -47.03
N TYR E 273 35.53 -67.41 -47.17
CA TYR E 273 35.90 -66.82 -48.48
C TYR E 273 37.17 -67.44 -49.05
N ASP E 274 38.12 -67.76 -48.18
CA ASP E 274 39.43 -68.33 -48.56
C ASP E 274 39.44 -69.88 -48.67
N ALA E 275 38.27 -70.52 -48.58
CA ALA E 275 38.20 -71.99 -48.61
C ALA E 275 38.51 -72.61 -49.98
N ASP E 276 39.05 -73.85 -49.97
CA ASP E 276 39.21 -74.65 -51.20
C ASP E 276 37.84 -75.10 -51.73
N GLU E 277 37.03 -75.67 -50.83
CA GLU E 277 35.67 -76.14 -51.13
C GLU E 277 34.68 -75.79 -50.00
N VAL E 278 33.41 -75.58 -50.38
CA VAL E 278 32.31 -75.37 -49.43
C VAL E 278 31.08 -76.21 -49.87
N LEU E 279 30.41 -76.84 -48.91
CA LEU E 279 29.19 -77.60 -49.20
C LEU E 279 28.08 -77.40 -48.16
N GLY E 280 26.87 -77.82 -48.54
CA GLY E 280 25.69 -77.82 -47.67
C GLY E 280 25.12 -79.23 -47.53
N CYS E 281 24.46 -79.50 -46.40
CA CYS E 281 23.87 -80.81 -46.15
C CYS E 281 22.61 -80.79 -45.28
N SER E 282 21.70 -81.73 -45.57
CA SER E 282 20.40 -81.85 -44.88
C SER E 282 19.69 -83.16 -45.25
N THR E 283 18.82 -83.68 -44.37
CA THR E 283 17.91 -84.78 -44.71
C THR E 283 17.07 -84.43 -45.96
N GLY E 284 16.70 -83.15 -46.07
CA GLY E 284 15.98 -82.65 -47.23
C GLY E 284 16.80 -82.31 -48.45
N GLY E 285 17.39 -83.33 -49.07
CA GLY E 285 18.17 -83.17 -50.32
C GLY E 285 19.54 -83.83 -50.37
N GLY E 286 20.03 -84.23 -49.20
CA GLY E 286 21.32 -84.88 -49.05
C GLY E 286 22.47 -83.90 -48.96
N VAL E 287 23.34 -83.92 -49.96
CA VAL E 287 24.57 -83.11 -49.99
C VAL E 287 24.69 -82.40 -51.33
N TRP E 288 25.16 -81.15 -51.29
CA TRP E 288 25.34 -80.31 -52.49
C TRP E 288 26.49 -79.29 -52.33
N PRO E 289 27.06 -78.80 -53.45
CA PRO E 289 28.13 -77.82 -53.38
C PRO E 289 27.67 -76.37 -53.33
N PHE E 290 28.46 -75.55 -52.65
CA PHE E 290 28.35 -74.09 -52.69
C PHE E 290 29.59 -73.56 -53.42
N VAL E 291 29.37 -73.02 -54.62
CA VAL E 291 30.48 -72.60 -55.53
C VAL E 291 30.87 -71.12 -55.48
N SER E 292 30.03 -70.30 -54.85
CA SER E 292 30.34 -68.89 -54.60
C SER E 292 29.70 -68.39 -53.29
N VAL E 293 30.29 -67.34 -52.71
CA VAL E 293 29.76 -66.67 -51.51
C VAL E 293 29.74 -65.15 -51.72
N ASP E 294 28.56 -64.53 -51.62
CA ASP E 294 28.39 -63.07 -51.87
C ASP E 294 28.89 -62.64 -53.27
N GLY E 295 28.72 -63.53 -54.26
CA GLY E 295 29.22 -63.31 -55.62
C GLY E 295 30.70 -63.57 -55.88
N ASN E 296 31.45 -63.90 -54.83
CA ASN E 296 32.88 -64.26 -54.93
C ASN E 296 33.04 -65.77 -55.15
N SER E 297 33.82 -66.17 -56.15
CA SER E 297 33.96 -67.61 -56.46
C SER E 297 34.73 -68.30 -55.34
N ILE E 298 34.35 -69.54 -55.05
CA ILE E 298 35.13 -70.43 -54.17
C ILE E 298 36.07 -71.25 -55.04
N SER E 299 37.39 -71.07 -54.84
CA SER E 299 38.43 -71.59 -55.77
C SER E 299 38.08 -71.12 -57.23
N ASP E 300 37.98 -72.07 -58.15
CA ASP E 300 37.69 -71.80 -59.57
C ASP E 300 36.18 -71.79 -59.90
N GLY E 301 35.32 -71.73 -58.88
CA GLY E 301 33.87 -71.57 -59.08
C GLY E 301 33.10 -72.80 -59.56
N VAL E 302 33.74 -73.96 -59.55
CA VAL E 302 33.08 -75.23 -59.91
C VAL E 302 33.19 -76.21 -58.74
N PRO E 303 32.25 -77.18 -58.62
CA PRO E 303 32.31 -78.12 -57.49
C PRO E 303 33.66 -78.84 -57.38
N GLY E 304 34.22 -78.82 -56.18
CA GLY E 304 35.53 -79.41 -55.92
C GLY E 304 35.48 -80.93 -55.89
N PRO E 305 36.67 -81.56 -56.02
CA PRO E 305 36.76 -83.03 -56.06
C PRO E 305 36.44 -83.79 -54.75
N VAL E 306 36.79 -83.21 -53.60
CA VAL E 306 36.44 -83.80 -52.29
C VAL E 306 34.91 -83.81 -52.07
N THR E 307 34.27 -82.67 -52.39
CA THR E 307 32.80 -82.53 -52.34
C THR E 307 32.11 -83.59 -53.20
N GLN E 308 32.58 -83.75 -54.44
CA GLN E 308 32.03 -84.74 -55.39
C GLN E 308 32.10 -86.19 -54.88
N SER E 309 33.23 -86.55 -54.29
CA SER E 309 33.39 -87.88 -53.72
C SER E 309 32.48 -88.13 -52.50
N ILE E 310 32.29 -87.07 -51.69
CA ILE E 310 31.38 -87.11 -50.51
C ILE E 310 29.91 -87.29 -50.97
N ILE E 311 29.49 -86.51 -51.97
CA ILE E 311 28.13 -86.62 -52.55
C ILE E 311 27.82 -88.04 -53.06
N ARG E 312 28.75 -88.60 -53.84
CA ARG E 312 28.58 -89.93 -54.43
C ARG E 312 28.55 -91.00 -53.33
N ARG E 313 29.47 -90.92 -52.37
CA ARG E 313 29.53 -91.91 -51.28
C ARG E 313 28.25 -91.86 -50.40
N TYR E 314 27.71 -90.65 -50.16
CA TYR E 314 26.45 -90.49 -49.38
C TYR E 314 25.32 -91.30 -50.00
N TRP E 315 25.16 -91.14 -51.32
CA TRP E 315 24.08 -91.86 -52.02
C TRP E 315 24.34 -93.37 -52.14
N GLU E 316 25.61 -93.78 -52.23
CA GLU E 316 25.95 -95.22 -52.09
C GLU E 316 25.49 -95.81 -50.76
N LEU E 317 25.70 -95.07 -49.68
CA LEU E 317 25.25 -95.51 -48.35
C LEU E 317 23.75 -95.63 -48.16
N ASN E 318 22.99 -94.95 -49.01
CA ASN E 318 21.52 -95.06 -49.03
C ASN E 318 20.97 -96.35 -49.62
N VAL E 319 21.80 -97.08 -50.40
CA VAL E 319 21.41 -98.33 -51.10
C VAL E 319 22.18 -99.58 -50.64
N GLU E 320 23.49 -99.47 -50.38
CA GLU E 320 24.32 -100.64 -50.01
C GLU E 320 23.96 -101.21 -48.61
N PRO E 321 23.71 -102.54 -48.49
CA PRO E 321 23.16 -103.24 -47.27
C PRO E 321 23.80 -103.36 -45.81
N SER E 322 23.58 -102.26 -45.10
CA SER E 322 24.37 -101.91 -43.89
C SER E 322 23.45 -101.71 -42.69
N SER E 323 24.05 -101.54 -41.51
CA SER E 323 23.30 -101.21 -40.28
C SER E 323 22.69 -99.78 -40.25
N LEU E 324 23.06 -98.95 -41.23
CA LEU E 324 22.39 -97.65 -41.46
C LEU E 324 20.95 -97.75 -41.99
N LEU E 325 20.59 -98.91 -42.54
CA LEU E 325 19.29 -99.09 -43.22
C LEU E 325 18.32 -100.01 -42.47
N THR E 326 17.05 -99.60 -42.43
CA THR E 326 15.96 -100.35 -41.78
C THR E 326 14.85 -100.56 -42.83
N PRO E 327 14.54 -101.84 -43.18
CA PRO E 327 13.52 -102.07 -44.21
C PRO E 327 12.10 -101.78 -43.74
N VAL E 328 11.33 -101.11 -44.61
CA VAL E 328 9.89 -100.87 -44.41
C VAL E 328 9.10 -102.10 -44.90
N GLN E 329 8.18 -102.59 -44.07
CA GLN E 329 7.39 -103.81 -44.38
C GLN E 329 6.09 -103.42 -45.14
N TYR E 330 6.18 -103.29 -46.47
CA TYR E 330 5.02 -102.91 -47.31
C TYR E 330 3.94 -103.99 -47.43
N GLU F 9 0.88 82.97 60.47
CA GLU F 9 0.25 84.31 60.55
C GLU F 9 -0.83 84.43 59.44
N ILE F 10 -2.11 84.41 59.83
CA ILE F 10 -3.28 84.50 58.89
C ILE F 10 -3.33 85.89 58.25
N VAL F 11 -3.35 85.97 56.91
CA VAL F 11 -3.63 87.22 56.17
C VAL F 11 -5.16 87.37 55.96
N TYR F 12 -5.74 88.41 56.55
CA TYR F 12 -7.20 88.68 56.50
C TYR F 12 -7.61 90.09 56.01
N THR F 13 -6.64 90.96 55.73
CA THR F 13 -6.88 92.28 55.05
C THR F 13 -5.76 92.62 54.05
N HIS F 14 -6.06 93.55 53.15
CA HIS F 14 -5.11 94.11 52.16
C HIS F 14 -5.43 95.59 51.88
N ASP F 15 -4.43 96.37 51.48
CA ASP F 15 -4.64 97.65 50.77
C ASP F 15 -4.75 97.28 49.27
N THR F 16 -5.89 97.61 48.67
CA THR F 16 -6.24 97.12 47.32
C THR F 16 -5.68 97.94 46.13
N GLY F 17 -5.45 99.23 46.34
CA GLY F 17 -5.06 100.15 45.24
C GLY F 17 -6.25 100.53 44.34
N LEU F 18 -7.47 100.28 44.82
CA LEU F 18 -8.73 100.55 44.11
C LEU F 18 -9.73 101.24 45.08
N ASP F 19 -10.21 102.41 44.67
CA ASP F 19 -11.10 103.24 45.50
C ASP F 19 -12.45 102.57 45.86
N TYR F 20 -12.92 101.66 45.00
CA TYR F 20 -14.22 100.96 45.15
C TYR F 20 -14.18 99.62 45.93
N ILE F 21 -12.99 99.12 46.28
CA ILE F 21 -12.83 97.92 47.16
C ILE F 21 -12.02 98.27 48.41
N THR F 22 -12.68 98.26 49.57
CA THR F 22 -12.04 98.57 50.84
C THR F 22 -12.38 97.53 51.92
N TYR F 23 -11.34 96.91 52.46
CA TYR F 23 -11.46 96.01 53.61
C TYR F 23 -11.80 96.78 54.89
N SER F 24 -12.26 96.05 55.90
CA SER F 24 -12.56 96.61 57.23
C SER F 24 -11.29 96.81 58.04
N ASP F 25 -11.31 97.82 58.91
CA ASP F 25 -10.17 98.15 59.80
C ASP F 25 -10.42 97.61 61.21
N TYR F 26 -9.81 96.47 61.52
CA TYR F 26 -10.05 95.79 62.80
C TYR F 26 -8.93 94.77 63.08
N GLU F 27 -8.94 94.21 64.31
CA GLU F 27 -7.93 93.23 64.76
C GLU F 27 -8.62 91.96 65.30
N LEU F 28 -8.05 90.81 64.99
CA LEU F 28 -8.56 89.52 65.49
C LEU F 28 -8.13 89.32 66.92
N ASP F 29 -9.04 88.80 67.74
CA ASP F 29 -8.75 88.44 69.14
C ASP F 29 -7.90 87.14 69.22
N PRO F 30 -6.62 87.25 69.62
CA PRO F 30 -5.78 86.04 69.68
C PRO F 30 -6.17 85.03 70.79
N ALA F 31 -6.97 85.45 71.76
CA ALA F 31 -7.53 84.53 72.80
C ALA F 31 -8.61 83.57 72.27
N ASN F 32 -9.22 83.93 71.14
CA ASN F 32 -10.24 83.12 70.48
C ASN F 32 -9.59 82.03 69.58
N PRO F 33 -9.77 80.72 69.93
CA PRO F 33 -9.16 79.64 69.11
C PRO F 33 -9.74 79.46 67.69
N LEU F 34 -10.91 80.05 67.43
CA LEU F 34 -11.57 80.04 66.11
C LEU F 34 -11.35 81.30 65.27
N ALA F 35 -10.64 82.28 65.82
CA ALA F 35 -10.42 83.54 65.10
C ALA F 35 -9.67 83.35 63.79
N GLY F 36 -10.18 83.96 62.73
CA GLY F 36 -9.53 83.94 61.39
C GLY F 36 -9.80 82.73 60.51
N GLY F 37 -10.61 81.79 61.00
CA GLY F 37 -10.93 80.58 60.26
C GLY F 37 -11.47 79.45 61.13
N ALA F 38 -12.53 78.79 60.65
CA ALA F 38 -13.19 77.70 61.40
C ALA F 38 -14.11 76.84 60.51
N ALA F 39 -14.57 75.72 61.07
CA ALA F 39 -15.47 74.80 60.37
C ALA F 39 -16.60 74.30 61.28
N TRP F 40 -17.69 73.84 60.67
CA TRP F 40 -18.80 73.16 61.38
C TRP F 40 -18.91 71.75 60.83
N ILE F 41 -18.65 70.76 61.68
CA ILE F 41 -18.62 69.34 61.30
C ILE F 41 -19.37 68.49 62.32
N GLU F 42 -20.42 67.78 61.87
CA GLU F 42 -21.23 66.87 62.71
C GLU F 42 -21.68 67.51 64.03
N GLY F 43 -22.22 68.74 63.94
CA GLY F 43 -22.73 69.48 65.11
C GLY F 43 -21.74 70.31 65.92
N ALA F 44 -20.44 70.26 65.58
CA ALA F 44 -19.39 70.92 66.37
C ALA F 44 -18.71 72.06 65.59
N PHE F 45 -18.49 73.19 66.26
CA PHE F 45 -17.64 74.29 65.75
C PHE F 45 -16.16 74.02 66.11
N VAL F 46 -15.30 73.88 65.10
CA VAL F 46 -13.90 73.46 65.30
C VAL F 46 -12.91 74.34 64.55
N PRO F 47 -11.63 74.38 64.99
CA PRO F 47 -10.59 75.10 64.20
C PRO F 47 -10.13 74.35 62.94
N PRO F 48 -9.46 75.04 62.00
CA PRO F 48 -9.08 74.42 60.72
C PRO F 48 -8.27 73.11 60.83
N SER F 49 -7.33 73.05 61.76
CA SER F 49 -6.51 71.86 61.98
C SER F 49 -7.30 70.63 62.43
N GLU F 50 -8.45 70.82 63.07
CA GLU F 50 -9.36 69.70 63.43
C GLU F 50 -10.54 69.48 62.44
N ALA F 51 -10.55 70.21 61.34
CA ALA F 51 -11.62 70.13 60.33
C ALA F 51 -11.41 68.96 59.36
N ARG F 52 -11.93 67.81 59.76
CA ARG F 52 -11.70 66.57 59.04
C ARG F 52 -13.01 65.81 58.83
N ILE F 53 -13.11 65.07 57.71
CA ILE F 53 -14.25 64.17 57.47
C ILE F 53 -13.84 62.71 57.25
N SER F 54 -14.79 61.81 57.52
CA SER F 54 -14.60 60.38 57.31
C SER F 54 -14.29 60.02 55.85
N ILE F 55 -13.25 59.20 55.64
CA ILE F 55 -12.94 58.66 54.30
C ILE F 55 -14.02 57.73 53.79
N PHE F 56 -14.87 57.25 54.70
CA PHE F 56 -16.05 56.44 54.34
C PHE F 56 -17.31 57.26 53.94
N ASP F 57 -17.21 58.59 53.97
CA ASP F 57 -18.26 59.43 53.39
C ASP F 57 -18.23 59.34 51.85
N GLN F 58 -19.38 58.97 51.28
CA GLN F 58 -19.56 58.90 49.83
C GLN F 58 -19.30 60.22 49.08
N GLY F 59 -19.48 61.35 49.80
CA GLY F 59 -19.04 62.68 49.32
C GLY F 59 -17.57 62.74 48.89
N PHE F 60 -16.75 61.88 49.49
CA PHE F 60 -15.36 61.68 49.07
C PHE F 60 -15.24 60.64 47.93
N TYR F 61 -15.51 59.36 48.23
CA TYR F 61 -15.10 58.26 47.34
C TYR F 61 -16.00 58.03 46.10
N THR F 62 -17.18 58.65 46.07
CA THR F 62 -17.98 58.74 44.81
C THR F 62 -18.37 60.18 44.43
N SER F 63 -17.72 61.13 45.10
CA SER F 63 -18.01 62.56 44.97
C SER F 63 -19.51 62.87 44.94
N ASP F 64 -20.26 62.10 45.73
CA ASP F 64 -21.72 62.14 45.75
C ASP F 64 -22.17 63.29 46.66
N ALA F 65 -22.11 64.49 46.08
CA ALA F 65 -22.25 65.72 46.85
C ALA F 65 -22.52 66.92 45.95
N THR F 66 -23.08 67.95 46.55
CA THR F 66 -23.18 69.27 45.95
C THR F 66 -22.85 70.34 47.00
N TYR F 67 -22.69 71.58 46.55
CA TYR F 67 -22.30 72.68 47.43
C TYR F 67 -22.64 74.06 46.88
N THR F 68 -22.45 75.06 47.74
CA THR F 68 -22.35 76.47 47.32
C THR F 68 -21.36 77.26 48.17
N THR F 69 -20.86 78.35 47.61
CA THR F 69 -19.92 79.24 48.31
C THR F 69 -20.46 80.67 48.23
N PHE F 70 -20.82 81.22 49.38
CA PHE F 70 -21.20 82.64 49.47
C PHE F 70 -20.10 83.47 50.14
N HIS F 71 -20.21 84.79 50.06
CA HIS F 71 -19.22 85.68 50.71
C HIS F 71 -19.84 86.72 51.63
N VAL F 72 -19.00 87.20 52.53
CA VAL F 72 -19.32 88.27 53.47
C VAL F 72 -18.36 89.43 53.18
N TRP F 73 -18.92 90.64 53.06
CA TRP F 73 -18.13 91.87 52.85
C TRP F 73 -18.57 92.98 53.82
N ASN F 74 -17.60 93.60 54.49
CA ASN F 74 -17.84 94.63 55.53
C ASN F 74 -18.95 94.20 56.52
N GLY F 75 -18.86 92.97 57.00
CA GLY F 75 -19.82 92.43 57.97
C GLY F 75 -21.21 92.00 57.49
N ASN F 76 -21.44 92.02 56.17
CA ASN F 76 -22.71 91.61 55.58
C ASN F 76 -22.57 90.44 54.59
N ALA F 77 -23.39 89.41 54.75
CA ALA F 77 -23.48 88.34 53.76
C ALA F 77 -24.23 88.80 52.49
N PHE F 78 -23.67 88.46 51.33
CA PHE F 78 -24.19 88.88 50.03
C PHE F 78 -25.06 87.79 49.37
N ARG F 79 -26.34 88.13 49.16
CA ARG F 79 -27.32 87.25 48.49
C ARG F 79 -27.38 85.82 49.09
N LEU F 80 -27.43 85.76 50.43
CA LEU F 80 -27.55 84.51 51.16
C LEU F 80 -28.77 83.67 50.75
N GLY F 81 -29.91 84.33 50.60
CA GLY F 81 -31.15 83.61 50.23
C GLY F 81 -31.05 82.90 48.89
N ASP F 82 -30.55 83.61 47.88
CA ASP F 82 -30.33 83.03 46.55
C ASP F 82 -29.39 81.83 46.58
N HIS F 83 -28.32 81.96 47.37
CA HIS F 83 -27.29 80.90 47.53
C HIS F 83 -27.82 79.60 48.13
N ILE F 84 -28.52 79.70 49.25
CA ILE F 84 -29.11 78.53 49.91
C ILE F 84 -30.28 77.91 49.06
N GLU F 85 -31.03 78.75 48.33
CA GLU F 85 -32.09 78.26 47.42
C GLU F 85 -31.46 77.43 46.30
N ARG F 86 -30.37 77.93 45.72
CA ARG F 86 -29.63 77.17 44.69
C ARG F 86 -29.05 75.83 45.23
N LEU F 87 -28.48 75.89 46.42
CA LEU F 87 -27.96 74.69 47.06
C LEU F 87 -29.02 73.60 47.21
N PHE F 88 -30.19 73.98 47.74
CA PHE F 88 -31.29 73.04 47.97
C PHE F 88 -31.89 72.51 46.67
N SER F 89 -31.91 73.36 45.66
CA SER F 89 -32.32 72.97 44.31
C SER F 89 -31.35 71.96 43.68
N ASN F 90 -30.05 72.25 43.81
CA ASN F 90 -28.98 71.32 43.37
C ASN F 90 -29.05 69.96 44.07
N ALA F 91 -29.31 69.97 45.38
CA ALA F 91 -29.51 68.73 46.15
C ALA F 91 -30.67 67.91 45.60
N GLU F 92 -31.78 68.59 45.35
CA GLU F 92 -32.97 67.94 44.79
C GLU F 92 -32.67 67.29 43.44
N SER F 93 -31.92 67.99 42.58
CA SER F 93 -31.53 67.45 41.28
C SER F 93 -30.81 66.10 41.35
N ILE F 94 -29.99 65.90 42.39
CA ILE F 94 -29.31 64.61 42.63
C ILE F 94 -30.00 63.69 43.68
N ARG F 95 -31.29 63.94 43.94
CA ARG F 95 -32.13 63.14 44.88
C ARG F 95 -31.59 63.02 46.30
N LEU F 96 -31.00 64.10 46.77
CA LEU F 96 -30.39 64.18 48.08
C LEU F 96 -31.31 65.02 48.97
N ILE F 97 -31.77 64.44 50.08
CA ILE F 97 -32.66 65.14 51.04
C ILE F 97 -31.82 65.71 52.16
N PRO F 98 -31.71 67.05 52.23
CA PRO F 98 -30.85 67.61 53.28
C PRO F 98 -31.41 67.35 54.69
N PRO F 99 -30.53 67.02 55.68
CA PRO F 99 -30.95 66.80 57.07
C PRO F 99 -31.20 68.09 57.87
N LEU F 100 -31.04 69.26 57.25
CA LEU F 100 -31.39 70.56 57.86
C LEU F 100 -32.31 71.35 56.92
N THR F 101 -33.12 72.25 57.49
CA THR F 101 -33.93 73.18 56.67
C THR F 101 -33.07 74.33 56.17
N GLN F 102 -33.59 75.08 55.18
CA GLN F 102 -32.89 76.30 54.70
C GLN F 102 -32.62 77.32 55.82
N ASP F 103 -33.61 77.53 56.68
CA ASP F 103 -33.46 78.44 57.84
C ASP F 103 -32.36 77.98 58.79
N GLU F 104 -32.35 76.68 59.09
CA GLU F 104 -31.35 76.10 60.01
C GLU F 104 -29.92 76.30 59.45
N VAL F 105 -29.78 76.05 58.15
CA VAL F 105 -28.49 76.24 57.43
C VAL F 105 -28.00 77.69 57.50
N LYS F 106 -28.90 78.64 57.23
CA LYS F 106 -28.60 80.07 57.32
C LYS F 106 -28.10 80.50 58.71
N GLU F 107 -28.82 80.04 59.74
CA GLU F 107 -28.53 80.38 61.13
C GLU F 107 -27.15 79.84 61.56
N ILE F 108 -26.87 78.59 61.22
CA ILE F 108 -25.59 77.92 61.57
C ILE F 108 -24.40 78.57 60.83
N ALA F 109 -24.60 78.83 59.54
CA ALA F 109 -23.57 79.47 58.69
C ALA F 109 -23.18 80.88 59.19
N LEU F 110 -24.20 81.69 59.53
CA LEU F 110 -23.99 83.05 60.05
C LEU F 110 -23.25 83.02 61.40
N GLU F 111 -23.64 82.08 62.26
CA GLU F 111 -22.98 81.90 63.52
C GLU F 111 -21.49 81.56 63.32
N LEU F 112 -21.22 80.63 62.40
CA LEU F 112 -19.87 80.21 62.10
C LEU F 112 -18.97 81.40 61.74
N VAL F 113 -19.47 82.26 60.85
CA VAL F 113 -18.76 83.50 60.47
C VAL F 113 -18.50 84.39 61.70
N ALA F 114 -19.54 84.59 62.51
CA ALA F 114 -19.44 85.38 63.74
C ALA F 114 -18.29 84.92 64.64
N LYS F 115 -18.21 83.61 64.86
CA LYS F 115 -17.13 83.00 65.68
C LYS F 115 -15.69 83.24 65.14
N THR F 116 -15.54 83.36 63.82
CA THR F 116 -14.24 83.67 63.19
C THR F 116 -13.84 85.12 63.34
N GLU F 117 -14.83 85.99 63.60
CA GLU F 117 -14.68 87.45 63.68
C GLU F 117 -14.33 88.10 62.33
N LEU F 118 -14.38 87.32 61.24
CA LEU F 118 -14.02 87.82 59.93
C LEU F 118 -15.12 88.73 59.35
N ARG F 119 -14.75 89.96 58.98
CA ARG F 119 -15.65 90.91 58.29
C ARG F 119 -15.67 90.71 56.77
N GLU F 120 -14.57 90.18 56.25
CA GLU F 120 -14.44 89.80 54.83
C GLU F 120 -14.11 88.32 54.74
N ALA F 121 -15.02 87.53 54.16
CA ALA F 121 -14.94 86.08 54.25
C ALA F 121 -15.59 85.28 53.12
N MET F 122 -15.20 84.02 53.02
CA MET F 122 -15.78 83.02 52.10
C MET F 122 -16.35 81.92 52.92
N VAL F 123 -17.58 81.55 52.63
CA VAL F 123 -18.30 80.53 53.44
C VAL F 123 -18.85 79.44 52.52
N THR F 124 -18.36 78.22 52.72
CA THR F 124 -18.74 77.07 51.90
C THR F 124 -19.68 76.18 52.69
N VAL F 125 -20.82 75.86 52.07
CA VAL F 125 -21.78 74.87 52.60
C VAL F 125 -21.89 73.70 51.65
N THR F 126 -21.54 72.51 52.17
CA THR F 126 -21.53 71.25 51.43
C THR F 126 -22.55 70.22 51.99
N ILE F 127 -23.25 69.55 51.08
CA ILE F 127 -24.17 68.46 51.44
C ILE F 127 -23.74 67.18 50.72
N THR F 128 -23.52 66.10 51.48
CA THR F 128 -23.09 64.79 50.94
C THR F 128 -24.14 63.70 51.24
N ARG F 129 -24.03 62.58 50.52
CA ARG F 129 -24.84 61.37 50.75
C ARG F 129 -24.52 60.68 52.09
N GLY F 130 -23.33 60.92 52.63
CA GLY F 130 -22.93 60.48 53.98
C GLY F 130 -22.09 59.20 54.07
N TYR F 131 -21.79 58.79 55.30
CA TYR F 131 -20.93 57.61 55.59
C TYR F 131 -21.69 56.38 56.17
N SER F 132 -23.00 56.42 56.21
CA SER F 132 -23.78 55.32 56.83
C SER F 132 -24.28 54.31 55.79
N SER F 133 -23.83 54.43 54.54
CA SER F 133 -24.43 53.73 53.40
C SER F 133 -23.41 53.66 52.27
N THR F 134 -23.66 52.84 51.25
CA THR F 134 -22.79 52.72 50.05
C THR F 134 -23.61 52.95 48.78
N PRO F 135 -22.96 53.21 47.64
CA PRO F 135 -23.72 53.45 46.39
C PRO F 135 -24.63 52.31 45.94
N PHE F 136 -24.35 51.09 46.38
CA PHE F 136 -25.12 49.91 46.01
C PHE F 136 -26.25 49.55 46.97
N GLU F 137 -26.50 50.41 47.97
CA GLU F 137 -27.58 50.21 48.92
C GLU F 137 -28.90 49.98 48.18
N ARG F 138 -29.57 48.87 48.51
CA ARG F 138 -30.92 48.54 47.97
C ARG F 138 -32.07 49.37 48.59
N ASP F 139 -31.95 49.69 49.88
CA ASP F 139 -32.96 50.46 50.58
C ASP F 139 -32.60 51.96 50.72
N ILE F 140 -33.19 52.82 49.90
CA ILE F 140 -32.91 54.28 49.95
C ILE F 140 -33.13 54.93 51.33
N THR F 141 -33.97 54.34 52.18
CA THR F 141 -34.19 54.89 53.53
C THR F 141 -32.98 54.77 54.46
N LYS F 142 -32.07 53.86 54.12
CA LYS F 142 -30.81 53.65 54.90
C LYS F 142 -29.70 54.76 54.70
N HIS F 143 -29.83 55.59 53.67
CA HIS F 143 -28.92 56.75 53.45
C HIS F 143 -29.02 57.78 54.57
N ARG F 144 -27.90 58.26 55.11
CA ARG F 144 -27.90 59.28 56.20
C ARG F 144 -27.01 60.51 55.81
N PRO F 145 -27.58 61.48 55.04
CA PRO F 145 -26.83 62.64 54.53
C PRO F 145 -26.22 63.53 55.59
N GLN F 146 -25.09 64.15 55.24
CA GLN F 146 -24.33 65.03 56.13
C GLN F 146 -24.19 66.45 55.56
N VAL F 147 -24.11 67.43 56.46
CA VAL F 147 -23.79 68.83 56.11
C VAL F 147 -22.45 69.21 56.76
N TYR F 148 -21.58 69.84 55.95
CA TYR F 148 -20.26 70.34 56.39
C TYR F 148 -20.11 71.79 55.94
N MET F 149 -19.55 72.64 56.82
CA MET F 149 -19.35 74.07 56.52
C MET F 149 -17.93 74.51 56.87
N SER F 150 -17.42 75.50 56.12
CA SER F 150 -16.16 76.18 56.50
C SER F 150 -16.23 77.70 56.19
N ALA F 151 -15.54 78.48 57.03
CA ALA F 151 -15.45 79.94 56.86
C ALA F 151 -13.99 80.37 56.93
N CYS F 152 -13.55 81.08 55.89
CA CYS F 152 -12.14 81.45 55.67
C CYS F 152 -12.02 82.91 55.21
N PRO F 153 -10.80 83.46 55.22
CA PRO F 153 -10.63 84.77 54.60
C PRO F 153 -11.05 84.81 53.11
N TYR F 154 -11.56 85.95 52.67
CA TYR F 154 -11.94 86.18 51.27
C TYR F 154 -10.75 85.88 50.35
N GLN F 155 -11.01 85.12 49.30
CA GLN F 155 -10.02 84.72 48.31
C GLN F 155 -10.24 85.30 46.89
N TRP F 156 -9.14 85.63 46.23
CA TRP F 156 -9.18 86.32 44.94
C TRP F 156 -8.65 85.41 43.85
N ILE F 157 -9.49 85.07 42.89
CA ILE F 157 -9.09 84.28 41.74
C ILE F 157 -8.09 85.05 40.88
N VAL F 158 -8.30 86.35 40.72
CA VAL F 158 -7.32 87.24 40.07
C VAL F 158 -6.89 88.41 41.00
N PRO F 159 -5.61 88.83 40.96
CA PRO F 159 -5.19 89.94 41.81
C PRO F 159 -5.78 91.31 41.42
N PHE F 160 -5.62 92.27 42.33
CA PHE F 160 -6.24 93.63 42.23
C PHE F 160 -5.81 94.41 40.98
N ASP F 161 -4.50 94.34 40.65
CA ASP F 161 -3.96 95.02 39.47
C ASP F 161 -4.55 94.50 38.15
N ARG F 162 -4.98 93.24 38.18
CA ARG F 162 -5.63 92.57 37.02
C ARG F 162 -7.10 92.86 36.88
N ILE F 163 -7.76 93.14 38.01
CA ILE F 163 -9.12 93.70 37.99
C ILE F 163 -9.16 95.07 37.30
N ARG F 164 -8.11 95.87 37.54
CA ARG F 164 -7.95 97.19 36.88
C ARG F 164 -7.53 97.06 35.40
N ASP F 165 -6.49 96.27 35.14
CA ASP F 165 -5.84 96.23 33.80
C ASP F 165 -6.33 95.16 32.83
N GLY F 166 -6.88 94.07 33.38
CA GLY F 166 -7.46 92.98 32.59
C GLY F 166 -6.65 91.71 32.62
N VAL F 167 -7.26 90.62 32.13
CA VAL F 167 -6.65 89.26 32.15
C VAL F 167 -6.55 88.66 30.73
N HIS F 168 -5.55 87.80 30.52
CA HIS F 168 -5.32 87.12 29.22
C HIS F 168 -5.95 85.73 29.17
N LEU F 169 -7.01 85.60 28.38
CA LEU F 169 -7.79 84.35 28.29
C LEU F 169 -7.27 83.38 27.22
N MET F 170 -7.50 82.08 27.45
CA MET F 170 -7.18 81.01 26.50
C MET F 170 -8.38 80.10 26.29
N VAL F 171 -8.69 79.79 25.04
CA VAL F 171 -9.71 78.75 24.71
C VAL F 171 -9.06 77.38 24.67
N ALA F 172 -9.53 76.48 25.52
CA ALA F 172 -8.92 75.15 25.66
C ALA F 172 -9.17 74.30 24.43
N GLN F 173 -8.14 73.59 23.97
CA GLN F 173 -8.24 72.64 22.85
C GLN F 173 -8.04 71.16 23.17
N SER F 174 -7.43 70.83 24.31
CA SER F 174 -7.19 69.41 24.70
C SER F 174 -8.32 68.77 25.55
N VAL F 175 -9.34 69.56 25.88
CA VAL F 175 -10.40 69.13 26.80
C VAL F 175 -11.68 69.96 26.53
N ARG F 176 -12.84 69.36 26.80
CA ARG F 176 -14.15 70.03 26.73
C ARG F 176 -14.97 69.81 28.00
N ARG F 177 -15.91 70.72 28.25
CA ARG F 177 -16.71 70.70 29.48
C ARG F 177 -17.59 69.47 29.48
N THR F 178 -17.66 68.80 30.64
CA THR F 178 -18.48 67.58 30.77
C THR F 178 -19.93 67.84 30.30
N PRO F 179 -20.48 66.96 29.46
CA PRO F 179 -21.88 67.18 28.98
C PRO F 179 -22.95 67.03 30.07
N ARG F 180 -24.09 67.70 29.87
CA ARG F 180 -25.23 67.60 30.80
C ARG F 180 -25.80 66.18 30.89
N SER F 181 -25.62 65.41 29.82
CA SER F 181 -25.97 63.98 29.80
C SER F 181 -25.03 63.01 30.60
N SER F 182 -23.98 63.52 31.25
CA SER F 182 -23.09 62.73 32.10
C SER F 182 -23.01 63.30 33.54
N ILE F 183 -22.40 64.47 33.70
CA ILE F 183 -22.29 65.18 35.01
C ILE F 183 -22.65 66.65 34.78
N ASP F 184 -23.83 67.04 35.26
CA ASP F 184 -24.45 68.33 34.91
C ASP F 184 -23.71 69.58 35.50
N PRO F 185 -23.15 70.46 34.64
CA PRO F 185 -22.52 71.67 35.17
C PRO F 185 -23.46 72.65 35.86
N GLN F 186 -24.77 72.49 35.65
CA GLN F 186 -25.77 73.33 36.34
C GLN F 186 -25.99 72.93 37.78
N VAL F 187 -25.40 71.80 38.18
CA VAL F 187 -25.32 71.37 39.58
C VAL F 187 -23.90 71.60 40.06
N LYS F 188 -23.71 72.57 40.95
CA LYS F 188 -22.38 72.87 41.48
C LYS F 188 -21.83 71.56 42.03
N ASN F 189 -20.58 71.24 41.69
CA ASN F 189 -20.01 69.97 42.08
C ASN F 189 -18.48 69.98 42.15
N PHE F 190 -17.93 69.00 42.87
CA PHE F 190 -16.47 68.87 43.09
C PHE F 190 -15.76 68.08 41.98
N GLN F 191 -16.47 67.71 40.92
CA GLN F 191 -15.97 66.79 39.91
C GLN F 191 -15.27 67.56 38.80
N TRP F 192 -14.04 67.99 39.09
CA TRP F 192 -13.28 68.99 38.32
C TRP F 192 -12.21 68.42 37.36
N GLY F 193 -12.35 67.16 36.98
CA GLY F 193 -11.37 66.47 36.15
C GLY F 193 -11.06 67.21 34.85
N ASP F 194 -12.12 67.68 34.21
CA ASP F 194 -12.02 68.48 32.97
C ASP F 194 -11.45 69.90 33.22
N LEU F 195 -11.92 70.52 34.29
CA LEU F 195 -11.48 71.85 34.67
C LEU F 195 -9.97 71.90 35.03
N ILE F 196 -9.49 70.85 35.72
CA ILE F 196 -8.08 70.76 36.11
C ILE F 196 -7.20 70.54 34.87
N ARG F 197 -7.65 69.69 33.96
CA ARG F 197 -6.99 69.54 32.64
C ARG F 197 -6.82 70.87 31.89
N ALA F 198 -7.87 71.69 31.93
CA ALA F 198 -7.86 73.01 31.32
C ALA F 198 -6.81 73.95 31.94
N ILE F 199 -6.70 73.90 33.28
CA ILE F 199 -5.72 74.71 34.03
C ILE F 199 -4.28 74.29 33.65
N GLN F 200 -4.07 72.98 33.53
CA GLN F 200 -2.79 72.43 33.14
C GLN F 200 -2.39 72.86 31.72
N GLU F 201 -3.36 72.85 30.81
CA GLU F 201 -3.15 73.35 29.43
C GLU F 201 -2.74 74.83 29.40
N THR F 202 -3.25 75.63 30.35
CA THR F 202 -2.91 77.06 30.39
C THR F 202 -1.46 77.24 30.79
N HIS F 203 -0.96 76.39 31.70
CA HIS F 203 0.46 76.39 32.09
C HIS F 203 1.35 76.00 30.90
N ASP F 204 0.94 74.97 30.16
CA ASP F 204 1.67 74.53 28.96
C ASP F 204 1.80 75.63 27.89
N ARG F 205 0.72 76.35 27.63
CA ARG F 205 0.65 77.32 26.54
C ARG F 205 0.99 78.76 26.95
N GLY F 206 1.14 79.00 28.25
CA GLY F 206 1.62 80.28 28.78
C GLY F 206 0.57 81.38 28.90
N PHE F 207 -0.65 81.03 29.30
CA PHE F 207 -1.75 81.98 29.45
C PHE F 207 -2.18 82.04 30.93
N GLU F 208 -3.14 82.91 31.27
CA GLU F 208 -3.49 83.18 32.68
C GLU F 208 -4.69 82.36 33.19
N LEU F 209 -5.78 82.34 32.42
CA LEU F 209 -6.98 81.52 32.72
C LEU F 209 -7.57 80.85 31.47
N PRO F 210 -8.24 79.66 31.63
CA PRO F 210 -8.89 78.98 30.49
C PRO F 210 -10.40 79.12 30.45
N LEU F 211 -10.92 79.12 29.22
CA LEU F 211 -12.36 78.97 28.94
C LEU F 211 -12.58 77.67 28.14
N LEU F 212 -13.48 76.81 28.61
CA LEU F 212 -13.80 75.55 27.91
C LEU F 212 -14.98 75.74 26.96
N LEU F 213 -15.01 74.89 25.94
CA LEU F 213 -16.16 74.75 25.04
C LEU F 213 -16.96 73.49 25.38
N ASP F 214 -18.21 73.44 24.88
CA ASP F 214 -19.08 72.24 25.05
C ASP F 214 -19.00 71.27 23.85
N CYS F 215 -19.76 70.19 23.91
CA CYS F 215 -19.86 69.20 22.84
C CYS F 215 -20.14 69.78 21.42
N ASP F 216 -20.94 70.84 21.35
CA ASP F 216 -21.25 71.52 20.08
C ASP F 216 -20.27 72.64 19.69
N ASN F 217 -19.14 72.73 20.40
CA ASN F 217 -18.14 73.78 20.22
C ASN F 217 -18.65 75.21 20.49
N LEU F 218 -19.63 75.30 21.39
CA LEU F 218 -20.15 76.58 21.88
C LEU F 218 -19.54 76.91 23.26
N LEU F 219 -19.52 78.20 23.59
CA LEU F 219 -18.89 78.68 24.83
C LEU F 219 -19.55 78.00 26.03
N ALA F 220 -18.74 77.53 26.97
CA ALA F 220 -19.23 76.91 28.21
C ALA F 220 -18.94 77.79 29.42
N GLU F 221 -17.91 77.44 30.20
CA GLU F 221 -17.49 78.21 31.38
C GLU F 221 -16.03 77.91 31.68
N GLY F 222 -15.49 78.54 32.72
CA GLY F 222 -14.12 78.32 33.19
C GLY F 222 -14.06 77.67 34.57
N PRO F 223 -12.86 77.31 35.06
CA PRO F 223 -12.72 76.75 36.41
C PRO F 223 -13.03 77.76 37.51
N GLY F 224 -14.24 77.66 38.06
CA GLY F 224 -14.70 78.55 39.13
C GLY F 224 -15.26 79.89 38.69
N PHE F 225 -15.58 80.04 37.40
CA PHE F 225 -16.15 81.31 36.90
C PHE F 225 -17.01 81.19 35.63
N ASN F 226 -17.96 82.11 35.50
CA ASN F 226 -18.74 82.29 34.27
C ASN F 226 -18.13 83.37 33.37
N VAL F 227 -18.40 83.29 32.08
CA VAL F 227 -17.93 84.27 31.08
C VAL F 227 -19.12 85.10 30.55
N VAL F 228 -18.85 86.39 30.24
CA VAL F 228 -19.85 87.30 29.65
C VAL F 228 -19.25 88.02 28.46
N VAL F 229 -20.06 88.14 27.40
CA VAL F 229 -19.63 88.70 26.10
C VAL F 229 -20.52 89.88 25.67
N ILE F 230 -19.87 91.02 25.38
CA ILE F 230 -20.55 92.28 25.03
C ILE F 230 -20.29 92.68 23.56
N LYS F 231 -21.38 92.89 22.82
CA LYS F 231 -21.33 93.21 21.38
C LYS F 231 -22.49 94.13 20.97
N ASP F 232 -22.14 95.29 20.41
CA ASP F 232 -23.10 96.31 19.97
C ASP F 232 -24.15 96.62 21.03
N GLY F 233 -23.67 96.83 22.26
CA GLY F 233 -24.55 97.13 23.40
C GLY F 233 -25.45 96.01 23.94
N VAL F 234 -25.30 94.80 23.41
CA VAL F 234 -26.03 93.63 23.88
C VAL F 234 -25.09 92.78 24.77
N VAL F 235 -25.58 92.41 25.96
CA VAL F 235 -24.81 91.64 26.95
C VAL F 235 -25.33 90.18 27.00
N ARG F 236 -24.45 89.24 26.69
CA ARG F 236 -24.78 87.80 26.58
C ARG F 236 -23.87 86.89 27.44
N SER F 237 -24.43 85.82 27.99
CA SER F 237 -23.67 84.79 28.76
C SER F 237 -24.17 83.36 28.43
N PRO F 238 -23.26 82.36 28.34
CA PRO F 238 -23.69 80.98 28.07
C PRO F 238 -24.80 80.43 28.99
N GLY F 239 -25.85 79.90 28.36
CA GLY F 239 -27.01 79.34 29.06
C GLY F 239 -26.97 77.85 29.41
N ARG F 240 -26.22 77.05 28.64
CA ARG F 240 -26.24 75.59 28.79
C ARG F 240 -25.15 75.02 29.70
N ALA F 241 -23.91 74.91 29.19
CA ALA F 241 -22.82 74.23 29.88
C ALA F 241 -22.11 75.16 30.87
N ALA F 242 -22.87 75.64 31.84
CA ALA F 242 -22.42 76.68 32.77
C ALA F 242 -23.26 76.67 34.04
N LEU F 243 -22.61 76.86 35.19
CA LEU F 243 -23.32 77.04 36.46
C LEU F 243 -24.17 78.32 36.42
N PRO F 244 -25.43 78.26 36.90
CA PRO F 244 -26.21 79.49 37.09
C PRO F 244 -25.66 80.30 38.25
N GLY F 245 -24.62 81.06 37.95
CA GLY F 245 -23.88 81.82 38.96
C GLY F 245 -24.71 82.95 39.56
N ILE F 246 -24.49 83.20 40.84
CA ILE F 246 -25.10 84.33 41.57
C ILE F 246 -24.43 85.66 41.14
N THR F 247 -23.12 85.63 40.89
CA THR F 247 -22.41 86.81 40.35
C THR F 247 -22.92 87.13 38.95
N ARG F 248 -23.06 86.09 38.11
CA ARG F 248 -23.62 86.24 36.74
C ARG F 248 -24.99 86.92 36.78
N LYS F 249 -25.84 86.42 37.66
CA LYS F 249 -27.20 86.96 37.85
C LYS F 249 -27.15 88.46 38.18
N THR F 250 -26.24 88.82 39.09
CA THR F 250 -26.03 90.21 39.49
C THR F 250 -25.55 91.05 38.30
N VAL F 251 -24.57 90.53 37.55
CA VAL F 251 -24.04 91.22 36.35
C VAL F 251 -25.13 91.54 35.32
N LEU F 252 -26.01 90.57 35.05
CA LEU F 252 -27.10 90.77 34.08
C LEU F 252 -28.17 91.75 34.58
N GLU F 253 -28.49 91.69 35.87
CA GLU F 253 -29.38 92.69 36.51
C GLU F 253 -28.78 94.12 36.38
N ILE F 254 -27.49 94.26 36.67
CA ILE F 254 -26.78 95.55 36.51
C ILE F 254 -26.84 96.06 35.05
N ALA F 255 -26.60 95.17 34.10
CA ALA F 255 -26.66 95.52 32.68
C ALA F 255 -28.04 96.07 32.27
N GLU F 256 -29.11 95.44 32.76
CA GLU F 256 -30.50 95.91 32.52
C GLU F 256 -30.77 97.28 33.13
N SER F 257 -30.27 97.49 34.37
CA SER F 257 -30.36 98.80 35.04
C SER F 257 -29.61 99.91 34.23
N LEU F 258 -28.52 99.58 33.54
CA LEU F 258 -27.81 100.51 32.63
C LEU F 258 -28.47 100.70 31.23
N GLY F 259 -29.61 100.06 31.00
CA GLY F 259 -30.34 100.16 29.72
C GLY F 259 -29.89 99.24 28.59
N HIS F 260 -29.16 98.17 28.92
CA HIS F 260 -28.72 97.18 27.93
C HIS F 260 -29.63 95.95 27.95
N GLU F 261 -29.88 95.39 26.78
CA GLU F 261 -30.49 94.05 26.66
C GLU F 261 -29.47 93.03 27.23
N ALA F 262 -29.95 92.19 28.14
CA ALA F 262 -29.09 91.23 28.87
C ALA F 262 -29.73 89.85 28.89
N ILE F 263 -29.09 88.90 28.22
CA ILE F 263 -29.71 87.58 27.97
C ILE F 263 -28.76 86.39 28.09
N LEU F 264 -29.33 85.23 28.41
CA LEU F 264 -28.64 83.95 28.30
C LEU F 264 -28.75 83.48 26.87
N ALA F 265 -27.66 82.93 26.32
CA ALA F 265 -27.59 82.56 24.90
C ALA F 265 -26.48 81.55 24.57
N ASP F 266 -26.59 80.98 23.37
CA ASP F 266 -25.52 80.17 22.77
C ASP F 266 -24.57 81.11 22.01
N ILE F 267 -23.28 81.02 22.33
CA ILE F 267 -22.26 81.92 21.79
C ILE F 267 -21.14 81.13 21.11
N THR F 268 -20.79 81.54 19.89
CA THR F 268 -19.73 80.88 19.08
C THR F 268 -18.33 81.44 19.40
N PRO F 269 -17.26 80.67 19.11
CA PRO F 269 -15.89 81.21 19.21
C PRO F 269 -15.63 82.46 18.33
N ALA F 270 -16.17 82.47 17.10
CA ALA F 270 -16.06 83.65 16.21
C ALA F 270 -16.59 84.92 16.86
N GLU F 271 -17.75 84.80 17.49
CA GLU F 271 -18.36 85.88 18.26
C GLU F 271 -17.49 86.35 19.43
N LEU F 272 -16.80 85.42 20.09
CA LEU F 272 -15.91 85.75 21.21
C LEU F 272 -14.74 86.60 20.74
N TYR F 273 -14.08 86.17 19.66
CA TYR F 273 -12.94 86.92 19.09
C TYR F 273 -13.36 88.30 18.55
N ASP F 274 -14.56 88.38 17.99
CA ASP F 274 -15.11 89.63 17.40
C ASP F 274 -15.85 90.54 18.41
N ALA F 275 -15.78 90.23 19.70
CA ALA F 275 -16.52 91.00 20.71
C ALA F 275 -15.96 92.41 20.96
N ASP F 276 -16.83 93.33 21.35
CA ASP F 276 -16.41 94.67 21.82
C ASP F 276 -15.72 94.55 23.18
N GLU F 277 -16.36 93.84 24.10
CA GLU F 277 -15.83 93.59 25.46
C GLU F 277 -16.09 92.14 25.92
N VAL F 278 -15.19 91.63 26.76
CA VAL F 278 -15.35 90.32 27.41
C VAL F 278 -14.98 90.43 28.91
N LEU F 279 -15.76 89.78 29.77
CA LEU F 279 -15.47 89.75 31.22
C LEU F 279 -15.66 88.38 31.85
N GLY F 280 -15.12 88.22 33.06
CA GLY F 280 -15.32 87.04 33.91
C GLY F 280 -15.91 87.41 35.26
N CYS F 281 -16.64 86.47 35.86
CA CYS F 281 -17.30 86.70 37.16
C CYS F 281 -17.42 85.43 38.04
N SER F 282 -17.35 85.66 39.34
CA SER F 282 -17.39 84.60 40.36
C SER F 282 -17.49 85.18 41.77
N THR F 283 -18.05 84.40 42.70
CA THR F 283 -18.05 84.79 44.13
C THR F 283 -16.62 85.00 44.60
N GLY F 284 -15.71 84.18 44.08
CA GLY F 284 -14.29 84.31 44.38
C GLY F 284 -13.48 85.39 43.62
N GLY F 285 -13.82 86.66 43.87
CA GLY F 285 -13.15 87.79 43.24
C GLY F 285 -14.02 88.87 42.60
N GLY F 286 -15.29 88.56 42.41
CA GLY F 286 -16.28 89.49 41.89
C GLY F 286 -16.32 89.51 40.38
N VAL F 287 -15.95 90.66 39.79
CA VAL F 287 -15.97 90.87 38.34
C VAL F 287 -14.62 91.42 37.87
N TRP F 288 -14.15 90.94 36.70
CA TRP F 288 -12.87 91.39 36.09
C TRP F 288 -12.91 91.33 34.56
N PRO F 289 -12.05 92.11 33.87
CA PRO F 289 -12.04 92.10 32.40
C PRO F 289 -11.13 91.03 31.80
N PHE F 290 -11.52 90.54 30.63
CA PHE F 290 -10.65 89.73 29.76
C PHE F 290 -10.31 90.56 28.54
N VAL F 291 -9.04 90.95 28.42
CA VAL F 291 -8.60 91.92 27.36
C VAL F 291 -7.99 91.28 26.10
N SER F 292 -7.68 89.98 26.16
CA SER F 292 -7.23 89.21 25.00
C SER F 292 -7.67 87.74 25.08
N VAL F 293 -7.77 87.09 23.93
CA VAL F 293 -8.11 85.66 23.81
C VAL F 293 -7.15 84.99 22.85
N ASP F 294 -6.43 83.97 23.32
CA ASP F 294 -5.40 83.27 22.53
C ASP F 294 -4.34 84.23 21.96
N GLY F 295 -4.01 85.26 22.72
CA GLY F 295 -3.06 86.29 22.27
C GLY F 295 -3.61 87.38 21.34
N ASN F 296 -4.86 87.26 20.93
CA ASN F 296 -5.56 88.26 20.09
C ASN F 296 -6.26 89.29 20.97
N SER F 297 -6.05 90.57 20.70
CA SER F 297 -6.64 91.63 21.53
C SER F 297 -8.15 91.67 21.32
N ILE F 298 -8.88 91.93 22.40
CA ILE F 298 -10.32 92.23 22.33
C ILE F 298 -10.43 93.75 22.19
N SER F 299 -10.99 94.19 21.06
CA SER F 299 -10.99 95.61 20.65
C SER F 299 -9.55 96.15 20.72
N ASP F 300 -9.34 97.24 21.48
CA ASP F 300 -8.02 97.88 21.63
C ASP F 300 -7.17 97.30 22.78
N GLY F 301 -7.55 96.16 23.32
CA GLY F 301 -6.73 95.45 24.34
C GLY F 301 -6.73 96.04 25.74
N VAL F 302 -7.63 96.99 26.02
CA VAL F 302 -7.78 97.57 27.36
C VAL F 302 -9.22 97.37 27.85
N PRO F 303 -9.45 97.33 29.17
CA PRO F 303 -10.81 97.14 29.67
C PRO F 303 -11.80 98.14 29.09
N GLY F 304 -12.93 97.64 28.59
CA GLY F 304 -13.96 98.45 27.99
C GLY F 304 -14.78 99.24 29.00
N PRO F 305 -15.51 100.27 28.53
CA PRO F 305 -16.28 101.15 29.43
C PRO F 305 -17.53 100.53 30.08
N VAL F 306 -18.23 99.64 29.37
CA VAL F 306 -19.38 98.91 29.97
C VAL F 306 -18.92 97.98 31.11
N THR F 307 -17.83 97.23 30.86
CA THR F 307 -17.20 96.38 31.87
C THR F 307 -16.84 97.16 33.14
N GLN F 308 -16.19 98.31 32.95
CA GLN F 308 -15.78 99.18 34.07
C GLN F 308 -16.94 99.66 34.95
N SER F 309 -18.04 100.05 34.31
CA SER F 309 -19.22 100.51 35.04
C SER F 309 -19.91 99.34 35.80
N ILE F 310 -19.86 98.13 35.22
CA ILE F 310 -20.40 96.90 35.86
C ILE F 310 -19.58 96.56 37.10
N ILE F 311 -18.26 96.57 36.97
CA ILE F 311 -17.34 96.29 38.10
C ILE F 311 -17.60 97.24 39.27
N ARG F 312 -17.70 98.54 38.98
CA ARG F 312 -17.89 99.56 40.01
C ARG F 312 -19.24 99.38 40.68
N ARG F 313 -20.28 99.16 39.86
CA ARG F 313 -21.64 98.98 40.40
C ARG F 313 -21.74 97.74 41.29
N TYR F 314 -21.09 96.63 40.87
CA TYR F 314 -21.08 95.39 41.67
C TYR F 314 -20.58 95.66 43.09
N TRP F 315 -19.46 96.35 43.20
CA TRP F 315 -18.89 96.65 44.54
C TRP F 315 -19.72 97.69 45.35
N GLU F 316 -20.38 98.62 44.67
CA GLU F 316 -21.38 99.48 45.32
C GLU F 316 -22.50 98.67 45.97
N LEU F 317 -23.02 97.66 45.24
CA LEU F 317 -24.08 96.75 45.77
C LEU F 317 -23.68 95.93 47.00
N ASN F 318 -22.38 95.76 47.20
CA ASN F 318 -21.81 95.07 48.37
C ASN F 318 -21.81 95.88 49.67
N VAL F 319 -21.99 97.20 49.55
CA VAL F 319 -22.00 98.11 50.73
C VAL F 319 -23.29 98.93 50.92
N GLU F 320 -23.92 99.38 49.82
CA GLU F 320 -25.15 100.20 49.91
C GLU F 320 -26.31 99.36 50.52
N PRO F 321 -26.89 99.84 51.64
CA PRO F 321 -27.97 99.12 52.32
C PRO F 321 -29.09 98.69 51.36
N SER F 322 -29.26 97.38 51.22
CA SER F 322 -30.32 96.79 50.38
C SER F 322 -30.79 95.41 50.91
N SER F 323 -31.85 94.85 50.32
CA SER F 323 -32.26 93.48 50.63
C SER F 323 -31.27 92.40 50.15
N LEU F 324 -30.27 92.79 49.36
CA LEU F 324 -29.16 91.88 48.98
C LEU F 324 -28.20 91.55 50.16
N LEU F 325 -28.27 92.34 51.23
CA LEU F 325 -27.38 92.20 52.36
C LEU F 325 -28.02 91.71 53.66
N THR F 326 -27.32 90.81 54.35
CA THR F 326 -27.75 90.24 55.62
C THR F 326 -26.63 90.46 56.65
N PRO F 327 -26.92 91.23 57.72
CA PRO F 327 -25.87 91.51 58.72
C PRO F 327 -25.48 90.29 59.58
N VAL F 328 -24.18 90.12 59.78
CA VAL F 328 -23.64 89.12 60.69
C VAL F 328 -23.63 89.70 62.09
N GLN F 329 -24.12 88.92 63.06
CA GLN F 329 -24.18 89.36 64.47
C GLN F 329 -22.89 88.98 65.25
N TYR F 330 -21.86 89.82 65.17
CA TYR F 330 -20.59 89.55 65.87
C TYR F 330 -20.71 89.72 67.42
N ILE G 10 0.11 20.91 -33.84
CA ILE G 10 -0.44 21.04 -32.44
C ILE G 10 -1.94 21.36 -32.49
N VAL G 11 -2.77 20.53 -31.83
CA VAL G 11 -4.20 20.84 -31.61
C VAL G 11 -4.35 21.64 -30.29
N TYR G 12 -4.84 22.87 -30.40
CA TYR G 12 -4.99 23.78 -29.24
C TYR G 12 -6.40 24.40 -29.06
N THR G 13 -7.34 24.11 -29.98
CA THR G 13 -8.77 24.48 -29.84
C THR G 13 -9.72 23.38 -30.39
N HIS G 14 -10.99 23.43 -29.97
CA HIS G 14 -12.06 22.55 -30.43
C HIS G 14 -13.39 23.30 -30.44
N ASP G 15 -14.32 22.88 -31.30
CA ASP G 15 -15.76 23.17 -31.13
C ASP G 15 -16.32 22.07 -30.22
N THR G 16 -16.87 22.46 -29.06
CA THR G 16 -17.24 21.51 -27.98
C THR G 16 -18.62 20.83 -28.10
N GLY G 17 -19.57 21.50 -28.75
CA GLY G 17 -20.97 21.03 -28.79
C GLY G 17 -21.73 21.28 -27.49
N LEU G 18 -21.16 22.15 -26.63
CA LEU G 18 -21.72 22.52 -25.31
C LEU G 18 -21.68 24.05 -25.16
N ASP G 19 -22.84 24.66 -24.88
CA ASP G 19 -22.98 26.14 -24.82
C ASP G 19 -22.12 26.78 -23.71
N TYR G 20 -21.86 26.02 -22.64
CA TYR G 20 -21.12 26.49 -21.43
C TYR G 20 -19.57 26.30 -21.45
N ILE G 21 -19.04 25.61 -22.46
CA ILE G 21 -17.57 25.49 -22.68
C ILE G 21 -17.19 26.03 -24.06
N THR G 22 -16.49 27.16 -24.07
CA THR G 22 -16.03 27.81 -25.31
C THR G 22 -14.54 28.19 -25.25
N TYR G 23 -13.78 27.64 -26.20
CA TYR G 23 -12.37 28.00 -26.38
C TYR G 23 -12.23 29.42 -26.94
N SER G 24 -11.03 29.97 -26.84
CA SER G 24 -10.69 31.29 -27.39
C SER G 24 -10.45 31.20 -28.90
N ASP G 25 -10.78 32.30 -29.60
CA ASP G 25 -10.59 32.41 -31.07
C ASP G 25 -9.33 33.20 -31.37
N TYR G 26 -8.25 32.49 -31.67
CA TYR G 26 -6.94 33.13 -31.91
C TYR G 26 -6.01 32.15 -32.67
N GLU G 27 -4.86 32.68 -33.11
CA GLU G 27 -3.87 31.92 -33.91
C GLU G 27 -2.50 32.02 -33.26
N LEU G 28 -1.76 30.90 -33.27
CA LEU G 28 -0.40 30.86 -32.72
C LEU G 28 0.57 31.49 -33.70
N ASP G 29 1.52 32.27 -33.19
CA ASP G 29 2.60 32.85 -33.98
C ASP G 29 3.64 31.76 -34.39
N PRO G 30 3.72 31.39 -35.69
CA PRO G 30 4.71 30.37 -36.09
C PRO G 30 6.20 30.79 -36.02
N ALA G 31 6.48 32.10 -35.94
CA ALA G 31 7.86 32.62 -35.70
C ALA G 31 8.38 32.38 -34.27
N ASN G 32 7.47 32.14 -33.32
CA ASN G 32 7.80 31.84 -31.90
C ASN G 32 8.12 30.33 -31.71
N PRO G 33 9.40 29.98 -31.36
CA PRO G 33 9.76 28.56 -31.18
C PRO G 33 9.11 27.84 -29.94
N LEU G 34 8.57 28.63 -29.00
CA LEU G 34 7.85 28.12 -27.81
C LEU G 34 6.31 28.08 -27.97
N ALA G 35 5.79 28.54 -29.10
CA ALA G 35 4.34 28.61 -29.29
C ALA G 35 3.69 27.23 -29.24
N GLY G 36 2.60 27.14 -28.49
CA GLY G 36 1.82 25.89 -28.36
C GLY G 36 2.30 24.84 -27.34
N GLY G 37 3.39 25.14 -26.64
CA GLY G 37 3.97 24.20 -25.70
C GLY G 37 5.43 24.49 -25.35
N ALA G 38 5.75 24.42 -24.06
CA ALA G 38 7.10 24.71 -23.57
C ALA G 38 7.35 24.22 -22.14
N ALA G 39 8.60 24.26 -21.71
CA ALA G 39 9.03 23.84 -20.36
C ALA G 39 10.02 24.81 -19.74
N TRP G 40 10.10 24.79 -18.42
CA TRP G 40 11.15 25.48 -17.64
C TRP G 40 12.00 24.46 -16.88
N ILE G 41 13.28 24.36 -17.24
CA ILE G 41 14.20 23.35 -16.69
C ILE G 41 15.54 24.00 -16.35
N GLU G 42 15.91 23.91 -15.07
CA GLU G 42 17.19 24.44 -14.57
C GLU G 42 17.46 25.89 -15.00
N GLY G 43 16.46 26.74 -14.84
CA GLY G 43 16.57 28.18 -15.17
C GLY G 43 16.34 28.60 -16.63
N ALA G 44 16.11 27.63 -17.53
CA ALA G 44 15.94 27.90 -18.97
C ALA G 44 14.52 27.59 -19.49
N PHE G 45 13.96 28.50 -20.30
CA PHE G 45 12.71 28.27 -21.05
C PHE G 45 13.05 27.55 -22.36
N VAL G 46 12.50 26.34 -22.56
CA VAL G 46 12.88 25.47 -23.70
C VAL G 46 11.65 24.88 -24.40
N PRO G 47 11.79 24.46 -25.67
CA PRO G 47 10.66 23.79 -26.35
C PRO G 47 10.50 22.33 -25.91
N PRO G 48 9.35 21.71 -26.22
CA PRO G 48 9.09 20.32 -25.74
C PRO G 48 10.15 19.29 -26.11
N SER G 49 10.69 19.36 -27.32
CA SER G 49 11.72 18.41 -27.79
C SER G 49 13.05 18.50 -27.00
N GLU G 50 13.34 19.65 -26.40
CA GLU G 50 14.53 19.82 -25.51
C GLU G 50 14.21 19.70 -24.00
N ALA G 51 12.96 19.35 -23.66
CA ALA G 51 12.51 19.25 -22.26
C ALA G 51 12.88 17.89 -21.65
N ARG G 52 14.07 17.83 -21.10
CA ARG G 52 14.65 16.59 -20.60
C ARG G 52 15.24 16.78 -19.20
N ILE G 53 15.22 15.72 -18.38
CA ILE G 53 15.88 15.75 -17.06
C ILE G 53 16.91 14.64 -16.87
N SER G 54 17.84 14.89 -15.97
CA SER G 54 18.88 13.92 -15.62
C SER G 54 18.30 12.61 -15.09
N ILE G 55 18.78 11.48 -15.63
CA ILE G 55 18.48 10.12 -15.11
C ILE G 55 18.97 9.91 -13.67
N PHE G 56 19.90 10.76 -13.25
CA PHE G 56 20.44 10.74 -11.86
C PHE G 56 19.66 11.60 -10.87
N ASP G 57 18.59 12.25 -11.33
CA ASP G 57 17.63 12.91 -10.42
C ASP G 57 16.82 11.82 -9.67
N GLN G 58 16.87 11.88 -8.35
CA GLN G 58 16.07 11.00 -7.46
C GLN G 58 14.55 11.05 -7.68
N GLY G 59 14.06 12.19 -8.17
CA GLY G 59 12.69 12.31 -8.69
C GLY G 59 12.29 11.23 -9.71
N PHE G 60 13.28 10.73 -10.44
CA PHE G 60 13.09 9.60 -11.36
C PHE G 60 13.26 8.26 -10.64
N TYR G 61 14.49 7.96 -10.20
CA TYR G 61 14.84 6.56 -9.81
C TYR G 61 14.36 6.15 -8.41
N THR G 62 13.90 7.10 -7.58
CA THR G 62 13.18 6.78 -6.34
C THR G 62 11.82 7.47 -6.25
N SER G 63 11.35 8.01 -7.38
CA SER G 63 10.15 8.84 -7.48
C SER G 63 9.98 9.85 -6.33
N ASP G 64 11.12 10.40 -5.88
CA ASP G 64 11.21 11.23 -4.64
C ASP G 64 10.83 12.65 -5.01
N ALA G 65 9.51 12.86 -5.11
CA ALA G 65 8.96 14.05 -5.70
C ALA G 65 7.50 14.22 -5.39
N THR G 66 7.05 15.46 -5.49
CA THR G 66 5.65 15.80 -5.48
C THR G 66 5.36 16.85 -6.57
N TYR G 67 4.08 17.10 -6.84
CA TYR G 67 3.67 18.03 -7.89
C TYR G 67 2.26 18.56 -7.74
N THR G 68 1.93 19.51 -8.60
CA THR G 68 0.53 19.92 -8.85
C THR G 68 0.34 20.35 -10.30
N THR G 69 -0.89 20.26 -10.76
CA THR G 69 -1.28 20.66 -12.12
C THR G 69 -2.45 21.63 -12.00
N PHE G 70 -2.21 22.89 -12.40
CA PHE G 70 -3.30 23.87 -12.53
C PHE G 70 -3.65 24.12 -14.02
N HIS G 71 -4.76 24.80 -14.26
CA HIS G 71 -5.18 25.13 -15.62
C HIS G 71 -5.46 26.60 -15.85
N VAL G 72 -5.39 26.98 -17.12
CA VAL G 72 -5.68 28.33 -17.62
C VAL G 72 -6.86 28.19 -18.59
N TRP G 73 -7.86 29.05 -18.43
CA TRP G 73 -9.04 29.09 -19.33
C TRP G 73 -9.36 30.53 -19.73
N ASN G 74 -9.52 30.75 -21.04
CA ASN G 74 -9.73 32.09 -21.62
C ASN G 74 -8.75 33.13 -21.04
N GLY G 75 -7.48 32.77 -21.00
CA GLY G 75 -6.41 33.68 -20.54
C GLY G 75 -6.26 33.91 -19.03
N ASN G 76 -7.02 33.17 -18.21
CA ASN G 76 -6.97 33.29 -16.72
C ASN G 76 -6.63 31.97 -16.05
N ALA G 77 -5.63 32.01 -15.17
CA ALA G 77 -5.31 30.85 -14.33
C ALA G 77 -6.36 30.67 -13.21
N PHE G 78 -6.79 29.43 -13.00
CA PHE G 78 -7.86 29.09 -12.06
C PHE G 78 -7.30 28.59 -10.71
N ARG G 79 -7.59 29.34 -9.65
CA ARG G 79 -7.22 29.01 -8.27
C ARG G 79 -5.72 28.73 -8.08
N LEU G 80 -4.88 29.57 -8.66
CA LEU G 80 -3.42 29.43 -8.61
C LEU G 80 -2.90 29.42 -7.18
N GLY G 81 -3.44 30.28 -6.34
CA GLY G 81 -2.99 30.36 -4.94
C GLY G 81 -3.19 29.07 -4.18
N ASP G 82 -4.40 28.52 -4.28
CA ASP G 82 -4.73 27.21 -3.67
C ASP G 82 -3.79 26.09 -4.13
N HIS G 83 -3.53 26.06 -5.45
CA HIS G 83 -2.64 25.08 -6.06
C HIS G 83 -1.20 25.10 -5.50
N ILE G 84 -0.59 26.28 -5.48
CA ILE G 84 0.81 26.44 -5.03
C ILE G 84 0.91 26.23 -3.51
N GLU G 85 -0.15 26.60 -2.79
CA GLU G 85 -0.22 26.31 -1.34
C GLU G 85 -0.21 24.78 -1.08
N ARG G 86 -1.02 24.04 -1.85
CA ARG G 86 -1.06 22.58 -1.73
C ARG G 86 0.29 21.95 -2.09
N LEU G 87 0.90 22.43 -3.15
CA LEU G 87 2.21 21.94 -3.58
C LEU G 87 3.25 22.08 -2.45
N PHE G 88 3.32 23.26 -1.85
CA PHE G 88 4.29 23.55 -0.79
C PHE G 88 3.99 22.75 0.48
N SER G 89 2.71 22.55 0.75
CA SER G 89 2.29 21.67 1.85
C SER G 89 2.69 20.20 1.63
N ASN G 90 2.46 19.71 0.41
CA ASN G 90 2.87 18.35 -0.01
C ASN G 90 4.39 18.17 0.09
N ALA G 91 5.15 19.17 -0.34
CA ALA G 91 6.62 19.16 -0.19
C ALA G 91 7.06 19.04 1.28
N GLU G 92 6.41 19.82 2.13
CA GLU G 92 6.70 19.78 3.57
C GLU G 92 6.41 18.39 4.15
N SER G 93 5.31 17.76 3.73
CA SER G 93 4.94 16.40 4.19
C SER G 93 6.01 15.34 3.91
N ILE G 94 6.72 15.48 2.79
CA ILE G 94 7.90 14.61 2.48
C ILE G 94 9.30 15.21 2.82
N ARG G 95 9.33 16.22 3.69
CA ARG G 95 10.57 16.87 4.16
C ARG G 95 11.47 17.45 3.04
N LEU G 96 10.82 18.00 2.03
CA LEU G 96 11.48 18.57 0.88
C LEU G 96 11.39 20.09 1.00
N ILE G 97 12.55 20.76 1.01
CA ILE G 97 12.60 22.25 1.08
C ILE G 97 12.72 22.81 -0.32
N PRO G 98 11.65 23.44 -0.86
CA PRO G 98 11.74 23.97 -2.23
C PRO G 98 12.82 25.07 -2.34
N PRO G 99 13.57 25.09 -3.47
CA PRO G 99 14.61 26.11 -3.72
C PRO G 99 14.06 27.44 -4.26
N LEU G 100 12.73 27.54 -4.42
CA LEU G 100 12.05 28.78 -4.79
C LEU G 100 10.91 29.09 -3.80
N THR G 101 10.56 30.37 -3.66
CA THR G 101 9.41 30.76 -2.84
C THR G 101 8.12 30.53 -3.64
N GLN G 102 6.98 30.57 -2.94
CA GLN G 102 5.68 30.50 -3.61
C GLN G 102 5.48 31.62 -4.66
N ASP G 103 5.85 32.86 -4.31
CA ASP G 103 5.79 34.03 -5.24
C ASP G 103 6.67 33.83 -6.49
N GLU G 104 7.90 33.34 -6.29
CA GLU G 104 8.82 33.05 -7.39
C GLU G 104 8.24 31.99 -8.35
N VAL G 105 7.67 30.92 -7.78
CA VAL G 105 7.02 29.85 -8.55
C VAL G 105 5.86 30.41 -9.40
N LYS G 106 4.98 31.21 -8.79
CA LYS G 106 3.82 31.82 -9.48
C LYS G 106 4.24 32.68 -10.68
N GLU G 107 5.26 33.53 -10.44
CA GLU G 107 5.80 34.45 -11.46
C GLU G 107 6.40 33.69 -12.68
N ILE G 108 7.21 32.66 -12.40
CA ILE G 108 7.84 31.83 -13.44
C ILE G 108 6.79 31.04 -14.25
N ALA G 109 5.83 30.44 -13.53
CA ALA G 109 4.77 29.64 -14.16
C ALA G 109 3.90 30.46 -15.09
N LEU G 110 3.51 31.66 -14.64
CA LEU G 110 2.69 32.58 -15.44
C LEU G 110 3.43 33.07 -16.69
N GLU G 111 4.72 33.36 -16.51
CA GLU G 111 5.58 33.70 -17.62
C GLU G 111 5.64 32.56 -18.66
N LEU G 112 5.84 31.33 -18.19
CA LEU G 112 5.93 30.15 -19.06
C LEU G 112 4.69 30.03 -19.97
N VAL G 113 3.50 30.18 -19.37
CA VAL G 113 2.23 30.15 -20.13
C VAL G 113 2.22 31.27 -21.18
N ALA G 114 2.58 32.49 -20.76
CA ALA G 114 2.63 33.65 -21.66
C ALA G 114 3.46 33.37 -22.92
N LYS G 115 4.64 32.79 -22.74
CA LYS G 115 5.54 32.43 -23.83
C LYS G 115 4.95 31.40 -24.84
N THR G 116 4.07 30.51 -24.35
CA THR G 116 3.38 29.54 -25.23
C THR G 116 2.28 30.17 -26.07
N GLU G 117 1.79 31.33 -25.61
CA GLU G 117 0.62 32.03 -26.17
C GLU G 117 -0.72 31.27 -26.01
N LEU G 118 -0.71 30.18 -25.24
CA LEU G 118 -1.92 29.36 -25.03
C LEU G 118 -2.93 30.06 -24.08
N ARG G 119 -4.16 30.25 -24.56
CA ARG G 119 -5.25 30.80 -23.75
C ARG G 119 -5.99 29.72 -22.94
N GLU G 120 -5.94 28.48 -23.44
CA GLU G 120 -6.46 27.28 -22.75
C GLU G 120 -5.30 26.29 -22.57
N ALA G 121 -4.92 26.05 -21.32
CA ALA G 121 -3.69 25.31 -21.01
C ALA G 121 -3.66 24.54 -19.67
N MET G 122 -2.71 23.59 -19.61
CA MET G 122 -2.43 22.81 -18.44
C MET G 122 -1.00 23.08 -18.05
N VAL G 123 -0.78 23.39 -16.78
CA VAL G 123 0.53 23.77 -16.29
C VAL G 123 0.92 22.92 -15.08
N THR G 124 2.01 22.18 -15.22
CA THR G 124 2.48 21.27 -14.21
C THR G 124 3.71 21.85 -13.56
N VAL G 125 3.70 21.90 -12.23
CA VAL G 125 4.87 22.28 -11.41
C VAL G 125 5.29 21.11 -10.51
N THR G 126 6.51 20.66 -10.72
CA THR G 126 7.11 19.49 -10.04
C THR G 126 8.33 19.91 -9.17
N ILE G 127 8.39 19.38 -7.96
CA ILE G 127 9.55 19.55 -7.06
C ILE G 127 10.16 18.17 -6.71
N THR G 128 11.46 17.99 -6.97
CA THR G 128 12.18 16.73 -6.71
C THR G 128 13.30 16.93 -5.70
N ARG G 129 13.77 15.82 -5.12
CA ARG G 129 14.95 15.79 -4.22
C ARG G 129 16.28 16.13 -4.95
N GLY G 130 16.31 15.92 -6.27
CA GLY G 130 17.43 16.37 -7.12
C GLY G 130 18.47 15.32 -7.48
N TYR G 131 19.50 15.76 -8.20
CA TYR G 131 20.57 14.87 -8.74
C TYR G 131 21.96 15.03 -8.07
N SER G 132 22.04 15.82 -7.01
CA SER G 132 23.33 16.10 -6.36
C SER G 132 23.59 15.17 -5.17
N SER G 133 22.73 14.19 -4.96
CA SER G 133 22.79 13.32 -3.77
C SER G 133 22.06 12.00 -4.05
N THR G 134 22.13 11.05 -3.13
CA THR G 134 21.44 9.73 -3.24
C THR G 134 20.56 9.49 -2.01
N PRO G 135 19.63 8.50 -2.06
CA PRO G 135 18.75 8.19 -0.88
C PRO G 135 19.47 7.80 0.40
N PHE G 136 20.71 7.32 0.28
CA PHE G 136 21.53 6.92 1.44
C PHE G 136 22.44 8.00 2.02
N GLU G 137 22.32 9.23 1.52
CA GLU G 137 23.12 10.36 1.99
C GLU G 137 22.98 10.50 3.49
N ARG G 138 24.11 10.52 4.20
CA ARG G 138 24.16 10.75 5.66
C ARG G 138 23.87 12.21 6.05
N ASP G 139 24.36 13.15 5.25
CA ASP G 139 24.23 14.55 5.59
C ASP G 139 23.07 15.19 4.83
N ILE G 140 21.95 15.43 5.50
CA ILE G 140 20.77 16.06 4.85
C ILE G 140 21.06 17.43 4.17
N THR G 141 22.08 18.14 4.62
CA THR G 141 22.52 19.42 4.00
C THR G 141 23.02 19.30 2.56
N LYS G 142 23.52 18.11 2.19
CA LYS G 142 24.04 17.84 0.83
C LYS G 142 22.95 17.67 -0.27
N HIS G 143 21.68 17.51 0.12
CA HIS G 143 20.55 17.45 -0.85
C HIS G 143 20.39 18.77 -1.61
N ARG G 144 20.25 18.74 -2.93
CA ARG G 144 20.05 19.95 -3.77
C ARG G 144 18.74 19.82 -4.63
N PRO G 145 17.56 20.13 -4.04
CA PRO G 145 16.26 20.02 -4.74
C PRO G 145 16.12 20.84 -6.02
N GLN G 146 15.34 20.30 -6.96
CA GLN G 146 15.06 20.92 -8.27
C GLN G 146 13.58 21.21 -8.49
N VAL G 147 13.30 22.25 -9.27
CA VAL G 147 11.95 22.56 -9.75
C VAL G 147 11.95 22.42 -11.26
N TYR G 148 10.92 21.73 -11.78
CA TYR G 148 10.65 21.57 -13.23
C TYR G 148 9.21 21.97 -13.54
N MET G 149 9.00 22.66 -14.66
CA MET G 149 7.64 23.06 -15.11
C MET G 149 7.38 22.76 -16.58
N SER G 150 6.13 22.50 -16.92
CA SER G 150 5.70 22.38 -18.33
C SER G 150 4.31 23.00 -18.54
N ALA G 151 4.11 23.56 -19.72
CA ALA G 151 2.81 24.15 -20.13
C ALA G 151 2.41 23.59 -21.48
N CYS G 152 1.20 23.03 -21.54
CA CYS G 152 0.70 22.30 -22.71
C CYS G 152 -0.75 22.66 -23.00
N PRO G 153 -1.27 22.25 -24.17
CA PRO G 153 -2.72 22.44 -24.36
C PRO G 153 -3.59 21.71 -23.33
N TYR G 154 -4.76 22.29 -23.02
CA TYR G 154 -5.71 21.71 -22.07
C TYR G 154 -6.08 20.30 -22.53
N GLN G 155 -6.05 19.36 -21.58
CA GLN G 155 -6.36 17.95 -21.81
C GLN G 155 -7.63 17.45 -21.13
N TRP G 156 -8.35 16.57 -21.82
CA TRP G 156 -9.66 16.09 -21.37
C TRP G 156 -9.55 14.62 -21.02
N ILE G 157 -9.78 14.28 -19.74
CA ILE G 157 -9.87 12.89 -19.31
C ILE G 157 -11.06 12.16 -19.94
N VAL G 158 -12.20 12.84 -20.07
CA VAL G 158 -13.37 12.32 -20.82
C VAL G 158 -13.81 13.29 -21.94
N PRO G 159 -14.25 12.76 -23.10
CA PRO G 159 -14.70 13.66 -24.19
C PRO G 159 -15.98 14.43 -23.89
N PHE G 160 -16.24 15.42 -24.74
CA PHE G 160 -17.36 16.39 -24.55
C PHE G 160 -18.74 15.74 -24.53
N ASP G 161 -18.96 14.75 -25.41
CA ASP G 161 -20.25 14.03 -25.50
C ASP G 161 -20.55 13.24 -24.22
N ARG G 162 -19.49 12.85 -23.53
CA ARG G 162 -19.58 12.10 -22.26
C ARG G 162 -19.79 12.98 -21.04
N ILE G 163 -19.30 14.22 -21.10
CA ILE G 163 -19.69 15.25 -20.11
C ILE G 163 -21.21 15.50 -20.13
N ARG G 164 -21.80 15.48 -21.34
CA ARG G 164 -23.26 15.67 -21.51
C ARG G 164 -24.03 14.40 -21.12
N ASP G 165 -23.63 13.25 -21.65
CA ASP G 165 -24.41 11.99 -21.54
C ASP G 165 -24.07 11.08 -20.36
N GLY G 166 -22.84 11.19 -19.86
CA GLY G 166 -22.38 10.44 -18.69
C GLY G 166 -21.37 9.35 -19.01
N VAL G 167 -20.70 8.83 -17.98
CA VAL G 167 -19.63 7.80 -18.11
C VAL G 167 -19.97 6.50 -17.33
N HIS G 168 -19.45 5.38 -17.81
CA HIS G 168 -19.70 4.07 -17.19
C HIS G 168 -18.57 3.65 -16.24
N LEU G 169 -18.86 3.63 -14.93
CA LEU G 169 -17.86 3.39 -13.89
C LEU G 169 -17.73 1.91 -13.53
N MET G 170 -16.53 1.53 -13.10
CA MET G 170 -16.23 0.18 -12.62
C MET G 170 -15.54 0.26 -11.24
N VAL G 171 -15.99 -0.57 -10.30
CA VAL G 171 -15.27 -0.77 -9.01
C VAL G 171 -14.21 -1.85 -9.17
N ALA G 172 -12.94 -1.49 -8.95
CA ALA G 172 -11.82 -2.43 -9.16
C ALA G 172 -11.83 -3.54 -8.10
N GLN G 173 -11.58 -4.78 -8.53
CA GLN G 173 -11.47 -5.93 -7.63
C GLN G 173 -10.08 -6.55 -7.53
N SER G 174 -9.19 -6.29 -8.48
CA SER G 174 -7.85 -6.94 -8.49
C SER G 174 -6.77 -6.08 -7.82
N VAL G 175 -7.14 -4.87 -7.36
CA VAL G 175 -6.19 -3.93 -6.79
C VAL G 175 -6.93 -3.00 -5.83
N ARG G 176 -6.21 -2.51 -4.81
CA ARG G 176 -6.72 -1.47 -3.89
C ARG G 176 -5.74 -0.27 -3.80
N ARG G 177 -6.28 0.89 -3.41
CA ARG G 177 -5.48 2.12 -3.31
C ARG G 177 -4.42 1.97 -2.23
N THR G 178 -3.20 2.41 -2.54
CA THR G 178 -2.10 2.35 -1.59
C THR G 178 -2.49 3.00 -0.23
N PRO G 179 -2.21 2.32 0.88
CA PRO G 179 -2.57 2.89 2.19
C PRO G 179 -1.77 4.13 2.58
N ARG G 180 -2.35 4.96 3.44
CA ARG G 180 -1.64 6.15 3.99
C ARG G 180 -0.38 5.77 4.80
N SER G 181 -0.37 4.56 5.35
CA SER G 181 0.78 4.02 6.07
C SER G 181 1.95 3.53 5.20
N SER G 182 1.84 3.65 3.87
CA SER G 182 2.93 3.29 2.94
C SER G 182 3.29 4.49 2.03
N ILE G 183 2.37 4.86 1.15
CA ILE G 183 2.53 6.00 0.22
C ILE G 183 1.23 6.80 0.23
N ASP G 184 1.27 7.97 0.85
CA ASP G 184 0.08 8.77 1.16
C ASP G 184 -0.63 9.39 -0.09
N PRO G 185 -1.86 8.96 -0.40
CA PRO G 185 -2.58 9.58 -1.50
C PRO G 185 -2.90 11.07 -1.33
N GLN G 186 -2.83 11.58 -0.09
CA GLN G 186 -3.07 13.02 0.18
C GLN G 186 -1.88 13.90 -0.20
N VAL G 187 -0.77 13.27 -0.56
CA VAL G 187 0.37 13.90 -1.21
C VAL G 187 0.35 13.53 -2.70
N LYS G 188 0.06 14.50 -3.55
CA LYS G 188 0.05 14.27 -5.00
C LYS G 188 1.40 13.63 -5.36
N ASN G 189 1.37 12.56 -6.14
CA ASN G 189 2.64 11.84 -6.46
C ASN G 189 2.57 11.08 -7.75
N PHE G 190 3.75 10.74 -8.29
CA PHE G 190 3.89 10.01 -9.56
C PHE G 190 3.87 8.48 -9.39
N GLN G 191 3.58 7.99 -8.19
CA GLN G 191 3.69 6.55 -7.87
C GLN G 191 2.37 5.85 -8.12
N TRP G 192 2.13 5.59 -9.40
CA TRP G 192 0.83 5.17 -9.95
C TRP G 192 0.68 3.62 -10.25
N GLY G 193 1.51 2.81 -9.60
CA GLY G 193 1.47 1.35 -9.78
C GLY G 193 0.09 0.73 -9.62
N ASP G 194 -0.61 1.12 -8.56
CA ASP G 194 -1.97 0.66 -8.28
C ASP G 194 -3.01 1.24 -9.24
N LEU G 195 -2.86 2.53 -9.54
CA LEU G 195 -3.76 3.23 -10.45
C LEU G 195 -3.67 2.67 -11.91
N ILE G 196 -2.45 2.31 -12.34
CA ILE G 196 -2.24 1.69 -13.66
C ILE G 196 -2.83 0.28 -13.75
N ARG G 197 -2.66 -0.51 -12.70
CA ARG G 197 -3.35 -1.79 -12.57
C ARG G 197 -4.87 -1.67 -12.70
N ALA G 198 -5.44 -0.65 -12.07
CA ALA G 198 -6.89 -0.39 -12.15
C ALA G 198 -7.35 -0.07 -13.59
N ILE G 199 -6.55 0.71 -14.32
CA ILE G 199 -6.85 1.08 -15.71
C ILE G 199 -6.83 -0.18 -16.59
N GLN G 200 -5.85 -1.06 -16.32
CA GLN G 200 -5.70 -2.31 -17.06
C GLN G 200 -6.89 -3.25 -16.83
N GLU G 201 -7.37 -3.31 -15.58
CA GLU G 201 -8.56 -4.09 -15.23
C GLU G 201 -9.82 -3.57 -15.97
N THR G 202 -9.87 -2.27 -16.19
CA THR G 202 -10.98 -1.64 -16.89
C THR G 202 -11.04 -2.11 -18.37
N HIS G 203 -9.86 -2.25 -18.99
CA HIS G 203 -9.76 -2.78 -20.34
C HIS G 203 -10.21 -4.23 -20.40
N ASP G 204 -9.76 -5.04 -19.43
CA ASP G 204 -10.12 -6.44 -19.35
C ASP G 204 -11.63 -6.65 -19.24
N ARG G 205 -12.28 -5.86 -18.41
CA ARG G 205 -13.71 -6.04 -18.09
C ARG G 205 -14.67 -5.22 -18.96
N GLY G 206 -14.12 -4.32 -19.78
CA GLY G 206 -14.89 -3.60 -20.79
C GLY G 206 -15.66 -2.38 -20.31
N PHE G 207 -15.05 -1.62 -19.39
CA PHE G 207 -15.67 -0.40 -18.82
C PHE G 207 -14.84 0.82 -19.21
N GLU G 208 -15.27 2.01 -18.84
CA GLU G 208 -14.64 3.24 -19.27
C GLU G 208 -13.59 3.83 -18.29
N LEU G 209 -13.95 3.93 -17.01
CA LEU G 209 -13.03 4.38 -15.94
C LEU G 209 -13.17 3.56 -14.66
N PRO G 210 -12.09 3.41 -13.88
CA PRO G 210 -12.16 2.70 -12.60
C PRO G 210 -12.20 3.58 -11.35
N LEU G 211 -12.86 3.06 -10.31
CA LEU G 211 -12.79 3.60 -8.92
C LEU G 211 -12.21 2.54 -8.00
N LEU G 212 -11.18 2.91 -7.25
CA LEU G 212 -10.52 1.98 -6.29
C LEU G 212 -11.14 2.12 -4.90
N LEU G 213 -11.07 1.03 -4.14
CA LEU G 213 -11.39 0.98 -2.72
C LEU G 213 -10.11 1.01 -1.86
N ASP G 214 -10.26 1.37 -0.58
CA ASP G 214 -9.15 1.34 0.40
C ASP G 214 -9.06 -0.01 1.17
N CYS G 215 -8.11 -0.12 2.09
CA CYS G 215 -7.98 -1.33 2.90
C CYS G 215 -9.22 -1.77 3.70
N ASP G 216 -10.06 -0.82 4.10
CA ASP G 216 -11.32 -1.12 4.78
C ASP G 216 -12.51 -1.33 3.85
N ASN G 217 -12.23 -1.46 2.56
CA ASN G 217 -13.27 -1.58 1.51
C ASN G 217 -14.24 -0.36 1.39
N LEU G 218 -13.74 0.82 1.75
CA LEU G 218 -14.46 2.06 1.60
C LEU G 218 -13.97 2.81 0.34
N LEU G 219 -14.83 3.66 -0.21
CA LEU G 219 -14.53 4.38 -1.46
C LEU G 219 -13.23 5.15 -1.30
N ALA G 220 -12.35 5.08 -2.29
CA ALA G 220 -11.11 5.86 -2.31
C ALA G 220 -11.15 6.95 -3.39
N GLU G 221 -10.48 6.72 -4.51
CA GLU G 221 -10.44 7.67 -5.65
C GLU G 221 -10.11 6.89 -6.94
N GLY G 222 -10.08 7.60 -8.06
CA GLY G 222 -9.71 7.03 -9.36
C GLY G 222 -8.38 7.58 -9.91
N PRO G 223 -7.90 7.08 -11.07
CA PRO G 223 -6.63 7.57 -11.65
C PRO G 223 -6.77 8.97 -12.22
N GLY G 224 -6.30 9.95 -11.45
CA GLY G 224 -6.42 11.35 -11.81
C GLY G 224 -7.72 12.05 -11.52
N PHE G 225 -8.56 11.48 -10.66
CA PHE G 225 -9.85 12.12 -10.30
C PHE G 225 -10.44 11.68 -8.94
N ASN G 226 -11.21 12.58 -8.35
CA ASN G 226 -12.01 12.32 -7.16
C ASN G 226 -13.44 11.93 -7.55
N VAL G 227 -14.12 11.19 -6.68
CA VAL G 227 -15.52 10.78 -6.83
C VAL G 227 -16.41 11.51 -5.83
N VAL G 228 -17.64 11.83 -6.25
CA VAL G 228 -18.64 12.49 -5.41
C VAL G 228 -19.99 11.74 -5.53
N VAL G 229 -20.66 11.56 -4.39
CA VAL G 229 -21.89 10.77 -4.27
C VAL G 229 -23.03 11.60 -3.67
N ILE G 230 -24.16 11.61 -4.36
CA ILE G 230 -25.36 12.41 -3.97
C ILE G 230 -26.56 11.52 -3.61
N LYS G 231 -27.10 11.75 -2.41
CA LYS G 231 -28.19 10.94 -1.84
C LYS G 231 -29.09 11.78 -0.93
N ASP G 232 -30.38 11.81 -1.27
CA ASP G 232 -31.42 12.57 -0.55
C ASP G 232 -30.99 14.02 -0.29
N GLY G 233 -30.48 14.66 -1.34
CA GLY G 233 -29.98 16.05 -1.26
C GLY G 233 -28.69 16.34 -0.47
N VAL G 234 -28.03 15.28 0.02
CA VAL G 234 -26.76 15.40 0.73
C VAL G 234 -25.61 15.02 -0.23
N VAL G 235 -24.59 15.89 -0.30
CA VAL G 235 -23.43 15.72 -1.20
C VAL G 235 -22.18 15.29 -0.41
N ARG G 236 -21.64 14.11 -0.73
CA ARG G 236 -20.53 13.50 0.01
C ARG G 236 -19.36 13.08 -0.89
N SER G 237 -18.14 13.20 -0.38
CA SER G 237 -16.91 12.73 -1.10
C SER G 237 -15.90 12.09 -0.13
N PRO G 238 -15.17 11.04 -0.57
CA PRO G 238 -14.20 10.39 0.31
C PRO G 238 -13.14 11.28 0.95
N GLY G 239 -13.01 11.18 2.27
CA GLY G 239 -12.08 12.00 3.05
C GLY G 239 -10.67 11.43 3.25
N ARG G 240 -10.52 10.11 3.22
CA ARG G 240 -9.24 9.46 3.58
C ARG G 240 -8.31 9.16 2.41
N ALA G 241 -8.60 8.08 1.67
CA ALA G 241 -7.71 7.59 0.59
C ALA G 241 -7.98 8.32 -0.74
N ALA G 242 -7.76 9.64 -0.72
CA ALA G 242 -8.09 10.53 -1.83
C ALA G 242 -7.30 11.84 -1.74
N LEU G 243 -6.83 12.32 -2.89
CA LEU G 243 -6.19 13.63 -2.95
C LEU G 243 -7.18 14.72 -2.59
N PRO G 244 -6.76 15.72 -1.77
CA PRO G 244 -7.62 16.90 -1.53
C PRO G 244 -7.64 17.76 -2.79
N GLY G 245 -8.50 17.38 -3.71
CA GLY G 245 -8.58 18.03 -5.01
C GLY G 245 -9.10 19.45 -4.95
N ILE G 246 -8.58 20.31 -5.83
CA ILE G 246 -9.01 21.71 -5.98
C ILE G 246 -10.37 21.74 -6.70
N THR G 247 -10.57 20.84 -7.68
CA THR G 247 -11.89 20.67 -8.33
C THR G 247 -12.96 20.16 -7.34
N ARG G 248 -12.60 19.17 -6.52
CA ARG G 248 -13.47 18.70 -5.42
C ARG G 248 -13.91 19.82 -4.50
N LYS G 249 -12.93 20.63 -4.07
CA LYS G 249 -13.19 21.76 -3.17
C LYS G 249 -14.21 22.69 -3.80
N THR G 250 -14.03 22.98 -5.10
CA THR G 250 -14.94 23.85 -5.87
C THR G 250 -16.33 23.24 -5.94
N VAL G 251 -16.40 21.94 -6.23
CA VAL G 251 -17.69 21.20 -6.29
C VAL G 251 -18.49 21.28 -4.96
N LEU G 252 -17.81 21.08 -3.83
CA LEU G 252 -18.46 21.20 -2.51
C LEU G 252 -18.90 22.63 -2.16
N GLU G 253 -18.08 23.63 -2.51
CA GLU G 253 -18.47 25.06 -2.38
C GLU G 253 -19.72 25.40 -3.19
N ILE G 254 -19.76 24.93 -4.44
CA ILE G 254 -20.95 25.09 -5.31
C ILE G 254 -22.19 24.42 -4.70
N ALA G 255 -22.03 23.20 -4.19
CA ALA G 255 -23.14 22.48 -3.55
C ALA G 255 -23.73 23.28 -2.38
N GLU G 256 -22.86 23.85 -1.53
CA GLU G 256 -23.29 24.70 -0.40
C GLU G 256 -24.05 25.96 -0.88
N SER G 257 -23.56 26.59 -1.95
CA SER G 257 -24.23 27.76 -2.55
C SER G 257 -25.63 27.39 -3.09
N LEU G 258 -25.83 26.16 -3.56
CA LEU G 258 -27.17 25.66 -3.96
C LEU G 258 -28.08 25.19 -2.80
N GLY G 259 -27.61 25.33 -1.57
CA GLY G 259 -28.40 24.97 -0.38
C GLY G 259 -28.34 23.50 0.04
N HIS G 260 -27.34 22.76 -0.43
CA HIS G 260 -27.12 21.36 -0.03
C HIS G 260 -26.06 21.26 1.08
N GLU G 261 -26.28 20.34 2.03
CA GLU G 261 -25.20 19.92 2.94
C GLU G 261 -24.11 19.22 2.10
N ALA G 262 -22.86 19.65 2.29
CA ALA G 262 -21.71 19.16 1.51
C ALA G 262 -20.52 18.81 2.40
N ILE G 263 -20.17 17.53 2.45
CA ILE G 263 -19.22 17.03 3.47
C ILE G 263 -18.26 15.94 2.97
N LEU G 264 -17.10 15.88 3.62
CA LEU G 264 -16.17 14.76 3.45
C LEU G 264 -16.63 13.65 4.37
N ALA G 265 -16.55 12.42 3.88
CA ALA G 265 -17.08 11.25 4.62
C ALA G 265 -16.53 9.90 4.14
N ASP G 266 -16.75 8.87 4.98
CA ASP G 266 -16.51 7.49 4.64
C ASP G 266 -17.75 6.94 3.95
N ILE G 267 -17.59 6.39 2.75
CA ILE G 267 -18.70 5.92 1.91
C ILE G 267 -18.53 4.45 1.53
N THR G 268 -19.59 3.67 1.72
CA THR G 268 -19.59 2.22 1.41
C THR G 268 -19.97 1.92 -0.05
N PRO G 269 -19.59 0.73 -0.57
CA PRO G 269 -20.06 0.33 -1.91
C PRO G 269 -21.56 0.27 -2.04
N ALA G 270 -22.25 -0.22 -1.00
CA ALA G 270 -23.72 -0.28 -1.00
C ALA G 270 -24.33 1.10 -1.26
N GLU G 271 -23.79 2.09 -0.56
CA GLU G 271 -24.22 3.48 -0.73
C GLU G 271 -23.96 4.03 -2.15
N LEU G 272 -22.87 3.60 -2.76
CA LEU G 272 -22.56 3.98 -4.15
C LEU G 272 -23.62 3.46 -5.11
N TYR G 273 -23.94 2.18 -5.02
CA TYR G 273 -24.96 1.53 -5.90
C TYR G 273 -26.35 2.10 -5.70
N ASP G 274 -26.66 2.48 -4.46
CA ASP G 274 -27.98 3.03 -4.08
C ASP G 274 -28.11 4.57 -4.22
N ALA G 275 -27.10 5.22 -4.80
CA ALA G 275 -27.08 6.69 -4.87
C ALA G 275 -28.11 7.26 -5.86
N ASP G 276 -28.58 8.48 -5.58
CA ASP G 276 -29.42 9.24 -6.54
C ASP G 276 -28.59 9.71 -7.75
N GLU G 277 -27.43 10.30 -7.45
CA GLU G 277 -26.46 10.74 -8.48
C GLU G 277 -25.00 10.45 -8.09
N VAL G 278 -24.16 10.23 -9.09
CA VAL G 278 -22.70 10.07 -8.90
C VAL G 278 -21.94 10.89 -9.97
N LEU G 279 -20.86 11.56 -9.55
CA LEU G 279 -20.03 12.34 -10.49
C LEU G 279 -18.53 12.17 -10.23
N GLY G 280 -17.74 12.59 -11.22
CA GLY G 280 -16.28 12.63 -11.15
C GLY G 280 -15.77 14.05 -11.38
N CYS G 281 -14.61 14.38 -10.80
CA CYS G 281 -14.00 15.70 -10.95
C CYS G 281 -12.47 15.71 -10.91
N SER G 282 -11.90 16.64 -11.68
CA SER G 282 -10.43 16.77 -11.85
C SER G 282 -10.08 18.07 -12.60
N THR G 283 -8.87 18.61 -12.35
CA THR G 283 -8.35 19.72 -13.17
C THR G 283 -8.36 19.34 -14.66
N GLY G 284 -8.07 18.07 -14.92
CA GLY G 284 -8.09 17.53 -16.29
C GLY G 284 -9.43 17.14 -16.87
N GLY G 285 -10.30 18.13 -17.08
CA GLY G 285 -11.61 17.92 -17.68
C GLY G 285 -12.79 18.57 -16.97
N GLY G 286 -12.57 18.99 -15.72
CA GLY G 286 -13.58 19.65 -14.89
C GLY G 286 -14.47 18.68 -14.15
N VAL G 287 -15.75 18.66 -14.49
CA VAL G 287 -16.76 17.84 -13.83
C VAL G 287 -17.58 17.07 -14.89
N TRP G 288 -17.91 15.82 -14.57
CA TRP G 288 -18.71 14.93 -15.44
C TRP G 288 -19.54 13.91 -14.65
N PRO G 289 -20.63 13.39 -15.25
CA PRO G 289 -21.46 12.41 -14.56
C PRO G 289 -21.01 10.97 -14.75
N PHE G 290 -21.28 10.16 -13.71
CA PHE G 290 -21.17 8.68 -13.77
C PHE G 290 -22.58 8.11 -13.67
N VAL G 291 -23.04 7.53 -14.78
CA VAL G 291 -24.47 7.08 -14.92
C VAL G 291 -24.73 5.60 -14.64
N SER G 292 -23.66 4.81 -14.57
CA SER G 292 -23.74 3.41 -14.15
C SER G 292 -22.47 2.96 -13.41
N VAL G 293 -22.61 1.94 -12.57
CA VAL G 293 -21.49 1.32 -11.84
C VAL G 293 -21.56 -0.22 -11.98
N ASP G 294 -20.50 -0.83 -12.52
CA ASP G 294 -20.46 -2.28 -12.80
C ASP G 294 -21.65 -2.76 -13.66
N GLY G 295 -22.08 -1.92 -14.60
CA GLY G 295 -23.23 -2.20 -15.46
C GLY G 295 -24.61 -1.95 -14.87
N ASN G 296 -24.67 -1.59 -13.59
CA ASN G 296 -25.92 -1.24 -12.90
C ASN G 296 -26.20 0.24 -13.06
N SER G 297 -27.41 0.60 -13.48
CA SER G 297 -27.76 2.02 -13.66
C SER G 297 -27.81 2.76 -12.32
N ILE G 298 -27.34 4.01 -12.32
CA ILE G 298 -27.52 4.92 -11.17
C ILE G 298 -28.84 5.67 -11.42
N SER G 299 -29.82 5.47 -10.53
CA SER G 299 -31.20 5.94 -10.74
C SER G 299 -31.69 5.45 -12.12
N ASP G 300 -32.16 6.37 -12.97
CA ASP G 300 -32.68 6.03 -14.31
C ASP G 300 -31.60 6.01 -15.41
N GLY G 301 -30.32 5.98 -15.03
CA GLY G 301 -29.21 5.88 -16.00
C GLY G 301 -28.87 7.11 -16.85
N VAL G 302 -29.43 8.28 -16.51
CA VAL G 302 -29.10 9.54 -17.19
C VAL G 302 -28.59 10.57 -16.17
N PRO G 303 -27.80 11.55 -16.62
CA PRO G 303 -27.24 12.52 -15.67
C PRO G 303 -28.31 13.21 -14.86
N GLY G 304 -28.12 13.24 -13.54
CA GLY G 304 -29.07 13.85 -12.63
C GLY G 304 -29.04 15.37 -12.63
N PRO G 305 -30.09 15.99 -12.06
CA PRO G 305 -30.24 17.45 -12.16
C PRO G 305 -29.28 18.26 -11.27
N VAL G 306 -28.94 17.73 -10.09
CA VAL G 306 -27.96 18.39 -9.22
C VAL G 306 -26.56 18.39 -9.90
N THR G 307 -26.16 17.25 -10.47
CA THR G 307 -24.92 17.12 -11.24
C THR G 307 -24.83 18.15 -12.39
N GLN G 308 -25.91 18.26 -13.16
CA GLN G 308 -26.01 19.21 -14.28
C GLN G 308 -25.84 20.66 -13.86
N SER G 309 -26.47 21.05 -12.76
CA SER G 309 -26.31 22.41 -12.26
C SER G 309 -24.88 22.70 -11.72
N ILE G 310 -24.23 21.68 -11.14
CA ILE G 310 -22.84 21.77 -10.66
C ILE G 310 -21.88 21.96 -11.85
N ILE G 311 -22.05 21.14 -12.88
CA ILE G 311 -21.22 21.22 -14.11
C ILE G 311 -21.29 22.62 -14.73
N ARG G 312 -22.50 23.15 -14.87
CA ARG G 312 -22.73 24.46 -15.48
C ARG G 312 -22.12 25.57 -14.64
N ARG G 313 -22.34 25.50 -13.32
CA ARG G 313 -21.80 26.51 -12.40
C ARG G 313 -20.27 26.54 -12.40
N TYR G 314 -19.65 25.35 -12.46
CA TYR G 314 -18.18 25.21 -12.49
C TYR G 314 -17.61 26.01 -13.66
N TRP G 315 -18.19 25.81 -14.83
CA TRP G 315 -17.71 26.52 -16.03
C TRP G 315 -18.04 28.03 -16.02
N GLU G 316 -19.16 28.42 -15.41
CA GLU G 316 -19.43 29.85 -15.11
C GLU G 316 -18.31 30.49 -14.26
N LEU G 317 -17.86 29.78 -13.22
CA LEU G 317 -16.75 30.25 -12.35
C LEU G 317 -15.40 30.43 -13.05
N ASN G 318 -15.23 29.76 -14.19
CA ASN G 318 -14.00 29.84 -15.01
C ASN G 318 -13.91 31.11 -15.85
N VAL G 319 -15.04 31.80 -16.02
CA VAL G 319 -15.09 33.05 -16.81
C VAL G 319 -15.57 34.30 -16.07
N GLU G 320 -16.53 34.17 -15.15
CA GLU G 320 -17.08 35.32 -14.40
C GLU G 320 -16.00 35.93 -13.47
N PRO G 321 -15.76 37.25 -13.60
CA PRO G 321 -14.67 37.89 -12.87
C PRO G 321 -14.79 37.66 -11.38
N SER G 322 -13.76 37.05 -10.79
CA SER G 322 -13.69 36.86 -9.32
C SER G 322 -12.25 36.71 -8.85
N SER G 323 -12.08 36.59 -7.55
CA SER G 323 -10.74 36.29 -6.97
C SER G 323 -10.20 34.88 -7.25
N LEU G 324 -11.05 34.01 -7.81
CA LEU G 324 -10.61 32.69 -8.30
C LEU G 324 -9.71 32.76 -9.57
N LEU G 325 -9.73 33.92 -10.24
CA LEU G 325 -9.01 34.09 -11.49
C LEU G 325 -7.79 35.02 -11.40
N THR G 326 -6.70 34.61 -12.06
CA THR G 326 -5.47 35.39 -12.19
C THR G 326 -5.15 35.57 -13.68
N PRO G 327 -5.15 36.83 -14.18
CA PRO G 327 -4.86 37.04 -15.62
C PRO G 327 -3.39 36.78 -16.03
N VAL G 328 -3.22 36.09 -17.15
CA VAL G 328 -1.91 35.88 -17.76
C VAL G 328 -1.56 37.11 -18.62
N GLN G 329 -0.35 37.64 -18.47
CA GLN G 329 0.11 38.84 -19.20
C GLN G 329 0.78 38.43 -20.56
N TYR G 330 -0.02 38.26 -21.62
CA TYR G 330 0.50 37.88 -22.99
C TYR G 330 1.22 39.06 -23.77
N ILE H 10 36.79 11.41 -10.34
CA ILE H 10 36.03 10.12 -10.17
C ILE H 10 36.82 9.16 -9.26
N VAL H 11 36.19 8.70 -8.18
CA VAL H 11 36.75 7.63 -7.33
C VAL H 11 36.25 6.27 -7.87
N TYR H 12 37.18 5.43 -8.32
CA TYR H 12 36.87 4.11 -8.91
C TYR H 12 37.62 2.89 -8.29
N THR H 13 38.51 3.13 -7.31
CA THR H 13 39.16 2.07 -6.49
C THR H 13 39.32 2.49 -5.02
N HIS H 14 39.51 1.50 -4.14
CA HIS H 14 39.79 1.68 -2.71
C HIS H 14 40.70 0.56 -2.20
N ASP H 15 41.46 0.86 -1.15
CA ASP H 15 42.06 -0.19 -0.31
C ASP H 15 40.98 -0.54 0.75
N THR H 16 40.56 -1.80 0.79
CA THR H 16 39.39 -2.23 1.59
C THR H 16 39.65 -2.55 3.07
N GLY H 17 40.86 -2.97 3.40
CA GLY H 17 41.17 -3.46 4.77
C GLY H 17 40.63 -4.86 5.02
N LEU H 18 40.27 -5.58 3.94
CA LEU H 18 39.72 -6.94 3.99
C LEU H 18 40.41 -7.82 2.93
N ASP H 19 40.96 -8.95 3.38
CA ASP H 19 41.76 -9.85 2.50
C ASP H 19 40.94 -10.45 1.33
N TYR H 20 39.62 -10.61 1.53
CA TYR H 20 38.70 -11.24 0.55
C TYR H 20 38.03 -10.29 -0.47
N ILE H 21 38.20 -8.96 -0.31
CA ILE H 21 37.73 -7.97 -1.30
C ILE H 21 38.89 -7.14 -1.82
N THR H 22 39.24 -7.34 -3.10
CA THR H 22 40.34 -6.61 -3.74
C THR H 22 39.95 -6.01 -5.10
N TYR H 23 40.08 -4.69 -5.21
CA TYR H 23 39.87 -3.97 -6.47
C TYR H 23 40.99 -4.28 -7.45
N SER H 24 40.75 -4.00 -8.74
CA SER H 24 41.75 -4.12 -9.79
C SER H 24 42.76 -2.95 -9.75
N ASP H 25 44.00 -3.23 -10.16
CA ASP H 25 45.09 -2.22 -10.22
C ASP H 25 45.27 -1.73 -11.66
N TYR H 26 44.70 -0.56 -11.96
CA TYR H 26 44.72 -0.01 -13.33
C TYR H 26 44.41 1.49 -13.30
N GLU H 27 44.55 2.13 -14.46
CA GLU H 27 44.30 3.56 -14.63
C GLU H 27 43.37 3.84 -15.79
N LEU H 28 42.50 4.83 -15.61
CA LEU H 28 41.55 5.23 -16.65
C LEU H 28 42.26 6.11 -17.69
N ASP H 29 41.93 5.88 -18.97
CA ASP H 29 42.44 6.70 -20.08
C ASP H 29 41.77 8.08 -20.09
N PRO H 30 42.54 9.17 -19.80
CA PRO H 30 41.91 10.51 -19.80
C PRO H 30 41.53 11.09 -21.19
N ALA H 31 42.03 10.49 -22.26
CA ALA H 31 41.60 10.80 -23.64
C ALA H 31 40.18 10.30 -24.00
N ASN H 32 39.68 9.32 -23.25
CA ASN H 32 38.34 8.72 -23.45
C ASN H 32 37.26 9.55 -22.71
N PRO H 33 36.33 10.20 -23.46
CA PRO H 33 35.26 11.01 -22.80
C PRO H 33 34.21 10.20 -22.00
N LEU H 34 34.14 8.87 -22.21
CA LEU H 34 33.25 7.95 -21.47
C LEU H 34 33.94 7.21 -20.29
N ALA H 35 35.23 7.43 -20.09
CA ALA H 35 35.97 6.75 -19.03
C ALA H 35 35.42 7.05 -17.64
N GLY H 36 35.22 6.00 -16.85
CA GLY H 36 34.74 6.13 -15.46
C GLY H 36 33.23 6.26 -15.23
N GLY H 37 32.45 6.25 -16.30
CA GLY H 37 31.02 6.45 -16.22
C GLY H 37 30.36 6.84 -17.53
N ALA H 38 29.25 6.19 -17.86
CA ALA H 38 28.51 6.47 -19.09
C ALA H 38 27.09 5.93 -19.09
N ALA H 39 26.31 6.34 -20.10
CA ALA H 39 24.90 5.89 -20.25
C ALA H 39 24.57 5.53 -21.71
N TRP H 40 23.52 4.72 -21.90
CA TRP H 40 22.95 4.41 -23.21
C TRP H 40 21.52 4.89 -23.22
N ILE H 41 21.24 5.87 -24.08
CA ILE H 41 19.92 6.53 -24.18
C ILE H 41 19.49 6.68 -25.63
N GLU H 42 18.35 6.07 -25.99
CA GLU H 42 17.78 6.14 -27.35
C GLU H 42 18.80 5.84 -28.45
N GLY H 43 19.54 4.75 -28.28
CA GLY H 43 20.54 4.31 -29.28
C GLY H 43 21.93 4.92 -29.23
N ALA H 44 22.15 5.90 -28.33
CA ALA H 44 23.43 6.62 -28.24
C ALA H 44 24.19 6.36 -26.92
N PHE H 45 25.51 6.12 -27.03
CA PHE H 45 26.41 6.06 -25.86
C PHE H 45 26.83 7.49 -25.51
N VAL H 46 26.51 7.96 -24.29
CA VAL H 46 26.78 9.35 -23.88
C VAL H 46 27.44 9.44 -22.50
N PRO H 47 28.16 10.55 -22.22
CA PRO H 47 28.70 10.73 -20.86
C PRO H 47 27.63 11.10 -19.82
N PRO H 48 27.96 10.99 -18.52
CA PRO H 48 26.97 11.29 -17.46
C PRO H 48 26.25 12.66 -17.52
N SER H 49 26.99 13.72 -17.81
CA SER H 49 26.43 15.07 -17.94
C SER H 49 25.39 15.23 -19.08
N GLU H 50 25.45 14.37 -20.11
CA GLU H 50 24.45 14.34 -21.18
C GLU H 50 23.36 13.26 -21.02
N ALA H 51 23.41 12.53 -19.90
CA ALA H 51 22.48 11.42 -19.65
C ALA H 51 21.15 11.94 -19.10
N ARG H 52 20.25 12.25 -20.03
CA ARG H 52 18.96 12.85 -19.70
C ARG H 52 17.80 12.13 -20.40
N ILE H 53 16.62 12.11 -19.76
CA ILE H 53 15.38 11.59 -20.42
C ILE H 53 14.26 12.62 -20.48
N SER H 54 13.35 12.41 -21.43
CA SER H 54 12.17 13.23 -21.59
C SER H 54 11.28 13.25 -20.34
N ILE H 55 10.87 14.44 -19.91
CA ILE H 55 9.84 14.59 -18.82
C ILE H 55 8.47 14.06 -19.22
N PHE H 56 8.27 13.86 -20.52
CA PHE H 56 7.04 13.26 -21.07
C PHE H 56 7.06 11.71 -21.14
N ASP H 57 8.18 11.09 -20.73
CA ASP H 57 8.22 9.64 -20.52
C ASP H 57 7.37 9.26 -19.27
N GLN H 58 6.40 8.36 -19.48
CA GLN H 58 5.57 7.82 -18.40
C GLN H 58 6.35 7.12 -17.27
N GLY H 59 7.55 6.62 -17.59
CA GLY H 59 8.51 6.13 -16.60
C GLY H 59 8.83 7.13 -15.51
N PHE H 60 8.73 8.42 -15.84
CA PHE H 60 8.86 9.53 -14.85
C PHE H 60 7.52 9.86 -14.18
N TYR H 61 6.56 10.41 -14.95
CA TYR H 61 5.34 11.02 -14.35
C TYR H 61 4.25 10.04 -13.88
N THR H 62 4.33 8.77 -14.25
CA THR H 62 3.49 7.71 -13.60
C THR H 62 4.32 6.54 -13.03
N SER H 63 5.63 6.74 -12.93
CA SER H 63 6.60 5.72 -12.56
C SER H 63 6.32 4.36 -13.20
N ASP H 64 5.84 4.40 -14.45
CA ASP H 64 5.40 3.21 -15.20
C ASP H 64 6.63 2.49 -15.82
N ALA H 65 7.31 1.74 -14.97
CA ALA H 65 8.62 1.21 -15.29
C ALA H 65 9.03 0.11 -14.33
N THR H 66 9.97 -0.71 -14.80
CA THR H 66 10.71 -1.65 -13.97
C THR H 66 12.21 -1.63 -14.34
N TYR H 67 13.03 -2.27 -13.53
CA TYR H 67 14.46 -2.28 -13.73
C TYR H 67 15.18 -3.44 -13.04
N THR H 68 16.48 -3.56 -13.35
CA THR H 68 17.42 -4.34 -12.52
C THR H 68 18.80 -3.70 -12.50
N THR H 69 19.58 -4.04 -11.50
CA THR H 69 20.97 -3.55 -11.34
C THR H 69 21.87 -4.77 -11.10
N PHE H 70 22.77 -5.01 -12.05
CA PHE H 70 23.81 -6.01 -11.88
C PHE H 70 25.16 -5.36 -11.61
N HIS H 71 26.15 -6.18 -11.21
CA HIS H 71 27.52 -5.66 -11.00
C HIS H 71 28.60 -6.42 -11.75
N VAL H 72 29.73 -5.75 -11.90
CA VAL H 72 30.94 -6.27 -12.53
C VAL H 72 32.03 -6.21 -11.47
N TRP H 73 32.77 -7.32 -11.30
CA TRP H 73 33.93 -7.38 -10.38
C TRP H 73 35.14 -8.03 -11.04
N ASN H 74 36.30 -7.37 -10.93
CA ASN H 74 37.56 -7.80 -11.60
C ASN H 74 37.31 -8.19 -13.08
N GLY H 75 36.58 -7.33 -13.80
CA GLY H 75 36.31 -7.52 -15.24
C GLY H 75 35.27 -8.54 -15.65
N ASN H 76 34.55 -9.12 -14.67
CA ASN H 76 33.50 -10.12 -14.95
C ASN H 76 32.13 -9.69 -14.40
N ALA H 77 31.11 -9.76 -15.25
CA ALA H 77 29.72 -9.55 -14.81
C ALA H 77 29.23 -10.77 -14.00
N PHE H 78 28.57 -10.50 -12.88
CA PHE H 78 28.07 -11.53 -11.96
C PHE H 78 26.57 -11.85 -12.18
N ARG H 79 26.30 -13.10 -12.55
CA ARG H 79 24.95 -13.64 -12.76
C ARG H 79 24.08 -12.79 -13.70
N LEU H 80 24.66 -12.40 -14.82
CA LEU H 80 23.96 -11.58 -15.84
C LEU H 80 22.68 -12.23 -16.37
N GLY H 81 22.73 -13.53 -16.61
CA GLY H 81 21.58 -14.25 -17.13
C GLY H 81 20.38 -14.20 -16.21
N ASP H 82 20.62 -14.48 -14.93
CA ASP H 82 19.57 -14.38 -13.88
C ASP H 82 18.95 -12.98 -13.79
N HIS H 83 19.80 -11.97 -13.86
CA HIS H 83 19.38 -10.56 -13.82
C HIS H 83 18.46 -10.15 -14.96
N ILE H 84 18.86 -10.44 -16.19
CA ILE H 84 18.06 -10.07 -17.35
C ILE H 84 16.75 -10.91 -17.41
N GLU H 85 16.82 -12.15 -16.94
CA GLU H 85 15.62 -13.01 -16.87
C GLU H 85 14.58 -12.42 -15.90
N ARG H 86 15.06 -11.97 -14.73
CA ARG H 86 14.20 -11.30 -13.76
C ARG H 86 13.61 -9.99 -14.34
N LEU H 87 14.44 -9.22 -15.03
CA LEU H 87 13.98 -7.97 -15.65
C LEU H 87 12.82 -8.19 -16.62
N PHE H 88 12.99 -9.16 -17.51
CA PHE H 88 11.97 -9.50 -18.51
C PHE H 88 10.70 -10.09 -17.89
N SER H 89 10.87 -10.85 -16.82
CA SER H 89 9.75 -11.36 -16.03
C SER H 89 8.97 -10.23 -15.33
N ASN H 90 9.70 -9.31 -14.71
CA ASN H 90 9.10 -8.10 -14.09
C ASN H 90 8.33 -7.22 -15.11
N ALA H 91 8.92 -7.05 -16.30
CA ALA H 91 8.24 -6.36 -17.41
C ALA H 91 6.92 -7.02 -17.80
N GLU H 92 6.96 -8.36 -17.91
CA GLU H 92 5.75 -9.12 -18.24
C GLU H 92 4.66 -8.95 -17.18
N SER H 93 5.05 -8.95 -15.90
CA SER H 93 4.11 -8.73 -14.79
C SER H 93 3.32 -7.44 -14.90
N ILE H 94 3.95 -6.38 -15.41
CA ILE H 94 3.24 -5.08 -15.66
C ILE H 94 2.78 -4.84 -17.11
N ARG H 95 2.68 -5.93 -17.89
CA ARG H 95 2.22 -5.90 -19.30
C ARG H 95 3.03 -4.99 -20.24
N LEU H 96 4.33 -4.95 -20.03
CA LEU H 96 5.25 -4.13 -20.78
C LEU H 96 6.00 -5.06 -21.71
N ILE H 97 5.91 -4.81 -23.02
CA ILE H 97 6.67 -5.59 -24.03
C ILE H 97 8.00 -4.86 -24.35
N PRO H 98 9.15 -5.44 -23.93
CA PRO H 98 10.42 -4.75 -24.22
C PRO H 98 10.73 -4.64 -25.72
N PRO H 99 11.27 -3.49 -26.19
CA PRO H 99 11.60 -3.31 -27.61
C PRO H 99 12.95 -3.96 -28.03
N LEU H 100 13.63 -4.64 -27.09
CA LEU H 100 14.85 -5.38 -27.37
C LEU H 100 14.72 -6.80 -26.82
N THR H 101 15.44 -7.74 -27.40
CA THR H 101 15.49 -9.11 -26.87
C THR H 101 16.47 -9.19 -25.70
N GLN H 102 16.41 -10.28 -24.94
CA GLN H 102 17.37 -10.50 -23.84
C GLN H 102 18.81 -10.50 -24.31
N ASP H 103 19.08 -11.15 -25.45
CA ASP H 103 20.43 -11.19 -26.06
C ASP H 103 20.92 -9.78 -26.45
N GLU H 104 20.04 -8.99 -27.07
CA GLU H 104 20.36 -7.61 -27.47
C GLU H 104 20.72 -6.75 -26.23
N VAL H 105 19.94 -6.89 -25.17
CA VAL H 105 20.18 -6.17 -23.90
C VAL H 105 21.53 -6.51 -23.29
N LYS H 106 21.84 -7.81 -23.22
CA LYS H 106 23.14 -8.30 -22.73
C LYS H 106 24.34 -7.70 -23.49
N GLU H 107 24.24 -7.73 -24.82
CA GLU H 107 25.30 -7.22 -25.71
C GLU H 107 25.55 -5.73 -25.53
N ILE H 108 24.47 -4.96 -25.50
CA ILE H 108 24.55 -3.49 -25.34
C ILE H 108 25.12 -3.11 -23.96
N ALA H 109 24.62 -3.79 -22.94
CA ALA H 109 25.08 -3.54 -21.55
C ALA H 109 26.57 -3.82 -21.36
N LEU H 110 27.04 -4.94 -21.92
CA LEU H 110 28.45 -5.33 -21.83
C LEU H 110 29.34 -4.35 -22.58
N GLU H 111 28.87 -3.90 -23.75
CA GLU H 111 29.57 -2.88 -24.53
C GLU H 111 29.71 -1.57 -23.75
N LEU H 112 28.61 -1.14 -23.12
CA LEU H 112 28.60 0.06 -22.29
C LEU H 112 29.69 0.03 -21.21
N VAL H 113 29.77 -1.09 -20.48
CA VAL H 113 30.79 -1.26 -19.42
C VAL H 113 32.18 -1.14 -20.02
N ALA H 114 32.39 -1.83 -21.14
CA ALA H 114 33.68 -1.82 -21.86
C ALA H 114 34.15 -0.40 -22.16
N LYS H 115 33.23 0.43 -22.67
CA LYS H 115 33.51 1.84 -23.00
C LYS H 115 33.90 2.72 -21.79
N THR H 116 33.40 2.38 -20.60
CA THR H 116 33.80 3.07 -19.34
C THR H 116 35.19 2.68 -18.83
N GLU H 117 35.68 1.52 -19.29
CA GLU H 117 36.93 0.90 -18.82
C GLU H 117 36.90 0.42 -17.34
N LEU H 118 35.72 0.46 -16.70
CA LEU H 118 35.58 0.11 -15.30
C LEU H 118 35.65 -1.41 -15.10
N ARG H 119 36.59 -1.87 -14.25
CA ARG H 119 36.74 -3.30 -13.87
C ARG H 119 35.82 -3.65 -12.70
N GLU H 120 35.50 -2.65 -11.88
CA GLU H 120 34.51 -2.77 -10.78
C GLU H 120 33.39 -1.75 -11.00
N ALA H 121 32.18 -2.24 -11.23
CA ALA H 121 31.07 -1.39 -11.69
C ALA H 121 29.65 -1.84 -11.29
N MET H 122 28.73 -0.88 -11.38
CA MET H 122 27.28 -1.10 -11.22
C MET H 122 26.58 -0.72 -12.51
N VAL H 123 25.72 -1.60 -13.02
CA VAL H 123 25.09 -1.41 -14.30
C VAL H 123 23.58 -1.57 -14.15
N THR H 124 22.86 -0.48 -14.45
CA THR H 124 21.41 -0.44 -14.32
C THR H 124 20.78 -0.51 -15.69
N VAL H 125 19.81 -1.43 -15.85
CA VAL H 125 18.97 -1.51 -17.04
C VAL H 125 17.51 -1.28 -16.68
N THR H 126 16.94 -0.23 -17.29
CA THR H 126 15.57 0.25 -17.04
C THR H 126 14.69 0.13 -18.30
N ILE H 127 13.45 -0.34 -18.11
CA ILE H 127 12.44 -0.40 -19.19
C ILE H 127 11.21 0.41 -18.75
N THR H 128 10.81 1.38 -19.58
CA THR H 128 9.64 2.25 -19.32
C THR H 128 8.57 2.09 -20.41
N ARG H 129 7.36 2.57 -20.11
CA ARG H 129 6.22 2.60 -21.06
C ARG H 129 6.42 3.60 -22.19
N GLY H 130 7.30 4.59 -21.96
CA GLY H 130 7.74 5.53 -22.99
C GLY H 130 7.03 6.89 -23.05
N TYR H 131 7.43 7.71 -24.02
CA TYR H 131 6.93 9.10 -24.19
C TYR H 131 5.99 9.32 -25.38
N SER H 132 5.58 8.26 -26.06
CA SER H 132 4.77 8.38 -27.28
C SER H 132 3.29 8.21 -27.00
N SER H 133 2.92 8.13 -25.71
CA SER H 133 1.59 7.70 -25.27
C SER H 133 1.31 8.26 -23.89
N THR H 134 0.06 8.19 -23.43
CA THR H 134 -0.32 8.60 -22.05
C THR H 134 -1.05 7.42 -21.33
N PRO H 135 -1.19 7.47 -20.00
CA PRO H 135 -1.90 6.39 -19.27
C PRO H 135 -3.37 6.13 -19.69
N PHE H 136 -4.01 7.14 -20.28
CA PHE H 136 -5.40 7.04 -20.74
C PHE H 136 -5.57 6.61 -22.20
N GLU H 137 -4.47 6.25 -22.87
CA GLU H 137 -4.52 5.75 -24.27
C GLU H 137 -5.48 4.58 -24.39
N ARG H 138 -6.43 4.71 -25.31
CA ARG H 138 -7.43 3.65 -25.60
C ARG H 138 -6.81 2.48 -26.41
N ASP H 139 -5.87 2.79 -27.30
CA ASP H 139 -5.31 1.78 -28.16
C ASP H 139 -3.94 1.34 -27.64
N ILE H 140 -3.89 0.17 -27.01
CA ILE H 140 -2.64 -0.37 -26.45
C ILE H 140 -1.47 -0.49 -27.49
N THR H 141 -1.79 -0.60 -28.78
CA THR H 141 -0.76 -0.68 -29.84
C THR H 141 0.03 0.64 -30.02
N LYS H 142 -0.54 1.76 -29.57
CA LYS H 142 0.11 3.08 -29.65
C LYS H 142 1.28 3.33 -28.64
N HIS H 143 1.40 2.48 -27.62
CA HIS H 143 2.51 2.54 -26.62
C HIS H 143 3.85 2.25 -27.30
N ARG H 144 4.88 3.06 -27.03
CA ARG H 144 6.21 2.86 -27.61
C ARG H 144 7.30 2.79 -26.49
N PRO H 145 7.51 1.59 -25.90
CA PRO H 145 8.42 1.45 -24.76
C PRO H 145 9.86 1.81 -25.06
N GLN H 146 10.55 2.29 -24.02
CA GLN H 146 11.98 2.67 -24.08
C GLN H 146 12.87 1.86 -23.13
N VAL H 147 14.13 1.67 -23.53
CA VAL H 147 15.19 1.10 -22.69
C VAL H 147 16.26 2.14 -22.43
N TYR H 148 16.66 2.29 -21.17
CA TYR H 148 17.74 3.19 -20.73
C TYR H 148 18.75 2.40 -19.89
N MET H 149 20.04 2.66 -20.07
CA MET H 149 21.10 2.02 -19.27
C MET H 149 22.14 3.01 -18.74
N SER H 150 22.74 2.68 -17.59
CA SER H 150 23.87 3.43 -17.06
C SER H 150 24.89 2.49 -16.41
N ALA H 151 26.16 2.89 -16.49
CA ALA H 151 27.27 2.18 -15.87
C ALA H 151 28.13 3.15 -15.07
N CYS H 152 28.33 2.82 -13.78
CA CYS H 152 29.00 3.69 -12.80
C CYS H 152 29.97 2.90 -11.93
N PRO H 153 30.83 3.58 -11.15
CA PRO H 153 31.64 2.85 -10.19
C PRO H 153 30.81 2.06 -9.17
N TYR H 154 31.33 0.91 -8.72
CA TYR H 154 30.66 0.07 -7.71
C TYR H 154 30.37 0.91 -6.47
N GLN H 155 29.14 0.82 -5.97
CA GLN H 155 28.65 1.58 -4.82
C GLN H 155 28.35 0.65 -3.60
N TRP H 156 28.72 1.13 -2.42
CA TRP H 156 28.64 0.36 -1.15
C TRP H 156 27.53 0.94 -0.28
N ILE H 157 26.48 0.17 -0.05
CA ILE H 157 25.42 0.57 0.87
C ILE H 157 25.93 0.70 2.32
N VAL H 158 26.83 -0.19 2.74
CA VAL H 158 27.58 -0.04 4.01
C VAL H 158 29.10 -0.02 3.79
N PRO H 159 29.84 0.80 4.57
CA PRO H 159 31.32 0.75 4.47
C PRO H 159 32.02 -0.56 4.90
N PHE H 160 33.29 -0.67 4.53
CA PHE H 160 34.08 -1.90 4.70
C PHE H 160 34.24 -2.32 6.16
N ASP H 161 34.46 -1.35 7.04
CA ASP H 161 34.62 -1.61 8.48
C ASP H 161 33.35 -2.19 9.12
N ARG H 162 32.21 -1.85 8.53
CA ARG H 162 30.89 -2.33 8.96
C ARG H 162 30.55 -3.72 8.41
N ILE H 163 31.08 -4.07 7.24
CA ILE H 163 31.05 -5.47 6.76
C ILE H 163 31.79 -6.42 7.73
N ARG H 164 32.90 -5.94 8.30
CA ARG H 164 33.66 -6.71 9.27
C ARG H 164 32.99 -6.73 10.64
N ASP H 165 32.61 -5.55 11.15
CA ASP H 165 32.16 -5.39 12.56
C ASP H 165 30.65 -5.52 12.77
N GLY H 166 29.87 -5.23 11.74
CA GLY H 166 28.40 -5.35 11.78
C GLY H 166 27.67 -4.02 11.79
N VAL H 167 26.36 -4.08 11.54
CA VAL H 167 25.48 -2.87 11.40
C VAL H 167 24.32 -2.89 12.42
N HIS H 168 23.86 -1.70 12.82
CA HIS H 168 22.80 -1.55 13.81
C HIS H 168 21.44 -1.34 13.15
N LEU H 169 20.58 -2.34 13.24
CA LEU H 169 19.28 -2.35 12.56
C LEU H 169 18.15 -1.72 13.40
N MET H 170 17.16 -1.17 12.72
CA MET H 170 15.95 -0.61 13.32
C MET H 170 14.71 -1.18 12.62
N VAL H 171 13.72 -1.65 13.39
CA VAL H 171 12.41 -1.98 12.87
C VAL H 171 11.52 -0.73 12.81
N ALA H 172 11.04 -0.39 11.61
CA ALA H 172 10.26 0.86 11.40
C ALA H 172 8.88 0.75 12.03
N GLN H 173 8.44 1.81 12.70
CA GLN H 173 7.10 1.90 13.30
C GLN H 173 6.15 2.94 12.68
N SER H 174 6.67 3.91 11.94
CA SER H 174 5.81 4.98 11.32
C SER H 174 5.37 4.66 9.90
N VAL H 175 5.83 3.53 9.35
CA VAL H 175 5.55 3.16 7.96
C VAL H 175 5.62 1.65 7.81
N ARG H 176 4.87 1.11 6.84
CA ARG H 176 4.94 -0.32 6.46
C ARG H 176 5.16 -0.49 4.94
N ARG H 177 5.68 -1.65 4.54
CA ARG H 177 5.94 -1.96 3.14
C ARG H 177 4.63 -2.02 2.34
N THR H 178 4.63 -1.39 1.18
CA THR H 178 3.46 -1.38 0.31
C THR H 178 2.94 -2.81 0.05
N PRO H 179 1.64 -3.05 0.21
CA PRO H 179 1.10 -4.41 -0.04
C PRO H 179 1.17 -4.87 -1.49
N ARG H 180 1.20 -6.19 -1.69
CA ARG H 180 1.17 -6.79 -3.04
C ARG H 180 -0.12 -6.45 -3.81
N SER H 181 -1.19 -6.19 -3.07
CA SER H 181 -2.47 -5.74 -3.63
C SER H 181 -2.55 -4.27 -4.08
N SER H 182 -1.44 -3.53 -3.95
CA SER H 182 -1.35 -2.16 -4.46
C SER H 182 -0.17 -1.99 -5.44
N ILE H 183 1.05 -2.09 -4.92
CA ILE H 183 2.29 -2.00 -5.73
C ILE H 183 3.21 -3.11 -5.27
N ASP H 184 3.37 -4.12 -6.13
CA ASP H 184 4.03 -5.37 -5.80
C ASP H 184 5.57 -5.26 -5.57
N PRO H 185 6.05 -5.53 -4.33
CA PRO H 185 7.50 -5.51 -4.08
C PRO H 185 8.31 -6.57 -4.80
N GLN H 186 7.64 -7.60 -5.29
CA GLN H 186 8.30 -8.62 -6.12
C GLN H 186 8.61 -8.17 -7.56
N VAL H 187 8.10 -7.01 -7.95
CA VAL H 187 8.48 -6.31 -9.19
C VAL H 187 9.41 -5.16 -8.79
N LYS H 188 10.69 -5.27 -9.13
CA LYS H 188 11.65 -4.21 -8.83
C LYS H 188 11.06 -2.91 -9.39
N ASN H 189 11.08 -1.84 -8.60
CA ASN H 189 10.44 -0.59 -9.02
C ASN H 189 11.03 0.65 -8.35
N PHE H 190 10.77 1.81 -8.95
CA PHE H 190 11.24 3.11 -8.46
C PHE H 190 10.29 3.79 -7.46
N GLN H 191 9.23 3.10 -7.04
CA GLN H 191 8.19 3.70 -6.21
C GLN H 191 8.49 3.53 -4.72
N TRP H 192 9.40 4.39 -4.24
CA TRP H 192 10.11 4.24 -2.95
C TRP H 192 9.55 5.13 -1.78
N GLY H 193 8.31 5.56 -1.91
CA GLY H 193 7.71 6.47 -0.95
C GLY H 193 7.80 5.94 0.46
N ASP H 194 7.47 4.66 0.62
CA ASP H 194 7.51 3.97 1.92
C ASP H 194 8.96 3.78 2.41
N LEU H 195 9.82 3.38 1.48
CA LEU H 195 11.23 3.13 1.77
C LEU H 195 11.98 4.41 2.21
N ILE H 196 11.64 5.53 1.60
CA ILE H 196 12.22 6.82 1.97
C ILE H 196 11.75 7.27 3.34
N ARG H 197 10.47 7.09 3.63
CA ARG H 197 9.91 7.34 4.98
C ARG H 197 10.64 6.55 6.08
N ALA H 198 10.96 5.29 5.77
CA ALA H 198 11.74 4.45 6.67
C ALA H 198 13.16 4.97 6.94
N ILE H 199 13.81 5.45 5.88
CA ILE H 199 15.17 6.03 5.99
C ILE H 199 15.13 7.27 6.90
N GLN H 200 14.09 8.07 6.71
CA GLN H 200 13.91 9.30 7.48
C GLN H 200 13.72 8.98 8.97
N GLU H 201 12.95 7.93 9.24
CA GLU H 201 12.70 7.46 10.63
C GLU H 201 14.00 7.00 11.28
N THR H 202 14.92 6.46 10.49
CA THR H 202 16.22 5.99 11.06
C THR H 202 17.07 7.19 11.48
N HIS H 203 17.01 8.29 10.73
CA HIS H 203 17.69 9.54 11.12
C HIS H 203 17.08 10.10 12.41
N ASP H 204 15.76 10.13 12.51
CA ASP H 204 15.07 10.60 13.71
C ASP H 204 15.45 9.82 14.98
N ARG H 205 15.52 8.50 14.87
CA ARG H 205 15.72 7.61 16.03
C ARG H 205 17.20 7.23 16.28
N GLY H 206 18.08 7.62 15.36
CA GLY H 206 19.52 7.47 15.55
C GLY H 206 20.12 6.09 15.27
N PHE H 207 19.63 5.42 14.24
CA PHE H 207 20.08 4.07 13.86
C PHE H 207 20.69 4.13 12.47
N GLU H 208 21.21 3.01 11.98
CA GLU H 208 21.99 3.00 10.72
C GLU H 208 21.17 2.62 9.48
N LEU H 209 20.40 1.53 9.58
CA LEU H 209 19.50 1.09 8.48
C LEU H 209 18.14 0.60 9.01
N PRO H 210 17.05 0.75 8.20
CA PRO H 210 15.74 0.25 8.61
C PRO H 210 15.31 -1.06 7.95
N LEU H 211 14.51 -1.83 8.69
CA LEU H 211 13.74 -2.97 8.16
C LEU H 211 12.25 -2.68 8.34
N LEU H 212 11.50 -2.80 7.24
CA LEU H 212 10.04 -2.61 7.27
C LEU H 212 9.29 -3.95 7.52
N LEU H 213 8.09 -3.83 8.08
CA LEU H 213 7.14 -4.94 8.22
C LEU H 213 6.05 -4.81 7.16
N ASP H 214 5.32 -5.93 6.94
CA ASP H 214 4.12 -5.95 6.04
C ASP H 214 2.78 -5.73 6.80
N CYS H 215 1.67 -5.78 6.07
CA CYS H 215 0.35 -5.61 6.62
C CYS H 215 0.02 -6.54 7.80
N ASP H 216 0.54 -7.74 7.76
CA ASP H 216 0.37 -8.72 8.86
C ASP H 216 1.42 -8.64 9.98
N ASN H 217 2.23 -7.59 9.97
CA ASN H 217 3.33 -7.39 10.95
C ASN H 217 4.43 -8.48 10.90
N LEU H 218 4.60 -9.08 9.71
CA LEU H 218 5.68 -10.01 9.44
C LEU H 218 6.84 -9.30 8.71
N LEU H 219 8.03 -9.86 8.84
CA LEU H 219 9.25 -9.24 8.25
C LEU H 219 9.09 -9.07 6.74
N ALA H 220 9.46 -7.89 6.23
CA ALA H 220 9.39 -7.61 4.77
C ALA H 220 10.78 -7.48 4.17
N GLU H 221 11.24 -6.26 3.96
CA GLU H 221 12.60 -6.00 3.43
C GLU H 221 13.00 -4.56 3.79
N GLY H 222 14.20 -4.18 3.41
CA GLY H 222 14.74 -2.81 3.64
C GLY H 222 14.94 -2.03 2.34
N PRO H 223 15.36 -0.76 2.42
CA PRO H 223 15.57 0.04 1.21
C PRO H 223 16.80 -0.40 0.45
N GLY H 224 16.57 -1.16 -0.60
CA GLY H 224 17.66 -1.68 -1.43
C GLY H 224 18.32 -2.96 -0.93
N PHE H 225 17.68 -3.68 -0.01
CA PHE H 225 18.25 -4.94 0.50
C PHE H 225 17.21 -5.92 1.07
N ASN H 226 17.56 -7.22 0.98
CA ASN H 226 16.83 -8.30 1.66
C ASN H 226 17.46 -8.63 3.02
N VAL H 227 16.66 -9.20 3.93
CA VAL H 227 17.11 -9.62 5.28
C VAL H 227 17.10 -11.14 5.37
N VAL H 228 18.06 -11.68 6.13
CA VAL H 228 18.17 -13.13 6.37
C VAL H 228 18.36 -13.38 7.87
N VAL H 229 17.66 -14.40 8.39
CA VAL H 229 17.60 -14.73 9.82
C VAL H 229 18.06 -16.17 10.07
N ILE H 230 19.05 -16.34 10.97
CA ILE H 230 19.64 -17.65 11.30
C ILE H 230 19.35 -18.10 12.75
N LYS H 231 18.76 -19.28 12.88
CA LYS H 231 18.30 -19.83 14.18
C LYS H 231 18.42 -21.35 14.22
N ASP H 232 19.18 -21.85 15.20
CA ASP H 232 19.45 -23.29 15.39
C ASP H 232 19.86 -23.98 14.08
N GLY H 233 20.79 -23.35 13.37
CA GLY H 233 21.32 -23.87 12.10
C GLY H 233 20.39 -23.86 10.90
N VAL H 234 19.19 -23.26 11.05
CA VAL H 234 18.25 -23.09 9.95
C VAL H 234 18.33 -21.63 9.42
N VAL H 235 18.47 -21.49 8.10
CA VAL H 235 18.61 -20.19 7.44
C VAL H 235 17.30 -19.81 6.72
N ARG H 236 16.70 -18.69 7.14
CA ARG H 236 15.39 -18.24 6.62
C ARG H 236 15.42 -16.78 6.09
N SER H 237 14.63 -16.51 5.04
CA SER H 237 14.44 -15.14 4.51
C SER H 237 12.95 -14.90 4.12
N PRO H 238 12.42 -13.68 4.31
CA PRO H 238 11.03 -13.38 3.90
C PRO H 238 10.67 -13.71 2.46
N GLY H 239 9.58 -14.46 2.30
CA GLY H 239 9.06 -14.90 0.99
C GLY H 239 8.02 -14.01 0.30
N ARG H 240 7.28 -13.21 1.06
CA ARG H 240 6.19 -12.39 0.51
C ARG H 240 6.59 -10.93 0.12
N ALA H 241 6.68 -10.03 1.10
CA ALA H 241 6.84 -8.59 0.86
C ALA H 241 8.31 -8.26 0.70
N ALA H 242 8.90 -8.84 -0.33
CA ALA H 242 10.34 -8.73 -0.59
C ALA H 242 10.66 -9.01 -2.05
N LEU H 243 11.61 -8.26 -2.61
CA LEU H 243 12.13 -8.58 -3.93
C LEU H 243 12.84 -9.96 -3.93
N PRO H 244 12.60 -10.80 -4.96
CA PRO H 244 13.42 -12.00 -5.15
C PRO H 244 14.84 -11.64 -5.58
N GLY H 245 15.66 -11.30 -4.60
CA GLY H 245 17.02 -10.84 -4.84
C GLY H 245 17.94 -11.91 -5.40
N ILE H 246 18.83 -11.50 -6.29
CA ILE H 246 19.88 -12.35 -6.84
C ILE H 246 20.94 -12.61 -5.75
N THR H 247 21.26 -11.60 -4.93
CA THR H 247 22.18 -11.82 -3.80
C THR H 247 21.59 -12.79 -2.77
N ARG H 248 20.30 -12.63 -2.47
CA ARG H 248 19.56 -13.56 -1.59
C ARG H 248 19.67 -14.98 -2.10
N LYS H 249 19.40 -15.15 -3.39
CA LYS H 249 19.46 -16.47 -4.04
C LYS H 249 20.83 -17.12 -3.85
N THR H 250 21.87 -16.33 -4.05
CA THR H 250 23.25 -16.77 -3.87
C THR H 250 23.50 -17.15 -2.40
N VAL H 251 23.03 -16.32 -1.45
CA VAL H 251 23.18 -16.60 0.00
C VAL H 251 22.55 -17.94 0.41
N LEU H 252 21.34 -18.21 -0.06
CA LEU H 252 20.65 -19.47 0.23
C LEU H 252 21.34 -20.71 -0.43
N GLU H 253 21.83 -20.56 -1.65
CA GLU H 253 22.65 -21.60 -2.31
C GLU H 253 23.92 -21.92 -1.51
N ILE H 254 24.62 -20.88 -1.07
CA ILE H 254 25.81 -21.03 -0.21
C ILE H 254 25.46 -21.75 1.11
N ALA H 255 24.37 -21.35 1.74
CA ALA H 255 23.92 -22.00 2.98
C ALA H 255 23.71 -23.52 2.79
N GLU H 256 23.06 -23.91 1.68
CA GLU H 256 22.85 -25.32 1.34
C GLU H 256 24.19 -26.07 1.14
N SER H 257 25.16 -25.42 0.48
CA SER H 257 26.52 -25.94 0.30
C SER H 257 27.15 -26.27 1.64
N LEU H 258 26.93 -25.41 2.63
CA LEU H 258 27.50 -25.59 3.96
C LEU H 258 26.75 -26.63 4.82
N GLY H 259 25.73 -27.26 4.26
CA GLY H 259 24.91 -28.26 4.98
C GLY H 259 23.76 -27.75 5.84
N HIS H 260 23.32 -26.51 5.62
CA HIS H 260 22.19 -25.91 6.36
C HIS H 260 20.90 -25.98 5.54
N GLU H 261 19.79 -26.22 6.22
CA GLU H 261 18.47 -26.04 5.59
C GLU H 261 18.28 -24.54 5.33
N ALA H 262 17.88 -24.21 4.09
CA ALA H 262 17.78 -22.82 3.63
C ALA H 262 16.46 -22.59 2.88
N ILE H 263 15.58 -21.76 3.44
CA ILE H 263 14.20 -21.65 2.97
C ILE H 263 13.62 -20.23 3.00
N LEU H 264 12.66 -19.99 2.12
CA LEU H 264 11.85 -18.81 2.20
C LEU H 264 10.72 -19.09 3.19
N ALA H 265 10.38 -18.08 3.99
CA ALA H 265 9.39 -18.24 5.07
C ALA H 265 8.79 -16.91 5.59
N ASP H 266 7.69 -17.03 6.35
CA ASP H 266 7.11 -15.94 7.14
C ASP H 266 7.82 -15.88 8.50
N ILE H 267 8.35 -14.71 8.85
CA ILE H 267 9.15 -14.53 10.06
C ILE H 267 8.58 -13.40 10.92
N THR H 268 8.40 -13.69 12.21
CA THR H 268 7.85 -12.73 13.17
C THR H 268 8.94 -11.80 13.76
N PRO H 269 8.56 -10.62 14.30
CA PRO H 269 9.51 -9.81 15.07
C PRO H 269 10.15 -10.52 16.26
N ALA H 270 9.37 -11.32 17.00
CA ALA H 270 9.89 -12.10 18.15
C ALA H 270 11.05 -13.00 17.74
N GLU H 271 10.86 -13.66 16.61
CA GLU H 271 11.91 -14.50 16.02
C GLU H 271 13.17 -13.72 15.63
N LEU H 272 12.97 -12.49 15.15
CA LEU H 272 14.11 -11.62 14.78
C LEU H 272 14.95 -11.30 15.99
N TYR H 273 14.30 -10.86 17.06
CA TYR H 273 15.00 -10.48 18.33
C TYR H 273 15.70 -11.69 18.97
N ASP H 274 15.09 -12.87 18.85
CA ASP H 274 15.61 -14.10 19.43
C ASP H 274 16.58 -14.89 18.52
N ALA H 275 16.99 -14.30 17.40
CA ALA H 275 17.84 -15.01 16.43
C ALA H 275 19.28 -15.21 16.92
N ASP H 276 19.91 -16.29 16.45
CA ASP H 276 21.36 -16.51 16.68
C ASP H 276 22.19 -15.52 15.87
N GLU H 277 21.86 -15.40 14.57
CA GLU H 277 22.51 -14.44 13.64
C GLU H 277 21.49 -13.75 12.71
N VAL H 278 21.80 -12.52 12.30
CA VAL H 278 21.02 -11.76 11.30
C VAL H 278 21.96 -11.08 10.30
N LEU H 279 21.60 -11.11 9.03
CA LEU H 279 22.41 -10.46 7.99
C LEU H 279 21.56 -9.74 6.95
N GLY H 280 22.23 -8.87 6.18
CA GLY H 280 21.63 -8.15 5.05
C GLY H 280 22.37 -8.45 3.78
N CYS H 281 21.66 -8.39 2.64
CA CYS H 281 22.27 -8.64 1.32
C CYS H 281 21.67 -7.83 0.16
N SER H 282 22.53 -7.48 -0.81
CA SER H 282 22.17 -6.67 -1.98
C SER H 282 23.29 -6.70 -3.01
N THR H 283 22.94 -6.48 -4.28
CA THR H 283 23.96 -6.22 -5.33
C THR H 283 24.86 -5.03 -4.93
N GLY H 284 24.26 -4.02 -4.31
CA GLY H 284 24.98 -2.87 -3.80
C GLY H 284 25.73 -3.02 -2.49
N GLY H 285 26.75 -3.86 -2.48
CA GLY H 285 27.60 -4.08 -1.29
C GLY H 285 27.86 -5.52 -0.89
N GLY H 286 27.08 -6.44 -1.47
CA GLY H 286 27.21 -7.87 -1.22
C GLY H 286 26.46 -8.33 0.03
N VAL H 287 27.22 -8.79 1.03
CA VAL H 287 26.65 -9.37 2.26
C VAL H 287 27.33 -8.73 3.48
N TRP H 288 26.53 -8.45 4.52
CA TRP H 288 27.02 -7.86 5.76
C TRP H 288 26.21 -8.31 6.98
N PRO H 289 26.81 -8.25 8.19
CA PRO H 289 26.07 -8.60 9.41
C PRO H 289 25.22 -7.48 10.03
N PHE H 290 24.10 -7.87 10.65
CA PHE H 290 23.30 -7.02 11.53
C PHE H 290 23.47 -7.53 12.97
N VAL H 291 24.15 -6.75 13.81
CA VAL H 291 24.57 -7.20 15.18
C VAL H 291 23.63 -6.77 16.32
N SER H 292 22.74 -5.84 16.02
CA SER H 292 21.71 -5.42 16.96
C SER H 292 20.44 -4.98 16.24
N VAL H 293 19.31 -5.05 16.95
CA VAL H 293 18.00 -4.59 16.45
C VAL H 293 17.30 -3.73 17.50
N ASP H 294 16.98 -2.48 17.16
CA ASP H 294 16.37 -1.52 18.10
C ASP H 294 17.22 -1.33 19.40
N GLY H 295 18.55 -1.40 19.26
CA GLY H 295 19.47 -1.31 20.38
C GLY H 295 19.70 -2.59 21.20
N ASN H 296 18.95 -3.66 20.88
CA ASN H 296 19.09 -4.96 21.53
C ASN H 296 20.11 -5.79 20.79
N SER H 297 21.07 -6.37 21.50
CA SER H 297 22.11 -7.18 20.84
C SER H 297 21.52 -8.47 20.27
N ILE H 298 22.01 -8.87 19.10
CA ILE H 298 21.75 -10.21 18.52
C ILE H 298 22.84 -11.15 19.03
N SER H 299 22.44 -12.16 19.81
CA SER H 299 23.38 -13.01 20.57
C SER H 299 24.33 -12.11 21.39
N ASP H 300 25.64 -12.30 21.22
CA ASP H 300 26.67 -11.53 21.96
C ASP H 300 27.07 -10.21 21.27
N GLY H 301 26.29 -9.75 20.29
CA GLY H 301 26.53 -8.45 19.62
C GLY H 301 27.69 -8.36 18.63
N VAL H 302 28.28 -9.50 18.24
CA VAL H 302 29.35 -9.52 17.24
C VAL H 302 28.95 -10.44 16.09
N PRO H 303 29.53 -10.23 14.89
CA PRO H 303 29.14 -11.06 13.75
C PRO H 303 29.32 -12.54 14.01
N GLY H 304 28.27 -13.31 13.72
CA GLY H 304 28.28 -14.75 13.95
C GLY H 304 29.11 -15.52 12.93
N PRO H 305 29.47 -16.78 13.26
CA PRO H 305 30.37 -17.59 12.42
C PRO H 305 29.75 -18.05 11.08
N VAL H 306 28.45 -18.36 11.06
CA VAL H 306 27.77 -18.75 9.81
C VAL H 306 27.75 -17.55 8.82
N THR H 307 27.40 -16.36 9.33
CA THR H 307 27.43 -15.10 8.56
C THR H 307 28.82 -14.85 7.93
N GLN H 308 29.86 -14.98 8.75
CA GLN H 308 31.26 -14.80 8.29
C GLN H 308 31.67 -15.75 7.17
N SER H 309 31.29 -17.01 7.26
CA SER H 309 31.61 -17.96 6.21
C SER H 309 30.82 -17.69 4.91
N ILE H 310 29.57 -17.19 5.04
CA ILE H 310 28.73 -16.79 3.89
C ILE H 310 29.32 -15.57 3.17
N ILE H 311 29.71 -14.55 3.94
CA ILE H 311 30.39 -13.36 3.40
C ILE H 311 31.66 -13.70 2.59
N ARG H 312 32.52 -14.55 3.17
CA ARG H 312 33.77 -14.96 2.53
C ARG H 312 33.50 -15.78 1.26
N ARG H 313 32.56 -16.72 1.34
CA ARG H 313 32.22 -17.55 0.17
C ARG H 313 31.64 -16.74 -0.98
N TYR H 314 30.78 -15.75 -0.66
CA TYR H 314 30.18 -14.84 -1.67
C TYR H 314 31.28 -14.18 -2.50
N TRP H 315 32.26 -13.62 -1.83
CA TRP H 315 33.36 -12.94 -2.52
C TRP H 315 34.33 -13.90 -3.27
N GLU H 316 34.51 -15.12 -2.76
CA GLU H 316 35.16 -16.21 -3.53
C GLU H 316 34.45 -16.49 -4.89
N LEU H 317 33.12 -16.59 -4.86
CA LEU H 317 32.31 -16.79 -6.06
C LEU H 317 32.40 -15.68 -7.12
N ASN H 318 32.80 -14.48 -6.69
CA ASN H 318 33.01 -13.31 -7.59
C ASN H 318 34.30 -13.36 -8.41
N VAL H 319 35.22 -14.23 -8.01
CA VAL H 319 36.55 -14.36 -8.61
C VAL H 319 36.87 -15.77 -9.19
N GLU H 320 36.46 -16.83 -8.51
CA GLU H 320 36.73 -18.22 -8.95
C GLU H 320 35.97 -18.55 -10.28
N PRO H 321 36.69 -18.99 -11.33
CA PRO H 321 36.09 -19.24 -12.64
C PRO H 321 34.90 -20.19 -12.57
N SER H 322 33.74 -19.71 -12.98
CA SER H 322 32.53 -20.53 -13.03
C SER H 322 31.53 -20.00 -14.07
N SER H 323 30.40 -20.70 -14.24
CA SER H 323 29.29 -20.21 -15.07
C SER H 323 28.50 -19.00 -14.50
N LEU H 324 28.78 -18.62 -13.25
CA LEU H 324 28.27 -17.37 -12.67
C LEU H 324 28.90 -16.09 -13.28
N LEU H 325 30.04 -16.24 -13.95
CA LEU H 325 30.81 -15.11 -14.47
C LEU H 325 30.82 -14.98 -15.99
N THR H 326 30.69 -13.74 -16.48
CA THR H 326 30.70 -13.38 -17.91
C THR H 326 31.76 -12.30 -18.15
N PRO H 327 32.80 -12.61 -18.96
CA PRO H 327 33.90 -11.64 -19.12
C PRO H 327 33.53 -10.45 -20.00
N VAL H 328 33.92 -9.25 -19.56
CA VAL H 328 33.75 -8.02 -20.32
C VAL H 328 34.92 -7.88 -21.27
N GLN H 329 34.64 -7.58 -22.54
CA GLN H 329 35.68 -7.45 -23.57
C GLN H 329 36.20 -5.99 -23.68
N TYR H 330 37.20 -5.63 -22.87
CA TYR H 330 37.81 -4.28 -22.87
C TYR H 330 38.79 -3.99 -24.08
N VAL I 11 50.80 -25.46 -36.33
CA VAL I 11 51.07 -25.36 -34.86
C VAL I 11 49.78 -25.04 -34.08
N TYR I 12 49.39 -23.74 -33.94
CA TYR I 12 48.29 -23.31 -33.03
C TYR I 12 47.14 -22.47 -33.61
N THR I 13 47.25 -22.04 -34.88
CA THR I 13 46.18 -21.30 -35.57
C THR I 13 46.11 -21.66 -37.08
N HIS I 14 44.95 -21.38 -37.68
CA HIS I 14 44.70 -21.59 -39.13
C HIS I 14 43.74 -20.52 -39.65
N ASP I 15 43.81 -20.24 -40.97
CA ASP I 15 42.72 -19.56 -41.70
C ASP I 15 41.76 -20.66 -42.16
N THR I 16 40.51 -20.58 -41.72
CA THR I 16 39.54 -21.69 -41.87
C THR I 16 38.78 -21.75 -43.21
N GLY I 17 38.60 -20.61 -43.86
CA GLY I 17 37.76 -20.53 -45.08
C GLY I 17 36.26 -20.55 -44.77
N LEU I 18 35.91 -20.33 -43.50
CA LEU I 18 34.53 -20.30 -43.00
C LEU I 18 34.32 -19.06 -42.11
N ASP I 19 33.31 -18.26 -42.45
CA ASP I 19 33.01 -16.98 -41.74
C ASP I 19 32.65 -17.16 -40.24
N TYR I 20 32.09 -18.33 -39.90
CA TYR I 20 31.59 -18.67 -38.55
C TYR I 20 32.65 -19.32 -37.59
N ILE I 21 33.83 -19.70 -38.12
CA ILE I 21 34.97 -20.19 -37.28
C ILE I 21 36.23 -19.32 -37.46
N THR I 22 36.60 -18.58 -36.42
CA THR I 22 37.77 -17.69 -36.44
C THR I 22 38.68 -17.89 -35.21
N TYR I 23 39.94 -18.27 -35.47
CA TYR I 23 40.96 -18.39 -34.43
C TYR I 23 41.36 -17.00 -33.93
N SER I 24 42.02 -16.97 -32.78
CA SER I 24 42.54 -15.72 -32.20
C SER I 24 43.82 -15.27 -32.90
N ASP I 25 44.04 -13.95 -32.94
CA ASP I 25 45.27 -13.36 -33.50
C ASP I 25 46.22 -12.97 -32.35
N TYR I 26 47.20 -13.85 -32.10
CA TYR I 26 48.11 -13.76 -30.94
C TYR I 26 49.43 -14.46 -31.21
N GLU I 27 50.46 -14.18 -30.41
CA GLU I 27 51.79 -14.82 -30.56
C GLU I 27 52.20 -15.47 -29.23
N LEU I 28 52.78 -16.68 -29.29
CA LEU I 28 53.25 -17.38 -28.08
C LEU I 28 54.58 -16.82 -27.62
N ASP I 29 54.73 -16.68 -26.30
CA ASP I 29 55.98 -16.22 -25.68
C ASP I 29 57.07 -17.32 -25.72
N PRO I 30 58.16 -17.14 -26.52
CA PRO I 30 59.18 -18.21 -26.61
C PRO I 30 60.05 -18.36 -25.33
N ALA I 31 60.02 -17.39 -24.44
CA ALA I 31 60.66 -17.49 -23.09
C ALA I 31 59.96 -18.45 -22.12
N ASN I 32 58.68 -18.73 -22.37
CA ASN I 32 57.86 -19.66 -21.55
C ASN I 32 58.06 -21.13 -22.00
N PRO I 33 58.64 -21.98 -21.14
CA PRO I 33 58.88 -23.39 -21.52
C PRO I 33 57.60 -24.27 -21.67
N LEU I 34 56.47 -23.78 -21.14
CA LEU I 34 55.16 -24.44 -21.26
C LEU I 34 54.27 -23.89 -22.41
N ALA I 35 54.73 -22.87 -23.12
CA ALA I 35 53.94 -22.26 -24.19
C ALA I 35 53.59 -23.25 -25.31
N GLY I 36 52.32 -23.27 -25.71
CA GLY I 36 51.83 -24.13 -26.80
C GLY I 36 51.49 -25.59 -26.47
N GLY I 37 51.65 -25.97 -25.20
CA GLY I 37 51.39 -27.35 -24.77
C GLY I 37 52.04 -27.74 -23.45
N ALA I 38 51.28 -28.40 -22.60
CA ALA I 38 51.75 -28.77 -21.26
C ALA I 38 50.88 -29.84 -20.59
N ALA I 39 51.39 -30.39 -19.48
CA ALA I 39 50.67 -31.41 -18.69
C ALA I 39 50.76 -31.16 -17.18
N TRP I 40 49.81 -31.71 -16.43
CA TRP I 40 49.83 -31.74 -14.96
C TRP I 40 49.89 -33.19 -14.49
N ILE I 41 51.00 -33.56 -13.86
CA ILE I 41 51.27 -34.94 -13.43
C ILE I 41 51.81 -34.98 -12.01
N GLU I 42 51.08 -35.66 -11.12
CA GLU I 42 51.47 -35.83 -9.70
C GLU I 42 51.85 -34.49 -9.01
N GLY I 43 51.01 -33.48 -9.19
CA GLY I 43 51.23 -32.15 -8.57
C GLY I 43 52.14 -31.16 -9.29
N ALA I 44 52.75 -31.58 -10.42
CA ALA I 44 53.71 -30.73 -11.16
C ALA I 44 53.23 -30.33 -12.56
N PHE I 45 53.42 -29.07 -12.92
CA PHE I 45 53.17 -28.57 -14.28
C PHE I 45 54.44 -28.82 -15.09
N VAL I 46 54.34 -29.60 -16.16
CA VAL I 46 55.51 -30.00 -16.96
C VAL I 46 55.31 -29.83 -18.49
N PRO I 47 56.40 -29.70 -19.28
CA PRO I 47 56.25 -29.66 -20.74
C PRO I 47 55.93 -31.04 -21.35
N PRO I 48 55.45 -31.09 -22.61
CA PRO I 48 55.07 -32.36 -23.25
C PRO I 48 56.14 -33.47 -23.23
N SER I 49 57.39 -33.12 -23.48
CA SER I 49 58.49 -34.09 -23.47
C SER I 49 58.75 -34.77 -22.10
N GLU I 50 58.36 -34.11 -21.02
CA GLU I 50 58.46 -34.68 -19.65
C GLU I 50 57.12 -35.28 -19.12
N ALA I 51 56.10 -35.29 -19.97
CA ALA I 51 54.75 -35.77 -19.59
C ALA I 51 54.69 -37.30 -19.72
N ARG I 52 55.06 -37.97 -18.63
CA ARG I 52 55.18 -39.43 -18.60
C ARG I 52 54.47 -39.99 -17.34
N ILE I 53 53.87 -41.19 -17.47
CA ILE I 53 53.28 -41.89 -16.29
C ILE I 53 53.90 -43.28 -16.06
N SER I 54 53.81 -43.73 -14.81
CA SER I 54 54.30 -45.04 -14.40
C SER I 54 53.63 -46.17 -15.20
N ILE I 55 54.44 -47.09 -15.73
CA ILE I 55 53.91 -48.34 -16.32
C ILE I 55 53.17 -49.23 -15.32
N PHE I 56 53.42 -48.99 -14.03
CA PHE I 56 52.75 -49.71 -12.94
C PHE I 56 51.41 -49.09 -12.52
N ASP I 57 51.00 -48.00 -13.18
CA ASP I 57 49.62 -47.46 -13.00
C ASP I 57 48.63 -48.39 -13.71
N GLN I 58 47.65 -48.87 -12.93
CA GLN I 58 46.55 -49.72 -13.44
C GLN I 58 45.72 -49.08 -14.59
N GLY I 59 45.70 -47.75 -14.63
CA GLY I 59 45.17 -47.00 -15.78
C GLY I 59 45.79 -47.38 -17.12
N PHE I 60 47.04 -47.85 -17.09
CA PHE I 60 47.69 -48.44 -18.27
C PHE I 60 47.38 -49.93 -18.43
N TYR I 61 47.88 -50.76 -17.52
CA TYR I 61 47.90 -52.23 -17.75
C TYR I 61 46.57 -52.97 -17.54
N THR I 62 45.58 -52.33 -16.92
CA THR I 62 44.20 -52.84 -16.93
C THR I 62 43.17 -51.84 -17.49
N SER I 63 43.67 -50.79 -18.14
CA SER I 63 42.90 -49.63 -18.59
C SER I 63 41.83 -49.18 -17.58
N ASP I 64 42.17 -49.26 -16.27
CA ASP I 64 41.24 -49.03 -15.14
C ASP I 64 41.15 -47.53 -14.89
N ALA I 65 40.38 -46.87 -15.75
CA ALA I 65 40.37 -45.42 -15.85
C ALA I 65 39.14 -44.91 -16.59
N THR I 66 38.82 -43.66 -16.33
CA THR I 66 37.87 -42.88 -17.12
C THR I 66 38.43 -41.47 -17.39
N TYR I 67 37.79 -40.74 -18.28
CA TYR I 67 38.25 -39.40 -18.65
C TYR I 67 37.15 -38.52 -19.30
N THR I 68 37.51 -37.26 -19.49
CA THR I 68 36.75 -36.35 -20.36
C THR I 68 37.69 -35.37 -21.05
N THR I 69 37.24 -34.84 -22.18
CA THR I 69 37.98 -33.84 -22.96
C THR I 69 37.06 -32.66 -23.22
N PHE I 70 37.42 -31.50 -22.65
CA PHE I 70 36.74 -30.23 -22.97
C PHE I 70 37.61 -29.34 -23.86
N HIS I 71 37.01 -28.29 -24.40
CA HIS I 71 37.76 -27.35 -25.23
C HIS I 71 37.65 -25.90 -24.78
N VAL I 72 38.61 -25.11 -25.24
CA VAL I 72 38.66 -23.66 -25.02
C VAL I 72 38.65 -23.01 -26.41
N TRP I 73 37.80 -21.99 -26.57
CA TRP I 73 37.72 -21.22 -27.83
C TRP I 73 37.71 -19.71 -27.55
N ASN I 74 38.57 -18.97 -28.27
CA ASN I 74 38.77 -17.53 -28.06
C ASN I 74 38.87 -17.18 -26.55
N GLY I 75 39.69 -17.93 -25.81
CA GLY I 75 39.94 -17.68 -24.38
C GLY I 75 38.87 -18.09 -23.36
N ASN I 76 37.80 -18.76 -23.83
CA ASN I 76 36.73 -19.24 -22.95
C ASN I 76 36.56 -20.79 -23.01
N ALA I 77 36.51 -21.43 -21.86
CA ALA I 77 36.19 -22.86 -21.75
C ALA I 77 34.68 -23.09 -21.98
N PHE I 78 34.35 -24.10 -22.80
CA PHE I 78 32.97 -24.39 -23.20
C PHE I 78 32.37 -25.52 -22.36
N ARG I 79 31.32 -25.19 -21.62
CA ARG I 79 30.54 -26.13 -20.78
C ARG I 79 31.40 -26.96 -19.82
N LEU I 80 32.33 -26.28 -19.13
CA LEU I 80 33.22 -26.91 -18.14
C LEU I 80 32.48 -27.65 -17.02
N GLY I 81 31.41 -27.06 -16.51
CA GLY I 81 30.61 -27.66 -15.44
C GLY I 81 30.01 -28.99 -15.83
N ASP I 82 29.37 -29.04 -17.00
CA ASP I 82 28.84 -30.33 -17.53
C ASP I 82 29.89 -31.39 -17.69
N HIS I 83 31.05 -31.00 -18.23
CA HIS I 83 32.18 -31.91 -18.45
C HIS I 83 32.71 -32.59 -17.17
N ILE I 84 32.99 -31.78 -16.15
CA ILE I 84 33.49 -32.29 -14.89
C ILE I 84 32.40 -33.10 -14.14
N GLU I 85 31.13 -32.71 -14.27
CA GLU I 85 30.02 -33.48 -13.65
C GLU I 85 29.93 -34.88 -14.29
N ARG I 86 30.07 -34.94 -15.62
CA ARG I 86 30.10 -36.24 -16.33
C ARG I 86 31.31 -37.09 -15.92
N LEU I 87 32.48 -36.45 -15.82
CA LEU I 87 33.69 -37.16 -15.38
C LEU I 87 33.52 -37.82 -14.01
N PHE I 88 33.00 -37.06 -13.05
CA PHE I 88 32.79 -37.56 -11.69
C PHE I 88 31.70 -38.64 -11.62
N SER I 89 30.68 -38.50 -12.46
CA SER I 89 29.63 -39.52 -12.58
C SER I 89 30.18 -40.83 -13.18
N ASN I 90 31.00 -40.71 -14.23
CA ASN I 90 31.70 -41.86 -14.83
C ASN I 90 32.63 -42.57 -13.83
N ALA I 91 33.38 -41.79 -13.04
CA ALA I 91 34.23 -42.35 -11.98
C ALA I 91 33.40 -43.15 -10.94
N GLU I 92 32.28 -42.59 -10.51
CA GLU I 92 31.35 -43.27 -9.58
C GLU I 92 30.83 -44.60 -10.17
N SER I 93 30.49 -44.60 -11.47
CA SER I 93 30.05 -45.83 -12.17
C SER I 93 31.04 -46.99 -12.10
N ILE I 94 32.35 -46.68 -12.15
CA ILE I 94 33.41 -47.70 -11.96
C ILE I 94 34.04 -47.77 -10.52
N ARG I 95 33.31 -47.25 -9.53
CA ARG I 95 33.69 -47.30 -8.10
C ARG I 95 35.06 -46.68 -7.78
N LEU I 96 35.37 -45.62 -8.51
CA LEU I 96 36.64 -44.90 -8.39
C LEU I 96 36.34 -43.60 -7.62
N ILE I 97 36.99 -43.40 -6.47
CA ILE I 97 36.84 -42.17 -5.66
C ILE I 97 37.95 -41.18 -6.04
N PRO I 98 37.59 -40.06 -6.72
CA PRO I 98 38.64 -39.13 -7.11
C PRO I 98 39.35 -38.49 -5.91
N PRO I 99 40.68 -38.29 -5.97
CA PRO I 99 41.43 -37.68 -4.87
C PRO I 99 41.34 -36.15 -4.84
N LEU I 100 40.61 -35.55 -5.78
CA LEU I 100 40.36 -34.10 -5.83
C LEU I 100 38.84 -33.84 -5.91
N THR I 101 38.38 -32.69 -5.43
CA THR I 101 36.97 -32.28 -5.61
C THR I 101 36.78 -31.70 -7.02
N GLN I 102 35.51 -31.56 -7.41
CA GLN I 102 35.18 -30.93 -8.72
C GLN I 102 35.75 -29.51 -8.88
N ASP I 103 35.63 -28.72 -7.80
CA ASP I 103 36.19 -27.36 -7.76
C ASP I 103 37.72 -27.36 -7.96
N GLU I 104 38.42 -28.27 -7.26
CA GLU I 104 39.89 -28.38 -7.38
C GLU I 104 40.30 -28.69 -8.80
N VAL I 105 39.60 -29.66 -9.39
CA VAL I 105 39.86 -30.09 -10.77
C VAL I 105 39.70 -28.92 -11.76
N LYS I 106 38.60 -28.17 -11.62
CA LYS I 106 38.36 -26.96 -12.47
C LYS I 106 39.43 -25.90 -12.38
N GLU I 107 39.85 -25.60 -11.14
CA GLU I 107 40.90 -24.61 -10.86
C GLU I 107 42.26 -25.01 -11.46
N ILE I 108 42.66 -26.28 -11.26
CA ILE I 108 43.93 -26.79 -11.80
C ILE I 108 43.94 -26.82 -13.35
N ALA I 109 42.83 -27.29 -13.92
CA ALA I 109 42.68 -27.37 -15.38
C ALA I 109 42.75 -26.02 -16.06
N LEU I 110 42.08 -25.02 -15.47
CA LEU I 110 42.11 -23.64 -16.02
C LEU I 110 43.47 -23.02 -15.92
N GLU I 111 44.15 -23.27 -14.79
CA GLU I 111 45.53 -22.81 -14.60
C GLU I 111 46.46 -23.41 -15.65
N LEU I 112 46.31 -24.71 -15.90
CA LEU I 112 47.10 -25.42 -16.92
C LEU I 112 47.00 -24.76 -18.31
N VAL I 113 45.76 -24.46 -18.73
CA VAL I 113 45.51 -23.78 -20.02
C VAL I 113 46.19 -22.41 -20.03
N ALA I 114 46.01 -21.66 -18.93
CA ALA I 114 46.62 -20.31 -18.78
C ALA I 114 48.13 -20.34 -19.03
N LYS I 115 48.82 -21.30 -18.42
CA LYS I 115 50.29 -21.46 -18.63
C LYS I 115 50.72 -21.76 -20.06
N THR I 116 49.87 -22.44 -20.83
CA THR I 116 50.16 -22.72 -22.24
C THR I 116 50.02 -21.49 -23.13
N GLU I 117 49.26 -20.50 -22.65
CA GLU I 117 48.93 -19.27 -23.40
C GLU I 117 47.93 -19.54 -24.57
N LEU I 118 47.44 -20.78 -24.69
CA LEU I 118 46.59 -21.15 -25.83
C LEU I 118 45.18 -20.57 -25.67
N ARG I 119 44.74 -19.81 -26.68
CA ARG I 119 43.37 -19.27 -26.75
C ARG I 119 42.37 -20.28 -27.38
N GLU I 120 42.88 -21.17 -28.25
CA GLU I 120 42.12 -22.29 -28.82
C GLU I 120 42.81 -23.62 -28.44
N ALA I 121 42.13 -24.44 -27.65
CA ALA I 121 42.76 -25.62 -27.00
C ALA I 121 41.83 -26.81 -26.69
N MET I 122 42.48 -27.97 -26.49
CA MET I 122 41.82 -29.20 -26.04
C MET I 122 42.45 -29.60 -24.72
N VAL I 123 41.61 -29.90 -23.75
CA VAL I 123 42.07 -30.18 -22.39
C VAL I 123 41.49 -31.50 -21.93
N THR I 124 42.37 -32.46 -21.64
CA THR I 124 41.97 -33.80 -21.19
C THR I 124 42.22 -33.96 -19.70
N VAL I 125 41.20 -34.43 -18.99
CA VAL I 125 41.31 -34.78 -17.58
C VAL I 125 41.00 -36.27 -17.41
N THR I 126 42.00 -37.00 -16.90
CA THR I 126 41.97 -38.45 -16.68
C THR I 126 42.06 -38.84 -15.20
N ILE I 127 41.23 -39.79 -14.77
CA ILE I 127 41.29 -40.36 -13.43
C ILE I 127 41.54 -41.87 -13.53
N THR I 128 42.59 -42.36 -12.86
CA THR I 128 42.97 -43.80 -12.85
C THR I 128 42.92 -44.38 -11.43
N ARG I 129 42.91 -45.71 -11.35
CA ARG I 129 42.97 -46.47 -10.09
C ARG I 129 44.34 -46.33 -9.40
N GLY I 130 45.37 -46.00 -10.17
CA GLY I 130 46.71 -45.68 -9.62
C GLY I 130 47.75 -46.81 -9.61
N TYR I 131 48.93 -46.49 -9.10
CA TYR I 131 50.12 -47.39 -9.11
C TYR I 131 50.49 -47.95 -7.72
N SER I 132 49.67 -47.71 -6.71
CA SER I 132 49.99 -48.14 -5.35
C SER I 132 49.33 -49.47 -4.99
N SER I 133 48.72 -50.13 -5.97
CA SER I 133 47.94 -51.36 -5.72
C SER I 133 47.82 -52.14 -7.03
N THR I 134 47.26 -53.35 -6.95
CA THR I 134 47.01 -54.21 -8.13
C THR I 134 45.52 -54.63 -8.19
N PRO I 135 45.03 -55.14 -9.35
CA PRO I 135 43.62 -55.56 -9.46
C PRO I 135 43.17 -56.62 -8.46
N PHE I 136 44.11 -57.40 -7.93
CA PHE I 136 43.82 -58.46 -6.95
C PHE I 136 43.90 -58.05 -5.47
N GLU I 137 44.10 -56.75 -5.21
CA GLU I 137 44.17 -56.24 -3.85
C GLU I 137 42.93 -56.67 -3.08
N ARG I 138 43.15 -57.26 -1.91
CA ARG I 138 42.08 -57.65 -0.98
C ARG I 138 41.47 -56.47 -0.19
N ASP I 139 42.30 -55.48 0.17
CA ASP I 139 41.81 -54.32 0.95
C ASP I 139 41.57 -53.11 0.06
N ILE I 140 40.29 -52.82 -0.24
CA ILE I 140 39.93 -51.66 -1.12
C ILE I 140 40.47 -50.31 -0.59
N THR I 141 40.71 -50.19 0.72
CA THR I 141 41.27 -48.96 1.30
C THR I 141 42.73 -48.67 0.85
N LYS I 142 43.41 -49.71 0.38
CA LYS I 142 44.79 -49.62 -0.12
C LYS I 142 44.97 -48.99 -1.55
N HIS I 143 43.88 -48.86 -2.30
CA HIS I 143 43.88 -48.18 -3.63
C HIS I 143 44.23 -46.70 -3.50
N ARG I 144 45.13 -46.19 -4.33
CA ARG I 144 45.53 -44.75 -4.32
C ARG I 144 45.35 -44.10 -5.71
N PRO I 145 44.11 -43.65 -6.03
CA PRO I 145 43.83 -43.06 -7.34
C PRO I 145 44.65 -41.83 -7.72
N GLN I 146 44.90 -41.68 -9.02
CA GLN I 146 45.66 -40.55 -9.59
C GLN I 146 44.85 -39.73 -10.59
N VAL I 147 45.18 -38.44 -10.67
CA VAL I 147 44.63 -37.53 -11.68
C VAL I 147 45.78 -37.06 -12.57
N TYR I 148 45.56 -37.10 -13.89
CA TYR I 148 46.50 -36.60 -14.91
C TYR I 148 45.76 -35.67 -15.87
N MET I 149 46.41 -34.58 -16.28
CA MET I 149 45.82 -33.61 -17.23
C MET I 149 46.79 -33.24 -18.33
N SER I 150 46.27 -32.89 -19.50
CA SER I 150 47.07 -32.31 -20.59
C SER I 150 46.28 -31.25 -21.36
N ALA I 151 47.00 -30.24 -21.85
CA ALA I 151 46.42 -29.15 -22.66
C ALA I 151 47.22 -28.96 -23.93
N CYS I 152 46.53 -29.01 -25.07
CA CYS I 152 47.15 -29.03 -26.41
C CYS I 152 46.39 -28.12 -27.37
N PRO I 153 46.97 -27.85 -28.55
CA PRO I 153 46.18 -27.12 -29.55
C PRO I 153 44.88 -27.85 -29.96
N TYR I 154 43.85 -27.09 -30.29
CA TYR I 154 42.56 -27.66 -30.76
C TYR I 154 42.78 -28.59 -31.97
N GLN I 155 42.18 -29.77 -31.93
CA GLN I 155 42.28 -30.79 -32.99
C GLN I 155 40.96 -31.02 -33.75
N TRP I 156 41.06 -31.23 -35.06
CA TRP I 156 39.89 -31.39 -35.94
C TRP I 156 39.80 -32.81 -36.45
N ILE I 157 38.73 -33.51 -36.08
CA ILE I 157 38.48 -34.88 -36.58
C ILE I 157 38.23 -34.87 -38.09
N VAL I 158 37.53 -33.85 -38.59
CA VAL I 158 37.37 -33.63 -40.05
C VAL I 158 37.86 -32.22 -40.46
N PRO I 159 38.48 -32.08 -41.65
CA PRO I 159 38.93 -30.75 -42.09
C PRO I 159 37.80 -29.76 -42.42
N PHE I 160 38.19 -28.49 -42.57
CA PHE I 160 37.26 -27.35 -42.71
C PHE I 160 36.39 -27.45 -43.97
N ASP I 161 36.99 -27.87 -45.08
CA ASP I 161 36.26 -28.04 -46.37
C ASP I 161 35.18 -29.12 -46.29
N ARG I 162 35.40 -30.12 -45.43
CA ARG I 162 34.48 -31.25 -45.20
C ARG I 162 33.32 -30.84 -44.22
N ILE I 163 33.57 -29.90 -43.31
CA ILE I 163 32.48 -29.25 -42.51
C ILE I 163 31.49 -28.51 -43.42
N ARG I 164 32.01 -27.86 -44.47
CA ARG I 164 31.18 -27.16 -45.48
C ARG I 164 30.48 -28.12 -46.43
N ASP I 165 31.25 -29.05 -47.02
CA ASP I 165 30.76 -29.92 -48.13
C ASP I 165 30.17 -31.28 -47.72
N GLY I 166 30.59 -31.80 -46.57
CA GLY I 166 30.05 -33.04 -45.99
C GLY I 166 31.04 -34.19 -46.05
N VAL I 167 30.72 -35.26 -45.32
CA VAL I 167 31.59 -36.45 -45.16
C VAL I 167 30.88 -37.74 -45.63
N HIS I 168 31.68 -38.71 -46.09
CA HIS I 168 31.15 -40.00 -46.58
C HIS I 168 31.22 -41.09 -45.51
N LEU I 169 30.05 -41.49 -45.02
CA LEU I 169 29.94 -42.45 -43.90
C LEU I 169 29.88 -43.90 -44.35
N MET I 170 30.36 -44.81 -43.50
CA MET I 170 30.31 -46.26 -43.71
C MET I 170 29.72 -46.94 -42.47
N VAL I 171 28.76 -47.85 -42.67
CA VAL I 171 28.28 -48.74 -41.60
C VAL I 171 29.20 -49.98 -41.51
N ALA I 172 29.84 -50.18 -40.34
CA ALA I 172 30.78 -51.29 -40.15
C ALA I 172 30.06 -52.66 -40.14
N GLN I 173 30.64 -53.64 -40.82
CA GLN I 173 30.13 -55.03 -40.86
C GLN I 173 31.02 -56.08 -40.17
N SER I 174 32.31 -55.80 -39.96
CA SER I 174 33.24 -56.76 -39.36
C SER I 174 33.37 -56.65 -37.84
N VAL I 175 32.69 -55.68 -37.25
CA VAL I 175 32.79 -55.37 -35.82
C VAL I 175 31.52 -54.68 -35.34
N ARG I 176 31.18 -54.86 -34.07
CA ARG I 176 30.07 -54.17 -33.40
C ARG I 176 30.53 -53.52 -32.08
N ARG I 177 29.79 -52.50 -31.65
CA ARG I 177 30.15 -51.73 -30.44
C ARG I 177 30.03 -52.63 -29.23
N THR I 178 31.02 -52.54 -28.35
CA THR I 178 31.03 -53.34 -27.12
C THR I 178 29.72 -53.18 -26.32
N PRO I 179 29.11 -54.30 -25.88
CA PRO I 179 27.84 -54.19 -25.13
C PRO I 179 27.97 -53.55 -23.76
N ARG I 180 26.87 -52.95 -23.28
CA ARG I 180 26.83 -52.35 -21.92
C ARG I 180 27.07 -53.42 -20.83
N SER I 181 26.75 -54.67 -21.13
CA SER I 181 27.02 -55.81 -20.23
C SER I 181 28.49 -56.29 -20.14
N SER I 182 29.40 -55.63 -20.86
CA SER I 182 30.84 -55.95 -20.81
C SER I 182 31.68 -54.70 -20.45
N ILE I 183 31.73 -53.74 -21.36
CA ILE I 183 32.42 -52.44 -21.16
C ILE I 183 31.49 -51.32 -21.66
N ASP I 184 30.96 -50.56 -20.71
CA ASP I 184 29.87 -49.61 -20.95
C ASP I 184 30.28 -48.37 -21.77
N PRO I 185 29.72 -48.20 -23.00
CA PRO I 185 30.05 -47.00 -23.79
C PRO I 185 29.58 -45.67 -23.19
N GLN I 186 28.65 -45.73 -22.24
CA GLN I 186 28.21 -44.52 -21.52
C GLN I 186 29.23 -43.99 -20.51
N VAL I 187 30.27 -44.78 -20.24
CA VAL I 187 31.43 -44.37 -19.42
C VAL I 187 32.58 -44.12 -20.38
N LYS I 188 32.95 -42.87 -20.54
CA LYS I 188 34.03 -42.51 -21.45
C LYS I 188 35.23 -43.36 -21.05
N ASN I 189 35.90 -43.97 -22.03
CA ASN I 189 37.00 -44.88 -21.71
C ASN I 189 38.01 -45.06 -22.85
N PHE I 190 39.20 -45.56 -22.49
CA PHE I 190 40.32 -45.73 -23.44
C PHE I 190 40.32 -47.10 -24.12
N GLN I 191 39.28 -47.89 -23.92
CA GLN I 191 39.23 -49.27 -24.41
C GLN I 191 38.61 -49.36 -25.80
N TRP I 192 39.43 -49.02 -26.79
CA TRP I 192 39.01 -48.72 -28.19
C TRP I 192 39.25 -49.87 -29.21
N GLY I 193 39.33 -51.10 -28.72
CA GLY I 193 39.62 -52.26 -29.56
C GLY I 193 38.64 -52.40 -30.74
N ASP I 194 37.36 -52.20 -30.44
CA ASP I 194 36.29 -52.26 -31.44
C ASP I 194 36.32 -51.05 -32.39
N LEU I 195 36.53 -49.88 -31.80
CA LEU I 195 36.57 -48.62 -32.56
C LEU I 195 37.75 -48.57 -33.54
N ILE I 196 38.89 -49.12 -33.12
CA ILE I 196 40.08 -49.21 -34.01
C ILE I 196 39.85 -50.19 -35.17
N ARG I 197 39.24 -51.35 -34.88
CA ARG I 197 38.82 -52.29 -35.93
C ARG I 197 37.93 -51.62 -36.98
N ALA I 198 37.00 -50.78 -36.52
CA ALA I 198 36.08 -50.04 -37.40
C ALA I 198 36.82 -49.05 -38.32
N ILE I 199 37.84 -48.37 -37.76
CA ILE I 199 38.69 -47.45 -38.54
C ILE I 199 39.47 -48.20 -39.64
N GLN I 200 39.97 -49.37 -39.26
CA GLN I 200 40.72 -50.24 -40.19
C GLN I 200 39.84 -50.74 -41.34
N GLU I 201 38.60 -51.11 -41.03
CA GLU I 201 37.61 -51.49 -42.04
C GLU I 201 37.31 -50.34 -43.03
N THR I 202 37.35 -49.09 -42.56
CA THR I 202 37.07 -47.94 -43.43
C THR I 202 38.19 -47.77 -44.45
N HIS I 203 39.43 -48.04 -44.03
CA HIS I 203 40.60 -48.02 -44.96
C HIS I 203 40.47 -49.12 -46.01
N ASP I 204 40.10 -50.33 -45.60
CA ASP I 204 39.89 -51.46 -46.52
C ASP I 204 38.83 -51.19 -47.59
N ARG I 205 37.70 -50.59 -47.19
CA ARG I 205 36.54 -50.38 -48.07
C ARG I 205 36.50 -49.02 -48.77
N GLY I 206 37.42 -48.13 -48.40
CA GLY I 206 37.62 -46.85 -49.09
C GLY I 206 36.63 -45.73 -48.74
N PHE I 207 36.28 -45.63 -47.45
CA PHE I 207 35.37 -44.58 -46.95
C PHE I 207 36.11 -43.66 -45.96
N GLU I 208 35.43 -42.62 -45.46
CA GLU I 208 36.10 -41.57 -44.64
C GLU I 208 36.00 -41.79 -43.13
N LEU I 209 34.79 -42.09 -42.63
CA LEU I 209 34.56 -42.43 -41.21
C LEU I 209 33.56 -43.59 -41.04
N PRO I 210 33.69 -44.39 -39.95
CA PRO I 210 32.74 -45.48 -39.66
C PRO I 210 31.70 -45.17 -38.57
N LEU I 211 30.52 -45.78 -38.72
CA LEU I 211 29.49 -45.87 -37.68
C LEU I 211 29.28 -47.33 -37.33
N LEU I 212 29.36 -47.65 -36.03
CA LEU I 212 29.11 -49.01 -35.54
C LEU I 212 27.64 -49.22 -35.16
N LEU I 213 27.20 -50.48 -35.23
CA LEU I 213 25.92 -50.94 -34.69
C LEU I 213 26.11 -51.65 -33.34
N ASP I 214 25.02 -51.79 -32.59
CA ASP I 214 24.98 -52.55 -31.32
C ASP I 214 24.56 -54.02 -31.52
N CYS I 215 24.51 -54.79 -30.44
CA CYS I 215 24.10 -56.19 -30.44
C CYS I 215 22.76 -56.46 -31.13
N ASP I 216 21.83 -55.52 -31.01
CA ASP I 216 20.48 -55.63 -31.66
C ASP I 216 20.43 -55.05 -33.08
N ASN I 217 21.60 -54.73 -33.65
CA ASN I 217 21.73 -54.13 -35.00
C ASN I 217 21.11 -52.74 -35.11
N LEU I 218 21.07 -52.02 -33.98
CA LEU I 218 20.60 -50.63 -33.93
C LEU I 218 21.80 -49.68 -33.89
N LEU I 219 21.58 -48.45 -34.33
CA LEU I 219 22.66 -47.46 -34.46
C LEU I 219 23.33 -47.24 -33.12
N ALA I 220 24.66 -47.22 -33.09
CA ALA I 220 25.42 -46.99 -31.84
C ALA I 220 26.13 -45.65 -31.90
N GLU I 221 27.43 -45.64 -32.19
CA GLU I 221 28.22 -44.42 -32.31
C GLU I 221 29.47 -44.70 -33.14
N GLY I 222 30.28 -43.68 -33.35
CA GLY I 222 31.56 -43.79 -34.09
C GLY I 222 32.79 -43.56 -33.21
N PRO I 223 34.00 -43.71 -33.76
CA PRO I 223 35.22 -43.48 -32.96
C PRO I 223 35.43 -42.01 -32.66
N GLY I 224 35.08 -41.63 -31.44
CA GLY I 224 35.21 -40.23 -30.99
C GLY I 224 34.06 -39.30 -31.36
N PHE I 225 32.91 -39.84 -31.78
CA PHE I 225 31.75 -39.01 -32.15
C PHE I 225 30.39 -39.69 -32.05
N ASN I 226 29.38 -38.87 -31.79
CA ASN I 226 27.97 -39.29 -31.81
C ASN I 226 27.34 -39.01 -33.17
N VAL I 227 26.29 -39.76 -33.51
CA VAL I 227 25.55 -39.57 -34.79
C VAL I 227 24.15 -39.01 -34.50
N VAL I 228 23.65 -38.18 -35.42
CA VAL I 228 22.30 -37.60 -35.32
C VAL I 228 21.58 -37.75 -36.66
N VAL I 229 20.31 -38.12 -36.59
CA VAL I 229 19.48 -38.43 -37.76
C VAL I 229 18.23 -37.54 -37.79
N ILE I 230 18.01 -36.87 -38.93
CA ILE I 230 16.86 -35.95 -39.12
C ILE I 230 15.87 -36.48 -40.19
N LYS I 231 14.59 -36.58 -39.79
CA LYS I 231 13.52 -37.11 -40.64
C LYS I 231 12.18 -36.42 -40.33
N ASP I 232 11.57 -35.84 -41.39
CA ASP I 232 10.30 -35.11 -41.32
C ASP I 232 10.27 -34.13 -40.16
N GLY I 233 11.36 -33.35 -40.04
CA GLY I 233 11.49 -32.33 -38.98
C GLY I 233 11.73 -32.81 -37.54
N VAL I 234 11.89 -34.13 -37.36
CA VAL I 234 12.15 -34.73 -36.06
C VAL I 234 13.66 -35.06 -35.99
N VAL I 235 14.29 -34.64 -34.90
CA VAL I 235 15.74 -34.82 -34.69
C VAL I 235 16.00 -35.92 -33.62
N ARG I 236 16.68 -36.99 -34.03
CA ARG I 236 16.90 -38.17 -33.20
C ARG I 236 18.40 -38.57 -33.09
N SER I 237 18.82 -39.08 -31.92
CA SER I 237 20.19 -39.60 -31.70
C SER I 237 20.17 -40.88 -30.82
N PRO I 238 21.06 -41.86 -31.08
CA PRO I 238 21.06 -43.10 -30.29
C PRO I 238 21.20 -42.89 -28.77
N GLY I 239 20.28 -43.52 -28.02
CA GLY I 239 20.25 -43.44 -26.56
C GLY I 239 21.05 -44.50 -25.78
N ARG I 240 21.28 -45.67 -26.35
CA ARG I 240 21.90 -46.78 -25.63
C ARG I 240 23.43 -46.86 -25.81
N ALA I 241 23.87 -47.42 -26.94
CA ALA I 241 25.29 -47.76 -27.15
C ALA I 241 26.06 -46.56 -27.66
N ALA I 242 26.05 -45.50 -26.84
CA ALA I 242 26.63 -44.21 -27.20
C ALA I 242 26.98 -43.39 -25.96
N LEU I 243 28.10 -42.69 -26.01
CA LEU I 243 28.47 -41.76 -24.95
C LEU I 243 27.44 -40.63 -24.88
N PRO I 244 27.01 -40.24 -23.66
CA PRO I 244 26.22 -39.01 -23.53
C PRO I 244 27.09 -37.78 -23.76
N GLY I 245 27.27 -37.46 -25.04
CA GLY I 245 28.13 -36.37 -25.48
C GLY I 245 27.63 -34.99 -25.09
N ILE I 246 28.57 -34.11 -24.79
CA ILE I 246 28.25 -32.71 -24.46
C ILE I 246 27.92 -31.96 -25.74
N THR I 247 28.60 -32.29 -26.85
CA THR I 247 28.24 -31.72 -28.16
C THR I 247 26.84 -32.17 -28.62
N ARG I 248 26.54 -33.45 -28.44
CA ARG I 248 25.19 -34.00 -28.68
C ARG I 248 24.12 -33.21 -27.91
N LYS I 249 24.36 -33.02 -26.61
CA LYS I 249 23.42 -32.27 -25.70
C LYS I 249 23.16 -30.87 -26.22
N THR I 250 24.23 -30.19 -26.66
CA THR I 250 24.13 -28.88 -27.30
C THR I 250 23.31 -28.92 -28.60
N VAL I 251 23.60 -29.90 -29.47
CA VAL I 251 22.87 -30.07 -30.75
C VAL I 251 21.35 -30.24 -30.54
N LEU I 252 20.97 -31.07 -29.57
CA LEU I 252 19.55 -31.29 -29.25
C LEU I 252 18.86 -30.04 -28.63
N GLU I 253 19.57 -29.33 -27.77
CA GLU I 253 19.10 -28.02 -27.26
C GLU I 253 18.88 -27.01 -28.39
N ILE I 254 19.84 -26.90 -29.30
CA ILE I 254 19.71 -26.04 -30.50
C ILE I 254 18.49 -26.41 -31.37
N ALA I 255 18.31 -27.71 -31.60
CA ALA I 255 17.15 -28.21 -32.35
C ALA I 255 15.81 -27.78 -31.73
N GLU I 256 15.70 -27.87 -30.39
CA GLU I 256 14.50 -27.41 -29.66
C GLU I 256 14.28 -25.91 -29.79
N SER I 257 15.36 -25.12 -29.74
CA SER I 257 15.32 -23.66 -29.98
C SER I 257 14.74 -23.35 -31.33
N LEU I 258 15.08 -24.16 -32.33
CA LEU I 258 14.56 -23.99 -33.71
C LEU I 258 13.14 -24.54 -33.94
N GLY I 259 12.49 -25.04 -32.88
CA GLY I 259 11.11 -25.53 -32.95
C GLY I 259 10.96 -26.98 -33.42
N HIS I 260 12.04 -27.76 -33.36
CA HIS I 260 11.99 -29.19 -33.72
C HIS I 260 11.87 -30.07 -32.46
N GLU I 261 11.09 -31.14 -32.57
CA GLU I 261 11.13 -32.20 -31.56
C GLU I 261 12.54 -32.86 -31.62
N ALA I 262 13.17 -32.99 -30.45
CA ALA I 262 14.55 -33.48 -30.34
C ALA I 262 14.65 -34.52 -29.23
N ILE I 263 14.93 -35.78 -29.60
CA ILE I 263 14.85 -36.91 -28.66
C ILE I 263 15.94 -37.97 -28.82
N LEU I 264 16.22 -38.66 -27.72
CA LEU I 264 17.06 -39.86 -27.75
C LEU I 264 16.17 -41.02 -28.10
N ALA I 265 16.68 -41.93 -28.93
CA ALA I 265 15.86 -43.02 -29.48
C ALA I 265 16.69 -44.19 -30.04
N ASP I 266 16.00 -45.32 -30.25
CA ASP I 266 16.52 -46.44 -30.97
C ASP I 266 16.28 -46.22 -32.48
N ILE I 267 17.34 -46.31 -33.27
CA ILE I 267 17.29 -46.01 -34.72
C ILE I 267 17.81 -47.20 -35.56
N THR I 268 17.03 -47.60 -36.56
CA THR I 268 17.36 -48.74 -37.44
C THR I 268 18.25 -48.31 -38.63
N PRO I 269 18.99 -49.26 -39.25
CA PRO I 269 19.72 -48.92 -40.47
C PRO I 269 18.83 -48.43 -41.62
N ALA I 270 17.64 -49.02 -41.77
CA ALA I 270 16.67 -48.57 -42.80
C ALA I 270 16.34 -47.08 -42.66
N GLU I 271 16.10 -46.66 -41.42
CA GLU I 271 15.86 -45.26 -41.09
C GLU I 271 17.03 -44.33 -41.38
N LEU I 272 18.24 -44.84 -41.20
CA LEU I 272 19.46 -44.09 -41.56
C LEU I 272 19.55 -43.80 -43.06
N TYR I 273 19.37 -44.84 -43.88
CA TYR I 273 19.43 -44.72 -45.34
C TYR I 273 18.31 -43.84 -45.89
N ASP I 274 17.13 -43.89 -45.27
CA ASP I 274 15.96 -43.13 -45.69
C ASP I 274 15.87 -41.71 -45.08
N ALA I 275 16.91 -41.26 -44.38
CA ALA I 275 16.86 -39.97 -43.65
C ALA I 275 16.89 -38.75 -44.59
N ASP I 276 16.29 -37.66 -44.15
CA ASP I 276 16.39 -36.35 -44.84
C ASP I 276 17.80 -35.80 -44.70
N GLU I 277 18.28 -35.76 -43.45
CA GLU I 277 19.65 -35.29 -43.12
C GLU I 277 20.33 -36.18 -42.06
N VAL I 278 21.66 -36.26 -42.14
CA VAL I 278 22.48 -36.97 -41.15
C VAL I 278 23.71 -36.11 -40.79
N LEU I 279 24.05 -36.05 -39.51
CA LEU I 279 25.24 -35.33 -39.05
C LEU I 279 26.05 -36.08 -37.99
N GLY I 280 27.28 -35.62 -37.79
CA GLY I 280 28.16 -36.09 -36.71
C GLY I 280 28.58 -34.96 -35.77
N CYS I 281 28.87 -35.29 -34.52
CA CYS I 281 29.27 -34.28 -33.52
C CYS I 281 30.26 -34.81 -32.47
N SER I 282 31.13 -33.90 -32.02
CA SER I 282 32.17 -34.20 -31.02
C SER I 282 32.84 -32.92 -30.53
N THR I 283 33.40 -32.96 -29.31
CA THR I 283 34.28 -31.86 -28.83
C THR I 283 35.45 -31.63 -29.80
N GLY I 284 35.94 -32.72 -30.39
CA GLY I 284 36.99 -32.65 -31.39
C GLY I 284 36.57 -32.31 -32.81
N GLY I 285 36.09 -31.09 -33.01
CA GLY I 285 35.69 -30.61 -34.35
C GLY I 285 34.33 -29.94 -34.46
N GLY I 286 33.51 -30.14 -33.43
CA GLY I 286 32.19 -29.52 -33.34
C GLY I 286 31.13 -30.34 -34.04
N VAL I 287 30.56 -29.77 -35.11
CA VAL I 287 29.46 -30.40 -35.85
C VAL I 287 29.79 -30.39 -37.35
N TRP I 288 29.45 -31.49 -38.03
CA TRP I 288 29.65 -31.65 -39.49
C TRP I 288 28.57 -32.54 -40.16
N PRO I 289 28.34 -32.38 -41.49
CA PRO I 289 27.36 -33.21 -42.18
C PRO I 289 27.92 -34.55 -42.70
N PHE I 290 27.04 -35.55 -42.72
CA PHE I 290 27.27 -36.82 -43.40
C PHE I 290 26.31 -36.87 -44.61
N VAL I 291 26.88 -36.79 -45.81
CA VAL I 291 26.09 -36.64 -47.07
C VAL I 291 25.82 -37.95 -47.82
N SER I 292 26.53 -39.01 -47.45
CA SER I 292 26.28 -40.35 -47.99
C SER I 292 26.57 -41.44 -46.96
N VAL I 293 25.94 -42.60 -47.13
CA VAL I 293 26.16 -43.80 -46.28
C VAL I 293 26.34 -45.05 -47.17
N ASP I 294 27.50 -45.72 -47.05
CA ASP I 294 27.85 -46.88 -47.91
C ASP I 294 27.76 -46.55 -49.43
N GLY I 295 28.13 -45.32 -49.79
CA GLY I 295 28.04 -44.85 -51.16
C GLY I 295 26.67 -44.39 -51.66
N ASN I 296 25.63 -44.56 -50.85
CA ASN I 296 24.27 -44.11 -51.15
C ASN I 296 24.09 -42.68 -50.67
N SER I 297 23.58 -41.80 -51.53
CA SER I 297 23.39 -40.40 -51.14
C SER I 297 22.28 -40.26 -50.09
N ILE I 298 22.49 -39.35 -49.14
CA ILE I 298 21.43 -38.93 -48.20
C ILE I 298 20.71 -37.74 -48.84
N SER I 299 19.41 -37.92 -49.13
CA SER I 299 18.63 -36.98 -49.97
C SER I 299 19.38 -36.70 -51.28
N ASP I 300 19.65 -35.43 -51.59
CA ASP I 300 20.35 -35.02 -52.82
C ASP I 300 21.88 -34.97 -52.69
N GLY I 301 22.43 -35.57 -51.63
CA GLY I 301 23.89 -35.68 -51.47
C GLY I 301 24.66 -34.41 -51.10
N VAL I 302 23.95 -33.35 -50.72
CA VAL I 302 24.59 -32.12 -50.22
C VAL I 302 24.09 -31.82 -48.78
N PRO I 303 24.88 -31.07 -47.98
CA PRO I 303 24.45 -30.78 -46.62
C PRO I 303 23.06 -30.12 -46.56
N GLY I 304 22.20 -30.66 -45.70
CA GLY I 304 20.84 -30.17 -45.55
C GLY I 304 20.74 -28.86 -44.80
N PRO I 305 19.58 -28.18 -44.92
CA PRO I 305 19.42 -26.84 -44.32
C PRO I 305 19.31 -26.82 -42.79
N VAL I 306 18.71 -27.85 -42.18
CA VAL I 306 18.64 -27.95 -40.71
C VAL I 306 20.05 -28.15 -40.11
N THR I 307 20.82 -29.05 -40.72
CA THR I 307 22.24 -29.29 -40.35
C THR I 307 23.05 -27.99 -40.39
N GLN I 308 22.93 -27.24 -41.49
CA GLN I 308 23.64 -25.96 -41.67
C GLN I 308 23.32 -24.92 -40.58
N SER I 309 22.04 -24.81 -40.21
CA SER I 309 21.59 -23.91 -39.15
C SER I 309 22.14 -24.31 -37.77
N ILE I 310 22.20 -25.63 -37.52
CA ILE I 310 22.76 -26.21 -36.26
C ILE I 310 24.27 -25.94 -36.15
N ILE I 311 25.02 -26.18 -37.25
CA ILE I 311 26.48 -25.89 -37.31
C ILE I 311 26.81 -24.42 -37.01
N ARG I 312 26.08 -23.51 -37.66
CA ARG I 312 26.29 -22.06 -37.47
C ARG I 312 25.95 -21.64 -36.02
N ARG I 313 24.80 -22.12 -35.51
CA ARG I 313 24.38 -21.76 -34.14
C ARG I 313 25.37 -22.29 -33.09
N TYR I 314 25.89 -23.51 -33.31
CA TYR I 314 26.90 -24.10 -32.38
C TYR I 314 28.10 -23.16 -32.22
N TRP I 315 28.62 -22.67 -33.34
CA TRP I 315 29.79 -21.78 -33.29
C TRP I 315 29.47 -20.38 -32.75
N GLU I 316 28.24 -19.89 -32.98
CA GLU I 316 27.73 -18.70 -32.28
C GLU I 316 27.77 -18.83 -30.76
N LEU I 317 27.31 -19.98 -30.25
CA LEU I 317 27.33 -20.30 -28.81
C LEU I 317 28.73 -20.33 -28.18
N ASN I 318 29.75 -20.54 -29.01
CA ASN I 318 31.16 -20.56 -28.57
C ASN I 318 31.76 -19.17 -28.33
N VAL I 319 31.11 -18.13 -28.84
CA VAL I 319 31.57 -16.72 -28.68
C VAL I 319 30.59 -15.75 -28.00
N GLU I 320 29.28 -15.90 -28.22
CA GLU I 320 28.27 -15.03 -27.59
C GLU I 320 28.24 -15.22 -26.05
N PRO I 321 28.44 -14.12 -25.28
CA PRO I 321 28.49 -14.21 -23.82
C PRO I 321 27.29 -14.94 -23.22
N SER I 322 27.55 -16.05 -22.56
CA SER I 322 26.50 -16.80 -21.87
C SER I 322 27.07 -17.60 -20.67
N SER I 323 26.20 -18.25 -19.90
CA SER I 323 26.63 -19.16 -18.83
C SER I 323 27.30 -20.48 -19.32
N LEU I 324 27.28 -20.72 -20.63
CA LEU I 324 28.06 -21.81 -21.26
C LEU I 324 29.57 -21.56 -21.28
N LEU I 325 29.97 -20.30 -21.08
CA LEU I 325 31.37 -19.93 -21.16
C LEU I 325 32.02 -19.55 -19.81
N THR I 326 33.27 -20.00 -19.63
CA THR I 326 34.09 -19.71 -18.44
C THR I 326 35.42 -19.10 -18.91
N PRO I 327 35.70 -17.84 -18.51
CA PRO I 327 36.95 -17.21 -18.99
C PRO I 327 38.22 -17.77 -18.35
N VAL I 328 39.24 -17.99 -19.18
CA VAL I 328 40.58 -18.40 -18.70
C VAL I 328 41.34 -17.16 -18.28
N GLN I 329 41.93 -17.18 -17.07
CA GLN I 329 42.66 -16.03 -16.53
C GLN I 329 44.14 -16.04 -16.99
N TYR I 330 44.40 -15.52 -18.18
CA TYR I 330 45.77 -15.47 -18.75
C TYR I 330 46.68 -14.46 -18.05
N TYR J 12 -5.71 62.65 -19.88
CA TYR J 12 -5.80 61.17 -19.57
C TYR J 12 -4.45 60.45 -19.31
N THR J 13 -3.31 61.13 -19.51
CA THR J 13 -1.97 60.61 -19.17
C THR J 13 -1.03 61.73 -18.64
N HIS J 14 0.04 61.33 -17.93
CA HIS J 14 1.11 62.23 -17.42
C HIS J 14 2.44 61.49 -17.42
N ASP J 15 3.53 62.24 -17.54
CA ASP J 15 4.83 61.75 -17.06
C ASP J 15 4.77 61.99 -15.54
N THR J 16 5.12 60.98 -14.77
CA THR J 16 5.02 61.02 -13.31
C THR J 16 6.29 61.56 -12.56
N GLY J 17 7.48 61.33 -13.13
CA GLY J 17 8.76 61.68 -12.45
C GLY J 17 9.12 60.65 -11.37
N LEU J 18 8.44 59.49 -11.41
CA LEU J 18 8.61 58.40 -10.44
C LEU J 18 8.68 57.07 -11.19
N ASP J 19 9.75 56.31 -10.92
CA ASP J 19 10.04 55.05 -11.63
C ASP J 19 8.95 53.96 -11.44
N TYR J 20 8.26 54.00 -10.29
CA TYR J 20 7.24 53.01 -9.89
C TYR J 20 5.78 53.32 -10.30
N ILE J 21 5.52 54.52 -10.84
CA ILE J 21 4.20 54.86 -11.42
C ILE J 21 4.32 55.24 -12.91
N THR J 22 3.79 54.39 -13.80
CA THR J 22 3.84 54.63 -15.25
C THR J 22 2.47 54.43 -15.92
N TYR J 23 1.99 55.50 -16.57
CA TYR J 23 0.74 55.46 -17.37
C TYR J 23 0.97 54.64 -18.64
N SER J 24 -0.14 54.24 -19.26
CA SER J 24 -0.11 53.50 -20.54
C SER J 24 0.18 54.47 -21.71
N ASP J 25 0.85 53.95 -22.76
CA ASP J 25 1.15 54.73 -23.98
C ASP J 25 0.15 54.38 -25.10
N TYR J 26 -0.85 55.24 -25.29
CA TYR J 26 -1.95 54.97 -26.26
C TYR J 26 -2.68 56.29 -26.61
N GLU J 27 -3.57 56.22 -27.59
CA GLU J 27 -4.37 57.38 -28.05
C GLU J 27 -5.87 57.03 -28.06
N LEU J 28 -6.69 57.99 -27.67
CA LEU J 28 -8.16 57.81 -27.67
C LEU J 28 -8.71 57.98 -29.09
N ASP J 29 -9.67 57.12 -29.46
CA ASP J 29 -10.36 57.20 -30.76
C ASP J 29 -11.37 58.38 -30.79
N PRO J 30 -11.09 59.43 -31.61
CA PRO J 30 -12.01 60.59 -31.64
C PRO J 30 -13.38 60.33 -32.32
N ALA J 31 -13.49 59.22 -33.07
CA ALA J 31 -14.78 58.77 -33.62
C ALA J 31 -15.76 58.19 -32.58
N ASN J 32 -15.23 57.78 -31.43
CA ASN J 32 -16.04 57.25 -30.30
C ASN J 32 -16.57 58.39 -29.41
N PRO J 33 -17.91 58.55 -29.33
CA PRO J 33 -18.48 59.66 -28.52
C PRO J 33 -18.36 59.48 -26.99
N LEU J 34 -18.05 58.25 -26.55
CA LEU J 34 -17.82 57.92 -25.13
C LEU J 34 -16.34 57.89 -24.72
N ALA J 35 -15.44 58.10 -25.68
CA ALA J 35 -13.99 58.08 -25.38
C ALA J 35 -13.57 59.11 -24.32
N GLY J 36 -12.79 58.66 -23.33
CA GLY J 36 -12.22 59.53 -22.28
C GLY J 36 -13.12 59.83 -21.10
N GLY J 37 -14.34 59.28 -21.09
CA GLY J 37 -15.31 59.57 -20.04
C GLY J 37 -16.74 59.24 -20.42
N ALA J 38 -17.46 58.56 -19.51
CA ALA J 38 -18.85 58.17 -19.74
C ALA J 38 -19.59 57.77 -18.45
N ALA J 39 -20.90 57.59 -18.57
CA ALA J 39 -21.76 57.22 -17.44
C ALA J 39 -22.80 56.17 -17.84
N TRP J 40 -23.32 55.44 -16.85
CA TRP J 40 -24.45 54.52 -17.00
C TRP J 40 -25.59 54.99 -16.11
N ILE J 41 -26.68 55.39 -16.75
CA ILE J 41 -27.82 56.01 -16.06
C ILE J 41 -29.12 55.35 -16.60
N GLU J 42 -29.88 54.67 -15.72
CA GLU J 42 -31.19 54.05 -16.05
C GLU J 42 -31.16 53.14 -17.29
N GLY J 43 -30.15 52.28 -17.33
CA GLY J 43 -29.98 51.33 -18.43
C GLY J 43 -29.22 51.81 -19.67
N ALA J 44 -28.83 53.07 -19.72
CA ALA J 44 -28.20 53.67 -20.91
C ALA J 44 -26.76 54.08 -20.67
N PHE J 45 -25.88 53.78 -21.63
CA PHE J 45 -24.52 54.32 -21.65
C PHE J 45 -24.52 55.70 -22.34
N VAL J 46 -24.11 56.74 -21.63
CA VAL J 46 -24.18 58.14 -22.14
C VAL J 46 -22.87 58.93 -21.93
N PRO J 47 -22.62 59.98 -22.74
CA PRO J 47 -21.44 60.85 -22.49
C PRO J 47 -21.63 61.79 -21.27
N PRO J 48 -20.52 62.38 -20.75
CA PRO J 48 -20.59 63.21 -19.54
C PRO J 48 -21.61 64.35 -19.58
N SER J 49 -21.71 65.03 -20.72
CA SER J 49 -22.67 66.13 -20.89
C SER J 49 -24.15 65.72 -20.79
N GLU J 50 -24.46 64.45 -21.06
CA GLU J 50 -25.82 63.89 -20.88
C GLU J 50 -26.01 63.10 -19.56
N ALA J 51 -24.99 63.09 -18.70
CA ALA J 51 -25.03 62.36 -17.42
C ALA J 51 -25.73 63.15 -16.32
N ARG J 52 -27.06 62.98 -16.26
CA ARG J 52 -27.89 63.74 -15.34
C ARG J 52 -28.85 62.83 -14.58
N ILE J 53 -29.20 63.21 -13.35
CA ILE J 53 -30.24 62.50 -12.58
C ILE J 53 -31.40 63.40 -12.14
N SER J 54 -32.54 62.75 -11.90
CA SER J 54 -33.74 63.46 -11.44
C SER J 54 -33.51 64.17 -10.11
N ILE J 55 -33.91 65.44 -10.03
CA ILE J 55 -33.96 66.17 -8.75
C ILE J 55 -34.93 65.56 -7.71
N PHE J 56 -35.86 64.73 -8.18
CA PHE J 56 -36.80 64.01 -7.33
C PHE J 56 -36.27 62.65 -6.82
N ASP J 57 -35.03 62.30 -7.19
CA ASP J 57 -34.32 61.16 -6.54
C ASP J 57 -33.88 61.52 -5.10
N GLN J 58 -34.33 60.70 -4.14
CA GLN J 58 -34.02 60.88 -2.71
C GLN J 58 -32.52 60.84 -2.41
N GLY J 59 -31.77 60.17 -3.27
CA GLY J 59 -30.29 60.24 -3.28
C GLY J 59 -29.72 61.66 -3.35
N PHE J 60 -30.47 62.59 -3.95
CA PHE J 60 -30.16 64.02 -3.91
C PHE J 60 -30.73 64.72 -2.67
N TYR J 61 -32.07 64.82 -2.57
CA TYR J 61 -32.69 65.75 -1.58
C TYR J 61 -32.74 65.24 -0.12
N THR J 62 -32.49 63.95 0.12
CA THR J 62 -32.22 63.44 1.50
C THR J 62 -30.88 62.70 1.63
N SER J 63 -30.03 62.86 0.62
CA SER J 63 -28.75 62.15 0.47
C SER J 63 -28.85 60.66 0.84
N ASP J 64 -29.99 60.07 0.50
CA ASP J 64 -30.35 58.69 0.91
C ASP J 64 -29.69 57.70 -0.08
N ALA J 65 -28.40 57.50 0.16
CA ALA J 65 -27.56 56.80 -0.78
C ALA J 65 -26.25 56.33 -0.15
N THR J 66 -25.65 55.34 -0.78
CA THR J 66 -24.29 54.94 -0.49
C THR J 66 -23.54 54.67 -1.82
N TYR J 67 -22.21 54.53 -1.74
CA TYR J 67 -21.39 54.35 -2.96
C TYR J 67 -20.04 53.70 -2.67
N THR J 68 -19.35 53.36 -3.77
CA THR J 68 -17.91 53.08 -3.72
C THR J 68 -17.21 53.54 -5.00
N THR J 69 -15.91 53.77 -4.90
CA THR J 69 -15.08 54.19 -6.03
C THR J 69 -13.89 53.24 -6.12
N PHE J 70 -13.83 52.48 -7.22
CA PHE J 70 -12.66 51.67 -7.51
C PHE J 70 -11.82 52.29 -8.63
N HIS J 71 -10.61 51.76 -8.84
CA HIS J 71 -9.77 52.25 -9.93
C HIS J 71 -9.26 51.14 -10.88
N VAL J 72 -8.86 51.59 -12.08
CA VAL J 72 -8.26 50.75 -13.10
C VAL J 72 -6.87 51.32 -13.35
N TRP J 73 -5.86 50.44 -13.40
CA TRP J 73 -4.48 50.82 -13.73
C TRP J 73 -3.88 49.84 -14.77
N ASN J 74 -3.27 50.40 -15.82
CA ASN J 74 -2.72 49.62 -16.98
C ASN J 74 -3.70 48.52 -17.45
N GLY J 75 -4.97 48.90 -17.60
CA GLY J 75 -6.00 47.99 -18.11
C GLY J 75 -6.61 46.97 -17.17
N ASN J 76 -6.25 47.04 -15.89
CA ASN J 76 -6.75 46.12 -14.89
C ASN J 76 -7.47 46.83 -13.74
N ALA J 77 -8.68 46.37 -13.40
CA ALA J 77 -9.39 46.83 -12.20
C ALA J 77 -8.75 46.24 -10.90
N PHE J 78 -8.56 47.10 -9.89
CA PHE J 78 -7.89 46.74 -8.63
C PHE J 78 -8.91 46.42 -7.53
N ARG J 79 -8.88 45.18 -7.07
CA ARG J 79 -9.70 44.69 -5.94
C ARG J 79 -11.20 44.96 -6.12
N LEU J 80 -11.69 44.67 -7.33
CA LEU J 80 -13.10 44.86 -7.67
C LEU J 80 -14.07 44.08 -6.75
N GLY J 81 -13.72 42.84 -6.42
CA GLY J 81 -14.54 42.01 -5.55
C GLY J 81 -14.75 42.61 -4.18
N ASP J 82 -13.65 43.05 -3.56
CA ASP J 82 -13.71 43.73 -2.26
C ASP J 82 -14.58 44.99 -2.26
N HIS J 83 -14.43 45.78 -3.32
CA HIS J 83 -15.18 47.01 -3.51
C HIS J 83 -16.70 46.81 -3.60
N ILE J 84 -17.13 45.90 -4.47
CA ILE J 84 -18.56 45.61 -4.63
C ILE J 84 -19.17 44.92 -3.38
N GLU J 85 -18.36 44.11 -2.67
CA GLU J 85 -18.78 43.51 -1.40
C GLU J 85 -19.05 44.59 -0.36
N ARG J 86 -18.16 45.57 -0.26
CA ARG J 86 -18.33 46.69 0.68
C ARG J 86 -19.56 47.51 0.33
N LEU J 87 -19.74 47.76 -0.97
CA LEU J 87 -20.90 48.53 -1.43
C LEU J 87 -22.21 47.88 -0.99
N PHE J 88 -22.32 46.57 -1.23
CA PHE J 88 -23.55 45.83 -0.90
C PHE J 88 -23.76 45.73 0.60
N SER J 89 -22.66 45.64 1.34
CA SER J 89 -22.71 45.68 2.81
C SER J 89 -23.19 47.03 3.35
N ASN J 90 -22.65 48.11 2.78
CA ASN J 90 -23.08 49.48 3.11
C ASN J 90 -24.56 49.72 2.79
N ALA J 91 -25.02 49.20 1.65
CA ALA J 91 -26.45 49.27 1.28
C ALA J 91 -27.34 48.56 2.30
N GLU J 92 -26.91 47.37 2.72
CA GLU J 92 -27.62 46.61 3.75
C GLU J 92 -27.70 47.37 5.06
N SER J 93 -26.61 48.02 5.46
CA SER J 93 -26.57 48.85 6.70
C SER J 93 -27.66 49.94 6.73
N ILE J 94 -27.97 50.52 5.57
CA ILE J 94 -29.06 51.53 5.48
C ILE J 94 -30.40 50.98 4.90
N ARG J 95 -30.58 49.65 4.97
CA ARG J 95 -31.83 48.94 4.55
C ARG J 95 -32.24 49.18 3.12
N LEU J 96 -31.24 49.28 2.25
CA LEU J 96 -31.43 49.54 0.84
C LEU J 96 -31.19 48.21 0.11
N ILE J 97 -32.19 47.74 -0.63
CA ILE J 97 -32.08 46.50 -1.43
C ILE J 97 -31.68 46.87 -2.86
N PRO J 98 -30.43 46.55 -3.27
CA PRO J 98 -30.05 46.92 -4.65
C PRO J 98 -30.88 46.19 -5.74
N PRO J 99 -31.25 46.90 -6.84
CA PRO J 99 -32.01 46.28 -7.94
C PRO J 99 -31.15 45.47 -8.94
N LEU J 100 -29.85 45.35 -8.68
CA LEU J 100 -28.95 44.49 -9.44
C LEU J 100 -28.14 43.57 -8.50
N THR J 101 -27.70 42.42 -8.99
CA THR J 101 -26.81 41.52 -8.21
C THR J 101 -25.37 42.04 -8.28
N GLN J 102 -24.51 41.52 -7.41
CA GLN J 102 -23.08 41.87 -7.44
C GLN J 102 -22.42 41.54 -8.80
N ASP J 103 -22.74 40.37 -9.35
CA ASP J 103 -22.25 39.97 -10.67
C ASP J 103 -22.69 40.93 -11.79
N GLU J 104 -23.98 41.32 -11.76
CA GLU J 104 -24.54 42.26 -12.75
C GLU J 104 -23.82 43.62 -12.70
N VAL J 105 -23.59 44.12 -11.47
CA VAL J 105 -22.87 45.38 -11.24
C VAL J 105 -21.44 45.32 -11.82
N LYS J 106 -20.73 44.24 -11.54
CA LYS J 106 -19.35 44.03 -12.03
C LYS J 106 -19.27 44.06 -13.56
N GLU J 107 -20.20 43.35 -14.21
CA GLU J 107 -20.25 43.24 -15.67
C GLU J 107 -20.52 44.60 -16.33
N ILE J 108 -21.50 45.32 -15.79
CA ILE J 108 -21.88 46.65 -16.33
C ILE J 108 -20.74 47.68 -16.14
N ALA J 109 -20.14 47.68 -14.95
CA ALA J 109 -19.03 48.59 -14.63
C ALA J 109 -17.81 48.38 -15.51
N LEU J 110 -17.45 47.12 -15.75
CA LEU J 110 -16.32 46.76 -16.62
C LEU J 110 -16.58 47.16 -18.10
N GLU J 111 -17.82 46.94 -18.56
CA GLU J 111 -18.26 47.33 -19.91
C GLU J 111 -18.14 48.85 -20.06
N LEU J 112 -18.60 49.59 -19.04
CA LEU J 112 -18.52 51.06 -19.03
C LEU J 112 -17.08 51.57 -19.24
N VAL J 113 -16.14 51.01 -18.49
CA VAL J 113 -14.71 51.37 -18.64
C VAL J 113 -14.23 51.07 -20.07
N ALA J 114 -14.55 49.88 -20.57
CA ALA J 114 -14.17 49.44 -21.93
C ALA J 114 -14.57 50.45 -22.99
N LYS J 115 -15.84 50.91 -22.91
CA LYS J 115 -16.38 51.93 -23.82
C LYS J 115 -15.63 53.30 -23.79
N THR J 116 -15.07 53.68 -22.64
CA THR J 116 -14.25 54.91 -22.52
C THR J 116 -12.86 54.79 -23.14
N GLU J 117 -12.38 53.55 -23.30
CA GLU J 117 -11.03 53.21 -23.75
C GLU J 117 -9.92 53.61 -22.75
N LEU J 118 -10.30 54.04 -21.55
CA LEU J 118 -9.33 54.46 -20.54
C LEU J 118 -8.61 53.23 -19.90
N ARG J 119 -7.28 53.25 -19.98
CA ARG J 119 -6.43 52.26 -19.30
C ARG J 119 -6.14 52.64 -17.83
N GLU J 120 -6.17 53.95 -17.52
CA GLU J 120 -6.04 54.48 -16.15
C GLU J 120 -7.28 55.29 -15.80
N ALA J 121 -8.07 54.80 -14.83
CA ALA J 121 -9.42 55.32 -14.60
C ALA J 121 -9.95 55.20 -13.17
N MET J 122 -10.97 56.01 -12.90
CA MET J 122 -11.73 55.99 -11.65
C MET J 122 -13.16 55.66 -11.97
N VAL J 123 -13.73 54.70 -11.25
CA VAL J 123 -15.09 54.21 -11.54
C VAL J 123 -15.91 54.25 -10.27
N THR J 124 -16.98 55.04 -10.32
CA THR J 124 -17.88 55.23 -9.18
C THR J 124 -19.17 54.47 -9.42
N VAL J 125 -19.58 53.67 -8.43
CA VAL J 125 -20.89 52.99 -8.43
C VAL J 125 -21.70 53.47 -7.22
N THR J 126 -22.86 54.05 -7.52
CA THR J 126 -23.77 54.65 -6.54
C THR J 126 -25.11 53.93 -6.51
N ILE J 127 -25.64 53.69 -5.30
CA ILE J 127 -26.99 53.14 -5.12
C ILE J 127 -27.82 54.12 -4.27
N THR J 128 -28.99 54.52 -4.79
CA THR J 128 -29.93 55.46 -4.10
C THR J 128 -31.28 54.80 -3.80
N ARG J 129 -32.04 55.41 -2.91
CA ARG J 129 -33.43 55.02 -2.59
C ARG J 129 -34.41 55.28 -3.76
N GLY J 130 -34.05 56.20 -4.66
CA GLY J 130 -34.78 56.42 -5.93
C GLY J 130 -35.77 57.58 -5.95
N TYR J 131 -36.46 57.73 -7.09
CA TYR J 131 -37.39 58.85 -7.34
C TYR J 131 -38.88 58.44 -7.38
N SER J 132 -39.19 57.20 -7.05
CA SER J 132 -40.58 56.70 -7.14
C SER J 132 -41.32 56.77 -5.80
N SER J 133 -40.70 57.39 -4.79
CA SER J 133 -41.25 57.44 -3.44
C SER J 133 -40.62 58.63 -2.67
N THR J 134 -41.11 58.87 -1.45
CA THR J 134 -40.61 59.96 -0.60
C THR J 134 -40.21 59.38 0.80
N PRO J 135 -39.45 60.15 1.62
CA PRO J 135 -39.05 59.65 2.96
C PRO J 135 -40.20 59.27 3.88
N PHE J 136 -41.38 59.85 3.65
CA PHE J 136 -42.58 59.61 4.48
C PHE J 136 -43.48 58.48 4.00
N GLU J 137 -43.04 57.74 2.96
CA GLU J 137 -43.81 56.60 2.42
C GLU J 137 -44.13 55.61 3.55
N ARG J 138 -45.42 55.28 3.70
CA ARG J 138 -45.89 54.28 4.68
C ARG J 138 -45.62 52.81 4.26
N ASP J 139 -45.72 52.51 2.95
CA ASP J 139 -45.49 51.15 2.45
C ASP J 139 -44.07 50.99 1.90
N ILE J 140 -43.19 50.36 2.66
CA ILE J 140 -41.77 50.12 2.21
C ILE J 140 -41.63 49.39 0.84
N THR J 141 -42.65 48.62 0.44
CA THR J 141 -42.68 47.96 -0.86
C THR J 141 -42.72 48.93 -2.07
N LYS J 142 -43.19 50.15 -1.83
CA LYS J 142 -43.29 51.20 -2.86
C LYS J 142 -41.96 51.88 -3.27
N HIS J 143 -40.90 51.70 -2.47
CA HIS J 143 -39.53 52.22 -2.80
C HIS J 143 -38.96 51.55 -4.06
N ARG J 144 -38.40 52.32 -4.98
CA ARG J 144 -37.79 51.78 -6.23
C ARG J 144 -36.34 52.28 -6.42
N PRO J 145 -35.37 51.57 -5.78
CA PRO J 145 -33.98 51.98 -5.82
C PRO J 145 -33.35 52.05 -7.19
N GLN J 146 -32.39 52.96 -7.34
CA GLN J 146 -31.64 53.18 -8.60
C GLN J 146 -30.15 52.93 -8.44
N VAL J 147 -29.51 52.50 -9.53
CA VAL J 147 -28.05 52.42 -9.63
C VAL J 147 -27.56 53.41 -10.70
N TYR J 148 -26.51 54.18 -10.37
CA TYR J 148 -25.84 55.10 -11.29
C TYR J 148 -24.33 54.83 -11.27
N MET J 149 -23.68 54.90 -12.44
CA MET J 149 -22.22 54.70 -12.55
C MET J 149 -21.57 55.78 -13.42
N SER J 150 -20.30 56.08 -13.13
CA SER J 150 -19.47 56.93 -13.99
C SER J 150 -18.02 56.43 -14.04
N ALA J 151 -17.39 56.62 -15.21
CA ALA J 151 -15.99 56.29 -15.42
C ALA J 151 -15.23 57.50 -16.00
N CYS J 152 -14.14 57.88 -15.34
CA CYS J 152 -13.39 59.11 -15.63
C CYS J 152 -11.89 58.85 -15.58
N PRO J 153 -11.07 59.80 -16.06
CA PRO J 153 -9.63 59.66 -15.84
C PRO J 153 -9.25 59.54 -14.34
N TYR J 154 -8.19 58.80 -14.05
CA TYR J 154 -7.64 58.68 -12.68
C TYR J 154 -7.32 60.07 -12.10
N GLN J 155 -7.79 60.32 -10.88
CA GLN J 155 -7.61 61.59 -10.16
C GLN J 155 -6.66 61.45 -8.93
N TRP J 156 -5.83 62.49 -8.73
CA TRP J 156 -4.77 62.47 -7.70
C TRP J 156 -5.12 63.49 -6.64
N ILE J 157 -5.36 63.01 -5.42
CA ILE J 157 -5.63 63.89 -4.27
C ILE J 157 -4.40 64.72 -3.92
N VAL J 158 -3.21 64.14 -4.03
CA VAL J 158 -1.95 64.89 -3.96
C VAL J 158 -1.08 64.71 -5.24
N PRO J 159 -0.37 65.77 -5.68
CA PRO J 159 0.54 65.61 -6.84
C PRO J 159 1.75 64.69 -6.62
N PHE J 160 2.40 64.34 -7.73
CA PHE J 160 3.49 63.35 -7.77
C PHE J 160 4.69 63.75 -6.93
N ASP J 161 5.06 65.04 -6.98
CA ASP J 161 6.22 65.58 -6.23
C ASP J 161 6.00 65.46 -4.71
N ARG J 162 4.74 65.49 -4.31
CA ARG J 162 4.33 65.36 -2.90
C ARG J 162 4.26 63.91 -2.42
N ILE J 163 3.96 62.98 -3.30
CA ILE J 163 4.13 61.54 -3.01
C ILE J 163 5.60 61.21 -2.67
N ARG J 164 6.53 61.85 -3.39
CA ARG J 164 7.97 61.69 -3.16
C ARG J 164 8.44 62.41 -1.89
N ASP J 165 8.08 63.69 -1.78
CA ASP J 165 8.63 64.59 -0.72
C ASP J 165 7.82 64.69 0.57
N GLY J 166 6.52 64.42 0.49
CA GLY J 166 5.63 64.41 1.65
C GLY J 166 4.68 65.58 1.71
N VAL J 167 3.66 65.47 2.57
CA VAL J 167 2.55 66.46 2.70
C VAL J 167 2.46 67.03 4.13
N HIS J 168 1.98 68.27 4.23
CA HIS J 168 1.88 68.97 5.51
C HIS J 168 0.46 68.88 6.05
N LEU J 169 0.32 68.12 7.15
CA LEU J 169 -0.98 67.85 7.75
C LEU J 169 -1.39 68.86 8.80
N MET J 170 -2.71 69.05 8.95
CA MET J 170 -3.32 69.91 9.98
C MET J 170 -4.41 69.12 10.76
N VAL J 171 -4.37 69.20 12.10
CA VAL J 171 -5.47 68.70 12.94
C VAL J 171 -6.54 69.76 13.08
N ALA J 172 -7.75 69.45 12.63
CA ALA J 172 -8.86 70.44 12.64
C ALA J 172 -9.31 70.74 14.07
N GLN J 173 -9.54 72.02 14.36
CA GLN J 173 -10.08 72.47 15.65
C GLN J 173 -11.52 73.04 15.63
N SER J 174 -12.03 73.47 14.48
CA SER J 174 -13.36 74.11 14.39
C SER J 174 -14.49 73.13 14.06
N VAL J 175 -14.14 71.86 13.87
CA VAL J 175 -15.09 70.83 13.46
C VAL J 175 -14.57 69.45 13.90
N ARG J 176 -15.51 68.52 14.15
CA ARG J 176 -15.22 67.12 14.43
C ARG J 176 -16.03 66.17 13.53
N ARG J 177 -15.51 64.94 13.37
CA ARG J 177 -16.15 63.95 12.47
C ARG J 177 -17.49 63.57 13.02
N THR J 178 -18.46 63.47 12.14
CA THR J 178 -19.83 63.08 12.54
C THR J 178 -19.82 61.76 13.34
N PRO J 179 -20.48 61.72 14.50
CA PRO J 179 -20.51 60.47 15.29
C PRO J 179 -21.27 59.31 14.64
N ARG J 180 -20.90 58.08 15.01
CA ARG J 180 -21.59 56.86 14.51
C ARG J 180 -23.06 56.85 14.91
N SER J 181 -23.38 57.53 16.01
CA SER J 181 -24.75 57.65 16.51
C SER J 181 -25.63 58.66 15.77
N SER J 182 -25.10 59.31 14.72
CA SER J 182 -25.88 60.20 13.85
C SER J 182 -25.80 59.76 12.37
N ILE J 183 -24.61 59.87 11.77
CA ILE J 183 -24.34 59.45 10.37
C ILE J 183 -23.02 58.69 10.38
N ASP J 184 -23.13 57.38 10.20
CA ASP J 184 -22.02 56.45 10.34
C ASP J 184 -20.88 56.58 9.28
N PRO J 185 -19.66 56.97 9.69
CA PRO J 185 -18.55 57.06 8.72
C PRO J 185 -18.11 55.72 8.11
N GLN J 186 -18.50 54.62 8.75
CA GLN J 186 -18.22 53.28 8.22
C GLN J 186 -19.12 52.85 7.05
N VAL J 187 -20.13 53.66 6.77
CA VAL J 187 -20.91 53.61 5.55
C VAL J 187 -20.44 54.76 4.64
N LYS J 188 -19.79 54.43 3.52
CA LYS J 188 -19.38 55.44 2.55
C LYS J 188 -20.59 56.28 2.14
N ASN J 189 -20.47 57.60 2.20
CA ASN J 189 -21.62 58.48 1.97
C ASN J 189 -21.24 59.85 1.43
N PHE J 190 -22.22 60.54 0.85
CA PHE J 190 -22.04 61.88 0.26
C PHE J 190 -22.25 63.01 1.25
N GLN J 191 -22.42 62.70 2.54
CA GLN J 191 -22.80 63.71 3.55
C GLN J 191 -21.58 64.34 4.21
N TRP J 192 -20.97 65.27 3.47
CA TRP J 192 -19.61 65.79 3.71
C TRP J 192 -19.54 67.16 4.42
N GLY J 193 -20.61 67.53 5.11
CA GLY J 193 -20.72 68.86 5.73
C GLY J 193 -19.53 69.16 6.64
N ASP J 194 -19.16 68.16 7.44
CA ASP J 194 -18.02 68.26 8.37
C ASP J 194 -16.68 68.28 7.65
N LEU J 195 -16.58 67.42 6.64
CA LEU J 195 -15.35 67.28 5.84
C LEU J 195 -15.03 68.54 5.01
N ILE J 196 -16.07 69.18 4.49
CA ILE J 196 -15.92 70.46 3.78
C ILE J 196 -15.49 71.59 4.71
N ARG J 197 -16.09 71.67 5.89
CA ARG J 197 -15.67 72.61 6.94
C ARG J 197 -14.18 72.45 7.27
N ALA J 198 -13.73 71.21 7.36
CA ALA J 198 -12.31 70.91 7.61
C ALA J 198 -11.37 71.42 6.49
N ILE J 199 -11.80 71.25 5.23
CA ILE J 199 -11.06 71.73 4.05
C ILE J 199 -10.95 73.27 4.08
N GLN J 200 -12.04 73.91 4.45
CA GLN J 200 -12.09 75.37 4.56
C GLN J 200 -11.14 75.89 5.65
N GLU J 201 -11.09 75.18 6.78
CA GLU J 201 -10.18 75.52 7.90
C GLU J 201 -8.71 75.41 7.45
N THR J 202 -8.43 74.50 6.55
CA THR J 202 -7.09 74.26 6.04
C THR J 202 -6.63 75.48 5.20
N HIS J 203 -7.55 76.04 4.41
CA HIS J 203 -7.30 77.28 3.64
C HIS J 203 -7.04 78.47 4.57
N ASP J 204 -7.86 78.61 5.61
CA ASP J 204 -7.70 79.70 6.60
C ASP J 204 -6.33 79.66 7.29
N ARG J 205 -5.87 78.47 7.69
CA ARG J 205 -4.66 78.32 8.50
C ARG J 205 -3.40 78.07 7.68
N GLY J 206 -3.57 77.86 6.38
CA GLY J 206 -2.43 77.74 5.46
C GLY J 206 -1.72 76.40 5.39
N PHE J 207 -2.49 75.31 5.47
CA PHE J 207 -1.95 73.93 5.43
C PHE J 207 -2.48 73.22 4.20
N GLU J 208 -2.04 71.98 3.97
CA GLU J 208 -2.33 71.27 2.70
C GLU J 208 -3.56 70.34 2.78
N LEU J 209 -3.62 69.51 3.82
CA LEU J 209 -4.77 68.60 4.08
C LEU J 209 -5.13 68.54 5.56
N PRO J 210 -6.42 68.31 5.88
CA PRO J 210 -6.84 68.16 7.27
C PRO J 210 -7.08 66.72 7.73
N LEU J 211 -6.85 66.50 9.02
CA LEU J 211 -7.30 65.30 9.74
C LEU J 211 -8.28 65.71 10.84
N LEU J 212 -9.44 65.07 10.86
CA LEU J 212 -10.46 65.32 11.91
C LEU J 212 -10.28 64.37 13.10
N LEU J 213 -10.72 64.84 14.27
CA LEU J 213 -10.88 64.02 15.48
C LEU J 213 -12.36 63.62 15.69
N ASP J 214 -12.58 62.61 16.53
CA ASP J 214 -13.95 62.17 16.93
C ASP J 214 -14.41 62.83 18.24
N CYS J 215 -15.62 62.49 18.67
CA CYS J 215 -16.20 62.99 19.92
C CYS J 215 -15.28 62.85 21.17
N ASP J 216 -14.51 61.76 21.21
CA ASP J 216 -13.58 61.49 22.34
C ASP J 216 -12.17 62.07 22.12
N ASN J 217 -12.03 62.93 21.10
CA ASN J 217 -10.74 63.56 20.72
C ASN J 217 -9.66 62.56 20.28
N LEU J 218 -10.11 61.43 19.74
CA LEU J 218 -9.24 60.42 19.14
C LEU J 218 -9.22 60.57 17.63
N LEU J 219 -8.15 60.09 17.00
CA LEU J 219 -7.96 60.24 15.57
C LEU J 219 -9.14 59.63 14.83
N ALA J 220 -9.67 60.34 13.82
CA ALA J 220 -10.74 59.83 12.95
C ALA J 220 -10.27 59.54 11.54
N GLU J 221 -10.55 60.44 10.59
CA GLU J 221 -10.08 60.31 9.18
C GLU J 221 -10.09 61.70 8.54
N GLY J 222 -9.70 61.76 7.27
CA GLY J 222 -9.67 63.02 6.49
C GLY J 222 -10.68 62.98 5.34
N PRO J 223 -10.83 64.10 4.60
CA PRO J 223 -11.76 64.14 3.46
C PRO J 223 -11.29 63.28 2.29
N GLY J 224 -11.87 62.10 2.16
CA GLY J 224 -11.50 61.15 1.12
C GLY J 224 -10.27 60.26 1.39
N PHE J 225 -9.83 60.18 2.64
CA PHE J 225 -8.65 59.36 2.97
C PHE J 225 -8.59 58.88 4.41
N ASN J 226 -7.93 57.74 4.61
CA ASN J 226 -7.58 57.23 5.93
C ASN J 226 -6.16 57.65 6.33
N VAL J 227 -5.90 57.68 7.63
CA VAL J 227 -4.57 57.97 8.19
C VAL J 227 -3.96 56.71 8.83
N VAL J 228 -2.63 56.59 8.74
CA VAL J 228 -1.86 55.47 9.34
C VAL J 228 -0.66 56.04 10.11
N VAL J 229 -0.43 55.49 11.30
CA VAL J 229 0.60 55.97 12.24
C VAL J 229 1.59 54.84 12.58
N ILE J 230 2.89 55.11 12.40
CA ILE J 230 3.96 54.14 12.65
C ILE J 230 4.85 54.56 13.84
N LYS J 231 4.98 53.66 14.81
CA LYS J 231 5.75 53.89 16.05
C LYS J 231 6.42 52.60 16.58
N ASP J 232 7.76 52.67 16.74
CA ASP J 232 8.58 51.53 17.16
C ASP J 232 8.22 50.25 16.41
N GLY J 233 8.15 50.36 15.09
CA GLY J 233 7.86 49.21 14.21
C GLY J 233 6.44 48.65 14.21
N VAL J 234 5.53 49.31 14.94
CA VAL J 234 4.13 48.92 15.02
C VAL J 234 3.32 49.86 14.13
N VAL J 235 2.49 49.27 13.28
CA VAL J 235 1.68 50.03 12.30
C VAL J 235 0.20 50.04 12.75
N ARG J 236 -0.33 51.24 13.01
CA ARG J 236 -1.68 51.43 13.52
C ARG J 236 -2.55 52.38 12.65
N SER J 237 -3.85 52.10 12.57
CA SER J 237 -4.83 53.00 11.88
C SER J 237 -6.16 53.07 12.65
N PRO J 238 -6.84 54.24 12.67
CA PRO J 238 -8.10 54.37 13.43
C PRO J 238 -9.18 53.35 13.06
N GLY J 239 -9.73 52.69 14.09
CA GLY J 239 -10.78 51.65 13.92
C GLY J 239 -12.24 52.11 13.98
N ARG J 240 -12.52 53.23 14.64
CA ARG J 240 -13.89 53.69 14.82
C ARG J 240 -14.41 54.69 13.75
N ALA J 241 -14.05 55.97 13.89
CA ALA J 241 -14.61 57.05 13.09
C ALA J 241 -13.85 57.17 11.76
N ALA J 242 -13.92 56.11 10.97
CA ALA J 242 -13.19 56.00 9.72
C ALA J 242 -13.82 54.96 8.80
N LEU J 243 -13.84 55.25 7.50
CA LEU J 243 -14.25 54.28 6.52
C LEU J 243 -13.29 53.08 6.50
N PRO J 244 -13.83 51.83 6.44
CA PRO J 244 -12.95 50.67 6.20
C PRO J 244 -12.43 50.67 4.76
N GLY J 245 -11.35 51.44 4.56
CA GLY J 245 -10.78 51.63 3.22
C GLY J 245 -10.16 50.38 2.63
N ILE J 246 -10.28 50.23 1.32
CA ILE J 246 -9.63 49.15 0.57
C ILE J 246 -8.12 49.42 0.46
N THR J 247 -7.74 50.69 0.31
CA THR J 247 -6.33 51.05 0.31
C THR J 247 -5.71 50.80 1.69
N ARG J 248 -6.42 51.19 2.75
CA ARG J 248 -6.02 50.89 4.13
C ARG J 248 -5.76 49.40 4.34
N LYS J 249 -6.71 48.59 3.90
CA LYS J 249 -6.61 47.12 3.99
C LYS J 249 -5.34 46.60 3.32
N THR J 250 -5.07 47.11 2.11
CA THR J 250 -3.86 46.78 1.35
C THR J 250 -2.60 47.20 2.11
N VAL J 251 -2.59 48.42 2.65
CA VAL J 251 -1.44 48.93 3.44
C VAL J 251 -1.11 48.02 4.65
N LEU J 252 -2.14 47.59 5.39
CA LEU J 252 -1.95 46.72 6.57
C LEU J 252 -1.50 45.30 6.20
N GLU J 253 -2.04 44.75 5.11
CA GLU J 253 -1.52 43.50 4.53
C GLU J 253 -0.03 43.60 4.13
N ILE J 254 0.35 44.68 3.44
CA ILE J 254 1.75 44.93 3.08
C ILE J 254 2.64 45.02 4.31
N ALA J 255 2.18 45.73 5.33
CA ALA J 255 2.94 45.86 6.59
C ALA J 255 3.22 44.48 7.24
N GLU J 256 2.21 43.61 7.26
CA GLU J 256 2.37 42.22 7.78
C GLU J 256 3.38 41.41 6.95
N SER J 257 3.34 41.56 5.63
CA SER J 257 4.33 40.96 4.71
C SER J 257 5.74 41.36 5.06
N LEU J 258 5.93 42.63 5.44
CA LEU J 258 7.24 43.16 5.82
C LEU J 258 7.67 42.80 7.27
N GLY J 259 6.86 42.01 7.98
CA GLY J 259 7.18 41.56 9.34
C GLY J 259 6.81 42.51 10.46
N HIS J 260 5.92 43.46 10.19
CA HIS J 260 5.43 44.41 11.21
C HIS J 260 4.08 43.97 11.76
N GLU J 261 3.87 44.19 13.06
CA GLU J 261 2.52 44.09 13.64
C GLU J 261 1.68 45.24 13.06
N ALA J 262 0.49 44.90 12.55
CA ALA J 262 -0.39 45.85 11.84
C ALA J 262 -1.82 45.71 12.36
N ILE J 263 -2.33 46.76 13.01
CA ILE J 263 -3.61 46.69 13.75
C ILE J 263 -4.48 47.94 13.65
N LEU J 264 -5.79 47.71 13.79
CA LEU J 264 -6.73 48.81 13.98
C LEU J 264 -6.74 49.16 15.45
N ALA J 265 -6.81 50.46 15.76
CA ALA J 265 -6.68 50.94 17.15
C ALA J 265 -7.20 52.38 17.38
N ASP J 266 -7.36 52.74 18.66
CA ASP J 266 -7.65 54.08 19.10
C ASP J 266 -6.33 54.83 19.32
N ILE J 267 -6.18 55.97 18.65
CA ILE J 267 -4.90 56.72 18.62
C ILE J 267 -5.12 58.15 19.09
N THR J 268 -4.28 58.60 20.05
CA THR J 268 -4.36 59.95 20.63
C THR J 268 -3.58 60.99 19.79
N PRO J 269 -3.92 62.28 19.90
CA PRO J 269 -3.10 63.33 19.26
C PRO J 269 -1.63 63.33 19.71
N ALA J 270 -1.37 63.10 21.00
CA ALA J 270 0.02 63.00 21.51
C ALA J 270 0.82 61.97 20.75
N GLU J 271 0.21 60.81 20.54
CA GLU J 271 0.82 59.69 19.77
C GLU J 271 1.09 60.07 18.30
N LEU J 272 0.22 60.91 17.73
CA LEU J 272 0.40 61.39 16.35
C LEU J 272 1.64 62.29 16.23
N TYR J 273 1.75 63.26 17.13
CA TYR J 273 2.93 64.17 17.18
C TYR J 273 4.24 63.44 17.46
N ASP J 274 4.19 62.41 18.30
CA ASP J 274 5.38 61.64 18.72
C ASP J 274 5.71 60.47 17.79
N ALA J 275 5.03 60.35 16.65
CA ALA J 275 5.20 59.19 15.77
C ALA J 275 6.55 59.18 15.05
N ASP J 276 7.05 57.98 14.74
CA ASP J 276 8.22 57.83 13.86
C ASP J 276 7.86 58.23 12.42
N GLU J 277 6.75 57.67 11.91
CA GLU J 277 6.23 57.96 10.56
C GLU J 277 4.71 58.10 10.55
N VAL J 278 4.22 58.93 9.64
CA VAL J 278 2.77 59.09 9.39
C VAL J 278 2.50 59.08 7.87
N LEU J 279 1.45 58.39 7.44
CA LEU J 279 1.04 58.38 6.02
C LEU J 279 -0.47 58.51 5.82
N GLY J 280 -0.85 58.81 4.58
CA GLY J 280 -2.25 58.86 4.14
C GLY J 280 -2.49 57.87 3.00
N CYS J 281 -3.72 57.39 2.87
CA CYS J 281 -4.09 56.44 1.80
C CYS J 281 -5.54 56.55 1.33
N SER J 282 -5.73 56.27 0.05
CA SER J 282 -7.03 56.39 -0.64
C SER J 282 -6.96 55.80 -2.05
N THR J 283 -8.12 55.35 -2.57
CA THR J 283 -8.21 54.94 -4.00
C THR J 283 -7.79 56.11 -4.91
N GLY J 284 -8.14 57.33 -4.49
CA GLY J 284 -7.75 58.53 -5.19
C GLY J 284 -6.34 59.04 -4.94
N GLY J 285 -5.35 58.26 -5.35
CA GLY J 285 -3.93 58.67 -5.28
C GLY J 285 -2.96 57.66 -4.71
N GLY J 286 -3.52 56.63 -4.08
CA GLY J 286 -2.75 55.51 -3.53
C GLY J 286 -2.26 55.80 -2.13
N VAL J 287 -0.95 55.91 -1.99
CA VAL J 287 -0.30 56.10 -0.68
C VAL J 287 0.73 57.24 -0.77
N TRP J 288 0.77 58.06 0.27
CA TRP J 288 1.68 59.21 0.38
C TRP J 288 2.10 59.50 1.82
N PRO J 289 3.26 60.16 2.00
CA PRO J 289 3.70 60.51 3.37
C PRO J 289 3.15 61.83 3.90
N PHE J 290 2.95 61.87 5.21
CA PHE J 290 2.70 63.11 5.96
C PHE J 290 3.96 63.40 6.79
N VAL J 291 4.68 64.47 6.43
CA VAL J 291 6.00 64.78 7.05
C VAL J 291 5.98 65.82 8.20
N SER J 292 4.84 66.52 8.36
CA SER J 292 4.63 67.42 9.49
C SER J 292 3.15 67.49 9.88
N VAL J 293 2.90 67.86 11.13
CA VAL J 293 1.54 68.05 11.66
C VAL J 293 1.48 69.37 12.42
N ASP J 294 0.57 70.26 12.02
CA ASP J 294 0.45 71.61 12.61
C ASP J 294 1.78 72.38 12.62
N GLY J 295 2.58 72.18 11.57
CA GLY J 295 3.90 72.79 11.46
C GLY J 295 5.05 72.11 12.20
N ASN J 296 4.74 71.08 12.99
CA ASN J 296 5.74 70.32 13.75
C ASN J 296 6.21 69.15 12.90
N SER J 297 7.52 68.98 12.80
CA SER J 297 8.07 67.89 11.97
C SER J 297 7.77 66.54 12.59
N ILE J 298 7.49 65.55 11.74
CA ILE J 298 7.42 64.15 12.14
C ILE J 298 8.82 63.58 11.95
N SER J 299 9.43 63.14 13.06
CA SER J 299 10.85 62.75 13.10
C SER J 299 11.70 63.88 12.48
N ASP J 300 12.52 63.56 11.49
CA ASP J 300 13.40 64.54 10.84
C ASP J 300 12.74 65.27 9.64
N GLY J 301 11.42 65.19 9.51
CA GLY J 301 10.67 65.95 8.49
C GLY J 301 10.77 65.46 7.05
N VAL J 302 11.32 64.27 6.84
CA VAL J 302 11.36 63.66 5.50
C VAL J 302 10.65 62.30 5.52
N PRO J 303 10.15 61.83 4.36
CA PRO J 303 9.48 60.54 4.34
C PRO J 303 10.31 59.41 4.92
N GLY J 304 9.72 58.66 5.84
CA GLY J 304 10.38 57.55 6.51
C GLY J 304 10.55 56.31 5.64
N PRO J 305 11.44 55.40 6.06
CA PRO J 305 11.77 54.25 5.22
C PRO J 305 10.66 53.17 5.12
N VAL J 306 9.89 52.97 6.20
CA VAL J 306 8.77 52.01 6.18
C VAL J 306 7.67 52.51 5.23
N THR J 307 7.35 53.80 5.31
CA THR J 307 6.41 54.45 4.38
C THR J 307 6.84 54.24 2.90
N GLN J 308 8.11 54.50 2.62
CA GLN J 308 8.67 54.36 1.24
C GLN J 308 8.54 52.94 0.70
N SER J 309 8.80 51.93 1.53
CA SER J 309 8.65 50.51 1.12
C SER J 309 7.20 50.16 0.83
N ILE J 310 6.29 50.72 1.64
CA ILE J 310 4.84 50.50 1.49
C ILE J 310 4.35 51.13 0.17
N ILE J 311 4.73 52.37 -0.08
CA ILE J 311 4.36 53.07 -1.33
C ILE J 311 4.79 52.26 -2.58
N ARG J 312 6.05 51.80 -2.59
CA ARG J 312 6.61 51.08 -3.72
C ARG J 312 5.86 49.76 -3.90
N ARG J 313 5.64 49.03 -2.78
CA ARG J 313 5.01 47.71 -2.85
C ARG J 313 3.55 47.84 -3.34
N TYR J 314 2.85 48.90 -2.90
CA TYR J 314 1.46 49.17 -3.36
C TYR J 314 1.39 49.23 -4.88
N TRP J 315 2.30 50.00 -5.46
CA TRP J 315 2.32 50.15 -6.93
C TRP J 315 2.79 48.91 -7.69
N GLU J 316 3.72 48.17 -7.11
CA GLU J 316 3.99 46.84 -7.65
C GLU J 316 2.74 45.98 -7.73
N LEU J 317 1.91 46.00 -6.68
CA LEU J 317 0.67 45.17 -6.61
C LEU J 317 -0.38 45.55 -7.65
N ASN J 318 -0.26 46.76 -8.17
CA ASN J 318 -1.12 47.25 -9.26
C ASN J 318 -0.77 46.70 -10.65
N VAL J 319 0.41 46.14 -10.80
CA VAL J 319 0.95 45.64 -12.09
C VAL J 319 1.30 44.14 -12.12
N GLU J 320 1.89 43.62 -11.05
CA GLU J 320 2.25 42.19 -10.98
C GLU J 320 0.99 41.29 -11.02
N PRO J 321 0.92 40.33 -11.97
CA PRO J 321 -0.22 39.43 -12.11
C PRO J 321 -0.60 38.71 -10.81
N SER J 322 -1.81 38.96 -10.34
CA SER J 322 -2.33 38.31 -9.14
C SER J 322 -3.86 38.27 -9.15
N SER J 323 -4.46 37.63 -8.16
CA SER J 323 -5.92 37.66 -7.97
C SER J 323 -6.51 39.03 -7.55
N LEU J 324 -5.65 40.00 -7.22
CA LEU J 324 -6.09 41.39 -6.97
C LEU J 324 -6.53 42.12 -8.25
N LEU J 325 -6.16 41.58 -9.41
CA LEU J 325 -6.41 42.22 -10.68
C LEU J 325 -7.42 41.53 -11.57
N THR J 326 -8.27 42.35 -12.20
CA THR J 326 -9.31 41.89 -13.13
C THR J 326 -9.14 42.63 -14.47
N PRO J 327 -8.86 41.91 -15.57
CA PRO J 327 -8.62 42.58 -16.87
C PRO J 327 -9.90 43.15 -17.50
N VAL J 328 -9.79 44.37 -18.00
CA VAL J 328 -10.86 45.02 -18.77
C VAL J 328 -10.74 44.58 -20.23
N GLN J 329 -11.87 44.14 -20.81
CA GLN J 329 -11.88 43.62 -22.19
C GLN J 329 -12.12 44.76 -23.21
N TYR J 330 -11.03 45.40 -23.59
CA TYR J 330 -11.07 46.56 -24.49
C TYR J 330 -11.40 46.19 -25.92
N TYR K 12 61.41 -60.77 -2.42
CA TYR K 12 61.91 -61.62 -3.56
C TYR K 12 62.06 -63.16 -3.30
N THR K 13 61.86 -63.61 -2.04
CA THR K 13 61.76 -65.06 -1.68
C THR K 13 60.71 -65.31 -0.56
N HIS K 14 60.27 -66.56 -0.45
CA HIS K 14 59.33 -67.03 0.60
C HIS K 14 59.66 -68.50 0.96
N ASP K 15 59.32 -68.90 2.19
CA ASP K 15 59.15 -70.32 2.57
C ASP K 15 57.69 -70.70 2.24
N THR K 16 57.49 -71.66 1.34
CA THR K 16 56.17 -71.95 0.73
C THR K 16 55.26 -72.87 1.55
N GLY K 17 55.83 -73.75 2.35
CA GLY K 17 55.06 -74.80 3.05
C GLY K 17 54.65 -75.95 2.12
N LEU K 18 55.28 -76.02 0.94
CA LEU K 18 55.02 -77.04 -0.09
C LEU K 18 56.36 -77.60 -0.60
N ASP K 19 56.50 -78.92 -0.52
CA ASP K 19 57.74 -79.64 -0.90
C ASP K 19 58.13 -79.49 -2.40
N TYR K 20 57.14 -79.28 -3.27
CA TYR K 20 57.30 -79.16 -4.75
C TYR K 20 57.54 -77.73 -5.30
N ILE K 21 57.41 -76.70 -4.44
CA ILE K 21 57.73 -75.30 -4.81
C ILE K 21 58.82 -74.73 -3.88
N THR K 22 60.04 -74.54 -4.41
CA THR K 22 61.18 -74.01 -3.63
C THR K 22 61.89 -72.85 -4.34
N TYR K 23 61.94 -71.70 -3.67
CA TYR K 23 62.70 -70.53 -4.13
C TYR K 23 64.21 -70.78 -4.03
N SER K 24 64.99 -69.96 -4.74
CA SER K 24 66.45 -69.99 -4.69
C SER K 24 66.96 -69.34 -3.39
N ASP K 25 68.10 -69.81 -2.87
CA ASP K 25 68.77 -69.23 -1.66
C ASP K 25 69.94 -68.32 -2.07
N TYR K 26 69.69 -67.02 -2.06
CA TYR K 26 70.68 -66.02 -2.54
C TYR K 26 70.32 -64.63 -1.99
N GLU K 27 71.26 -63.69 -2.17
CA GLU K 27 71.09 -62.29 -1.71
C GLU K 27 71.31 -61.31 -2.88
N LEU K 28 70.49 -60.25 -2.94
CA LEU K 28 70.62 -59.21 -3.96
C LEU K 28 71.77 -58.26 -3.62
N ASP K 29 72.56 -57.89 -4.63
CA ASP K 29 73.66 -56.91 -4.47
C ASP K 29 73.12 -55.48 -4.30
N PRO K 30 73.26 -54.87 -3.09
CA PRO K 30 72.71 -53.50 -2.90
C PRO K 30 73.48 -52.36 -3.63
N ALA K 31 74.70 -52.65 -4.12
CA ALA K 31 75.44 -51.74 -5.01
C ALA K 31 74.85 -51.60 -6.43
N ASN K 32 74.06 -52.59 -6.85
CA ASN K 32 73.40 -52.60 -8.18
C ASN K 32 72.07 -51.82 -8.12
N PRO K 33 71.97 -50.69 -8.87
CA PRO K 33 70.72 -49.90 -8.84
C PRO K 33 69.49 -50.56 -9.51
N LEU K 34 69.72 -51.61 -10.32
CA LEU K 34 68.66 -52.40 -10.98
C LEU K 34 68.26 -53.69 -10.24
N ALA K 35 68.94 -53.99 -9.14
CA ALA K 35 68.69 -55.23 -8.38
C ALA K 35 67.25 -55.30 -7.85
N GLY K 36 66.60 -56.45 -8.07
CA GLY K 36 65.24 -56.71 -7.57
C GLY K 36 64.09 -56.18 -8.41
N GLY K 37 64.40 -55.55 -9.55
CA GLY K 37 63.37 -54.96 -10.40
C GLY K 37 63.91 -53.90 -11.36
N ALA K 38 63.49 -53.98 -12.62
CA ALA K 38 63.93 -53.05 -13.66
C ALA K 38 63.05 -53.10 -14.92
N ALA K 39 63.26 -52.13 -15.81
CA ALA K 39 62.50 -51.99 -17.06
C ALA K 39 63.40 -51.65 -18.24
N TRP K 40 62.91 -51.93 -19.44
CA TRP K 40 63.55 -51.51 -20.70
C TRP K 40 62.57 -50.59 -21.45
N ILE K 41 62.94 -49.32 -21.61
CA ILE K 41 62.07 -48.30 -22.25
C ILE K 41 62.88 -47.46 -23.26
N GLU K 42 62.48 -47.48 -24.52
CA GLU K 42 63.12 -46.70 -25.60
C GLU K 42 64.65 -46.93 -25.65
N GLY K 43 65.10 -48.18 -25.60
CA GLY K 43 66.54 -48.52 -25.69
C GLY K 43 67.36 -48.46 -24.40
N ALA K 44 66.76 -48.05 -23.28
CA ALA K 44 67.48 -47.86 -22.01
C ALA K 44 67.01 -48.81 -20.90
N PHE K 45 67.97 -49.38 -20.17
CA PHE K 45 67.66 -50.17 -18.97
C PHE K 45 67.56 -49.22 -17.78
N VAL K 46 66.41 -49.17 -17.12
CA VAL K 46 66.14 -48.19 -16.03
C VAL K 46 65.52 -48.84 -14.79
N PRO K 47 65.65 -48.20 -13.61
CA PRO K 47 65.00 -48.75 -12.41
C PRO K 47 63.48 -48.46 -12.40
N PRO K 48 62.72 -49.17 -11.53
CA PRO K 48 61.26 -48.99 -11.48
C PRO K 48 60.75 -47.54 -11.33
N SER K 49 61.40 -46.74 -10.49
CA SER K 49 61.03 -45.33 -10.29
C SER K 49 61.18 -44.43 -11.53
N GLU K 50 62.06 -44.81 -12.46
CA GLU K 50 62.22 -44.11 -13.77
C GLU K 50 61.50 -44.82 -14.96
N ALA K 51 60.73 -45.87 -14.66
CA ALA K 51 59.98 -46.62 -15.70
C ALA K 51 58.63 -45.95 -16.04
N ARG K 52 58.67 -45.03 -17.00
CA ARG K 52 57.51 -44.23 -17.37
C ARG K 52 57.35 -44.22 -18.91
N ILE K 53 56.10 -44.17 -19.39
CA ILE K 53 55.80 -44.05 -20.83
C ILE K 53 55.08 -42.74 -21.16
N SER K 54 55.27 -42.24 -22.39
CA SER K 54 54.59 -41.02 -22.87
C SER K 54 53.06 -41.19 -22.80
N ILE K 55 52.37 -40.17 -22.24
CA ILE K 55 50.89 -40.10 -22.29
C ILE K 55 50.33 -39.96 -23.71
N PHE K 56 51.19 -39.53 -24.66
CA PHE K 56 50.85 -39.45 -26.09
C PHE K 56 51.06 -40.79 -26.85
N ASP K 57 51.51 -41.85 -26.17
CA ASP K 57 51.50 -43.24 -26.75
C ASP K 57 50.06 -43.78 -26.83
N GLN K 58 49.65 -44.16 -28.04
CA GLN K 58 48.32 -44.76 -28.31
C GLN K 58 48.03 -46.05 -27.53
N GLY K 59 49.10 -46.76 -27.15
CA GLY K 59 49.02 -47.85 -26.18
C GLY K 59 48.35 -47.49 -24.85
N PHE K 60 48.42 -46.22 -24.46
CA PHE K 60 47.67 -45.67 -23.31
C PHE K 60 46.25 -45.22 -23.71
N TYR K 61 46.15 -44.15 -24.51
CA TYR K 61 44.85 -43.45 -24.69
C TYR K 61 43.85 -44.10 -25.65
N THR K 62 44.29 -45.08 -26.45
CA THR K 62 43.36 -45.99 -27.19
C THR K 62 43.58 -47.48 -26.90
N SER K 63 44.35 -47.76 -25.84
CA SER K 63 44.79 -49.11 -25.46
C SER K 63 45.23 -49.96 -26.65
N ASP K 64 45.85 -49.30 -27.64
CA ASP K 64 46.19 -49.91 -28.95
C ASP K 64 47.50 -50.68 -28.80
N ALA K 65 47.37 -51.87 -28.24
CA ALA K 65 48.50 -52.64 -27.78
C ALA K 65 48.14 -54.10 -27.52
N THR K 66 49.17 -54.94 -27.54
CA THR K 66 49.08 -56.30 -27.04
C THR K 66 50.33 -56.61 -26.19
N TYR K 67 50.31 -57.74 -25.50
CA TYR K 67 51.42 -58.15 -24.65
C TYR K 67 51.48 -59.64 -24.35
N THR K 68 52.57 -60.06 -23.68
CA THR K 68 52.65 -61.36 -22.99
C THR K 68 53.50 -61.27 -21.73
N THR K 69 53.25 -62.20 -20.81
CA THR K 69 53.98 -62.28 -19.55
C THR K 69 54.50 -63.70 -19.38
N PHE K 70 55.84 -63.83 -19.42
CA PHE K 70 56.49 -65.10 -19.09
C PHE K 70 57.13 -65.08 -17.71
N HIS K 71 57.54 -66.25 -17.21
CA HIS K 71 58.21 -66.33 -15.91
C HIS K 71 59.57 -67.04 -15.94
N VAL K 72 60.38 -66.75 -14.92
CA VAL K 72 61.69 -67.37 -14.67
C VAL K 72 61.60 -68.07 -13.31
N TRP K 73 62.04 -69.33 -13.26
CA TRP K 73 62.08 -70.11 -12.00
C TRP K 73 63.43 -70.80 -11.86
N ASN K 74 64.05 -70.66 -10.68
CA ASN K 74 65.40 -71.18 -10.37
C ASN K 74 66.37 -70.89 -11.52
N GLY K 75 66.38 -69.64 -11.98
CA GLY K 75 67.30 -69.18 -13.03
C GLY K 75 67.02 -69.60 -14.48
N ASN K 76 65.87 -70.24 -14.73
CA ASN K 76 65.46 -70.65 -16.09
C ASN K 76 64.12 -70.03 -16.53
N ALA K 77 64.10 -69.45 -17.73
CA ALA K 77 62.86 -68.97 -18.36
C ALA K 77 62.02 -70.15 -18.89
N PHE K 78 60.72 -70.11 -18.60
CA PHE K 78 59.78 -71.22 -18.93
C PHE K 78 59.01 -70.95 -20.23
N ARG K 79 59.23 -71.80 -21.23
CA ARG K 79 58.55 -71.74 -22.53
C ARG K 79 58.61 -70.36 -23.22
N LEU K 80 59.81 -69.77 -23.23
CA LEU K 80 60.06 -68.45 -23.85
C LEU K 80 59.68 -68.42 -25.33
N GLY K 81 60.01 -69.47 -26.08
CA GLY K 81 59.70 -69.53 -27.49
C GLY K 81 58.22 -69.45 -27.79
N ASP K 82 57.43 -70.26 -27.08
CA ASP K 82 55.96 -70.23 -27.19
C ASP K 82 55.37 -68.84 -26.91
N HIS K 83 55.88 -68.20 -25.85
CA HIS K 83 55.43 -66.87 -25.42
C HIS K 83 55.63 -65.79 -26.47
N ILE K 84 56.85 -65.71 -27.01
CA ILE K 84 57.17 -64.69 -28.02
C ILE K 84 56.45 -64.97 -29.36
N GLU K 85 56.24 -66.25 -29.66
CA GLU K 85 55.47 -66.63 -30.85
C GLU K 85 54.03 -66.14 -30.74
N ARG K 86 53.41 -66.35 -29.57
CA ARG K 86 52.04 -65.86 -29.30
C ARG K 86 51.97 -64.34 -29.37
N LEU K 87 52.97 -63.67 -28.79
CA LEU K 87 53.03 -62.21 -28.82
C LEU K 87 53.01 -61.67 -30.26
N PHE K 88 53.86 -62.24 -31.09
CA PHE K 88 53.99 -61.80 -32.49
C PHE K 88 52.75 -62.12 -33.32
N SER K 89 52.12 -63.25 -33.00
CA SER K 89 50.84 -63.63 -33.61
C SER K 89 49.72 -62.66 -33.22
N ASN K 90 49.64 -62.33 -31.92
CA ASN K 90 48.69 -61.33 -31.41
C ASN K 90 48.88 -59.96 -32.08
N ALA K 91 50.14 -59.55 -32.25
CA ALA K 91 50.47 -58.28 -32.93
C ALA K 91 49.96 -58.28 -34.38
N GLU K 92 50.17 -59.40 -35.07
CA GLU K 92 49.71 -59.59 -36.45
C GLU K 92 48.17 -59.49 -36.53
N SER K 93 47.47 -60.10 -35.58
CA SER K 93 45.99 -60.00 -35.51
C SER K 93 45.46 -58.56 -35.47
N ILE K 94 46.18 -57.64 -34.81
CA ILE K 94 45.80 -56.20 -34.76
C ILE K 94 46.59 -55.30 -35.73
N ARG K 95 47.19 -55.92 -36.75
CA ARG K 95 47.95 -55.21 -37.82
C ARG K 95 49.11 -54.33 -37.34
N LEU K 96 49.78 -54.81 -36.30
CA LEU K 96 50.87 -54.10 -35.67
C LEU K 96 52.15 -54.80 -36.10
N ILE K 97 53.05 -54.06 -36.76
CA ILE K 97 54.38 -54.60 -37.18
C ILE K 97 55.43 -54.29 -36.10
N PRO K 98 55.90 -55.31 -35.35
CA PRO K 98 56.89 -55.01 -34.30
C PRO K 98 58.21 -54.44 -34.87
N PRO K 99 58.81 -53.45 -34.19
CA PRO K 99 60.10 -52.88 -34.63
C PRO K 99 61.35 -53.73 -34.25
N LEU K 100 61.15 -54.87 -33.60
CA LEU K 100 62.22 -55.82 -33.29
C LEU K 100 61.84 -57.22 -33.79
N THR K 101 62.83 -58.06 -34.07
CA THR K 101 62.59 -59.48 -34.42
C THR K 101 62.37 -60.29 -33.14
N GLN K 102 61.86 -61.51 -33.31
CA GLN K 102 61.66 -62.40 -32.17
C GLN K 102 62.96 -62.72 -31.41
N ASP K 103 64.03 -62.95 -32.16
CA ASP K 103 65.37 -63.16 -31.57
C ASP K 103 65.85 -61.94 -30.74
N GLU K 104 65.68 -60.73 -31.31
CA GLU K 104 66.08 -59.50 -30.63
C GLU K 104 65.33 -59.34 -29.31
N VAL K 105 64.03 -59.61 -29.35
CA VAL K 105 63.16 -59.52 -28.15
C VAL K 105 63.63 -60.48 -27.06
N LYS K 106 63.90 -61.72 -27.44
CA LYS K 106 64.40 -62.74 -26.49
C LYS K 106 65.70 -62.36 -25.80
N GLU K 107 66.64 -61.85 -26.60
CA GLU K 107 67.94 -61.42 -26.12
C GLU K 107 67.84 -60.28 -25.11
N ILE K 108 67.06 -59.26 -25.47
CA ILE K 108 66.87 -58.08 -24.61
C ILE K 108 66.16 -58.45 -23.30
N ALA K 109 65.12 -59.27 -23.41
CA ALA K 109 64.36 -59.72 -22.24
C ALA K 109 65.19 -60.52 -21.24
N LEU K 110 66.02 -61.43 -21.76
CA LEU K 110 66.91 -62.24 -20.88
C LEU K 110 67.94 -61.38 -20.21
N GLU K 111 68.50 -60.40 -20.96
CA GLU K 111 69.48 -59.46 -20.42
C GLU K 111 68.85 -58.67 -19.28
N LEU K 112 67.62 -58.20 -19.49
CA LEU K 112 66.86 -57.44 -18.45
C LEU K 112 66.75 -58.22 -17.13
N VAL K 113 66.37 -59.49 -17.23
CA VAL K 113 66.27 -60.39 -16.05
C VAL K 113 67.64 -60.53 -15.35
N ALA K 114 68.68 -60.77 -16.15
CA ALA K 114 70.06 -60.90 -15.65
C ALA K 114 70.50 -59.69 -14.79
N LYS K 115 70.22 -58.49 -15.30
CA LYS K 115 70.50 -57.21 -14.59
C LYS K 115 69.77 -57.04 -13.23
N THR K 116 68.58 -57.61 -13.10
CA THR K 116 67.83 -57.61 -11.82
C THR K 116 68.40 -58.58 -10.77
N GLU K 117 69.16 -59.58 -11.24
CA GLU K 117 69.69 -60.68 -10.40
C GLU K 117 68.58 -61.65 -9.89
N LEU K 118 67.33 -61.48 -10.33
CA LEU K 118 66.22 -62.30 -9.84
C LEU K 118 66.24 -63.72 -10.43
N ARG K 119 66.26 -64.72 -9.56
CA ARG K 119 66.17 -66.14 -9.96
C ARG K 119 64.71 -66.60 -10.15
N GLU K 120 63.80 -65.95 -9.42
CA GLU K 120 62.36 -66.16 -9.56
C GLU K 120 61.71 -64.83 -9.95
N ALA K 121 61.14 -64.78 -11.16
CA ALA K 121 60.69 -63.50 -11.75
C ALA K 121 59.51 -63.58 -12.74
N MET K 122 58.89 -62.42 -12.95
CA MET K 122 57.84 -62.22 -13.95
C MET K 122 58.35 -61.21 -14.93
N VAL K 123 58.23 -61.51 -16.21
CA VAL K 123 58.75 -60.63 -17.27
C VAL K 123 57.64 -60.33 -18.28
N THR K 124 57.30 -59.04 -18.40
CA THR K 124 56.26 -58.56 -19.31
C THR K 124 56.89 -57.89 -20.53
N VAL K 125 56.46 -58.32 -21.72
CA VAL K 125 56.82 -57.68 -22.99
C VAL K 125 55.57 -57.14 -23.67
N THR K 126 55.57 -55.82 -23.87
CA THR K 126 54.43 -55.06 -24.46
C THR K 126 54.82 -54.42 -25.82
N ILE K 127 53.93 -54.52 -26.82
CA ILE K 127 54.09 -53.84 -28.13
C ILE K 127 52.88 -52.91 -28.36
N THR K 128 53.17 -51.61 -28.59
CA THR K 128 52.14 -50.55 -28.79
C THR K 128 52.26 -49.93 -30.18
N ARG K 129 51.18 -49.26 -30.62
CA ARG K 129 51.15 -48.49 -31.87
C ARG K 129 52.06 -47.25 -31.83
N GLY K 130 52.36 -46.75 -30.63
CA GLY K 130 53.36 -45.70 -30.43
C GLY K 130 52.82 -44.27 -30.26
N TYR K 131 53.75 -43.32 -30.12
CA TYR K 131 53.44 -41.89 -29.88
C TYR K 131 53.71 -40.95 -31.06
N SER K 132 54.06 -41.49 -32.23
CA SER K 132 54.42 -40.65 -33.38
C SER K 132 53.25 -40.41 -34.32
N SER K 133 52.06 -40.84 -33.91
CA SER K 133 50.88 -40.96 -34.80
C SER K 133 49.61 -40.95 -33.96
N THR K 134 48.45 -40.76 -34.60
CA THR K 134 47.13 -40.78 -33.90
C THR K 134 46.20 -41.79 -34.59
N PRO K 135 45.09 -42.20 -33.95
CA PRO K 135 44.17 -43.17 -34.56
C PRO K 135 43.56 -42.75 -35.91
N PHE K 136 43.52 -41.45 -36.17
CA PHE K 136 42.96 -40.90 -37.41
C PHE K 136 43.98 -40.67 -38.53
N GLU K 137 45.23 -41.11 -38.35
CA GLU K 137 46.27 -40.97 -39.37
C GLU K 137 45.79 -41.60 -40.67
N ARG K 138 45.85 -40.82 -41.75
CA ARG K 138 45.48 -41.28 -43.12
C ARG K 138 46.58 -42.17 -43.77
N ASP K 139 47.85 -41.93 -43.44
CA ASP K 139 48.98 -42.73 -43.97
C ASP K 139 49.56 -43.78 -42.97
N ILE K 140 49.22 -45.06 -43.17
CA ILE K 140 49.64 -46.15 -42.26
C ILE K 140 51.18 -46.26 -42.12
N THR K 141 51.95 -45.77 -43.12
CA THR K 141 53.42 -45.74 -43.05
C THR K 141 53.97 -44.80 -41.95
N LYS K 142 53.17 -43.83 -41.51
CA LYS K 142 53.55 -42.87 -40.47
C LYS K 142 53.55 -43.41 -39.00
N HIS K 143 52.90 -44.56 -38.77
CA HIS K 143 52.87 -45.23 -37.44
C HIS K 143 54.28 -45.68 -37.03
N ARG K 144 54.70 -45.40 -35.80
CA ARG K 144 56.05 -45.79 -35.29
C ARG K 144 55.93 -46.62 -33.98
N PRO K 145 55.71 -47.95 -34.10
CA PRO K 145 55.47 -48.82 -32.93
C PRO K 145 56.61 -48.89 -31.94
N GLN K 146 56.25 -49.09 -30.67
CA GLN K 146 57.19 -49.17 -29.55
C GLN K 146 57.14 -50.51 -28.83
N VAL K 147 58.28 -50.92 -28.28
CA VAL K 147 58.38 -52.06 -27.37
C VAL K 147 58.80 -51.59 -25.97
N TYR K 148 58.10 -52.10 -24.95
CA TYR K 148 58.39 -51.82 -23.53
C TYR K 148 58.48 -53.16 -22.77
N MET K 149 59.44 -53.28 -21.85
CA MET K 149 59.59 -54.48 -21.01
C MET K 149 59.75 -54.14 -19.53
N SER K 150 59.32 -55.05 -18.66
CA SER K 150 59.58 -54.96 -17.21
C SER K 150 59.84 -56.34 -16.60
N ALA K 151 60.71 -56.38 -15.59
CA ALA K 151 61.04 -57.61 -14.86
C ALA K 151 60.89 -57.35 -13.38
N CYS K 152 60.08 -58.17 -12.72
CA CYS K 152 59.75 -57.97 -11.31
C CYS K 152 59.72 -59.33 -10.57
N PRO K 153 59.67 -59.30 -9.22
CA PRO K 153 59.56 -60.59 -8.51
C PRO K 153 58.32 -61.39 -8.92
N TYR K 154 58.41 -62.71 -8.87
CA TYR K 154 57.29 -63.61 -9.18
C TYR K 154 56.08 -63.24 -8.31
N GLN K 155 54.91 -63.09 -8.93
CA GLN K 155 53.63 -62.79 -8.25
C GLN K 155 52.63 -63.96 -8.23
N TRP K 156 51.92 -64.09 -7.12
CA TRP K 156 51.00 -65.21 -6.88
C TRP K 156 49.57 -64.71 -6.87
N ILE K 157 48.77 -65.14 -7.84
CA ILE K 157 47.35 -64.80 -7.89
C ILE K 157 46.59 -65.40 -6.69
N VAL K 158 46.95 -66.62 -6.28
CA VAL K 158 46.45 -67.22 -5.03
C VAL K 158 47.60 -67.64 -4.09
N PRO K 159 47.41 -67.50 -2.76
CA PRO K 159 48.48 -67.90 -1.82
C PRO K 159 48.73 -69.42 -1.75
N PHE K 160 49.85 -69.77 -1.12
CA PHE K 160 50.35 -71.16 -1.09
C PHE K 160 49.40 -72.14 -0.41
N ASP K 161 48.78 -71.71 0.69
CA ASP K 161 47.82 -72.54 1.45
C ASP K 161 46.56 -72.86 0.64
N ARG K 162 46.22 -71.97 -0.30
CA ARG K 162 45.09 -72.14 -1.22
C ARG K 162 45.42 -73.04 -2.42
N ILE K 163 46.68 -73.06 -2.86
CA ILE K 163 47.15 -74.07 -3.84
C ILE K 163 46.99 -75.50 -3.28
N ARG K 164 47.24 -75.65 -1.98
CA ARG K 164 47.08 -76.94 -1.30
C ARG K 164 45.61 -77.28 -1.03
N ASP K 165 44.88 -76.33 -0.43
CA ASP K 165 43.51 -76.58 0.08
C ASP K 165 42.36 -76.28 -0.90
N GLY K 166 42.60 -75.39 -1.86
CA GLY K 166 41.63 -75.05 -2.91
C GLY K 166 41.04 -73.66 -2.76
N VAL K 167 40.36 -73.19 -3.81
CA VAL K 167 39.78 -71.83 -3.88
C VAL K 167 38.27 -71.87 -4.10
N HIS K 168 37.57 -70.85 -3.61
CA HIS K 168 36.09 -70.74 -3.74
C HIS K 168 35.68 -69.84 -4.93
N LEU K 169 35.15 -70.48 -5.98
CA LEU K 169 34.83 -69.80 -7.25
C LEU K 169 33.40 -69.23 -7.27
N MET K 170 33.23 -68.16 -8.03
CA MET K 170 31.92 -67.51 -8.25
C MET K 170 31.69 -67.33 -9.76
N VAL K 171 30.50 -67.70 -10.22
CA VAL K 171 30.08 -67.37 -11.59
C VAL K 171 29.46 -65.96 -11.58
N ALA K 172 30.03 -65.04 -12.36
CA ALA K 172 29.55 -63.65 -12.44
C ALA K 172 28.17 -63.54 -13.12
N GLN K 173 27.29 -62.73 -12.54
CA GLN K 173 25.96 -62.46 -13.10
C GLN K 173 25.73 -61.04 -13.61
N SER K 174 26.54 -60.07 -13.17
CA SER K 174 26.32 -58.65 -13.53
C SER K 174 27.14 -58.23 -14.74
N VAL K 175 27.96 -59.14 -15.27
CA VAL K 175 28.86 -58.84 -16.39
C VAL K 175 29.17 -60.12 -17.16
N ARG K 176 29.46 -59.96 -18.46
CA ARG K 176 29.88 -61.07 -19.33
C ARG K 176 31.15 -60.70 -20.10
N ARG K 177 31.88 -61.73 -20.56
CA ARG K 177 33.16 -61.52 -21.24
C ARG K 177 32.92 -60.84 -22.58
N THR K 178 33.75 -59.85 -22.89
CA THR K 178 33.64 -59.12 -24.16
C THR K 178 33.63 -60.10 -25.38
N PRO K 179 32.66 -59.94 -26.32
CA PRO K 179 32.60 -60.85 -27.46
C PRO K 179 33.76 -60.72 -28.43
N ARG K 180 34.05 -61.79 -29.17
CA ARG K 180 35.11 -61.79 -30.21
C ARG K 180 34.82 -60.77 -31.31
N SER K 181 33.53 -60.48 -31.52
CA SER K 181 33.06 -59.46 -32.48
C SER K 181 33.24 -57.98 -32.06
N SER K 182 33.82 -57.74 -30.87
CA SER K 182 34.13 -56.39 -30.40
C SER K 182 35.64 -56.27 -30.04
N ILE K 183 36.06 -56.95 -28.99
CA ILE K 183 37.47 -56.96 -28.51
C ILE K 183 37.84 -58.41 -28.17
N ASP K 184 38.66 -59.00 -29.02
CA ASP K 184 38.94 -60.43 -29.01
C ASP K 184 39.75 -60.91 -27.78
N PRO K 185 39.16 -61.78 -26.93
CA PRO K 185 39.92 -62.33 -25.80
C PRO K 185 41.08 -63.25 -26.16
N GLN K 186 41.11 -63.75 -27.39
CA GLN K 186 42.24 -64.53 -27.89
C GLN K 186 43.49 -63.69 -28.24
N VAL K 187 43.36 -62.37 -28.24
CA VAL K 187 44.46 -61.42 -28.29
C VAL K 187 44.67 -60.86 -26.89
N LYS K 188 45.79 -61.21 -26.25
CA LYS K 188 46.09 -60.74 -24.90
C LYS K 188 46.04 -59.22 -24.94
N ASN K 189 45.31 -58.61 -24.01
CA ASN K 189 45.12 -57.15 -24.05
C ASN K 189 44.90 -56.52 -22.68
N PHE K 190 45.10 -55.20 -22.61
CA PHE K 190 44.91 -54.42 -21.35
C PHE K 190 43.49 -53.91 -21.12
N GLN K 191 42.54 -54.33 -21.96
CA GLN K 191 41.19 -53.78 -21.93
C GLN K 191 40.28 -54.61 -21.01
N TRP K 192 40.44 -54.35 -19.71
CA TRP K 192 39.91 -55.19 -18.61
C TRP K 192 38.61 -54.70 -17.94
N GLY K 193 37.86 -53.86 -18.64
CA GLY K 193 36.66 -53.23 -18.07
C GLY K 193 35.69 -54.26 -17.52
N ASP K 194 35.49 -55.34 -18.28
CA ASP K 194 34.60 -56.44 -17.89
C ASP K 194 35.19 -57.27 -16.75
N LEU K 195 36.49 -57.54 -16.85
CA LEU K 195 37.21 -58.33 -15.84
C LEU K 195 37.26 -57.64 -14.46
N ILE K 196 37.41 -56.32 -14.47
CA ILE K 196 37.39 -55.52 -13.23
C ILE K 196 36.01 -55.51 -12.59
N ARG K 197 34.97 -55.34 -13.41
CA ARG K 197 33.58 -55.46 -12.92
C ARG K 197 33.33 -56.81 -12.22
N ALA K 198 33.88 -57.88 -12.79
CA ALA K 198 33.76 -59.23 -12.22
C ALA K 198 34.44 -59.36 -10.85
N ILE K 199 35.61 -58.73 -10.72
CA ILE K 199 36.35 -58.71 -9.43
C ILE K 199 35.55 -57.98 -8.36
N GLN K 200 34.96 -56.86 -8.76
CA GLN K 200 34.14 -56.04 -7.88
C GLN K 200 32.91 -56.81 -7.38
N GLU K 201 32.28 -57.59 -8.28
CA GLU K 201 31.12 -58.43 -7.94
C GLU K 201 31.50 -59.48 -6.91
N THR K 202 32.74 -59.96 -6.99
CA THR K 202 33.24 -60.97 -6.13
C THR K 202 33.37 -60.43 -4.65
N HIS K 203 33.81 -59.18 -4.53
CA HIS K 203 33.83 -58.47 -3.24
C HIS K 203 32.41 -58.28 -2.67
N ASP K 204 31.47 -57.86 -3.52
CA ASP K 204 30.06 -57.67 -3.11
C ASP K 204 29.42 -58.95 -2.58
N ARG K 205 29.65 -60.08 -3.25
CA ARG K 205 29.01 -61.36 -2.91
C ARG K 205 29.82 -62.27 -1.95
N GLY K 206 31.06 -61.89 -1.66
CA GLY K 206 31.87 -62.53 -0.63
C GLY K 206 32.59 -63.81 -1.03
N PHE K 207 33.09 -63.84 -2.27
CA PHE K 207 33.80 -65.01 -2.82
C PHE K 207 35.27 -64.66 -3.06
N GLU K 208 36.08 -65.60 -3.54
CA GLU K 208 37.52 -65.34 -3.74
C GLU K 208 37.96 -64.95 -5.14
N LEU K 209 37.48 -65.67 -6.16
CA LEU K 209 37.74 -65.34 -7.59
C LEU K 209 36.50 -65.53 -8.48
N PRO K 210 36.39 -64.75 -9.59
CA PRO K 210 35.27 -64.91 -10.50
C PRO K 210 35.60 -65.66 -11.80
N LEU K 211 34.58 -66.34 -12.33
CA LEU K 211 34.59 -66.86 -13.70
C LEU K 211 33.45 -66.20 -14.49
N LEU K 212 33.79 -65.65 -15.66
CA LEU K 212 32.81 -65.03 -16.55
C LEU K 212 32.25 -66.03 -17.57
N LEU K 213 31.02 -65.76 -18.02
CA LEU K 213 30.38 -66.45 -19.15
C LEU K 213 30.44 -65.59 -20.41
N ASP K 214 30.25 -66.22 -21.57
CA ASP K 214 30.15 -65.51 -22.87
C ASP K 214 28.70 -65.15 -23.27
N CYS K 215 28.53 -64.53 -24.44
CA CYS K 215 27.22 -64.18 -25.00
C CYS K 215 26.19 -65.33 -25.05
N ASP K 216 26.65 -66.55 -25.31
CA ASP K 216 25.80 -67.76 -25.33
C ASP K 216 25.63 -68.46 -23.95
N ASN K 217 26.07 -67.80 -22.87
CA ASN K 217 26.06 -68.37 -21.50
C ASN K 217 26.93 -69.62 -21.30
N LEU K 218 27.98 -69.73 -22.11
CA LEU K 218 28.97 -70.79 -22.00
C LEU K 218 30.21 -70.29 -21.26
N LEU K 219 30.94 -71.20 -20.64
CA LEU K 219 32.12 -70.85 -19.84
C LEU K 219 33.12 -70.07 -20.69
N ALA K 220 33.65 -68.98 -20.14
CA ALA K 220 34.68 -68.16 -20.83
C ALA K 220 36.04 -68.27 -20.12
N GLU K 221 36.40 -67.28 -19.32
CA GLU K 221 37.64 -67.28 -18.55
C GLU K 221 37.51 -66.32 -17.36
N GLY K 222 38.56 -66.22 -16.54
CA GLY K 222 38.61 -65.32 -15.38
C GLY K 222 39.66 -64.21 -15.56
N PRO K 223 39.73 -63.25 -14.61
CA PRO K 223 40.72 -62.18 -14.72
C PRO K 223 42.13 -62.70 -14.51
N GLY K 224 42.85 -62.88 -15.61
CA GLY K 224 44.24 -63.35 -15.56
C GLY K 224 44.41 -64.86 -15.47
N PHE K 225 43.36 -65.62 -15.74
CA PHE K 225 43.45 -67.08 -15.70
C PHE K 225 42.43 -67.83 -16.58
N ASN K 226 42.83 -69.03 -17.02
CA ASN K 226 41.94 -69.98 -17.71
C ASN K 226 41.34 -70.96 -16.69
N VAL K 227 40.19 -71.54 -17.03
CA VAL K 227 39.53 -72.57 -16.22
C VAL K 227 39.61 -73.94 -16.93
N VAL K 228 39.72 -75.01 -16.14
CA VAL K 228 39.72 -76.40 -16.65
C VAL K 228 38.73 -77.25 -15.85
N VAL K 229 37.98 -78.10 -16.57
CA VAL K 229 36.88 -78.91 -15.98
C VAL K 229 37.11 -80.41 -16.25
N ILE K 230 37.08 -81.22 -15.19
CA ILE K 230 37.33 -82.67 -15.26
C ILE K 230 36.09 -83.48 -14.92
N LYS K 231 35.71 -84.38 -15.83
CA LYS K 231 34.51 -85.22 -15.69
C LYS K 231 34.70 -86.59 -16.35
N ASP K 232 34.49 -87.64 -15.53
CA ASP K 232 34.64 -89.04 -15.95
C ASP K 232 35.97 -89.28 -16.71
N GLY K 233 37.05 -88.76 -16.15
CA GLY K 233 38.39 -88.90 -16.74
C GLY K 233 38.69 -88.11 -18.01
N VAL K 234 37.74 -87.28 -18.45
CA VAL K 234 37.92 -86.39 -19.62
C VAL K 234 38.24 -84.96 -19.12
N VAL K 235 39.31 -84.37 -19.67
CA VAL K 235 39.80 -83.03 -19.27
C VAL K 235 39.47 -82.00 -20.36
N ARG K 236 38.66 -80.99 -20.00
CA ARG K 236 38.13 -79.99 -20.95
C ARG K 236 38.40 -78.53 -20.51
N SER K 237 38.66 -77.65 -21.47
CA SER K 237 38.83 -76.21 -21.20
C SER K 237 38.16 -75.36 -22.31
N PRO K 238 37.56 -74.19 -21.96
CA PRO K 238 36.91 -73.33 -22.98
C PRO K 238 37.78 -72.94 -24.19
N GLY K 239 37.26 -73.19 -25.39
CA GLY K 239 37.95 -72.90 -26.64
C GLY K 239 37.72 -71.52 -27.25
N ARG K 240 36.59 -70.88 -26.96
CA ARG K 240 36.23 -69.61 -27.63
C ARG K 240 36.64 -68.33 -26.87
N ALA K 241 35.87 -67.95 -25.84
CA ALA K 241 36.05 -66.66 -25.13
C ALA K 241 37.12 -66.73 -24.04
N ALA K 242 38.34 -67.05 -24.47
CA ALA K 242 39.43 -67.36 -23.58
C ALA K 242 40.76 -67.17 -24.29
N LEU K 243 41.74 -66.63 -23.57
CA LEU K 243 43.09 -66.56 -24.08
C LEU K 243 43.64 -67.99 -24.29
N PRO K 244 44.32 -68.26 -25.43
CA PRO K 244 45.13 -69.47 -25.54
C PRO K 244 46.37 -69.45 -24.61
N GLY K 245 46.15 -69.80 -23.35
CA GLY K 245 47.17 -69.76 -22.31
C GLY K 245 48.29 -70.78 -22.48
N ILE K 246 49.51 -70.37 -22.13
CA ILE K 246 50.69 -71.24 -22.16
C ILE K 246 50.61 -72.21 -20.99
N THR K 247 50.09 -71.77 -19.86
CA THR K 247 49.85 -72.68 -18.72
C THR K 247 48.78 -73.71 -19.06
N ARG K 248 47.69 -73.26 -19.68
CA ARG K 248 46.62 -74.15 -20.19
C ARG K 248 47.19 -75.24 -21.12
N LYS K 249 47.99 -74.81 -22.08
CA LYS K 249 48.67 -75.72 -23.03
C LYS K 249 49.49 -76.80 -22.31
N THR K 250 50.26 -76.38 -21.31
CA THR K 250 51.03 -77.28 -20.47
C THR K 250 50.11 -78.28 -19.73
N VAL K 251 49.03 -77.77 -19.12
CA VAL K 251 48.07 -78.60 -18.35
C VAL K 251 47.49 -79.72 -19.24
N LEU K 252 47.11 -79.37 -20.46
CA LEU K 252 46.51 -80.34 -21.39
C LEU K 252 47.54 -81.38 -21.86
N GLU K 253 48.77 -80.94 -22.13
CA GLU K 253 49.88 -81.86 -22.44
C GLU K 253 50.12 -82.85 -21.28
N ILE K 254 50.16 -82.34 -20.06
CA ILE K 254 50.30 -83.18 -18.86
C ILE K 254 49.17 -84.21 -18.77
N ALA K 255 47.94 -83.75 -19.01
CA ALA K 255 46.76 -84.64 -18.94
C ALA K 255 46.87 -85.81 -19.94
N GLU K 256 47.33 -85.52 -21.17
CA GLU K 256 47.59 -86.55 -22.18
C GLU K 256 48.69 -87.53 -21.76
N SER K 257 49.78 -87.03 -21.15
CA SER K 257 50.84 -87.87 -20.54
C SER K 257 50.29 -88.86 -19.54
N LEU K 258 49.32 -88.43 -18.73
CA LEU K 258 48.68 -89.27 -17.72
C LEU K 258 47.63 -90.25 -18.28
N GLY K 259 47.43 -90.26 -19.61
CA GLY K 259 46.46 -91.14 -20.26
C GLY K 259 45.01 -90.66 -20.30
N HIS K 260 44.79 -89.35 -20.11
CA HIS K 260 43.45 -88.75 -20.22
C HIS K 260 43.25 -88.10 -21.60
N GLU K 261 42.03 -88.21 -22.13
CA GLU K 261 41.60 -87.38 -23.27
C GLU K 261 41.55 -85.90 -22.80
N ALA K 262 42.20 -85.03 -23.57
CA ALA K 262 42.36 -83.61 -23.18
C ALA K 262 42.04 -82.70 -24.37
N ILE K 263 40.96 -81.92 -24.27
CA ILE K 263 40.40 -81.19 -25.41
C ILE K 263 39.87 -79.79 -25.08
N LEU K 264 39.90 -78.92 -26.11
CA LEU K 264 39.20 -77.63 -26.05
C LEU K 264 37.75 -77.86 -26.44
N ALA K 265 36.84 -77.19 -25.75
CA ALA K 265 35.40 -77.44 -25.91
C ALA K 265 34.51 -76.29 -25.41
N ASP K 266 33.24 -76.34 -25.81
CA ASP K 266 32.17 -75.53 -25.22
C ASP K 266 31.57 -76.22 -23.97
N ILE K 267 31.56 -75.51 -22.85
CA ILE K 267 31.16 -76.08 -21.55
C ILE K 267 30.04 -75.26 -20.92
N THR K 268 28.99 -75.96 -20.48
CA THR K 268 27.81 -75.30 -19.87
C THR K 268 27.99 -75.10 -18.35
N PRO K 269 27.24 -74.14 -17.74
CA PRO K 269 27.22 -74.03 -16.27
C PRO K 269 26.79 -75.32 -15.53
N ALA K 270 25.80 -76.04 -16.07
CA ALA K 270 25.36 -77.32 -15.47
C ALA K 270 26.51 -78.32 -15.35
N GLU K 271 27.29 -78.42 -16.42
CA GLU K 271 28.50 -79.26 -16.44
C GLU K 271 29.57 -78.83 -15.42
N LEU K 272 29.69 -77.52 -15.20
CA LEU K 272 30.61 -76.97 -14.19
C LEU K 272 30.22 -77.42 -12.77
N TYR K 273 28.94 -77.25 -12.42
CA TYR K 273 28.43 -77.66 -11.09
C TYR K 273 28.52 -79.17 -10.87
N ASP K 274 28.31 -79.94 -11.94
CA ASP K 274 28.30 -81.42 -11.88
C ASP K 274 29.68 -82.05 -12.10
N ALA K 275 30.74 -81.24 -12.14
CA ALA K 275 32.10 -81.76 -12.42
C ALA K 275 32.69 -82.59 -11.27
N ASP K 276 33.57 -83.54 -11.62
CA ASP K 276 34.36 -84.31 -10.62
C ASP K 276 35.42 -83.41 -9.98
N GLU K 277 36.15 -82.70 -10.84
CA GLU K 277 37.17 -81.72 -10.43
C GLU K 277 37.16 -80.45 -11.29
N VAL K 278 37.57 -79.33 -10.69
CA VAL K 278 37.74 -78.04 -11.37
C VAL K 278 39.05 -77.39 -10.93
N LEU K 279 39.78 -76.80 -11.87
CA LEU K 279 41.01 -76.08 -11.55
C LEU K 279 41.17 -74.78 -12.34
N GLY K 280 42.11 -73.96 -11.88
CA GLY K 280 42.51 -72.71 -12.53
C GLY K 280 43.99 -72.73 -12.88
N CYS K 281 44.37 -71.98 -13.92
CA CYS K 281 45.77 -71.91 -14.34
C CYS K 281 46.17 -70.56 -14.96
N SER K 282 47.43 -70.18 -14.72
CA SER K 282 48.01 -68.91 -15.20
C SER K 282 49.53 -68.88 -15.00
N THR K 283 50.25 -68.09 -15.81
CA THR K 283 51.68 -67.81 -15.55
C THR K 283 51.87 -67.21 -14.15
N GLY K 284 50.91 -66.40 -13.72
CA GLY K 284 50.89 -65.83 -12.39
C GLY K 284 50.40 -66.70 -11.25
N GLY K 285 51.13 -67.77 -10.96
CA GLY K 285 50.81 -68.69 -9.85
C GLY K 285 50.81 -70.19 -10.16
N GLY K 286 50.82 -70.51 -11.45
CA GLY K 286 50.85 -71.89 -11.93
C GLY K 286 49.47 -72.52 -12.03
N VAL K 287 49.25 -73.54 -11.20
CA VAL K 287 48.01 -74.30 -11.19
C VAL K 287 47.48 -74.42 -9.76
N TRP K 288 46.16 -74.31 -9.62
CA TRP K 288 45.48 -74.45 -8.32
C TRP K 288 44.07 -75.05 -8.44
N PRO K 289 43.54 -75.65 -7.35
CA PRO K 289 42.18 -76.20 -7.39
C PRO K 289 41.06 -75.19 -7.08
N PHE K 290 39.91 -75.40 -7.72
CA PHE K 290 38.65 -74.75 -7.35
C PHE K 290 37.72 -75.81 -6.72
N VAL K 291 37.46 -75.67 -5.42
CA VAL K 291 36.74 -76.71 -4.62
C VAL K 291 35.24 -76.46 -4.42
N SER K 292 34.80 -75.25 -4.72
CA SER K 292 33.37 -74.91 -4.73
C SER K 292 33.04 -73.84 -5.76
N VAL K 293 31.78 -73.82 -6.19
CA VAL K 293 31.26 -72.81 -7.14
C VAL K 293 29.95 -72.26 -6.61
N ASP K 294 29.88 -70.94 -6.41
CA ASP K 294 28.69 -70.27 -5.84
C ASP K 294 28.26 -70.89 -4.49
N GLY K 295 29.24 -71.31 -3.70
CA GLY K 295 28.98 -71.97 -2.41
C GLY K 295 28.63 -73.47 -2.45
N ASN K 296 28.48 -74.02 -3.65
CA ASN K 296 28.19 -75.45 -3.85
C ASN K 296 29.50 -76.21 -3.96
N SER K 297 29.64 -77.29 -3.20
CA SER K 297 30.89 -78.06 -3.25
C SER K 297 31.05 -78.77 -4.59
N ILE K 298 32.29 -78.83 -5.08
CA ILE K 298 32.65 -79.69 -6.23
C ILE K 298 33.07 -81.05 -5.67
N SER K 299 32.33 -82.10 -6.04
CA SER K 299 32.43 -83.43 -5.41
C SER K 299 32.36 -83.28 -3.87
N ASP K 300 33.36 -83.79 -3.16
CA ASP K 300 33.42 -83.74 -1.67
C ASP K 300 34.10 -82.47 -1.12
N GLY K 301 34.29 -81.45 -1.97
CA GLY K 301 34.80 -80.15 -1.51
C GLY K 301 36.28 -80.05 -1.18
N VAL K 302 37.05 -81.09 -1.55
CA VAL K 302 38.53 -81.07 -1.36
C VAL K 302 39.21 -81.28 -2.71
N PRO K 303 40.47 -80.84 -2.86
CA PRO K 303 41.15 -80.98 -4.16
C PRO K 303 41.20 -82.43 -4.63
N GLY K 304 40.80 -82.64 -5.87
CA GLY K 304 40.76 -83.98 -6.45
C GLY K 304 42.13 -84.54 -6.80
N PRO K 305 42.21 -85.87 -7.01
CA PRO K 305 43.50 -86.53 -7.27
C PRO K 305 44.15 -86.25 -8.64
N VAL K 306 43.34 -86.08 -9.68
CA VAL K 306 43.89 -85.69 -11.00
C VAL K 306 44.51 -84.28 -10.95
N THR K 307 43.79 -83.34 -10.33
CA THR K 307 44.27 -81.96 -10.12
C THR K 307 45.63 -81.95 -9.38
N GLN K 308 45.71 -82.71 -8.29
CA GLN K 308 46.95 -82.82 -7.47
C GLN K 308 48.16 -83.34 -8.26
N SER K 309 47.95 -84.35 -9.10
CA SER K 309 49.02 -84.86 -9.93
C SER K 309 49.46 -83.86 -11.02
N ILE K 310 48.50 -83.08 -11.56
CA ILE K 310 48.78 -82.05 -12.56
C ILE K 310 49.62 -80.92 -11.93
N ILE K 311 49.21 -80.47 -10.74
CA ILE K 311 49.94 -79.42 -10.00
C ILE K 311 51.40 -79.82 -9.74
N ARG K 312 51.59 -81.05 -9.25
CA ARG K 312 52.94 -81.57 -8.92
C ARG K 312 53.78 -81.72 -10.19
N ARG K 313 53.19 -82.27 -11.26
CA ARG K 313 53.93 -82.44 -12.54
C ARG K 313 54.34 -81.10 -13.17
N TYR K 314 53.45 -80.09 -13.08
CA TYR K 314 53.75 -78.70 -13.59
C TYR K 314 55.02 -78.16 -12.96
N TRP K 315 55.12 -78.26 -11.63
CA TRP K 315 56.30 -77.75 -10.91
C TRP K 315 57.58 -78.59 -11.16
N GLU K 316 57.42 -79.91 -11.35
CA GLU K 316 58.53 -80.76 -11.85
C GLU K 316 59.09 -80.27 -13.19
N LEU K 317 58.20 -79.93 -14.13
CA LEU K 317 58.59 -79.38 -15.44
C LEU K 317 59.35 -78.04 -15.40
N ASN K 318 59.19 -77.31 -14.30
CA ASN K 318 59.89 -76.03 -14.06
C ASN K 318 61.34 -76.17 -13.63
N VAL K 319 61.73 -77.37 -13.18
CA VAL K 319 63.12 -77.65 -12.73
C VAL K 319 63.86 -78.77 -13.51
N GLU K 320 63.16 -79.83 -13.94
CA GLU K 320 63.80 -80.96 -14.68
C GLU K 320 64.30 -80.50 -16.07
N PRO K 321 65.61 -80.71 -16.36
CA PRO K 321 66.22 -80.22 -17.59
C PRO K 321 65.47 -80.69 -18.83
N SER K 322 64.97 -79.74 -19.61
CA SER K 322 64.29 -80.04 -20.88
C SER K 322 64.38 -78.88 -21.86
N SER K 323 63.86 -79.07 -23.07
CA SER K 323 63.70 -77.97 -24.04
C SER K 323 62.64 -76.87 -23.68
N LEU K 324 61.84 -77.11 -22.64
CA LEU K 324 60.96 -76.06 -22.06
C LEU K 324 61.72 -74.93 -21.33
N LEU K 325 63.00 -75.18 -20.98
CA LEU K 325 63.77 -74.25 -20.15
C LEU K 325 64.93 -73.59 -20.86
N THR K 326 65.10 -72.30 -20.61
CA THR K 326 66.16 -71.46 -21.20
C THR K 326 66.92 -70.81 -20.04
N PRO K 327 68.23 -71.15 -19.86
CA PRO K 327 69.00 -70.53 -18.77
C PRO K 327 69.29 -69.03 -18.93
N VAL K 328 69.10 -68.29 -17.85
CA VAL K 328 69.48 -66.86 -17.76
C VAL K 328 70.97 -66.77 -17.43
N GLN K 329 71.72 -65.96 -18.20
CA GLN K 329 73.18 -65.79 -18.01
C GLN K 329 73.49 -64.65 -16.99
N TYR K 330 73.48 -65.01 -15.69
CA TYR K 330 73.72 -64.08 -14.57
C TYR K 330 75.19 -63.61 -14.43
N THR L 13 -55.87 69.82 -5.93
CA THR L 13 -57.01 70.17 -5.02
C THR L 13 -57.60 69.00 -4.17
N HIS L 14 -58.16 69.30 -2.98
CA HIS L 14 -58.88 68.32 -2.10
C HIS L 14 -60.02 69.03 -1.35
N ASP L 15 -61.03 68.26 -0.94
CA ASP L 15 -61.97 68.67 0.12
C ASP L 15 -61.36 68.23 1.46
N THR L 16 -61.10 69.20 2.34
CA THR L 16 -60.29 68.96 3.56
C THR L 16 -61.05 68.44 4.79
N GLY L 17 -62.34 68.74 4.88
CA GLY L 17 -63.13 68.39 6.08
C GLY L 17 -62.87 69.33 7.26
N LEU L 18 -62.22 70.47 6.98
CA LEU L 18 -61.86 71.49 7.99
C LEU L 18 -62.27 72.88 7.48
N ASP L 19 -63.04 73.62 8.30
CA ASP L 19 -63.60 74.94 7.93
C ASP L 19 -62.52 76.02 7.64
N TYR L 20 -61.35 75.87 8.28
CA TYR L 20 -60.22 76.82 8.19
C TYR L 20 -59.21 76.58 7.03
N ILE L 21 -59.27 75.42 6.37
CA ILE L 21 -58.39 75.10 5.19
C ILE L 21 -59.22 74.75 3.94
N THR L 22 -59.23 75.62 2.91
CA THR L 22 -60.20 75.40 1.73
C THR L 22 -59.75 74.88 0.32
N TYR L 23 -58.73 75.47 -0.29
CA TYR L 23 -58.26 75.18 -1.67
C TYR L 23 -59.04 76.01 -2.66
N SER L 24 -58.36 76.37 -3.74
CA SER L 24 -58.97 77.16 -4.81
C SER L 24 -59.81 76.27 -5.72
N ASP L 25 -60.85 76.86 -6.31
CA ASP L 25 -61.71 76.20 -7.30
C ASP L 25 -61.28 76.64 -8.71
N TYR L 26 -60.47 75.79 -9.37
CA TYR L 26 -59.84 76.08 -10.66
C TYR L 26 -59.52 74.83 -11.46
N GLU L 27 -59.27 74.96 -12.77
CA GLU L 27 -58.84 73.82 -13.63
C GLU L 27 -57.54 74.17 -14.39
N LEU L 28 -56.65 73.20 -14.50
CA LEU L 28 -55.37 73.40 -15.20
C LEU L 28 -55.56 73.32 -16.71
N ASP L 29 -54.86 74.21 -17.43
CA ASP L 29 -54.87 74.22 -18.90
C ASP L 29 -54.03 73.05 -19.47
N PRO L 30 -54.68 72.03 -20.10
CA PRO L 30 -53.90 70.90 -20.64
C PRO L 30 -53.01 71.22 -21.87
N ALA L 31 -53.24 72.35 -22.53
CA ALA L 31 -52.36 72.85 -23.62
C ALA L 31 -51.00 73.37 -23.14
N ASN L 32 -50.91 73.72 -21.85
CA ASN L 32 -49.66 74.18 -21.20
C ASN L 32 -48.79 72.98 -20.74
N PRO L 33 -47.58 72.81 -21.34
CA PRO L 33 -46.71 71.67 -20.96
C PRO L 33 -46.09 71.75 -19.55
N LEU L 34 -46.10 72.94 -18.92
CA LEU L 34 -45.64 73.16 -17.54
C LEU L 34 -46.76 73.13 -16.47
N ALA L 35 -48.02 72.96 -16.89
CA ALA L 35 -49.16 73.01 -15.95
C ALA L 35 -49.09 71.90 -14.89
N GLY L 36 -49.29 72.29 -13.63
CA GLY L 36 -49.30 71.34 -12.49
C GLY L 36 -47.94 70.95 -11.89
N GLY L 37 -46.85 71.51 -12.43
CA GLY L 37 -45.50 71.16 -11.97
C GLY L 37 -44.40 71.52 -12.96
N ALA L 38 -43.33 72.12 -12.47
CA ALA L 38 -42.21 72.55 -13.32
C ALA L 38 -40.93 72.87 -12.52
N ALA L 39 -39.83 73.06 -13.25
CA ALA L 39 -38.54 73.39 -12.64
C ALA L 39 -37.80 74.47 -13.42
N TRP L 40 -36.86 75.13 -12.74
CA TRP L 40 -35.90 76.08 -13.37
C TRP L 40 -34.48 75.57 -13.18
N ILE L 41 -33.81 75.23 -14.29
CA ILE L 41 -32.48 74.61 -14.27
C ILE L 41 -31.59 75.27 -15.31
N GLU L 42 -30.49 75.85 -14.85
CA GLU L 42 -29.47 76.51 -15.71
C GLU L 42 -30.10 77.49 -16.71
N GLY L 43 -30.98 78.36 -16.22
CA GLY L 43 -31.64 79.38 -17.06
C GLY L 43 -32.89 78.99 -17.85
N ALA L 44 -33.29 77.71 -17.80
CA ALA L 44 -34.43 77.19 -18.58
C ALA L 44 -35.60 76.73 -17.69
N PHE L 45 -36.81 77.10 -18.09
CA PHE L 45 -38.04 76.57 -17.47
C PHE L 45 -38.38 75.25 -18.17
N VAL L 46 -38.43 74.16 -17.41
CA VAL L 46 -38.66 72.80 -17.97
C VAL L 46 -39.74 71.99 -17.22
N PRO L 47 -40.35 70.98 -17.87
CA PRO L 47 -41.30 70.11 -17.14
C PRO L 47 -40.60 69.09 -16.21
N PRO L 48 -41.34 68.47 -15.26
CA PRO L 48 -40.74 67.56 -14.28
C PRO L 48 -39.88 66.42 -14.88
N SER L 49 -40.34 65.81 -15.97
CA SER L 49 -39.59 64.73 -16.64
C SER L 49 -38.24 65.15 -17.22
N GLU L 50 -38.06 66.43 -17.52
CA GLU L 50 -36.77 66.98 -17.99
C GLU L 50 -35.94 67.68 -16.88
N ALA L 51 -36.44 67.62 -15.64
CA ALA L 51 -35.79 68.29 -14.49
C ALA L 51 -34.66 67.41 -13.92
N ARG L 52 -33.47 67.58 -14.48
CA ARG L 52 -32.32 66.74 -14.14
C ARG L 52 -31.08 67.63 -13.88
N ILE L 53 -30.20 67.20 -12.96
CA ILE L 53 -28.91 67.89 -12.73
C ILE L 53 -27.71 66.96 -12.96
N SER L 54 -26.58 67.58 -13.28
CA SER L 54 -25.32 66.88 -13.49
C SER L 54 -24.92 66.07 -12.24
N ILE L 55 -24.54 64.82 -12.45
CA ILE L 55 -23.92 63.99 -11.39
C ILE L 55 -22.55 64.52 -10.92
N PHE L 56 -21.94 65.37 -11.74
CA PHE L 56 -20.68 66.07 -11.38
C PHE L 56 -20.88 67.38 -10.57
N ASP L 57 -22.12 67.76 -10.26
CA ASP L 57 -22.40 68.85 -9.31
C ASP L 57 -22.09 68.37 -7.87
N GLN L 58 -21.22 69.11 -7.20
CA GLN L 58 -20.84 68.86 -5.80
C GLN L 58 -22.04 68.85 -4.83
N GLY L 59 -23.11 69.57 -5.19
CA GLY L 59 -24.39 69.51 -4.48
C GLY L 59 -24.95 68.10 -4.33
N PHE L 60 -24.58 67.23 -5.27
CA PHE L 60 -24.89 65.79 -5.18
C PHE L 60 -23.82 65.02 -4.40
N TYR L 61 -22.61 64.91 -4.96
CA TYR L 61 -21.60 63.94 -4.46
C TYR L 61 -20.85 64.35 -3.18
N THR L 62 -20.94 65.62 -2.75
CA THR L 62 -20.51 66.03 -1.39
C THR L 62 -21.60 66.76 -0.62
N SER L 63 -22.83 66.67 -1.13
CA SER L 63 -24.02 67.38 -0.58
C SER L 63 -23.74 68.83 -0.22
N ASP L 64 -22.88 69.47 -1.01
CA ASP L 64 -22.32 70.80 -0.74
C ASP L 64 -23.32 71.84 -1.21
N ALA L 65 -24.35 72.03 -0.38
CA ALA L 65 -25.54 72.78 -0.76
C ALA L 65 -26.38 73.16 0.44
N THR L 66 -27.19 74.19 0.24
CA THR L 66 -28.26 74.56 1.16
C THR L 66 -29.52 74.87 0.38
N TYR L 67 -30.64 75.01 1.08
CA TYR L 67 -31.92 75.28 0.44
C TYR L 67 -32.96 75.91 1.36
N THR L 68 -34.08 76.32 0.76
CA THR L 68 -35.32 76.60 1.50
C THR L 68 -36.56 76.21 0.68
N THR L 69 -37.66 75.97 1.37
CA THR L 69 -38.94 75.62 0.75
C THR L 69 -40.01 76.56 1.30
N PHE L 70 -40.55 77.39 0.41
CA PHE L 70 -41.70 78.23 0.74
C PHE L 70 -42.99 77.68 0.11
N HIS L 71 -44.14 78.20 0.54
CA HIS L 71 -45.43 77.78 -0.03
C HIS L 71 -46.27 78.94 -0.56
N VAL L 72 -47.20 78.59 -1.46
CA VAL L 72 -48.20 79.49 -2.03
C VAL L 72 -49.56 78.94 -1.64
N TRP L 73 -50.45 79.81 -1.13
CA TRP L 73 -51.83 79.45 -0.79
C TRP L 73 -52.81 80.47 -1.36
N ASN L 74 -53.87 79.99 -2.03
CA ASN L 74 -54.87 80.82 -2.70
C ASN L 74 -54.20 81.95 -3.49
N GLY L 75 -53.18 81.59 -4.26
CA GLY L 75 -52.49 82.55 -5.16
C GLY L 75 -51.52 83.54 -4.53
N ASN L 76 -51.26 83.41 -3.22
CA ASN L 76 -50.31 84.27 -2.51
C ASN L 76 -49.13 83.46 -1.89
N ALA L 77 -47.90 83.89 -2.14
CA ALA L 77 -46.71 83.35 -1.46
C ALA L 77 -46.62 83.83 -0.02
N PHE L 78 -46.35 82.91 0.91
CA PHE L 78 -46.33 83.17 2.37
C PHE L 78 -44.90 83.42 2.87
N ARG L 79 -44.68 84.63 3.38
CA ARG L 79 -43.40 85.05 3.99
C ARG L 79 -42.18 84.81 3.09
N LEU L 80 -42.32 85.17 1.82
CA LEU L 80 -41.23 85.04 0.83
C LEU L 80 -39.94 85.75 1.24
N GLY L 81 -40.06 86.97 1.76
CA GLY L 81 -38.89 87.74 2.17
C GLY L 81 -38.07 87.04 3.23
N ASP L 82 -38.76 86.56 4.27
CA ASP L 82 -38.11 85.82 5.35
C ASP L 82 -37.36 84.58 4.84
N HIS L 83 -38.03 83.86 3.94
CA HIS L 83 -37.49 82.63 3.34
C HIS L 83 -36.19 82.83 2.55
N ILE L 84 -36.19 83.81 1.66
CA ILE L 84 -35.00 84.11 0.85
C ILE L 84 -33.86 84.73 1.70
N GLU L 85 -34.23 85.49 2.73
CA GLU L 85 -33.25 86.02 3.69
C GLU L 85 -32.53 84.90 4.47
N ARG L 86 -33.31 83.91 4.92
CA ARG L 86 -32.73 82.70 5.54
C ARG L 86 -31.84 81.89 4.59
N LEU L 87 -32.30 81.72 3.36
CA LEU L 87 -31.50 81.01 2.36
C LEU L 87 -30.14 81.64 2.15
N PHE L 88 -30.12 82.97 1.98
CA PHE L 88 -28.86 83.70 1.74
C PHE L 88 -27.94 83.73 2.95
N SER L 89 -28.54 83.77 4.13
CA SER L 89 -27.82 83.62 5.38
C SER L 89 -27.18 82.22 5.55
N ASN L 90 -27.96 81.18 5.24
CA ASN L 90 -27.45 79.80 5.23
C ASN L 90 -26.30 79.60 4.23
N ALA L 91 -26.42 80.19 3.04
CA ALA L 91 -25.36 80.15 2.02
C ALA L 91 -24.06 80.80 2.54
N GLU L 92 -24.22 81.95 3.19
CA GLU L 92 -23.09 82.64 3.80
C GLU L 92 -22.40 81.78 4.87
N SER L 93 -23.19 81.09 5.71
CA SER L 93 -22.64 80.21 6.75
C SER L 93 -21.72 79.11 6.21
N ILE L 94 -22.02 78.61 5.01
CA ILE L 94 -21.13 77.62 4.32
C ILE L 94 -20.21 78.21 3.22
N ARG L 95 -19.97 79.53 3.30
CA ARG L 95 -19.05 80.27 2.39
C ARG L 95 -19.39 80.13 0.88
N LEU L 96 -20.68 80.09 0.59
CA LEU L 96 -21.19 79.92 -0.76
C LEU L 96 -21.73 81.29 -1.21
N ILE L 97 -21.17 81.82 -2.31
CA ILE L 97 -21.62 83.13 -2.86
C ILE L 97 -22.66 82.87 -3.96
N PRO L 98 -23.94 83.23 -3.70
CA PRO L 98 -24.94 82.92 -4.73
C PRO L 98 -24.69 83.71 -6.02
N PRO L 99 -24.91 83.08 -7.21
CA PRO L 99 -24.76 83.78 -8.49
C PRO L 99 -25.95 84.67 -8.90
N LEU L 100 -26.99 84.74 -8.05
CA LEU L 100 -28.12 85.64 -8.24
C LEU L 100 -28.34 86.49 -6.98
N THR L 101 -28.94 87.67 -7.13
CA THR L 101 -29.34 88.49 -5.98
C THR L 101 -30.64 87.96 -5.39
N GLN L 102 -30.97 88.42 -4.19
CA GLN L 102 -32.26 88.07 -3.56
C GLN L 102 -33.47 88.47 -4.42
N ASP L 103 -33.43 89.68 -4.98
CA ASP L 103 -34.49 90.18 -5.89
C ASP L 103 -34.65 89.29 -7.14
N GLU L 104 -33.52 88.92 -7.75
CA GLU L 104 -33.52 88.04 -8.94
C GLU L 104 -34.15 86.68 -8.63
N VAL L 105 -33.78 86.11 -7.47
CA VAL L 105 -34.34 84.82 -7.00
C VAL L 105 -35.86 84.89 -6.82
N LYS L 106 -36.32 85.95 -6.16
CA LYS L 106 -37.75 86.15 -5.96
C LYS L 106 -38.56 86.22 -7.25
N GLU L 107 -38.03 86.99 -8.20
CA GLU L 107 -38.69 87.22 -9.50
C GLU L 107 -38.79 85.92 -10.30
N ILE L 108 -37.68 85.16 -10.35
CA ILE L 108 -37.63 83.88 -11.07
C ILE L 108 -38.58 82.83 -10.43
N ALA L 109 -38.55 82.75 -9.11
CA ALA L 109 -39.39 81.82 -8.36
C ALA L 109 -40.87 82.07 -8.57
N LEU L 110 -41.26 83.35 -8.52
CA LEU L 110 -42.67 83.71 -8.72
C LEU L 110 -43.13 83.41 -10.13
N GLU L 111 -42.25 83.68 -11.11
CA GLU L 111 -42.51 83.38 -12.53
C GLU L 111 -42.73 81.88 -12.71
N LEU L 112 -41.87 81.08 -12.09
CA LEU L 112 -41.99 79.62 -12.13
C LEU L 112 -43.38 79.12 -11.65
N VAL L 113 -43.84 79.63 -10.51
CA VAL L 113 -45.18 79.27 -9.96
C VAL L 113 -46.27 79.66 -10.96
N ALA L 114 -46.17 80.89 -11.47
CA ALA L 114 -47.13 81.40 -12.46
C ALA L 114 -47.30 80.45 -13.66
N LYS L 115 -46.17 79.97 -14.20
CA LYS L 115 -46.18 79.01 -15.33
C LYS L 115 -46.84 77.66 -15.04
N THR L 116 -46.79 77.21 -13.78
CA THR L 116 -47.47 75.98 -13.35
C THR L 116 -48.99 76.14 -13.23
N GLU L 117 -49.45 77.38 -13.09
CA GLU L 117 -50.89 77.72 -12.86
C GLU L 117 -51.37 77.30 -11.45
N LEU L 118 -50.47 76.79 -10.59
CA LEU L 118 -50.86 76.29 -9.27
C LEU L 118 -51.19 77.43 -8.28
N ARG L 119 -52.40 77.41 -7.72
CA ARG L 119 -52.85 78.37 -6.68
C ARG L 119 -52.41 77.90 -5.26
N GLU L 120 -52.27 76.58 -5.09
CA GLU L 120 -51.72 75.96 -3.87
C GLU L 120 -50.47 75.14 -4.22
N ALA L 121 -49.31 75.56 -3.70
CA ALA L 121 -48.01 75.03 -4.15
C ALA L 121 -46.85 75.05 -3.14
N MET L 122 -45.84 74.24 -3.43
CA MET L 122 -44.57 74.18 -2.70
C MET L 122 -43.49 74.56 -3.65
N VAL L 123 -42.63 75.47 -3.24
CA VAL L 123 -41.57 75.97 -4.10
C VAL L 123 -40.23 75.84 -3.39
N THR L 124 -39.33 75.05 -3.97
CA THR L 124 -38.00 74.79 -3.41
C THR L 124 -36.94 75.57 -4.19
N VAL L 125 -36.10 76.31 -3.47
CA VAL L 125 -34.94 77.00 -4.04
C VAL L 125 -33.67 76.45 -3.40
N THR L 126 -32.81 75.88 -4.26
CA THR L 126 -31.54 75.23 -3.87
C THR L 126 -30.30 75.95 -4.46
N ILE L 127 -29.26 76.11 -3.64
CA ILE L 127 -27.98 76.68 -4.07
C ILE L 127 -26.86 75.68 -3.78
N THR L 128 -26.09 75.33 -4.81
CA THR L 128 -25.00 74.35 -4.72
C THR L 128 -23.66 74.99 -5.08
N ARG L 129 -22.57 74.33 -4.69
CA ARG L 129 -21.20 74.72 -5.05
C ARG L 129 -20.90 74.56 -6.56
N GLY L 130 -21.66 73.69 -7.24
CA GLY L 130 -21.62 73.54 -8.71
C GLY L 130 -20.79 72.40 -9.26
N TYR L 131 -20.72 72.34 -10.59
CA TYR L 131 -20.04 71.24 -11.33
C TYR L 131 -18.75 71.65 -12.04
N SER L 132 -18.28 72.88 -11.83
CA SER L 132 -17.10 73.38 -12.54
C SER L 132 -15.82 73.23 -11.72
N SER L 133 -15.90 72.54 -10.59
CA SER L 133 -14.77 72.41 -9.66
C SER L 133 -14.97 71.17 -8.77
N THR L 134 -13.97 70.86 -7.94
CA THR L 134 -14.04 69.72 -6.99
C THR L 134 -13.74 70.20 -5.56
N PRO L 135 -14.06 69.40 -4.52
CA PRO L 135 -13.75 69.80 -3.12
C PRO L 135 -12.27 70.10 -2.80
N PHE L 136 -11.35 69.55 -3.60
CA PHE L 136 -9.91 69.75 -3.41
C PHE L 136 -9.31 70.93 -4.20
N GLU L 137 -10.16 71.72 -4.87
CA GLU L 137 -9.73 72.90 -5.61
C GLU L 137 -8.90 73.83 -4.74
N ARG L 138 -7.69 74.16 -5.19
CA ARG L 138 -6.79 75.10 -4.49
C ARG L 138 -7.22 76.56 -4.64
N ASP L 139 -7.76 76.91 -5.79
CA ASP L 139 -8.14 78.28 -6.07
C ASP L 139 -9.64 78.49 -5.88
N ILE L 140 -10.03 79.10 -4.78
CA ILE L 140 -11.45 79.35 -4.48
C ILE L 140 -12.21 80.16 -5.60
N THR L 141 -11.49 80.95 -6.40
CA THR L 141 -12.08 81.74 -7.51
C THR L 141 -12.61 80.87 -8.65
N LYS L 142 -12.10 79.63 -8.75
CA LYS L 142 -12.56 78.65 -9.77
C LYS L 142 -13.96 77.99 -9.52
N HIS L 143 -14.50 78.11 -8.31
CA HIS L 143 -15.86 77.58 -7.99
C HIS L 143 -16.93 78.32 -8.77
N ARG L 144 -17.88 77.60 -9.37
CA ARG L 144 -19.00 78.24 -10.13
C ARG L 144 -20.39 77.75 -9.63
N PRO L 145 -20.92 78.40 -8.58
CA PRO L 145 -22.17 77.96 -7.93
C PRO L 145 -23.38 77.99 -8.84
N GLN L 146 -24.32 77.08 -8.56
CA GLN L 146 -25.56 76.93 -9.32
C GLN L 146 -26.81 77.14 -8.46
N VAL L 147 -27.87 77.64 -9.10
CA VAL L 147 -29.20 77.72 -8.49
C VAL L 147 -30.17 76.81 -9.25
N TYR L 148 -30.95 76.02 -8.51
CA TYR L 148 -31.98 75.14 -9.05
C TYR L 148 -33.31 75.41 -8.31
N MET L 149 -34.42 75.41 -9.04
CA MET L 149 -35.75 75.59 -8.43
C MET L 149 -36.76 74.54 -8.92
N SER L 150 -37.74 74.21 -8.08
CA SER L 150 -38.90 73.41 -8.48
C SER L 150 -40.19 73.88 -7.80
N ALA L 151 -41.31 73.75 -8.53
CA ALA L 151 -42.64 74.10 -8.03
C ALA L 151 -43.59 72.95 -8.26
N CYS L 152 -44.26 72.52 -7.18
CA CYS L 152 -45.09 71.32 -7.17
C CYS L 152 -46.38 71.55 -6.38
N PRO L 153 -47.33 70.61 -6.47
CA PRO L 153 -48.51 70.77 -5.59
C PRO L 153 -48.16 70.75 -4.10
N TYR L 154 -48.93 71.48 -3.29
CA TYR L 154 -48.75 71.52 -1.83
C TYR L 154 -48.78 70.10 -1.26
N GLN L 155 -47.80 69.78 -0.42
CA GLN L 155 -47.65 68.48 0.25
C GLN L 155 -47.91 68.51 1.76
N TRP L 156 -48.56 67.46 2.27
CA TRP L 156 -48.97 67.38 3.67
C TRP L 156 -48.18 66.29 4.38
N ILE L 157 -47.38 66.70 5.36
CA ILE L 157 -46.63 65.75 6.19
C ILE L 157 -47.57 64.87 7.01
N VAL L 158 -48.66 65.45 7.53
CA VAL L 158 -49.75 64.68 8.18
C VAL L 158 -51.11 64.94 7.51
N PRO L 159 -51.97 63.90 7.43
CA PRO L 159 -53.30 64.11 6.82
C PRO L 159 -54.26 65.00 7.62
N PHE L 160 -55.35 65.42 6.97
CA PHE L 160 -56.29 66.42 7.51
C PHE L 160 -56.98 65.96 8.79
N ASP L 161 -57.36 64.67 8.85
CA ASP L 161 -58.01 64.10 10.05
C ASP L 161 -57.10 64.08 11.29
N ARG L 162 -55.78 64.00 11.03
CA ARG L 162 -54.73 64.00 12.06
C ARG L 162 -54.40 65.46 12.54
N ILE L 163 -54.58 66.46 11.68
CA ILE L 163 -54.57 67.90 12.10
C ILE L 163 -55.69 68.20 13.12
N ARG L 164 -56.86 67.60 12.90
CA ARG L 164 -58.03 67.73 13.81
C ARG L 164 -57.85 66.91 15.10
N ASP L 165 -57.52 65.62 14.95
CA ASP L 165 -57.50 64.65 16.08
C ASP L 165 -56.17 64.49 16.82
N GLY L 166 -55.05 64.76 16.14
CA GLY L 166 -53.71 64.73 16.74
C GLY L 166 -52.87 63.58 16.23
N VAL L 167 -51.56 63.64 16.52
CA VAL L 167 -50.56 62.64 16.08
C VAL L 167 -49.83 61.97 17.25
N HIS L 168 -49.40 60.73 17.05
CA HIS L 168 -48.68 59.94 18.08
C HIS L 168 -47.15 60.01 17.91
N LEU L 169 -46.49 60.71 18.84
CA LEU L 169 -45.05 60.99 18.77
C LEU L 169 -44.20 59.91 19.45
N MET L 170 -42.98 59.74 18.94
CA MET L 170 -41.97 58.82 19.51
C MET L 170 -40.63 59.54 19.71
N VAL L 171 -40.02 59.38 20.88
CA VAL L 171 -38.64 59.87 21.13
C VAL L 171 -37.67 58.79 20.69
N ALA L 172 -36.78 59.14 19.74
CA ALA L 172 -35.82 58.17 19.16
C ALA L 172 -34.75 57.80 20.19
N GLN L 173 -34.43 56.51 20.27
CA GLN L 173 -33.36 56.00 21.13
C GLN L 173 -32.12 55.44 20.39
N SER L 174 -32.24 55.08 19.11
CA SER L 174 -31.14 54.47 18.36
C SER L 174 -30.28 55.49 17.60
N VAL L 175 -30.65 56.77 17.66
CA VAL L 175 -29.99 57.82 16.89
C VAL L 175 -30.20 59.17 17.59
N ARG L 176 -29.25 60.09 17.38
CA ARG L 176 -29.35 61.49 17.88
C ARG L 176 -29.05 62.48 16.76
N ARG L 177 -29.56 63.70 16.93
CA ARG L 177 -29.40 64.75 15.91
C ARG L 177 -27.94 65.11 15.78
N THR L 178 -27.49 65.25 14.53
CA THR L 178 -26.12 65.63 14.25
C THR L 178 -25.72 66.92 15.02
N PRO L 179 -24.56 66.91 15.72
CA PRO L 179 -24.13 68.10 16.46
C PRO L 179 -23.78 69.32 15.59
N ARG L 180 -23.91 70.52 16.16
CA ARG L 180 -23.52 71.78 15.47
C ARG L 180 -22.02 71.80 15.13
N SER L 181 -21.22 71.05 15.90
CA SER L 181 -19.79 70.88 15.64
C SER L 181 -19.39 69.92 14.50
N SER L 182 -20.38 69.34 13.81
CA SER L 182 -20.13 68.50 12.64
C SER L 182 -20.90 69.01 11.39
N ILE L 183 -22.23 68.91 11.43
CA ILE L 183 -23.14 69.41 10.35
C ILE L 183 -24.30 70.16 11.00
N ASP L 184 -24.27 71.48 10.85
CA ASP L 184 -25.15 72.39 11.62
C ASP L 184 -26.65 72.31 11.23
N PRO L 185 -27.52 71.86 12.14
CA PRO L 185 -28.96 71.85 11.84
C PRO L 185 -29.61 73.21 11.60
N GLN L 186 -28.95 74.27 12.04
CA GLN L 186 -29.42 75.64 11.78
C GLN L 186 -29.20 76.10 10.34
N VAL L 187 -28.46 75.31 9.58
CA VAL L 187 -28.31 75.47 8.13
C VAL L 187 -29.15 74.39 7.46
N LYS L 188 -30.24 74.79 6.79
CA LYS L 188 -31.11 73.84 6.12
C LYS L 188 -30.27 73.05 5.14
N ASN L 189 -30.39 71.73 5.19
CA ASN L 189 -29.50 70.87 4.38
C ASN L 189 -30.12 69.53 4.00
N PHE L 190 -29.55 68.89 2.98
CA PHE L 190 -30.02 67.59 2.47
C PHE L 190 -29.37 66.38 3.16
N GLN L 191 -28.60 66.62 4.21
CA GLN L 191 -27.81 65.57 4.86
C GLN L 191 -28.62 64.91 6.00
N TRP L 192 -29.51 64.01 5.60
CA TRP L 192 -30.60 63.45 6.43
C TRP L 192 -30.33 62.04 7.01
N GLY L 193 -29.08 61.63 7.09
CA GLY L 193 -28.69 60.29 7.51
C GLY L 193 -29.27 59.91 8.89
N ASP L 194 -29.19 60.86 9.81
CA ASP L 194 -29.77 60.69 11.15
C ASP L 194 -31.30 60.73 11.16
N LEU L 195 -31.86 61.66 10.39
CA LEU L 195 -33.31 61.83 10.28
C LEU L 195 -33.99 60.59 9.64
N ILE L 196 -33.34 59.99 8.65
CA ILE L 196 -33.85 58.75 8.02
C ILE L 196 -33.81 57.56 8.99
N ARG L 197 -32.71 57.43 9.74
CA ARG L 197 -32.62 56.41 10.82
C ARG L 197 -33.75 56.53 11.84
N ALA L 198 -34.09 57.77 12.20
CA ALA L 198 -35.21 58.04 13.10
C ALA L 198 -36.58 57.59 12.54
N ILE L 199 -36.80 57.84 11.24
CA ILE L 199 -38.03 57.42 10.56
C ILE L 199 -38.14 55.88 10.56
N GLN L 200 -37.01 55.22 10.31
CA GLN L 200 -36.94 53.76 10.27
C GLN L 200 -37.26 53.16 11.65
N GLU L 201 -36.76 53.81 12.70
CA GLU L 201 -37.04 53.39 14.08
C GLU L 201 -38.52 53.49 14.39
N THR L 202 -39.17 54.48 13.79
CA THR L 202 -40.57 54.74 14.00
C THR L 202 -41.42 53.58 13.41
N HIS L 203 -41.02 53.08 12.24
CA HIS L 203 -41.61 51.87 11.63
C HIS L 203 -41.43 50.63 12.51
N ASP L 204 -40.22 50.44 13.03
CA ASP L 204 -39.91 49.30 13.91
C ASP L 204 -40.78 49.26 15.15
N ARG L 205 -40.97 50.41 15.78
CA ARG L 205 -41.65 50.51 17.08
C ARG L 205 -43.15 50.80 16.98
N GLY L 206 -43.63 51.09 15.78
CA GLY L 206 -45.07 51.24 15.51
C GLY L 206 -45.70 52.57 15.84
N PHE L 207 -44.98 53.66 15.62
CA PHE L 207 -45.46 55.03 15.93
C PHE L 207 -45.60 55.83 14.64
N GLU L 208 -46.04 57.08 14.71
CA GLU L 208 -46.33 57.86 13.49
C GLU L 208 -45.23 58.82 13.03
N LEU L 209 -44.67 59.59 13.96
CA LEU L 209 -43.50 60.47 13.68
C LEU L 209 -42.46 60.44 14.83
N PRO L 210 -41.16 60.65 14.51
CA PRO L 210 -40.13 60.74 15.53
C PRO L 210 -39.65 62.15 15.91
N LEU L 211 -39.25 62.30 17.16
CA LEU L 211 -38.50 63.47 17.66
C LEU L 211 -37.11 63.02 18.14
N LEU L 212 -36.06 63.68 17.65
CA LEU L 212 -34.68 63.37 18.05
C LEU L 212 -34.24 64.24 19.22
N LEU L 213 -33.30 63.70 20.01
CA LEU L 213 -32.56 64.45 21.04
C LEU L 213 -31.17 64.85 20.56
N ASP L 214 -30.56 65.83 21.25
CA ASP L 214 -29.17 66.25 20.96
C ASP L 214 -28.14 65.55 21.84
N CYS L 215 -26.86 65.89 21.67
CA CYS L 215 -25.74 65.33 22.46
C CYS L 215 -25.91 65.41 24.00
N ASP L 216 -26.55 66.47 24.48
CA ASP L 216 -26.86 66.64 25.91
C ASP L 216 -28.21 66.02 26.38
N ASN L 217 -28.84 65.22 25.51
CA ASN L 217 -30.16 64.62 25.76
C ASN L 217 -31.31 65.63 25.95
N LEU L 218 -31.16 66.80 25.31
CA LEU L 218 -32.20 67.82 25.26
C LEU L 218 -32.97 67.74 23.92
N LEU L 219 -34.20 68.22 23.93
CA LEU L 219 -35.06 68.17 22.74
C LEU L 219 -34.39 68.86 21.56
N ALA L 220 -34.42 68.21 20.39
CA ALA L 220 -33.86 68.78 19.16
C ALA L 220 -35.01 69.12 18.17
N GLU L 221 -35.22 68.28 17.17
CA GLU L 221 -36.24 68.49 16.15
C GLU L 221 -36.58 67.15 15.49
N GLY L 222 -37.52 67.16 14.56
CA GLY L 222 -37.93 65.97 13.80
C GLY L 222 -37.62 66.09 12.31
N PRO L 223 -37.89 65.03 11.53
CA PRO L 223 -37.58 65.07 10.08
C PRO L 223 -38.53 65.97 9.34
N GLY L 224 -38.06 67.18 9.04
CA GLY L 224 -38.87 68.17 8.32
C GLY L 224 -39.81 69.00 9.18
N PHE L 225 -39.61 68.99 10.51
CA PHE L 225 -40.46 69.80 11.42
C PHE L 225 -39.82 70.18 12.76
N ASN L 226 -40.25 71.32 13.30
CA ASN L 226 -39.90 71.77 14.63
C ASN L 226 -40.99 71.32 15.64
N VAL L 227 -40.60 71.21 16.91
CA VAL L 227 -41.52 70.85 18.02
C VAL L 227 -41.73 72.06 18.95
N VAL L 228 -42.94 72.16 19.51
CA VAL L 228 -43.31 73.22 20.46
C VAL L 228 -44.01 72.60 21.68
N VAL L 229 -43.64 73.12 22.86
CA VAL L 229 -44.01 72.57 24.14
C VAL L 229 -44.73 73.63 25.01
N ILE L 230 -45.98 73.35 25.45
CA ILE L 230 -46.82 74.30 26.24
C ILE L 230 -47.05 73.82 27.67
N LYS L 231 -46.71 74.68 28.64
CA LYS L 231 -46.77 74.35 30.07
C LYS L 231 -47.08 75.58 30.91
N ASP L 232 -48.18 75.50 31.68
CA ASP L 232 -48.67 76.59 32.53
C ASP L 232 -48.71 77.95 31.78
N GLY L 233 -49.29 77.92 30.57
CA GLY L 233 -49.41 79.11 29.73
C GLY L 233 -48.14 79.69 29.11
N VAL L 234 -47.01 79.00 29.27
CA VAL L 234 -45.73 79.39 28.68
C VAL L 234 -45.46 78.50 27.45
N VAL L 235 -45.12 79.13 26.33
CA VAL L 235 -44.90 78.46 25.05
C VAL L 235 -43.39 78.44 24.72
N ARG L 236 -42.82 77.23 24.64
CA ARG L 236 -41.36 77.03 24.45
C ARG L 236 -41.02 76.11 23.24
N SER L 237 -39.90 76.41 22.56
CA SER L 237 -39.41 75.58 21.43
C SER L 237 -37.87 75.47 21.49
N PRO L 238 -37.28 74.29 21.13
CA PRO L 238 -35.82 74.15 21.13
C PRO L 238 -35.02 75.20 20.33
N GLY L 239 -34.05 75.81 21.00
CA GLY L 239 -33.20 76.85 20.41
C GLY L 239 -31.93 76.40 19.70
N ARG L 240 -31.39 75.24 20.08
CA ARG L 240 -30.07 74.83 19.59
C ARG L 240 -30.12 73.89 18.38
N ALA L 241 -30.40 72.61 18.60
CA ALA L 241 -30.31 71.57 17.55
C ALA L 241 -31.58 71.49 16.70
N ALA L 242 -31.88 72.61 16.04
CA ALA L 242 -33.15 72.81 15.34
C ALA L 242 -33.04 73.89 14.31
N LEU L 243 -33.67 73.68 13.16
CA LEU L 243 -33.74 74.72 12.14
C LEU L 243 -34.55 75.91 12.66
N PRO L 244 -34.08 77.16 12.45
CA PRO L 244 -34.94 78.33 12.71
C PRO L 244 -36.09 78.43 11.69
N GLY L 245 -37.15 77.67 11.97
CA GLY L 245 -38.27 77.54 11.07
C GLY L 245 -39.10 78.81 10.93
N ILE L 246 -39.61 79.04 9.73
CA ILE L 246 -40.49 80.17 9.44
C ILE L 246 -41.87 79.89 10.04
N THR L 247 -42.31 78.63 10.01
CA THR L 247 -43.57 78.25 10.68
C THR L 247 -43.45 78.42 12.18
N ARG L 248 -42.32 77.98 12.75
CA ARG L 248 -42.02 78.18 14.18
C ARG L 248 -42.12 79.66 14.59
N LYS L 249 -41.47 80.50 13.80
CA LYS L 249 -41.48 81.96 14.01
C LYS L 249 -42.91 82.51 14.05
N THR L 250 -43.73 82.08 13.09
CA THR L 250 -45.15 82.44 13.03
C THR L 250 -45.90 81.96 14.27
N VAL L 251 -45.69 80.70 14.67
CA VAL L 251 -46.33 80.12 15.88
C VAL L 251 -46.04 80.94 17.14
N LEU L 252 -44.78 81.32 17.33
CA LEU L 252 -44.37 82.13 18.50
C LEU L 252 -44.94 83.57 18.48
N GLU L 253 -44.97 84.19 17.30
CA GLU L 253 -45.65 85.48 17.10
C GLU L 253 -47.14 85.41 17.45
N ILE L 254 -47.83 84.35 16.96
CA ILE L 254 -49.23 84.09 17.30
C ILE L 254 -49.44 83.94 18.83
N ALA L 255 -48.55 83.17 19.46
CA ALA L 255 -48.62 82.95 20.91
C ALA L 255 -48.55 84.27 21.69
N GLU L 256 -47.64 85.16 21.28
CA GLU L 256 -47.53 86.51 21.90
C GLU L 256 -48.78 87.34 21.69
N SER L 257 -49.39 87.27 20.50
CA SER L 257 -50.68 87.91 20.18
C SER L 257 -51.75 87.48 21.16
N LEU L 258 -51.76 86.20 21.52
CA LEU L 258 -52.73 85.65 22.47
C LEU L 258 -52.42 85.90 23.93
N GLY L 259 -51.35 86.65 24.21
CA GLY L 259 -50.97 87.02 25.59
C GLY L 259 -50.13 85.99 26.35
N HIS L 260 -49.50 85.07 25.62
CA HIS L 260 -48.60 84.09 26.22
C HIS L 260 -47.14 84.52 26.07
N GLU L 261 -46.32 84.23 27.10
CA GLU L 261 -44.86 84.31 26.97
C GLU L 261 -44.41 83.20 26.00
N ALA L 262 -43.60 83.59 25.01
CA ALA L 262 -43.19 82.69 23.91
C ALA L 262 -41.69 82.80 23.66
N ILE L 263 -40.96 81.73 23.93
CA ILE L 263 -39.49 81.77 23.98
C ILE L 263 -38.79 80.53 23.41
N LEU L 264 -37.57 80.75 22.92
CA LEU L 264 -36.67 79.65 22.58
C LEU L 264 -35.96 79.23 23.84
N ALA L 265 -35.78 77.92 24.00
CA ALA L 265 -35.23 77.35 25.26
C ALA L 265 -34.69 75.93 25.11
N ASP L 266 -33.93 75.51 26.13
CA ASP L 266 -33.52 74.13 26.31
C ASP L 266 -34.61 73.37 27.08
N ILE L 267 -35.06 72.25 26.51
CA ILE L 267 -36.20 71.50 27.06
C ILE L 267 -35.82 70.03 27.30
N THR L 268 -36.12 69.53 28.50
CA THR L 268 -35.80 68.14 28.89
C THR L 268 -36.90 67.15 28.48
N PRO L 269 -36.57 65.84 28.38
CA PRO L 269 -37.62 64.83 28.13
C PRO L 269 -38.70 64.78 29.23
N ALA L 270 -38.31 64.95 30.50
CA ALA L 270 -39.28 65.00 31.63
C ALA L 270 -40.34 66.08 31.42
N GLU L 271 -39.89 67.27 30.99
CA GLU L 271 -40.76 68.38 30.66
C GLU L 271 -41.70 68.09 29.49
N LEU L 272 -41.23 67.32 28.51
CA LEU L 272 -42.05 66.89 27.36
C LEU L 272 -43.21 66.01 27.80
N TYR L 273 -42.90 64.98 28.58
CA TYR L 273 -43.93 64.05 29.10
C TYR L 273 -44.94 64.76 30.01
N ASP L 274 -44.47 65.73 30.80
CA ASP L 274 -45.30 66.46 31.77
C ASP L 274 -46.01 67.69 31.19
N ALA L 275 -45.95 67.88 29.87
CA ALA L 275 -46.51 69.07 29.24
C ALA L 275 -48.05 69.10 29.23
N ASP L 276 -48.62 70.33 29.26
CA ASP L 276 -50.07 70.53 29.06
C ASP L 276 -50.46 70.23 27.62
N GLU L 277 -49.69 70.80 26.69
CA GLU L 277 -49.85 70.56 25.25
C GLU L 277 -48.54 70.45 24.49
N VAL L 278 -48.56 69.70 23.39
CA VAL L 278 -47.43 69.58 22.48
C VAL L 278 -47.91 69.68 21.03
N LEU L 279 -47.14 70.38 20.20
CA LEU L 279 -47.47 70.49 18.76
C LEU L 279 -46.23 70.40 17.86
N GLY L 280 -46.50 70.17 16.57
CA GLY L 280 -45.49 70.18 15.52
C GLY L 280 -45.79 71.23 14.44
N CYS L 281 -44.77 71.72 13.76
CA CYS L 281 -44.94 72.74 12.72
C CYS L 281 -43.90 72.67 11.61
N SER L 282 -44.34 73.02 10.40
CA SER L 282 -43.51 72.99 9.18
C SER L 282 -44.23 73.70 8.02
N THR L 283 -43.46 74.20 7.04
CA THR L 283 -44.03 74.68 5.76
C THR L 283 -44.86 73.58 5.09
N GLY L 284 -44.38 72.34 5.24
CA GLY L 284 -45.08 71.18 4.74
C GLY L 284 -46.21 70.63 5.59
N GLY L 285 -47.27 71.42 5.71
CA GLY L 285 -48.50 70.99 6.43
C GLY L 285 -49.06 71.96 7.45
N GLY L 286 -48.26 72.96 7.79
CA GLY L 286 -48.64 74.03 8.72
C GLY L 286 -48.41 73.63 10.17
N VAL L 287 -49.49 73.50 10.93
CA VAL L 287 -49.44 73.22 12.37
C VAL L 287 -50.39 72.07 12.70
N TRP L 288 -49.96 71.19 13.61
CA TRP L 288 -50.74 70.03 14.05
C TRP L 288 -50.43 69.63 15.50
N PRO L 289 -51.37 68.92 16.17
CA PRO L 289 -51.12 68.51 17.57
C PRO L 289 -50.40 67.16 17.70
N PHE L 290 -49.62 67.04 18.77
CA PHE L 290 -49.07 65.76 19.23
C PHE L 290 -49.76 65.40 20.54
N VAL L 291 -50.57 64.36 20.51
CA VAL L 291 -51.44 63.99 21.66
C VAL L 291 -50.91 62.91 22.58
N SER L 292 -49.87 62.21 22.14
CA SER L 292 -49.16 61.24 22.98
C SER L 292 -47.67 61.16 22.62
N VAL L 293 -46.86 60.74 23.59
CA VAL L 293 -45.41 60.53 23.40
C VAL L 293 -45.01 59.16 23.96
N ASP L 294 -44.45 58.31 23.11
CA ASP L 294 -44.07 56.93 23.51
C ASP L 294 -45.26 56.13 24.11
N GLY L 295 -46.45 56.39 23.57
CA GLY L 295 -47.68 55.77 24.07
C GLY L 295 -48.34 56.39 25.31
N ASN L 296 -47.68 57.38 25.91
CA ASN L 296 -48.18 58.11 27.09
C ASN L 296 -48.98 59.29 26.64
N SER L 297 -50.18 59.42 27.16
CA SER L 297 -51.05 60.52 26.73
C SER L 297 -50.51 61.90 27.27
N ILE L 298 -50.61 62.94 26.43
CA ILE L 298 -50.29 64.32 26.82
C ILE L 298 -51.59 64.92 27.35
N SER L 299 -51.61 65.24 28.64
CA SER L 299 -52.85 65.64 29.37
C SER L 299 -54.11 64.89 29.13
N ASP L 300 -54.22 63.56 29.05
CA ASP L 300 -55.52 62.92 28.77
C ASP L 300 -55.39 62.21 27.41
N GLY L 301 -55.07 63.05 26.40
CA GLY L 301 -54.98 62.62 25.03
C GLY L 301 -55.74 63.22 23.88
N VAL L 302 -56.24 64.44 24.02
CA VAL L 302 -56.91 65.14 22.91
C VAL L 302 -56.28 66.51 22.68
N PRO L 303 -56.37 67.04 21.44
CA PRO L 303 -55.74 68.34 21.18
C PRO L 303 -56.17 69.43 22.17
N GLY L 304 -55.20 70.13 22.73
CA GLY L 304 -55.45 71.19 23.70
C GLY L 304 -55.99 72.48 23.08
N PRO L 305 -56.57 73.35 23.93
CA PRO L 305 -57.23 74.56 23.43
C PRO L 305 -56.28 75.65 22.89
N VAL L 306 -55.09 75.80 23.48
CA VAL L 306 -54.09 76.77 22.96
C VAL L 306 -53.61 76.34 21.56
N THR L 307 -53.32 75.05 21.40
CA THR L 307 -52.94 74.46 20.11
C THR L 307 -53.99 74.75 19.02
N GLN L 308 -55.26 74.50 19.36
CA GLN L 308 -56.39 74.74 18.44
C GLN L 308 -56.51 76.18 17.98
N SER L 309 -56.32 77.12 18.90
CA SER L 309 -56.34 78.57 18.57
C SER L 309 -55.20 78.94 17.62
N ILE L 310 -54.03 78.34 17.87
CA ILE L 310 -52.82 78.59 17.06
C ILE L 310 -53.03 78.06 15.63
N ILE L 311 -53.53 76.83 15.52
CA ILE L 311 -53.81 76.21 14.20
C ILE L 311 -54.77 77.06 13.36
N ARG L 312 -55.86 77.50 13.99
CA ARG L 312 -56.87 78.33 13.31
C ARG L 312 -56.28 79.70 12.88
N ARG L 313 -55.56 80.36 13.80
CA ARG L 313 -54.96 81.68 13.50
C ARG L 313 -53.92 81.60 12.37
N TYR L 314 -53.12 80.52 12.36
CA TYR L 314 -52.12 80.28 11.28
C TYR L 314 -52.79 80.31 9.91
N TRP L 315 -53.87 79.56 9.77
CA TRP L 315 -54.59 79.48 8.48
C TRP L 315 -55.35 80.78 8.11
N GLU L 316 -55.83 81.50 9.13
CA GLU L 316 -56.31 82.87 8.90
C GLU L 316 -55.24 83.79 8.30
N LEU L 317 -54.01 83.71 8.81
CA LEU L 317 -52.88 84.51 8.28
C LEU L 317 -52.48 84.21 6.86
N ASN L 318 -52.86 83.03 6.37
CA ASN L 318 -52.64 82.64 4.97
C ASN L 318 -53.56 83.29 3.97
N VAL L 319 -54.67 83.87 4.45
CA VAL L 319 -55.73 84.44 3.61
C VAL L 319 -56.03 85.94 3.87
N GLU L 320 -56.00 86.37 5.14
CA GLU L 320 -56.26 87.77 5.51
C GLU L 320 -55.16 88.72 4.98
N PRO L 321 -55.56 89.75 4.20
CA PRO L 321 -54.60 90.65 3.56
C PRO L 321 -53.61 91.24 4.54
N SER L 322 -52.33 90.95 4.33
CA SER L 322 -51.25 91.54 5.14
C SER L 322 -49.93 91.59 4.38
N SER L 323 -48.90 92.17 5.02
CA SER L 323 -47.52 92.16 4.47
C SER L 323 -46.83 90.76 4.48
N LEU L 324 -47.45 89.76 5.12
CA LEU L 324 -47.01 88.36 5.04
C LEU L 324 -47.25 87.72 3.65
N LEU L 325 -48.12 88.32 2.86
CA LEU L 325 -48.40 87.76 1.55
C LEU L 325 -48.00 88.54 0.31
N THR L 326 -47.56 87.80 -0.71
CA THR L 326 -47.08 88.34 -1.98
C THR L 326 -47.89 87.68 -3.10
N PRO L 327 -48.68 88.47 -3.86
CA PRO L 327 -49.47 87.87 -4.95
C PRO L 327 -48.65 87.35 -6.15
N VAL L 328 -49.00 86.14 -6.62
CA VAL L 328 -48.42 85.54 -7.83
C VAL L 328 -49.20 86.08 -9.05
N GLN L 329 -48.47 86.57 -10.06
CA GLN L 329 -49.06 87.19 -11.28
C GLN L 329 -49.32 86.17 -12.42
N TYR L 330 -50.49 85.51 -12.40
CA TYR L 330 -50.90 84.56 -13.45
C TYR L 330 -51.55 85.31 -14.64
#